data_8YFR
#
_entry.id   8YFR
#
_cell.length_a   1.00
_cell.length_b   1.00
_cell.length_c   1.00
_cell.angle_alpha   90.00
_cell.angle_beta   90.00
_cell.angle_gamma   90.00
#
_symmetry.space_group_name_H-M   'P 1'
#
loop_
_entity.id
_entity.type
_entity.pdbx_description
1 polymer 'DNA-directed RNA polymerase subunit'
2 polymer 'DNA-directed RNA polymerase subunit beta'
3 polymer 'RNA polymerase II third largest subunit B44, part of central core'
4 polymer 'RNA polymerase II subunit B32'
5 polymer 'DNA-directed RNA polymerases I, II, and III subunit RPABC1'
6 polymer 'RNA polymerase subunit ABC23, common to RNA polymerases I, II, and III'
7 polymer 'RNA polymerase II subunit'
8 polymer 'DNA-directed RNA polymerases I, II, and III subunit RPABC3'
9 polymer 'DNA-directed RNA polymerase subunit'
10 polymer 'RNA polymerase subunit ABC10-beta, common to RNA polymerases I, II, and III'
11 polymer 'RNA polymerase II subunit B12.5'
12 polymer 'RNA polymerase subunit ABC10-alpha'
13 polymer "5'-3' exoribonuclease"
14 polymer 'Decapping nuclease'
15 non-polymer 'ZINC ION'
16 non-polymer 'MAGNESIUM ION'
#
loop_
_entity_poly.entity_id
_entity_poly.type
_entity_poly.pdbx_seq_one_letter_code
_entity_poly.pdbx_strand_id
1 'polypeptide(L)'
;MSQFPYSSAPLRSVKEVQFGLLSPEEIRAISVVKIEYPEIMDESRQRPREGGLNDPKLGSIDRNFKCQTCGEGMAECPGH
FGHMELAKPVFHIGFIPKIKKVCECICMNCGKLLLDETNPTMAQAIRIRDPKKRFNAVWQLCKTKMVCEADAPVDEYSEQ
KVVSRGGCGNTQPVVRKDGMKLWGTWKKSGFSDRDAQPERKLLTPGEILNVFKHISPEDCFRLGFNEDYARPEWMIITVL
PVPPPQVRPSIAMDETTQGQDDLTHKLSDILKANINVQKLEMDGSPQHIINEVEQLLQFHVATYMDNDIAGQPQALQKSG
RPVKAIRARLKGKEGRLRGNLMGKRVDFSARTVISGDPNLELDQVGVPISIAKTLSYPETVTQYNIHRLTEYVRNGPNEH
PGAKYVIRDNGDRIDLRYHKRAGDIVLQYGWKVERHLMDDDPVLFNRQPSLHKMSMMAHRVKVMPYSTFRLNLSVTSPYN
ADFDGDEMNLHVPQSEETRAELSQLCAVPLQIVSPQSNKPVMGIVQDTLCGVRKMTLRDTFIEYEQVMNMLFWVPSWDGV
VPQPAILKPKPLWTGKQLLSIAIPSGIHLQRTDGGNSLLSPKDNGMLIVDGKVMFGVVDKKTVGSGGGGLIHTVMREKGP
KICAELFGNIQKVVNYWLLHNGFSIGIGDAIADASTMKEITHAISSAKEQVQEIIYKAQHNELELKPGMTLRESFEGEVS
RTLNDARDSAGRSAEMNLKDLNNVKQMVSAGSKGSFINIAQMSACVGQQMVEGKRIAFGFADRSLPHFTKDDFSPESKGF
VENSYLRGLTPQEFFFHAMAGREGLIDTAVKTAETGYIQRRLVKALEDIMVHYDGTTRNSLGDIIQFLYGEDGLDGTQVE
RQTIDTIPGSDKAFHKRYYVDLMDEKNSIKPDVIEYAADILGDVELQKELNSEYEQLVSDRKFLREIVFVNGDHNWPLPV
NLRRIIQNAQQIFHLDRAKASDLTIPEIIHGVRDLCKKLFVLRGENELIKEAQQNATSLFQCLVRARLATRRILEEFRLN
RDAFEWVLGTIEAQFQRSLVHPGEMVGVIAAQSIGEPATQMTLNTFHYAGVSSKNVTLGVPRLKEILNVAKNIKTPALTV
YLDREIALDIEKAKVIQSSIEYTTLKNVTSATEIYYDPDPTSTVIEEDFDTVEAYFSIPDEKVEETIDKQSPWLLRLELD
RARMLDKQLTMNQVADKISEVFSDDLFVMWSEDNADKLIIRCRVIRDPKAMDEELEAEEDQMLKRIEAHMLDLIALRGIP
GISKVYMVKHKVSVPDESGEYKNEELWALETDGINLAEVMAVPGVDSSRTYSNSFVEILSVLGIEATRSSLYKEILNVIA
FDGSYVNYRHMALLVDVMTSRGYLMAITRHGINRADTGALMRCSFEETVEILFEAGAAAELDDCRGVSENVMLGQLAPMG
TGAFDVMIDEKLLTSLPADYAPTMPLFKGKATQGSATPYDNNAQYDDEFNHDDVADVMFSPMAETGSGDDRSGGLTEYAG
IQSPYQPTSPGLSATSPGFAPTSPGFAPTSPRYSPTSPGYSPTSPSYSPTSPSYSPTSPSYSPTSPSYSPTSPSYSPTSP
SYSPTSPSYSPTSPSYSPTSPSYSPTSPQYSPTSPQYSPTSPQYSPTSPQYSPTSPQYSPTSPQYSPTSPQYSPTSPQYS
PTSPQYSPTSPQYSPTSPQYSPTSPQYSPTSPQYSPTSPQYSPASPQYSPSRHSPNGESKEGE
;
A
2 'polypeptide(L)'
;MSYDPYSIDDTITTEDCWTVISAFFEEKGLVSQQLDSFDEFMETSIQDLVWEEPRLILDQPAQHTNEKDNINKRYEIRFG
KIYLSRPTMTEADGTTHAMFPQEARLRNLTYSSPVYLDMEKSMFTSIDDEGNPNATLDWQQVHEPIKDGVEEGNKVHIGK
VPIMLRSKFCSLRTLDEVDLYKMKECPYDMGGYFVINGSEKVLIAQERSAANIVQVFKKAAPSPISHVAEIRSALEKGSR
LISTMQIKLYGREDKGTGRTIKATLPYVKQDIPIVIVFRALGVVPDGEILQHICYDENDWQMLEMLKPCIEEGFVIQDKE
VALDFIGRRGSAALGIRREKRIQYAKDILQKELLPHITQEEGFETRKTFFLGYMVNRLLLCALERKDQDDRDHFGKKRLD
LAGPLLANLFRILFRKLTREIYRYMQRCIETDRDFNLNLAVKSTTITSGLKYSLATGNWGEQKKAMSSRAGVSQVLNRYT
YSSTLSHLRRTNTPIGRDGKLAKPRQLHNTHWGLVCPAETPEGQACGLVKNLSLLSGISIGSPSEPIINFLEEWGMEPLE
DYDPAQHTKSTRIFVNGVWTGIHRDPSMLVSTMRDLRRSGAISPEVSIIRDIREREFKIFTDVGRVYRPLFIVEDDESKD
NKGELRITKEHIRKIQQGYDDDAMNDDSEEQEQDVYGWSSLVTSGVIEYVDGEEEETIMIAMTPEDLQTRSLEQKEIDLN
DTAKRIKPEMSTSSHHTFTHCEIHPSMILGVAASIIPFPDHNQSPRNTYQSAMGKQAMGVFLTNYNVRMDTMANILYYPQ
KPLAKTQAMEYLKFRELPAGQNAIVAIACYSGYNQEDSMIMNQSSIDRGLFRSLFFRSYMDQEKRFGISIVEEFEKPTRA
TTLRLKHGTYEKLDEDGLIAPGVRVSGDDIIIGKTTPIPPDTEELGQRTKYHTKRDASTPLRSTENGIVDQVLLTTNQEG
LKFVKVRMRTTKVPQIGDKFASRHGQKGTIGVTYRHEDMPFSAEGIVPDLIINPHAIPSRMTVAHLIECLLSKVGSIRGY
EGDATPFTDLTVDAVSNLLRDNGYQSRGFEVMYNGHTGKKLMAQVFFGPTYYQRLRHMVDDKIHARARGPVQVLTRQPVE
GRSRDGGLRFGEMERDCMIAHGAAGFLKERLMEASDAFRVHVCGICGLMSVIANLKKNQFECRSCKNKTNIYQLHIPYAA
KLLFQELMAMNIAPRLYTERSGVSMRS
;
B
3 'polypeptide(L)'
;MSKEPKVNIINAQDDEVELMLSDVNLSLANSLRRTMLAEVPTLAIDLVEIKMNTSVLADEFISHRLGLIPLVSEDVEEMK
YSRDCTCEDYCDECSVVLELSARHEGEEGTTDVYSSSLIKVSGPGNLNVGEPVRRDDYDQGILLCKLRNHQELNIRCIAK
KGIAKEHAKWSPCSAIAFEYDPHNKLKHTDFWFEVDAKKEWPDSKYATWEEPPKPGEVFDYKAKPNRFYMTVETTGSLKA
NQVFSRGIKTLQEKLANVLFELENSRPANTTAYGGATAYGGQTVYGRETSYGGNTNYGDYNAPY
;
C
4 'polypeptide(L)'
;MNVSTSTVGARRRRAKQQVDDEENATLLRLGPEFALKQYDHDGNEHDLIALSLSESRLLIREALKARSRARNGGVDIESS
NGEIDDDELAKVTSGAVANGVVKKTLDYLNTFARFKDEETCTAVDQLLHNSSDCSVLHPFEIAQLSSLGCEDVDEAITLI
PSLAAKKEVNLQRILDELNRLEDPYK
;
D
5 'polypeptide(L)'
;MEDNNRIISRLWRSFRTVKEMAADRGYFISQEEMDQSLEEFRSKICDSMGNPQRKLMSFLANPTPEALEKYSDLGTLWVE
FCDEPSVGIKTMRNFCLRIQEKNFSTGIFIYQNNITPSANKMIPTVSPAIIETFQESDLVVNITHHELVPKHIRLSDGEK
SQLLQRYKLKESQLPRIQREDPVARYLGLKRGQVVKIIRRSETSGRYASYRICL
;
E
6 'polypeptide(L)'
;MSEDEAFNEQTENFENFEDEHFSDDNFEDRSTQPEDYAVGVTADGRQIINGDGIQEVNGTIKAHRKRSNKELAILKEERT
TTPYLTKYERARILGTRALQISMNAPVLVDIEGETDPLQIAMKELSQRKIPLVIRRYLPDGSYEDWGCDELIVDN
;
F
7 'polypeptide(L)'
;MFFLKDLSLILTLHPSYFGPQMNQYLREKLLTDVEGTCTGQFGYIVTVLDGMNIDVGKGRIIPGSGSAEFEVKYRAVVWK
PFKGEVVDAIVSNVSPIGFFADVGPLNVFVSTRLIPDNLVYNPSNSPPAYMSNDELITKGSKVRLKVVGTRTDVNEIYAI
GSIKEDFLGAI
;
G
8 'polypeptide(L)'
;MSSALFDDIFTVQTVDNGRYNKVSRIIGISTTNSAIKLTLDINNEMFPVSQDDSLTVTLANSLSLDGEDESANFSKSWRP
PKPTDKSLADDYDYVMFGTVYKFEEGDEDKIKVYVSFGGLLMCLEGGYKSLASLKQDNLYILIRR
;
H
9 'polypeptide(L)'
;MASFRFCLECNNMLYPKEDKENQRLLYSCRNCDYTELAEDPKVYRHELITNIGETAGIVDDIGQDPTLPRSDKECPECHS
RDCVFFQSQQRRKDTNMTLFYVCLNCKKTFRDESE
;
I
10 'polypeptide(L)' MIIPVRCFSCGKVVGDKWDAYLRLLEEGKQEGDALDELKLKRYCCRRMVLTHVDLIEKFLRYNPLEKKDFDS J
11 'polypeptide(L)'
;MNAPDRFELFILPDDVPKLKITPDSRVPNCIIIKFEREDHTLANLLREELALYPDVTFVAYKVEHPLFANFVMRLQTEEG
TRPKQALERACASIINKLKTLDHKFNEEWNIKNFSLND
;
K
12 'polypeptide(L)' MSREGFVAPSGTDLAAAASGVAPNKHYGVKYTCGACAHNFSLNKSDPVRCKECGHRVIYKARTKRMIQFDAR L
13 'polypeptide(L)'
;MGVPALFRWLSRKYPKIISPVIQDEDVDIDGESRPTRYEDPNPNGELDNLYLDMNGIVHPCSHPEHKPVPETEDEMMLDV
FAYTENVIMMARPRKVIYIAVDGVAPRAKMNQQRSRRFRSAQDAKDANEKKAAELKEMEKKGEIIDDAIKNKKTWDSNAI
TPGTPFMHRLADSLRYWAAYKLTTDPGWSGIEVIISDASVPGQGQHKIMSYVRSLRSSPKHDPNTTHCIYGLNANLIFLG
LATHEPHFKILREDVFAQDKKSYSLQDQLRMTDIERQELKDKKTPFLWLHLNILREYLQIELNVPGLSFPFDLEKSIDDW
VFICFFCGNNFLPHLPSLDVRDNSITTLVTIWKQILPTMKGYLTTDGYLNLPAVERLLAELAKKEDYIFRKRYEDEKRSL
ENQKRRKLAQEQSSARSQNAPNISTGKDKAPLTPNQNIPLYTTSGESVGIKMTDSEMVNNSALITKANEANKSIAELLKQ
NLQNEINKKRKISNEEQEVVKESVEEVVEEEDDVLVTSDPEDSSTEILIPKNEEIRLWEPGYRKRYYETKFHTKDPQKVK
KIARNMVQKYIEGVSWVLLYYYQGCPSWNWYYPYHYAPFAADFVNLSELKIEFVEGTPFRPYEQLMSVLPAASSHNLPDV
FRSLMSDANSEIIDFYPEEFPLDMNGKKVIWQAIPLLPFIDENRLLKAVQSKYDQLTEDEKFRNTNRSEILVLGRSHSHY
PTLVKELYEEGKDSYEFQVDSSGVSGVAIKLQSFDRSGVLRLPVKQLEGYRHYPDISNRDFLMVEFKQLPKSHAKSMILS
GLIPHLRRLTQEDKDSILYGGTNFYGRNRFSPEENADFKQYIGPHGKSQYLPRQGGYKAFIQIHSDEAKGHRHGIYHGGS
HTETEFRRGGGYHQHGNRGGRGGYQGNQGYQANSGGYQNSYQGSYQGGYRGGYQGGSQGRYQAGYQSGYQGGYQGEYKNG
YQGGYQGNQGNQGYNRQTYNASKSGTLPMKRRHNSGPSSGLEVLFQ
;
R
14 'polypeptide(L)'
;GPGMSKEKILPLAARSKKAMLRQPKQVAYFSRDLNYKTHPDRSNLSYYYLPDGDIDNSIDLSVGSKHFLLGDSVELSKLD
PILLALKEIEKESGAKTKDRIITWRGIMRKLLTLPYDSEEDFVLDVVSFDGQLFIQFNVPYLKSKDVQKQGDTEFHKKLQ
FSGYKFEKMATLPKPWPECTRKEIDSRAKSKCNNIEQYGAIVRTGISRIKILIGGAVACTADYYDENDPLSRYIELKTTR
TINQYKDMIAFEKKLFRTWAQCFLLGIPKIIYGFRDDNCILRTVEEFSTNDIPLMVKNNPLNEQPKKENCYMSSINFYGA
VVEWLNESVKDDQVWKLSYAKRNRQYLVLKEVTDENEKQQIVDSAIPAWFKEWRSELRNSEGNI
;
S
#
loop_
_chem_comp.id
_chem_comp.type
_chem_comp.name
_chem_comp.formula
MG non-polymer 'MAGNESIUM ION' 'Mg 2'
ZN non-polymer 'ZINC ION' 'Zn 2'
#
# COMPACT_ATOMS: atom_id res chain seq x y z
N SER A 2 -8.65 30.33 -19.03
CA SER A 2 -8.26 31.45 -19.89
C SER A 2 -8.00 30.99 -21.32
N GLN A 3 -7.66 29.71 -21.47
CA GLN A 3 -7.39 29.17 -22.80
C GLN A 3 -8.66 29.11 -23.64
N PHE A 4 -9.82 29.01 -23.01
CA PHE A 4 -11.07 28.99 -23.75
C PHE A 4 -11.38 30.39 -24.28
N PRO A 5 -12.06 30.49 -25.43
CA PRO A 5 -12.53 31.79 -25.90
C PRO A 5 -13.53 32.39 -24.92
N TYR A 6 -13.57 33.72 -24.89
CA TYR A 6 -14.37 34.42 -23.90
C TYR A 6 -15.85 34.13 -24.04
N SER A 7 -16.51 33.90 -22.91
CA SER A 7 -17.94 33.65 -22.86
C SER A 7 -18.56 34.56 -21.80
N SER A 8 -19.64 35.25 -22.17
CA SER A 8 -20.30 36.17 -21.25
C SER A 8 -21.13 35.46 -20.19
N ALA A 9 -21.32 34.14 -20.31
CA ALA A 9 -22.08 33.41 -19.31
C ALA A 9 -21.34 33.41 -17.98
N PRO A 10 -22.04 33.57 -16.87
CA PRO A 10 -21.36 33.57 -15.56
C PRO A 10 -20.78 32.20 -15.25
N LEU A 11 -19.54 32.18 -14.80
CA LEU A 11 -18.84 30.94 -14.46
C LEU A 11 -19.15 30.58 -13.02
N ARG A 12 -19.85 29.48 -12.82
CA ARG A 12 -20.27 29.02 -11.50
C ARG A 12 -19.81 27.58 -11.29
N SER A 13 -20.29 26.97 -10.21
CA SER A 13 -20.00 25.58 -9.89
C SER A 13 -21.29 24.89 -9.46
N VAL A 14 -21.38 23.60 -9.78
CA VAL A 14 -22.58 22.84 -9.46
C VAL A 14 -22.59 22.49 -7.98
N LYS A 15 -23.77 22.53 -7.37
CA LYS A 15 -23.92 22.18 -5.96
C LYS A 15 -24.92 21.07 -5.72
N GLU A 16 -25.73 20.69 -6.72
CA GLU A 16 -26.67 19.58 -6.59
C GLU A 16 -26.94 19.02 -7.98
N VAL A 17 -26.71 17.72 -8.15
CA VAL A 17 -27.05 17.02 -9.39
C VAL A 17 -28.23 16.10 -9.10
N GLN A 18 -29.29 16.23 -9.90
CA GLN A 18 -30.54 15.50 -9.68
C GLN A 18 -30.75 14.55 -10.85
N PHE A 19 -30.72 13.25 -10.56
CA PHE A 19 -30.97 12.24 -11.58
C PHE A 19 -32.46 12.11 -11.81
N GLY A 20 -32.91 12.39 -13.03
CA GLY A 20 -34.32 12.33 -13.36
C GLY A 20 -34.62 11.36 -14.47
N LEU A 21 -35.61 11.68 -15.30
CA LEU A 21 -36.02 10.83 -16.41
C LEU A 21 -36.20 11.68 -17.65
N LEU A 22 -35.81 11.14 -18.81
CA LEU A 22 -35.99 11.82 -20.09
C LEU A 22 -37.42 11.61 -20.56
N SER A 23 -38.26 12.63 -20.34
CA SER A 23 -39.60 12.59 -20.88
C SER A 23 -39.55 12.74 -22.40
N PRO A 24 -40.44 12.04 -23.12
CA PRO A 24 -40.38 12.07 -24.59
C PRO A 24 -40.49 13.45 -25.19
N GLU A 25 -41.33 14.32 -24.60
CA GLU A 25 -41.41 15.69 -25.10
C GLU A 25 -40.09 16.42 -24.91
N GLU A 26 -39.42 16.19 -23.77
CA GLU A 26 -38.10 16.79 -23.57
C GLU A 26 -37.07 16.18 -24.50
N ILE A 27 -37.19 14.89 -24.81
CA ILE A 27 -36.28 14.27 -25.76
C ILE A 27 -36.43 14.90 -27.14
N ARG A 28 -37.67 15.15 -27.56
CA ARG A 28 -37.90 15.83 -28.82
C ARG A 28 -37.38 17.26 -28.78
N ALA A 29 -37.58 17.95 -27.66
CA ALA A 29 -37.16 19.35 -27.56
C ALA A 29 -35.63 19.47 -27.63
N ILE A 30 -34.92 18.61 -26.91
CA ILE A 30 -33.46 18.68 -26.92
C ILE A 30 -32.87 18.14 -28.22
N SER A 31 -33.60 17.31 -28.95
CA SER A 31 -33.10 16.79 -30.22
C SER A 31 -33.08 17.90 -31.25
N VAL A 32 -31.95 18.04 -31.94
CA VAL A 32 -31.78 19.14 -32.88
C VAL A 32 -32.57 18.93 -34.16
N VAL A 33 -32.89 17.69 -34.52
CA VAL A 33 -33.60 17.41 -35.76
C VAL A 33 -34.26 16.03 -35.64
N LYS A 34 -35.48 15.93 -36.16
CA LYS A 34 -36.15 14.65 -36.25
C LYS A 34 -35.48 13.79 -37.32
N ILE A 35 -35.28 12.51 -37.01
CA ILE A 35 -34.58 11.58 -37.88
C ILE A 35 -35.50 10.39 -38.16
N GLU A 36 -35.68 10.08 -39.44
CA GLU A 36 -36.49 8.93 -39.86
C GLU A 36 -35.84 8.07 -40.92
N TYR A 37 -34.89 8.58 -41.70
CA TYR A 37 -34.36 7.86 -42.84
C TYR A 37 -33.59 6.63 -42.37
N PRO A 38 -33.75 5.46 -43.01
CA PRO A 38 -33.31 4.19 -42.40
C PRO A 38 -31.80 4.01 -42.26
N GLU A 39 -31.05 4.15 -43.35
CA GLU A 39 -29.64 3.78 -43.34
C GLU A 39 -28.77 5.01 -43.13
N ILE A 40 -27.47 4.75 -42.90
CA ILE A 40 -26.53 5.83 -42.62
C ILE A 40 -26.26 6.65 -43.87
N MET A 41 -26.04 5.99 -45.00
CA MET A 41 -25.57 6.64 -46.21
C MET A 41 -26.77 7.14 -47.02
N ASP A 42 -26.70 8.39 -47.48
CA ASP A 42 -27.84 9.00 -48.18
C ASP A 42 -28.16 8.30 -49.49
N GLU A 43 -27.25 8.36 -50.47
CA GLU A 43 -27.46 7.70 -51.76
C GLU A 43 -26.18 7.09 -52.31
N SER A 44 -25.21 6.78 -51.45
CA SER A 44 -23.89 6.31 -51.85
C SER A 44 -23.22 7.29 -52.83
N ARG A 45 -23.44 8.58 -52.59
CA ARG A 45 -22.92 9.65 -53.44
C ARG A 45 -22.31 10.75 -52.57
N GLN A 46 -21.48 10.34 -51.61
CA GLN A 46 -20.76 11.22 -50.68
C GLN A 46 -21.71 11.99 -49.77
N ARG A 47 -21.13 12.74 -48.82
CA ARG A 47 -21.73 13.64 -47.83
C ARG A 47 -22.68 12.91 -46.89
N PRO A 48 -22.83 13.38 -45.65
CA PRO A 48 -23.74 12.71 -44.71
C PRO A 48 -25.19 12.88 -45.10
N ARG A 49 -26.01 11.93 -44.65
CA ARG A 49 -27.44 11.96 -44.91
C ARG A 49 -28.15 12.90 -43.95
N GLU A 50 -29.00 13.77 -44.48
CA GLU A 50 -29.85 14.62 -43.68
C GLU A 50 -31.01 13.77 -43.16
N GLY A 51 -30.73 12.99 -42.13
CA GLY A 51 -31.68 12.02 -41.63
C GLY A 51 -31.05 10.67 -41.38
N GLY A 52 -29.72 10.61 -41.44
CA GLY A 52 -28.98 9.40 -41.16
C GLY A 52 -28.40 9.38 -39.76
N LEU A 53 -27.76 8.26 -39.43
CA LEU A 53 -27.10 8.14 -38.13
C LEU A 53 -25.87 9.03 -38.02
N ASN A 54 -25.33 9.48 -39.15
CA ASN A 54 -24.21 10.43 -39.18
C ASN A 54 -24.69 11.83 -39.58
N ASP A 55 -25.86 12.23 -39.09
CA ASP A 55 -26.43 13.52 -39.46
C ASP A 55 -25.51 14.65 -39.01
N PRO A 56 -25.19 15.61 -39.88
CA PRO A 56 -24.32 16.74 -39.47
C PRO A 56 -24.93 17.61 -38.39
N LYS A 57 -26.25 17.59 -38.21
CA LYS A 57 -26.87 18.40 -37.17
C LYS A 57 -26.52 17.87 -35.78
N LEU A 58 -26.27 16.56 -35.66
CA LEU A 58 -25.88 16.00 -34.37
C LEU A 58 -24.44 16.36 -33.99
N GLY A 59 -23.64 16.83 -34.95
CA GLY A 59 -22.26 17.14 -34.67
C GLY A 59 -21.35 15.99 -35.04
N SER A 60 -20.61 16.14 -36.15
CA SER A 60 -19.78 15.08 -36.67
C SER A 60 -18.50 14.96 -35.85
N ILE A 61 -17.55 14.18 -36.34
CA ILE A 61 -16.23 14.06 -35.72
C ILE A 61 -15.17 14.29 -36.78
N ASP A 62 -15.55 14.96 -37.87
CA ASP A 62 -14.65 15.23 -38.98
C ASP A 62 -13.95 16.56 -38.76
N ARG A 63 -12.62 16.57 -38.95
CA ARG A 63 -11.83 17.75 -38.60
C ARG A 63 -12.19 18.94 -39.46
N ASN A 64 -12.28 18.75 -40.78
CA ASN A 64 -12.55 19.86 -41.69
C ASN A 64 -13.99 20.34 -41.62
N PHE A 65 -14.89 19.58 -40.99
CA PHE A 65 -16.30 19.92 -40.92
C PHE A 65 -16.61 20.46 -39.52
N LYS A 66 -17.55 21.40 -39.46
CA LYS A 66 -17.95 22.01 -38.20
C LYS A 66 -19.44 21.78 -37.98
N CYS A 67 -19.81 21.57 -36.72
CA CYS A 67 -21.20 21.31 -36.38
C CYS A 67 -22.07 22.52 -36.71
N GLN A 68 -23.15 22.27 -37.45
CA GLN A 68 -24.03 23.34 -37.89
C GLN A 68 -24.94 23.86 -36.78
N THR A 69 -25.17 23.07 -35.73
CA THR A 69 -26.09 23.48 -34.68
C THR A 69 -25.50 24.60 -33.83
N CYS A 70 -24.38 24.32 -33.16
CA CYS A 70 -23.74 25.33 -32.33
C CYS A 70 -22.84 26.27 -33.12
N GLY A 71 -22.43 25.87 -34.32
CA GLY A 71 -21.54 26.70 -35.11
C GLY A 71 -20.11 26.71 -34.65
N GLU A 72 -19.75 25.85 -33.70
CA GLU A 72 -18.40 25.81 -33.16
C GLU A 72 -17.52 24.86 -33.97
N GLY A 73 -16.21 25.01 -33.78
CA GLY A 73 -15.28 24.08 -34.37
C GLY A 73 -15.22 22.77 -33.59
N MET A 74 -14.52 21.80 -34.17
CA MET A 74 -14.42 20.49 -33.53
C MET A 74 -13.64 20.53 -32.23
N ALA A 75 -12.77 21.52 -32.05
CA ALA A 75 -12.10 21.71 -30.77
C ALA A 75 -13.04 22.21 -29.69
N GLU A 76 -14.22 22.71 -30.06
CA GLU A 76 -15.19 23.23 -29.09
C GLU A 76 -16.56 22.56 -29.17
N CYS A 77 -16.90 21.93 -30.28
CA CYS A 77 -18.22 21.32 -30.41
C CYS A 77 -18.30 20.06 -29.57
N PRO A 78 -19.24 19.96 -28.63
CA PRO A 78 -19.36 18.74 -27.82
C PRO A 78 -20.23 17.68 -28.48
N GLY A 79 -21.01 18.09 -29.48
CA GLY A 79 -21.96 17.21 -30.12
C GLY A 79 -23.39 17.51 -29.70
N HIS A 80 -24.33 17.02 -30.50
CA HIS A 80 -25.75 17.26 -30.27
C HIS A 80 -26.52 15.95 -30.44
N PHE A 81 -27.67 15.89 -29.80
CA PHE A 81 -28.45 14.67 -29.72
C PHE A 81 -29.51 14.61 -30.81
N GLY A 82 -29.93 13.38 -31.13
CA GLY A 82 -31.08 13.15 -31.99
C GLY A 82 -32.07 12.23 -31.29
N HIS A 83 -33.28 12.17 -31.83
CA HIS A 83 -34.31 11.34 -31.24
C HIS A 83 -34.99 10.51 -32.33
N MET A 84 -35.24 9.25 -32.02
CA MET A 84 -35.87 8.31 -32.94
C MET A 84 -37.20 7.88 -32.34
N GLU A 85 -38.30 8.26 -32.98
CA GLU A 85 -39.62 8.00 -32.44
C GLU A 85 -40.09 6.60 -32.84
N LEU A 86 -40.51 5.83 -31.83
CA LEU A 86 -41.08 4.51 -32.04
C LEU A 86 -42.59 4.61 -32.00
N ALA A 87 -43.25 4.10 -33.04
CA ALA A 87 -44.71 4.14 -33.09
C ALA A 87 -45.32 3.30 -31.97
N LYS A 88 -44.74 2.13 -31.70
CA LYS A 88 -45.23 1.27 -30.63
C LYS A 88 -44.41 1.51 -29.37
N PRO A 89 -45.03 1.97 -28.28
CA PRO A 89 -44.28 2.14 -27.02
C PRO A 89 -43.73 0.82 -26.51
N VAL A 90 -42.51 0.87 -25.97
CA VAL A 90 -41.82 -0.32 -25.51
C VAL A 90 -41.34 -0.11 -24.08
N PHE A 91 -41.04 -1.23 -23.41
CA PHE A 91 -40.58 -1.23 -22.04
C PHE A 91 -39.10 -0.84 -21.97
N HIS A 92 -38.66 -0.54 -20.74
CA HIS A 92 -37.27 -0.22 -20.46
C HIS A 92 -36.64 -1.39 -19.73
N ILE A 93 -35.58 -1.96 -20.31
CA ILE A 93 -35.02 -3.21 -19.78
C ILE A 93 -34.52 -3.04 -18.36
N GLY A 94 -33.97 -1.87 -18.05
CA GLY A 94 -33.59 -1.58 -16.67
C GLY A 94 -34.78 -1.54 -15.73
N PHE A 95 -35.94 -1.10 -16.22
CA PHE A 95 -37.09 -0.88 -15.37
C PHE A 95 -38.19 -1.93 -15.52
N ILE A 96 -38.01 -2.96 -16.33
CA ILE A 96 -39.02 -4.03 -16.42
C ILE A 96 -39.28 -4.69 -15.07
N PRO A 97 -38.26 -5.08 -14.28
CA PRO A 97 -38.57 -5.50 -12.90
C PRO A 97 -39.25 -4.40 -12.11
N LYS A 98 -38.82 -3.15 -12.28
CA LYS A 98 -39.49 -2.05 -11.60
C LYS A 98 -40.89 -1.83 -12.16
N ILE A 99 -41.09 -2.06 -13.46
CA ILE A 99 -42.42 -1.96 -14.04
C ILE A 99 -43.36 -2.97 -13.39
N LYS A 100 -42.89 -4.22 -13.25
CA LYS A 100 -43.70 -5.24 -12.61
C LYS A 100 -43.96 -4.91 -11.14
N LYS A 101 -42.93 -4.40 -10.44
CA LYS A 101 -43.11 -4.04 -9.04
C LYS A 101 -44.14 -2.92 -8.87
N VAL A 102 -44.10 -1.92 -9.75
CA VAL A 102 -45.05 -0.82 -9.68
C VAL A 102 -46.45 -1.30 -10.05
N CYS A 103 -46.56 -2.19 -11.02
CA CYS A 103 -47.85 -2.76 -11.37
C CYS A 103 -48.44 -3.53 -10.19
N GLU A 104 -47.60 -4.26 -9.47
CA GLU A 104 -48.04 -4.94 -8.25
C GLU A 104 -48.25 -3.98 -7.09
N CYS A 105 -47.74 -2.75 -7.17
CA CYS A 105 -47.89 -1.79 -6.08
C CYS A 105 -49.34 -1.32 -5.97
N ILE A 106 -49.86 -0.71 -7.03
CA ILE A 106 -51.18 -0.08 -6.99
C ILE A 106 -52.14 -0.83 -7.91
N CYS A 107 -53.41 -0.41 -7.91
CA CYS A 107 -54.42 -1.03 -8.74
C CYS A 107 -54.29 -0.51 -10.16
N MET A 108 -54.15 -1.42 -11.14
CA MET A 108 -54.04 -1.01 -12.53
C MET A 108 -55.38 -0.61 -13.12
N ASN A 109 -56.50 -1.03 -12.52
CA ASN A 109 -57.81 -0.68 -13.08
C ASN A 109 -58.10 0.80 -12.92
N CYS A 110 -57.79 1.39 -11.77
CA CYS A 110 -58.12 2.77 -11.49
C CYS A 110 -56.92 3.64 -11.14
N GLY A 111 -55.75 3.05 -10.88
CA GLY A 111 -54.58 3.83 -10.55
C GLY A 111 -54.46 4.25 -9.10
N LYS A 112 -55.26 3.68 -8.21
CA LYS A 112 -55.26 4.05 -6.81
C LYS A 112 -54.48 3.04 -5.97
N LEU A 113 -54.02 3.50 -4.81
CA LEU A 113 -53.27 2.66 -3.90
C LEU A 113 -54.16 1.59 -3.29
N LEU A 114 -53.54 0.46 -2.93
CA LEU A 114 -54.28 -0.63 -2.29
C LEU A 114 -54.68 -0.32 -0.87
N LEU A 115 -54.03 0.66 -0.23
CA LEU A 115 -54.34 1.06 1.13
C LEU A 115 -54.39 2.58 1.21
N ASP A 116 -55.14 3.07 2.19
CA ASP A 116 -55.36 4.50 2.37
C ASP A 116 -54.47 5.02 3.49
N GLU A 117 -54.67 6.29 3.86
CA GLU A 117 -53.88 6.93 4.90
C GLU A 117 -54.39 6.65 6.31
N THR A 118 -55.47 5.87 6.45
CA THR A 118 -55.99 5.54 7.77
C THR A 118 -54.97 4.75 8.59
N ASN A 119 -54.13 3.97 7.94
CA ASN A 119 -53.08 3.25 8.63
C ASN A 119 -52.00 4.23 9.09
N PRO A 120 -51.68 4.29 10.38
CA PRO A 120 -50.59 5.19 10.82
C PRO A 120 -49.24 4.86 10.20
N THR A 121 -49.03 3.60 9.79
CA THR A 121 -47.79 3.25 9.11
C THR A 121 -47.67 3.97 7.77
N MET A 122 -48.78 4.08 7.04
CA MET A 122 -48.77 4.85 5.79
C MET A 122 -48.44 6.32 6.04
N ALA A 123 -49.01 6.89 7.10
CA ALA A 123 -48.71 8.28 7.44
C ALA A 123 -47.25 8.46 7.79
N GLN A 124 -46.68 7.51 8.55
CA GLN A 124 -45.26 7.57 8.88
C GLN A 124 -44.40 7.46 7.63
N ALA A 125 -44.75 6.55 6.73
CA ALA A 125 -43.99 6.39 5.49
C ALA A 125 -44.05 7.65 4.64
N ILE A 126 -45.23 8.28 4.56
CA ILE A 126 -45.35 9.53 3.82
C ILE A 126 -44.51 10.61 4.47
N ARG A 127 -44.54 10.71 5.81
CA ARG A 127 -43.76 11.70 6.53
C ARG A 127 -42.26 11.42 6.49
N ILE A 128 -41.83 10.24 6.06
CA ILE A 128 -40.41 9.93 5.98
C ILE A 128 -39.78 10.77 4.88
N ARG A 129 -38.67 11.43 5.21
CA ARG A 129 -38.01 12.31 4.25
C ARG A 129 -37.47 11.53 3.05
N ASP A 130 -36.90 10.36 3.30
CA ASP A 130 -36.28 9.59 2.23
C ASP A 130 -37.35 8.94 1.36
N PRO A 131 -37.37 9.22 0.04
CA PRO A 131 -38.33 8.52 -0.83
C PRO A 131 -38.10 7.02 -0.89
N LYS A 132 -36.86 6.56 -0.74
CA LYS A 132 -36.57 5.14 -0.78
C LYS A 132 -37.26 4.40 0.36
N LYS A 133 -37.18 4.97 1.58
CA LYS A 133 -37.83 4.34 2.72
C LYS A 133 -39.34 4.34 2.58
N ARG A 134 -39.90 5.43 2.04
CA ARG A 134 -41.35 5.49 1.80
C ARG A 134 -41.78 4.43 0.80
N PHE A 135 -41.03 4.29 -0.29
CA PHE A 135 -41.36 3.27 -1.29
C PHE A 135 -41.25 1.87 -0.70
N ASN A 136 -40.21 1.62 0.09
CA ASN A 136 -40.03 0.31 0.71
C ASN A 136 -41.17 0.00 1.67
N ALA A 137 -41.56 0.97 2.51
CA ALA A 137 -42.66 0.75 3.44
C ALA A 137 -43.97 0.54 2.71
N VAL A 138 -44.22 1.30 1.65
CA VAL A 138 -45.45 1.14 0.89
C VAL A 138 -45.50 -0.26 0.25
N TRP A 139 -44.39 -0.70 -0.32
CA TRP A 139 -44.35 -2.03 -0.93
C TRP A 139 -44.55 -3.12 0.12
N GLN A 140 -43.92 -2.97 1.29
CA GLN A 140 -44.03 -4.00 2.32
C GLN A 140 -45.43 -4.08 2.90
N LEU A 141 -46.08 -2.92 3.11
CA LEU A 141 -47.41 -2.89 3.70
C LEU A 141 -48.53 -3.01 2.68
N CYS A 142 -48.22 -3.00 1.39
CA CYS A 142 -49.23 -3.14 0.35
C CYS A 142 -49.26 -4.52 -0.28
N LYS A 143 -48.20 -5.31 -0.12
CA LYS A 143 -48.20 -6.67 -0.65
C LYS A 143 -49.22 -7.54 0.07
N THR A 144 -49.32 -7.40 1.39
CA THR A 144 -50.28 -8.19 2.15
C THR A 144 -51.73 -7.85 1.78
N LYS A 145 -52.02 -6.56 1.59
CA LYS A 145 -53.36 -6.14 1.24
C LYS A 145 -53.64 -6.41 -0.24
N MET A 146 -54.77 -7.03 -0.52
CA MET A 146 -55.15 -7.38 -1.88
C MET A 146 -56.22 -6.46 -2.46
N VAL A 147 -57.14 -5.98 -1.62
CA VAL A 147 -58.22 -5.10 -2.07
C VAL A 147 -57.66 -3.71 -2.31
N CYS A 148 -58.18 -3.03 -3.34
CA CYS A 148 -57.75 -1.69 -3.68
C CYS A 148 -58.64 -0.65 -2.99
N GLU A 149 -58.35 0.61 -3.23
CA GLU A 149 -59.13 1.71 -2.65
C GLU A 149 -59.69 2.61 -3.75
N CYS A 168 -61.28 -0.02 -4.70
CA CYS A 168 -62.34 0.17 -5.68
C CYS A 168 -63.24 -1.06 -5.74
N GLY A 169 -62.93 -2.06 -4.93
CA GLY A 169 -63.70 -3.29 -4.91
C GLY A 169 -63.34 -4.29 -5.97
N ASN A 170 -62.31 -4.03 -6.77
CA ASN A 170 -61.89 -4.93 -7.83
C ASN A 170 -60.68 -5.74 -7.38
N THR A 171 -60.73 -7.05 -7.62
CA THR A 171 -59.61 -7.91 -7.26
C THR A 171 -58.39 -7.56 -8.10
N GLN A 172 -57.22 -7.55 -7.46
CA GLN A 172 -55.99 -7.16 -8.13
C GLN A 172 -55.29 -8.38 -8.71
N PRO A 173 -55.15 -8.49 -10.03
CA PRO A 173 -54.41 -9.60 -10.59
C PRO A 173 -52.93 -9.54 -10.25
N VAL A 174 -52.31 -10.71 -10.18
CA VAL A 174 -50.89 -10.81 -9.89
C VAL A 174 -50.12 -10.77 -11.21
N VAL A 175 -49.09 -9.93 -11.28
CA VAL A 175 -48.29 -9.77 -12.48
C VAL A 175 -47.05 -10.63 -12.35
N ARG A 176 -46.87 -11.55 -13.28
CA ARG A 176 -45.73 -12.45 -13.30
C ARG A 176 -44.85 -12.15 -14.52
N LYS A 177 -43.54 -12.21 -14.33
CA LYS A 177 -42.58 -11.91 -15.39
C LYS A 177 -42.13 -13.22 -16.03
N ASP A 178 -42.64 -13.50 -17.23
CA ASP A 178 -42.26 -14.66 -18.01
C ASP A 178 -41.37 -14.19 -19.15
N GLY A 179 -40.10 -14.58 -19.12
CA GLY A 179 -39.14 -14.06 -20.06
C GLY A 179 -38.98 -12.57 -19.89
N MET A 180 -39.48 -11.80 -20.85
CA MET A 180 -39.56 -10.34 -20.72
C MET A 180 -41.00 -9.83 -20.74
N LYS A 181 -41.98 -10.70 -20.93
CA LYS A 181 -43.38 -10.30 -20.91
C LYS A 181 -43.94 -10.38 -19.50
N LEU A 182 -45.04 -9.65 -19.29
CA LEU A 182 -45.74 -9.63 -18.02
C LEU A 182 -47.15 -10.18 -18.22
N TRP A 183 -47.52 -11.18 -17.42
CA TRP A 183 -48.81 -11.84 -17.53
C TRP A 183 -49.62 -11.59 -16.26
N GLY A 184 -50.90 -11.30 -16.43
CA GLY A 184 -51.79 -11.02 -15.31
C GLY A 184 -52.61 -12.24 -14.95
N THR A 185 -52.73 -12.50 -13.64
CA THR A 185 -53.52 -13.59 -13.11
C THR A 185 -54.63 -12.98 -12.24
N TRP A 186 -55.84 -12.95 -12.77
CA TRP A 186 -56.98 -12.36 -12.06
C TRP A 186 -57.47 -13.28 -10.95
N ARG A 200 -58.26 -13.67 -17.58
CA ARG A 200 -56.91 -13.12 -17.54
C ARG A 200 -56.44 -12.73 -18.94
N LYS A 201 -55.45 -11.84 -19.01
CA LYS A 201 -54.96 -11.35 -20.28
C LYS A 201 -53.49 -10.94 -20.16
N LEU A 202 -52.82 -10.88 -21.30
CA LEU A 202 -51.43 -10.44 -21.35
C LEU A 202 -51.36 -8.92 -21.24
N LEU A 203 -50.42 -8.43 -20.45
CA LEU A 203 -50.24 -6.99 -20.30
C LEU A 203 -49.70 -6.38 -21.59
N THR A 204 -50.32 -5.28 -22.02
CA THR A 204 -49.94 -4.61 -23.25
C THR A 204 -49.38 -3.23 -22.97
N PRO A 205 -48.32 -2.82 -23.69
CA PRO A 205 -47.69 -1.53 -23.38
C PRO A 205 -48.61 -0.34 -23.52
N GLY A 206 -49.54 -0.36 -24.47
CA GLY A 206 -50.47 0.77 -24.61
C GLY A 206 -51.38 0.92 -23.39
N GLU A 207 -51.96 -0.20 -22.95
CA GLU A 207 -52.84 -0.14 -21.78
C GLU A 207 -52.06 0.21 -20.52
N ILE A 208 -50.85 -0.33 -20.37
CA ILE A 208 -50.03 0.00 -19.21
C ILE A 208 -49.67 1.48 -19.22
N LEU A 209 -49.31 2.00 -20.39
CA LEU A 209 -48.98 3.43 -20.51
C LEU A 209 -50.18 4.30 -20.17
N ASN A 210 -51.37 3.93 -20.64
CA ASN A 210 -52.58 4.68 -20.29
C ASN A 210 -52.86 4.59 -18.79
N VAL A 211 -52.62 3.42 -18.19
CA VAL A 211 -52.86 3.24 -16.76
C VAL A 211 -51.97 4.18 -15.95
N PHE A 212 -50.69 4.28 -16.33
CA PHE A 212 -49.85 5.33 -15.74
C PHE A 212 -50.36 6.72 -16.05
N LYS A 213 -50.91 6.93 -17.26
CA LYS A 213 -51.41 8.27 -17.59
C LYS A 213 -52.60 8.66 -16.75
N HIS A 214 -53.31 7.69 -16.18
CA HIS A 214 -54.43 7.97 -15.29
C HIS A 214 -54.03 8.16 -13.83
N ILE A 215 -52.73 8.09 -13.52
CA ILE A 215 -52.29 8.16 -12.13
C ILE A 215 -52.40 9.60 -11.63
N SER A 216 -53.03 9.77 -10.46
CA SER A 216 -53.17 11.08 -9.86
C SER A 216 -51.84 11.55 -9.26
N PRO A 217 -51.65 12.87 -9.12
CA PRO A 217 -50.40 13.36 -8.51
C PRO A 217 -50.17 12.89 -7.08
N GLU A 218 -51.23 12.74 -6.28
CA GLU A 218 -51.03 12.28 -4.91
C GLU A 218 -50.62 10.82 -4.88
N ASP A 219 -51.16 10.01 -5.80
CA ASP A 219 -50.69 8.63 -5.93
C ASP A 219 -49.26 8.59 -6.47
N CYS A 220 -48.91 9.56 -7.32
CA CYS A 220 -47.52 9.68 -7.78
C CYS A 220 -46.57 9.96 -6.62
N PHE A 221 -46.96 10.86 -5.71
CA PHE A 221 -46.10 11.16 -4.57
C PHE A 221 -46.07 9.99 -3.58
N ARG A 222 -47.20 9.33 -3.37
CA ARG A 222 -47.23 8.19 -2.45
C ARG A 222 -46.34 7.06 -2.94
N LEU A 223 -46.31 6.82 -4.24
CA LEU A 223 -45.48 5.77 -4.82
C LEU A 223 -43.99 6.09 -4.72
N GLY A 224 -43.63 7.31 -4.36
CA GLY A 224 -42.24 7.72 -4.31
C GLY A 224 -41.76 8.50 -5.51
N PHE A 225 -42.64 8.86 -6.43
CA PHE A 225 -42.28 9.60 -7.62
C PHE A 225 -42.61 11.07 -7.47
N ASN A 226 -42.12 11.87 -8.41
CA ASN A 226 -42.41 13.30 -8.48
C ASN A 226 -43.29 13.57 -9.68
N GLU A 227 -44.44 14.23 -9.44
CA GLU A 227 -45.38 14.51 -10.52
C GLU A 227 -44.76 15.42 -11.56
N ASP A 228 -43.97 16.41 -11.12
CA ASP A 228 -43.41 17.38 -12.06
C ASP A 228 -42.31 16.76 -12.91
N TYR A 229 -41.35 16.08 -12.30
CA TYR A 229 -40.15 15.63 -13.00
C TYR A 229 -40.04 14.12 -13.10
N ALA A 230 -40.01 13.41 -11.98
CA ALA A 230 -39.79 11.96 -12.01
C ALA A 230 -41.12 11.23 -12.15
N ARG A 231 -41.86 11.65 -13.16
CA ARG A 231 -43.24 11.24 -13.31
C ARG A 231 -43.28 9.80 -13.84
N PRO A 232 -43.98 8.89 -13.16
CA PRO A 232 -43.81 7.46 -13.44
C PRO A 232 -44.28 7.01 -14.81
N GLU A 233 -44.74 7.89 -15.68
CA GLU A 233 -45.03 7.46 -17.05
C GLU A 233 -43.78 7.46 -17.93
N TRP A 234 -42.63 7.90 -17.41
CA TRP A 234 -41.43 7.97 -18.24
C TRP A 234 -40.73 6.64 -18.42
N MET A 235 -41.06 5.61 -17.61
CA MET A 235 -40.47 4.30 -17.85
C MET A 235 -40.95 3.67 -19.15
N ILE A 236 -42.04 4.18 -19.72
CA ILE A 236 -42.51 3.72 -21.03
C ILE A 236 -41.64 4.39 -22.09
N ILE A 237 -40.93 3.59 -22.87
CA ILE A 237 -40.02 4.10 -23.89
C ILE A 237 -40.81 4.25 -25.19
N THR A 238 -41.00 5.48 -25.63
CA THR A 238 -41.63 5.77 -26.90
C THR A 238 -40.68 6.37 -27.93
N VAL A 239 -39.64 7.05 -27.46
CA VAL A 239 -38.62 7.64 -28.33
C VAL A 239 -37.25 7.37 -27.72
N LEU A 240 -36.29 6.99 -28.57
CA LEU A 240 -34.96 6.69 -28.06
C LEU A 240 -33.97 7.77 -28.47
N PRO A 241 -33.09 8.19 -27.56
CA PRO A 241 -32.10 9.21 -27.91
C PRO A 241 -30.85 8.64 -28.56
N VAL A 242 -30.61 9.00 -29.81
CA VAL A 242 -29.38 8.62 -30.50
C VAL A 242 -28.31 9.67 -30.21
N PRO A 243 -27.16 9.27 -29.68
CA PRO A 243 -26.14 10.24 -29.27
C PRO A 243 -25.27 10.64 -30.45
N PRO A 244 -24.54 11.75 -30.32
CA PRO A 244 -23.59 12.14 -31.37
C PRO A 244 -22.44 11.17 -31.46
N PRO A 245 -21.70 11.15 -32.58
CA PRO A 245 -20.57 10.21 -32.71
C PRO A 245 -19.44 10.45 -31.74
N GLN A 246 -19.51 11.55 -30.97
CA GLN A 246 -18.53 11.78 -29.93
C GLN A 246 -18.64 10.76 -28.82
N VAL A 247 -19.86 10.27 -28.54
CA VAL A 247 -20.07 9.38 -27.40
C VAL A 247 -19.41 8.03 -27.64
N ARG A 248 -19.66 7.43 -28.82
CA ARG A 248 -18.98 6.15 -29.03
C ARG A 248 -17.77 6.33 -29.91
N PRO A 249 -16.63 5.73 -29.56
CA PRO A 249 -15.40 5.89 -30.34
C PRO A 249 -15.43 5.06 -31.62
N SER A 250 -15.61 5.73 -32.75
CA SER A 250 -15.52 5.08 -34.06
C SER A 250 -14.08 5.25 -34.53
N ILE A 251 -13.25 4.26 -34.20
CA ILE A 251 -11.82 4.37 -34.49
C ILE A 251 -11.59 4.31 -36.00
N ALA A 252 -10.81 5.26 -36.51
CA ALA A 252 -10.47 5.29 -37.93
C ALA A 252 -9.18 4.51 -38.15
N MET A 253 -9.31 3.19 -38.03
CA MET A 253 -8.16 2.30 -38.19
C MET A 253 -7.60 2.31 -39.60
N ASP A 254 -8.38 2.77 -40.58
CA ASP A 254 -7.90 2.89 -41.95
C ASP A 254 -8.72 3.95 -42.69
N GLU A 255 -8.14 5.15 -42.81
CA GLU A 255 -8.66 6.28 -43.58
C GLU A 255 -10.18 6.40 -43.63
N THR A 256 -10.73 6.47 -44.83
CA THR A 256 -12.16 6.67 -45.03
C THR A 256 -12.97 5.38 -44.96
N THR A 257 -12.44 4.29 -45.54
CA THR A 257 -13.17 3.03 -45.54
C THR A 257 -13.16 2.41 -44.16
N GLN A 258 -14.20 2.67 -43.38
CA GLN A 258 -14.29 2.22 -41.99
C GLN A 258 -15.64 1.56 -41.75
N GLY A 259 -15.69 0.75 -40.70
CA GLY A 259 -16.94 0.15 -40.27
C GLY A 259 -17.67 1.04 -39.29
N GLN A 260 -18.22 0.45 -38.24
CA GLN A 260 -18.92 1.21 -37.21
C GLN A 260 -18.84 0.45 -35.90
N ASP A 261 -19.19 1.13 -34.81
CA ASP A 261 -19.22 0.50 -33.50
C ASP A 261 -20.42 -0.43 -33.40
N ASP A 262 -20.39 -1.30 -32.38
CA ASP A 262 -21.49 -2.21 -32.14
C ASP A 262 -22.78 -1.46 -31.82
N LEU A 263 -22.67 -0.30 -31.18
CA LEU A 263 -23.85 0.50 -30.88
C LEU A 263 -24.55 0.96 -32.14
N THR A 264 -23.79 1.37 -33.16
CA THR A 264 -24.40 1.80 -34.41
C THR A 264 -25.11 0.66 -35.10
N HIS A 265 -24.50 -0.53 -35.13
CA HIS A 265 -25.14 -1.69 -35.75
C HIS A 265 -26.41 -2.06 -34.99
N LYS A 266 -26.37 -2.04 -33.66
CA LYS A 266 -27.56 -2.37 -32.89
C LYS A 266 -28.65 -1.32 -33.07
N LEU A 267 -28.28 -0.05 -33.21
CA LEU A 267 -29.27 0.99 -33.48
C LEU A 267 -29.91 0.78 -34.85
N SER A 268 -29.12 0.39 -35.85
CA SER A 268 -29.69 0.08 -37.17
C SER A 268 -30.63 -1.11 -37.09
N ASP A 269 -30.26 -2.13 -36.32
CA ASP A 269 -31.14 -3.28 -36.15
C ASP A 269 -32.44 -2.88 -35.45
N ILE A 270 -32.34 -2.01 -34.44
CA ILE A 270 -33.53 -1.52 -33.75
C ILE A 270 -34.42 -0.74 -34.69
N LEU A 271 -33.83 0.10 -35.54
CA LEU A 271 -34.62 0.88 -36.48
C LEU A 271 -35.31 -0.03 -37.50
N LYS A 272 -34.61 -1.07 -37.98
CA LYS A 272 -35.28 -2.02 -38.86
C LYS A 272 -36.41 -2.74 -38.17
N ALA A 273 -36.22 -3.09 -36.89
CA ALA A 273 -37.30 -3.70 -36.11
C ALA A 273 -38.49 -2.76 -35.98
N ASN A 274 -38.23 -1.49 -35.71
CA ASN A 274 -39.31 -0.51 -35.61
C ASN A 274 -40.01 -0.32 -36.94
N ILE A 275 -39.26 -0.34 -38.04
CA ILE A 275 -39.84 -0.17 -39.36
C ILE A 275 -40.78 -1.32 -39.68
N ASN A 276 -40.34 -2.56 -39.42
CA ASN A 276 -41.22 -3.69 -39.70
C ASN A 276 -42.34 -3.84 -38.68
N VAL A 277 -42.20 -3.25 -37.48
CA VAL A 277 -43.33 -3.16 -36.57
C VAL A 277 -44.36 -2.19 -37.11
N GLN A 278 -43.92 -1.03 -37.60
CA GLN A 278 -44.84 -0.04 -38.15
C GLN A 278 -45.54 -0.58 -39.38
N LYS A 279 -44.81 -1.26 -40.27
CA LYS A 279 -45.38 -1.77 -41.51
C LYS A 279 -46.30 -2.96 -41.31
N LEU A 280 -46.57 -3.41 -40.08
CA LEU A 280 -47.44 -4.55 -39.83
C LEU A 280 -48.61 -4.19 -38.95
N GLU A 281 -49.14 -2.97 -39.08
CA GLU A 281 -50.29 -2.54 -38.30
C GLU A 281 -51.47 -2.06 -39.12
N MET A 282 -51.27 -1.57 -40.34
CA MET A 282 -52.40 -1.25 -41.21
C MET A 282 -52.85 -2.44 -42.03
N ASP A 283 -51.95 -3.35 -42.37
CA ASP A 283 -52.29 -4.51 -43.18
C ASP A 283 -52.67 -5.68 -42.29
N GLY A 284 -53.47 -6.58 -42.86
CA GLY A 284 -53.92 -7.75 -42.13
C GLY A 284 -52.81 -8.70 -41.75
N SER A 285 -52.69 -9.00 -40.45
CA SER A 285 -51.70 -9.93 -39.95
C SER A 285 -52.15 -10.40 -38.57
N PRO A 286 -51.77 -11.61 -38.15
CA PRO A 286 -52.19 -12.10 -36.83
C PRO A 286 -51.71 -11.19 -35.71
N GLN A 287 -52.59 -10.99 -34.72
CA GLN A 287 -52.27 -10.12 -33.59
C GLN A 287 -51.12 -10.67 -32.77
N HIS A 288 -51.11 -11.98 -32.52
CA HIS A 288 -50.03 -12.58 -31.74
C HIS A 288 -48.69 -12.48 -32.47
N ILE A 289 -48.71 -12.53 -33.80
CA ILE A 289 -47.48 -12.31 -34.56
C ILE A 289 -47.03 -10.85 -34.41
N ILE A 290 -47.98 -9.92 -34.40
CA ILE A 290 -47.64 -8.51 -34.19
C ILE A 290 -47.00 -8.33 -32.82
N ASN A 291 -47.59 -8.95 -31.79
CA ASN A 291 -47.04 -8.86 -30.45
C ASN A 291 -45.66 -9.51 -30.37
N GLU A 292 -45.46 -10.60 -31.11
CA GLU A 292 -44.16 -11.25 -31.13
C GLU A 292 -43.10 -10.37 -31.78
N VAL A 293 -43.45 -9.68 -32.87
CA VAL A 293 -42.50 -8.77 -33.50
C VAL A 293 -42.23 -7.57 -32.58
N GLU A 294 -43.25 -7.12 -31.84
CA GLU A 294 -43.04 -6.07 -30.85
C GLU A 294 -42.07 -6.52 -29.76
N GLN A 295 -42.23 -7.76 -29.28
CA GLN A 295 -41.30 -8.32 -28.32
C GLN A 295 -39.90 -8.48 -28.92
N LEU A 296 -39.83 -8.75 -30.23
CA LEU A 296 -38.54 -8.79 -30.92
C LEU A 296 -37.84 -7.44 -30.87
N LEU A 297 -38.59 -6.36 -31.16
CA LEU A 297 -38.02 -5.02 -31.06
C LEU A 297 -37.63 -4.70 -29.63
N GLN A 298 -38.45 -5.13 -28.66
CA GLN A 298 -38.13 -4.92 -27.25
C GLN A 298 -36.83 -5.61 -26.87
N PHE A 299 -36.65 -6.85 -27.34
CA PHE A 299 -35.40 -7.56 -27.05
C PHE A 299 -34.22 -6.91 -27.73
N HIS A 300 -34.42 -6.38 -28.94
CA HIS A 300 -33.36 -5.63 -29.62
C HIS A 300 -32.91 -4.43 -28.77
N VAL A 301 -33.86 -3.61 -28.32
CA VAL A 301 -33.48 -2.43 -27.54
C VAL A 301 -32.91 -2.85 -26.18
N ALA A 302 -33.40 -3.96 -25.62
CA ALA A 302 -32.88 -4.45 -24.34
C ALA A 302 -31.43 -4.87 -24.46
N THR A 303 -31.10 -5.64 -25.50
CA THR A 303 -29.72 -6.04 -25.73
C THR A 303 -28.84 -4.85 -26.10
N TYR A 304 -29.41 -3.85 -26.77
CA TYR A 304 -28.66 -2.63 -27.05
C TYR A 304 -28.29 -1.91 -25.77
N MET A 305 -29.23 -1.81 -24.83
CA MET A 305 -28.97 -1.05 -23.62
C MET A 305 -28.29 -1.89 -22.54
N ASP A 306 -28.75 -3.11 -22.32
CA ASP A 306 -28.22 -3.98 -21.29
C ASP A 306 -27.60 -5.21 -21.93
N ASN A 307 -26.39 -5.56 -21.50
CA ASN A 307 -25.67 -6.72 -22.03
C ASN A 307 -25.95 -7.96 -21.19
N ASP A 308 -25.62 -7.91 -19.90
CA ASP A 308 -25.79 -9.04 -19.00
C ASP A 308 -27.23 -9.07 -18.50
N ILE A 309 -28.09 -9.70 -19.31
CA ILE A 309 -29.49 -9.88 -18.97
C ILE A 309 -29.70 -11.29 -18.43
N ALA A 310 -30.37 -11.40 -17.29
CA ALA A 310 -30.51 -12.67 -16.61
C ALA A 310 -31.56 -13.54 -17.29
N GLY A 311 -31.21 -14.80 -17.53
CA GLY A 311 -32.14 -15.77 -18.07
C GLY A 311 -32.32 -15.72 -19.58
N GLN A 312 -31.64 -14.80 -20.26
CA GLN A 312 -31.74 -14.68 -21.71
C GLN A 312 -30.37 -14.41 -22.30
N PRO A 313 -30.11 -14.86 -23.53
CA PRO A 313 -28.79 -14.67 -24.12
C PRO A 313 -28.49 -13.20 -24.39
N GLN A 314 -27.20 -12.86 -24.34
CA GLN A 314 -26.76 -11.53 -24.69
C GLN A 314 -26.57 -11.39 -26.19
N ALA A 315 -26.53 -10.14 -26.65
CA ALA A 315 -26.27 -9.88 -28.06
C ALA A 315 -24.82 -10.19 -28.39
N LEU A 316 -24.60 -11.17 -29.26
CA LEU A 316 -23.27 -11.63 -29.60
C LEU A 316 -22.87 -11.09 -30.98
N GLN A 317 -21.66 -10.56 -31.08
CA GLN A 317 -21.15 -10.05 -32.34
C GLN A 317 -20.87 -11.20 -33.31
N LYS A 318 -20.57 -10.84 -34.55
CA LYS A 318 -20.27 -11.84 -35.57
C LYS A 318 -19.02 -12.65 -35.22
N SER A 319 -18.11 -12.07 -34.43
CA SER A 319 -16.93 -12.77 -33.97
C SER A 319 -17.19 -13.63 -32.74
N GLY A 320 -18.40 -13.59 -32.19
CA GLY A 320 -18.77 -14.36 -31.03
C GLY A 320 -18.72 -13.60 -29.71
N ARG A 321 -18.02 -12.47 -29.68
CA ARG A 321 -17.95 -11.67 -28.47
C ARG A 321 -19.30 -10.97 -28.24
N PRO A 322 -19.67 -10.73 -26.98
CA PRO A 322 -20.91 -10.02 -26.70
C PRO A 322 -20.86 -8.57 -27.17
N VAL A 323 -22.03 -8.05 -27.55
CA VAL A 323 -22.12 -6.67 -27.98
C VAL A 323 -21.97 -5.76 -26.77
N LYS A 324 -21.08 -4.78 -26.88
CA LYS A 324 -20.81 -3.87 -25.77
C LYS A 324 -21.98 -2.92 -25.55
N ALA A 325 -22.88 -3.28 -24.64
CA ALA A 325 -24.02 -2.43 -24.33
C ALA A 325 -23.58 -1.20 -23.55
N ILE A 326 -24.42 -0.18 -23.59
CA ILE A 326 -24.11 1.07 -22.91
C ILE A 326 -24.14 0.93 -21.39
N ARG A 327 -24.78 -0.12 -20.86
CA ARG A 327 -24.77 -0.34 -19.41
C ARG A 327 -23.37 -0.69 -18.93
N ALA A 328 -22.64 -1.50 -19.69
CA ALA A 328 -21.28 -1.87 -19.32
C ALA A 328 -20.26 -0.80 -19.66
N ARG A 329 -20.63 0.22 -20.42
CA ARG A 329 -19.71 1.30 -20.74
C ARG A 329 -19.36 2.15 -19.53
N LEU A 330 -20.16 2.07 -18.46
CA LEU A 330 -19.94 2.85 -17.25
C LEU A 330 -19.73 1.98 -16.02
N LYS A 331 -19.65 0.65 -16.19
CA LYS A 331 -19.44 -0.26 -15.09
C LYS A 331 -18.30 -1.21 -15.41
N GLY A 332 -17.46 -1.48 -14.41
CA GLY A 332 -16.36 -2.41 -14.57
C GLY A 332 -15.06 -1.74 -14.96
N LYS A 333 -14.03 -2.57 -15.10
CA LYS A 333 -12.71 -2.07 -15.49
C LYS A 333 -12.74 -1.44 -16.87
N GLU A 334 -13.46 -2.06 -17.81
CA GLU A 334 -13.67 -1.45 -19.11
C GLU A 334 -14.63 -0.27 -19.06
N GLY A 335 -15.36 -0.11 -17.96
CA GLY A 335 -16.24 1.03 -17.83
C GLY A 335 -15.48 2.33 -17.64
N ARG A 336 -16.15 3.43 -18.03
CA ARG A 336 -15.52 4.74 -17.95
C ARG A 336 -15.44 5.29 -16.54
N LEU A 337 -16.31 4.82 -15.63
CA LEU A 337 -16.31 5.36 -14.27
C LEU A 337 -15.05 4.98 -13.50
N ARG A 338 -14.61 3.72 -13.63
CA ARG A 338 -13.33 3.33 -13.05
C ARG A 338 -12.18 4.08 -13.71
N GLY A 339 -12.31 4.33 -15.01
CA GLY A 339 -11.40 5.21 -15.72
C GLY A 339 -10.90 4.64 -17.03
N ASN A 340 -11.20 5.34 -18.12
CA ASN A 340 -10.71 4.98 -19.45
C ASN A 340 -10.82 6.21 -20.33
N LEU A 341 -9.68 6.83 -20.64
CA LEU A 341 -9.69 8.05 -21.44
C LEU A 341 -8.41 8.13 -22.25
N MET A 342 -8.52 8.68 -23.46
CA MET A 342 -7.37 8.82 -24.34
C MET A 342 -7.66 9.92 -25.34
N GLY A 343 -6.59 10.50 -25.88
CA GLY A 343 -6.69 11.50 -26.93
C GLY A 343 -6.52 12.92 -26.42
N LYS A 344 -5.31 13.45 -26.54
CA LYS A 344 -4.94 14.82 -26.19
C LYS A 344 -3.48 15.02 -26.55
N ARG A 345 -3.09 16.28 -26.71
CA ARG A 345 -1.72 16.65 -27.05
C ARG A 345 -1.23 17.64 -26.00
N VAL A 346 -0.51 17.15 -25.00
CA VAL A 346 0.06 17.97 -23.95
C VAL A 346 1.58 17.79 -23.95
N ASP A 347 2.30 18.91 -24.02
CA ASP A 347 3.76 18.90 -24.05
C ASP A 347 4.31 20.02 -23.19
N PHE A 348 3.74 20.20 -21.99
CA PHE A 348 4.11 21.31 -21.11
C PHE A 348 5.05 20.88 -19.99
N SER A 349 5.87 19.85 -20.23
CA SER A 349 6.80 19.38 -19.22
C SER A 349 7.98 18.72 -19.91
N ALA A 350 9.08 18.60 -19.17
CA ALA A 350 10.28 17.96 -19.70
C ALA A 350 11.06 17.33 -18.56
N ARG A 351 11.96 16.42 -18.91
CA ARG A 351 12.80 15.74 -17.93
C ARG A 351 14.10 15.30 -18.59
N THR A 352 15.23 15.65 -17.98
CA THR A 352 16.52 15.28 -18.56
C THR A 352 17.62 15.40 -17.52
N VAL A 353 18.82 14.99 -17.93
CA VAL A 353 19.99 14.97 -17.06
C VAL A 353 20.55 16.39 -16.93
N ILE A 354 21.30 16.63 -15.85
CA ILE A 354 21.80 17.96 -15.50
C ILE A 354 23.31 17.94 -15.37
N SER A 355 23.87 19.14 -15.29
CA SER A 355 25.29 19.33 -15.07
C SER A 355 25.50 20.70 -14.44
N GLY A 356 26.66 20.89 -13.82
CA GLY A 356 26.96 22.16 -13.18
C GLY A 356 27.43 23.22 -14.17
N ASP A 357 27.27 24.47 -13.76
CA ASP A 357 27.70 25.61 -14.55
C ASP A 357 28.04 26.76 -13.62
N PRO A 358 29.32 27.03 -13.40
CA PRO A 358 29.69 28.13 -12.50
C PRO A 358 29.33 29.50 -13.02
N ASN A 359 29.08 29.64 -14.32
CA ASN A 359 28.80 30.95 -14.92
C ASN A 359 27.31 31.24 -15.01
N LEU A 360 26.51 30.69 -14.10
CA LEU A 360 25.08 30.94 -14.05
C LEU A 360 24.72 31.59 -12.72
N GLU A 361 23.70 32.44 -12.76
CA GLU A 361 23.19 33.04 -11.53
C GLU A 361 22.48 31.98 -10.70
N LEU A 362 22.20 32.33 -9.44
CA LEU A 362 21.57 31.38 -8.54
C LEU A 362 20.16 31.03 -8.99
N ASP A 363 19.47 31.94 -9.68
CA ASP A 363 18.11 31.71 -10.11
C ASP A 363 18.00 31.38 -11.59
N GLN A 364 19.12 31.10 -12.25
CA GLN A 364 19.11 30.78 -13.67
C GLN A 364 19.22 29.26 -13.88
N VAL A 365 18.60 28.79 -14.96
CA VAL A 365 18.68 27.39 -15.36
C VAL A 365 19.01 27.34 -16.85
N GLY A 366 19.98 26.51 -17.21
CA GLY A 366 20.31 26.32 -18.61
C GLY A 366 19.36 25.35 -19.28
N VAL A 367 18.90 25.73 -20.47
CA VAL A 367 17.93 24.91 -21.20
C VAL A 367 18.46 24.64 -22.61
N PRO A 368 18.43 23.40 -23.07
CA PRO A 368 18.84 23.11 -24.45
C PRO A 368 17.90 23.79 -25.45
N ILE A 369 18.46 24.09 -26.63
CA ILE A 369 17.67 24.73 -27.67
C ILE A 369 16.54 23.81 -28.13
N SER A 370 16.81 22.50 -28.18
CA SER A 370 15.76 21.56 -28.58
C SER A 370 14.63 21.54 -27.56
N ILE A 371 14.96 21.54 -26.28
CA ILE A 371 13.92 21.56 -25.25
C ILE A 371 13.15 22.87 -25.29
N ALA A 372 13.85 23.98 -25.52
CA ALA A 372 13.17 25.27 -25.62
C ALA A 372 12.22 25.30 -26.80
N LYS A 373 12.63 24.73 -27.93
CA LYS A 373 11.75 24.68 -29.10
C LYS A 373 10.57 23.74 -28.87
N THR A 374 10.79 22.64 -28.14
CA THR A 374 9.70 21.70 -27.87
C THR A 374 8.60 22.34 -27.04
N LEU A 375 8.97 23.06 -25.99
CA LEU A 375 7.99 23.73 -25.15
C LEU A 375 7.56 25.05 -25.79
N SER A 376 6.44 25.58 -25.29
CA SER A 376 5.91 26.82 -25.83
C SER A 376 5.12 27.54 -24.74
N TYR A 377 5.02 28.86 -24.92
CA TYR A 377 4.25 29.71 -24.01
C TYR A 377 3.29 30.55 -24.85
N PRO A 378 2.00 30.54 -24.51
CA PRO A 378 1.02 31.34 -25.27
C PRO A 378 0.98 32.78 -24.76
N GLU A 379 1.38 33.71 -25.61
CA GLU A 379 1.36 35.13 -25.31
C GLU A 379 0.27 35.81 -26.12
N THR A 380 -0.47 36.71 -25.48
CA THR A 380 -1.54 37.44 -26.15
C THR A 380 -0.97 38.68 -26.81
N VAL A 381 -1.40 38.92 -28.05
CA VAL A 381 -0.87 40.03 -28.84
C VAL A 381 -1.44 41.34 -28.32
N THR A 382 -0.57 42.28 -27.97
CA THR A 382 -0.94 43.62 -27.57
C THR A 382 -0.28 44.62 -28.51
N GLN A 383 -0.44 45.90 -28.21
CA GLN A 383 0.19 46.94 -29.03
C GLN A 383 1.69 47.02 -28.77
N TYR A 384 2.12 46.73 -27.55
CA TYR A 384 3.54 46.88 -27.21
C TYR A 384 4.39 45.77 -27.82
N ASN A 385 3.90 44.53 -27.77
CA ASN A 385 4.71 43.37 -28.12
C ASN A 385 4.46 42.86 -29.53
N ILE A 386 3.71 43.61 -30.35
CA ILE A 386 3.28 43.07 -31.64
C ILE A 386 4.47 42.89 -32.57
N HIS A 387 5.45 43.78 -32.52
CA HIS A 387 6.55 43.75 -33.48
C HIS A 387 7.41 42.51 -33.30
N ARG A 388 7.96 42.32 -32.10
CA ARG A 388 8.81 41.17 -31.86
C ARG A 388 8.04 39.86 -31.97
N LEU A 389 6.75 39.88 -31.64
CA LEU A 389 5.95 38.67 -31.76
C LEU A 389 5.72 38.31 -33.23
N THR A 390 5.49 39.31 -34.09
CA THR A 390 5.42 39.04 -35.52
C THR A 390 6.75 38.53 -36.04
N GLU A 391 7.87 39.06 -35.52
CA GLU A 391 9.17 38.54 -35.91
C GLU A 391 9.32 37.07 -35.52
N TYR A 392 8.87 36.72 -34.32
CA TYR A 392 8.93 35.33 -33.88
C TYR A 392 8.06 34.44 -34.78
N VAL A 393 6.87 34.92 -35.15
CA VAL A 393 6.00 34.15 -36.02
C VAL A 393 6.65 33.95 -37.39
N ARG A 394 7.25 35.00 -37.94
CA ARG A 394 7.93 34.89 -39.22
C ARG A 394 9.12 33.95 -39.14
N ASN A 395 9.75 33.86 -37.97
CA ASN A 395 10.89 32.95 -37.82
C ASN A 395 10.49 31.50 -38.00
N GLY A 396 9.32 31.12 -37.46
CA GLY A 396 8.83 29.78 -37.61
C GLY A 396 9.22 28.87 -36.46
N PRO A 397 8.65 27.66 -36.41
CA PRO A 397 8.91 26.76 -35.29
C PRO A 397 10.23 26.00 -35.38
N ASN A 398 10.90 26.02 -36.53
CA ASN A 398 12.16 25.30 -36.70
C ASN A 398 13.37 26.15 -36.34
N GLU A 399 13.18 27.39 -35.92
CA GLU A 399 14.27 28.27 -35.54
C GLU A 399 13.96 28.94 -34.22
N HIS A 400 15.01 29.21 -33.44
CA HIS A 400 14.88 29.92 -32.18
C HIS A 400 15.51 31.29 -32.29
N PRO A 401 14.81 32.37 -31.92
CA PRO A 401 13.44 32.37 -31.38
C PRO A 401 12.38 32.11 -32.45
N GLY A 402 11.20 31.69 -32.02
CA GLY A 402 10.15 31.39 -32.98
C GLY A 402 8.87 30.99 -32.27
N ALA A 403 7.86 30.65 -33.06
CA ALA A 403 6.55 30.29 -32.56
C ALA A 403 6.07 29.01 -33.23
N LYS A 404 5.17 28.31 -32.56
CA LYS A 404 4.65 27.03 -33.04
C LYS A 404 3.23 27.12 -33.55
N TYR A 405 2.34 27.76 -32.81
CA TYR A 405 0.93 27.85 -33.18
C TYR A 405 0.41 29.26 -33.01
N VAL A 406 -0.64 29.59 -33.76
CA VAL A 406 -1.33 30.86 -33.63
C VAL A 406 -2.80 30.57 -33.40
N ILE A 407 -3.34 31.05 -32.29
CA ILE A 407 -4.74 30.84 -31.92
C ILE A 407 -5.51 32.12 -32.16
N ARG A 408 -6.59 32.02 -32.93
CA ARG A 408 -7.44 33.17 -33.21
C ARG A 408 -8.31 33.49 -32.00
N ASP A 409 -9.16 34.52 -32.14
CA ASP A 409 -10.10 34.85 -31.08
C ASP A 409 -11.11 33.74 -30.87
N ASN A 410 -11.60 33.14 -31.96
CA ASN A 410 -12.60 32.08 -31.85
C ASN A 410 -12.00 30.75 -31.42
N GLY A 411 -10.69 30.58 -31.53
CA GLY A 411 -10.03 29.36 -31.12
C GLY A 411 -9.41 28.53 -32.21
N ASP A 412 -9.40 29.01 -33.46
CA ASP A 412 -8.76 28.27 -34.53
C ASP A 412 -7.25 28.26 -34.34
N ARG A 413 -6.63 27.10 -34.56
CA ARG A 413 -5.21 26.89 -34.30
C ARG A 413 -4.48 26.74 -35.64
N ILE A 414 -3.84 27.81 -36.09
CA ILE A 414 -2.99 27.76 -37.27
C ILE A 414 -1.65 27.16 -36.88
N ASP A 415 -1.27 26.08 -37.55
CA ASP A 415 0.02 25.45 -37.36
C ASP A 415 1.01 26.07 -38.34
N LEU A 416 2.10 26.65 -37.82
CA LEU A 416 3.05 27.33 -38.69
C LEU A 416 3.86 26.36 -39.52
N ARG A 417 3.90 25.07 -39.16
CA ARG A 417 4.62 24.09 -39.97
C ARG A 417 3.97 23.92 -41.33
N TYR A 418 2.65 23.78 -41.37
CA TYR A 418 1.93 23.54 -42.61
C TYR A 418 1.48 24.82 -43.30
N HIS A 419 1.67 25.98 -42.67
CA HIS A 419 1.28 27.25 -43.26
C HIS A 419 2.48 27.82 -44.01
N LYS A 420 2.59 27.48 -45.29
CA LYS A 420 3.68 27.96 -46.12
C LYS A 420 3.61 29.46 -46.37
N ARG A 421 2.48 30.09 -46.10
CA ARG A 421 2.31 31.54 -46.24
C ARG A 421 2.55 32.27 -44.93
N ALA A 422 3.45 31.75 -44.08
CA ALA A 422 3.71 32.38 -42.80
C ALA A 422 4.28 33.78 -42.95
N GLY A 423 4.95 34.05 -44.07
CA GLY A 423 5.47 35.39 -44.32
C GLY A 423 4.41 36.40 -44.67
N ASP A 424 3.18 35.97 -44.93
CA ASP A 424 2.08 36.87 -45.25
C ASP A 424 0.97 36.68 -44.23
N ILE A 425 1.34 36.65 -42.95
CA ILE A 425 0.39 36.49 -41.86
C ILE A 425 0.42 37.75 -41.01
N VAL A 426 -0.75 38.36 -40.83
CA VAL A 426 -0.91 39.52 -39.95
C VAL A 426 -1.68 39.08 -38.72
N LEU A 427 -1.42 39.74 -37.60
CA LEU A 427 -2.00 39.38 -36.32
C LEU A 427 -2.78 40.56 -35.76
N GLN A 428 -3.99 40.30 -35.29
CA GLN A 428 -4.82 41.31 -34.65
C GLN A 428 -4.73 41.19 -33.15
N TYR A 429 -5.11 42.27 -32.46
CA TYR A 429 -5.06 42.30 -31.02
C TYR A 429 -6.03 41.28 -30.43
N GLY A 430 -5.62 40.63 -29.35
CA GLY A 430 -6.40 39.59 -28.73
C GLY A 430 -6.08 38.19 -29.20
N TRP A 431 -5.33 38.05 -30.29
CA TRP A 431 -4.90 36.74 -30.75
C TRP A 431 -3.78 36.21 -29.86
N LYS A 432 -3.71 34.89 -29.76
CA LYS A 432 -2.67 34.24 -28.97
C LYS A 432 -1.62 33.62 -29.90
N VAL A 433 -0.37 33.62 -29.46
CA VAL A 433 0.72 33.00 -30.21
C VAL A 433 1.56 32.17 -29.24
N GLU A 434 1.74 30.89 -29.55
CA GLU A 434 2.54 30.00 -28.71
C GLU A 434 3.98 30.11 -29.16
N ARG A 435 4.72 31.01 -28.53
CA ARG A 435 6.11 31.25 -28.90
C ARG A 435 7.02 30.26 -28.17
N HIS A 436 8.27 30.20 -28.62
CA HIS A 436 9.25 29.33 -28.01
C HIS A 436 9.58 29.80 -26.60
N LEU A 437 10.07 28.87 -25.79
CA LEU A 437 10.58 29.21 -24.47
C LEU A 437 11.79 30.12 -24.61
N MET A 438 11.82 31.22 -23.87
CA MET A 438 12.79 32.27 -24.10
C MET A 438 13.50 32.60 -22.79
N ASP A 439 14.44 33.54 -22.88
CA ASP A 439 15.22 33.94 -21.70
C ASP A 439 14.33 34.66 -20.69
N ASP A 440 14.71 34.54 -19.42
CA ASP A 440 14.05 35.17 -18.29
C ASP A 440 12.62 34.70 -18.08
N ASP A 441 12.20 33.63 -18.76
CA ASP A 441 10.87 33.09 -18.54
C ASP A 441 10.87 32.23 -17.28
N PRO A 442 10.01 32.52 -16.31
CA PRO A 442 10.00 31.72 -15.08
C PRO A 442 9.46 30.33 -15.35
N VAL A 443 10.22 29.31 -14.93
CA VAL A 443 9.83 27.92 -15.10
C VAL A 443 10.01 27.20 -13.78
N LEU A 444 9.12 26.24 -13.51
CA LEU A 444 9.20 25.45 -12.29
C LEU A 444 10.13 24.27 -12.51
N PHE A 445 10.90 23.94 -11.49
CA PHE A 445 11.99 22.96 -11.60
C PHE A 445 11.98 22.08 -10.36
N ASN A 446 12.13 20.77 -10.57
CA ASN A 446 11.90 19.81 -9.49
C ASN A 446 12.81 18.60 -9.63
N ARG A 447 13.12 18.00 -8.48
CA ARG A 447 13.81 16.71 -8.39
C ARG A 447 12.93 15.73 -7.62
N GLN A 448 12.85 14.51 -8.13
CA GLN A 448 12.20 13.55 -7.26
C GLN A 448 13.24 12.84 -6.39
N PRO A 449 12.92 12.55 -5.11
CA PRO A 449 11.68 12.93 -4.44
C PRO A 449 11.68 14.36 -3.93
N SER A 450 10.50 14.97 -3.84
CA SER A 450 10.35 16.33 -3.34
C SER A 450 9.96 16.26 -1.86
N LEU A 451 10.98 15.99 -1.03
CA LEU A 451 10.72 15.79 0.40
C LEU A 451 10.32 17.10 1.08
N HIS A 452 10.90 18.22 0.65
CA HIS A 452 10.70 19.51 1.29
C HIS A 452 10.29 20.55 0.25
N LYS A 453 9.75 21.67 0.75
CA LYS A 453 9.08 22.64 -0.11
C LYS A 453 10.04 23.35 -1.07
N MET A 454 11.32 23.41 -0.76
CA MET A 454 12.29 24.00 -1.67
C MET A 454 13.02 22.96 -2.51
N SER A 455 12.46 21.76 -2.62
CA SER A 455 12.87 20.82 -3.68
C SER A 455 12.27 21.17 -5.02
N MET A 456 11.33 22.11 -5.07
CA MET A 456 10.73 22.61 -6.30
C MET A 456 10.77 24.12 -6.27
N MET A 457 11.45 24.72 -7.25
CA MET A 457 11.66 26.16 -7.24
C MET A 457 11.51 26.73 -8.64
N ALA A 458 11.29 28.04 -8.71
CA ALA A 458 11.12 28.74 -9.97
C ALA A 458 12.43 29.39 -10.38
N HIS A 459 12.86 29.11 -11.61
CA HIS A 459 14.12 29.61 -12.15
C HIS A 459 13.85 30.43 -13.41
N ARG A 460 14.88 31.16 -13.84
CA ARG A 460 14.83 31.94 -15.06
C ARG A 460 15.60 31.20 -16.16
N VAL A 461 14.99 31.09 -17.32
CA VAL A 461 15.54 30.29 -18.41
C VAL A 461 16.69 31.03 -19.07
N LYS A 462 17.78 30.32 -19.34
CA LYS A 462 18.82 30.77 -20.26
C LYS A 462 19.01 29.67 -21.29
N VAL A 463 18.76 30.00 -22.56
CA VAL A 463 18.84 29.00 -23.63
C VAL A 463 20.29 28.88 -24.07
N MET A 464 20.82 27.66 -24.01
CA MET A 464 22.20 27.39 -24.39
C MET A 464 22.25 26.04 -25.09
N PRO A 465 23.27 25.83 -25.94
CA PRO A 465 23.31 24.59 -26.73
C PRO A 465 23.56 23.33 -25.92
N TYR A 466 23.68 22.19 -26.61
CA TYR A 466 23.91 20.87 -26.03
C TYR A 466 22.71 20.43 -25.20
N SER A 467 22.73 19.19 -24.73
CA SER A 467 21.52 18.50 -24.28
C SER A 467 21.52 18.19 -22.78
N THR A 468 21.93 19.14 -21.96
CA THR A 468 21.84 19.00 -20.52
C THR A 468 21.29 20.28 -19.91
N PHE A 469 20.46 20.13 -18.88
CA PHE A 469 20.10 21.27 -18.05
C PHE A 469 21.30 21.74 -17.25
N ARG A 470 21.43 23.04 -17.08
CA ARG A 470 22.54 23.62 -16.33
C ARG A 470 22.01 24.31 -15.09
N LEU A 471 22.68 24.09 -13.97
CA LEU A 471 22.30 24.67 -12.69
C LEU A 471 23.53 25.24 -12.00
N ASN A 472 23.30 26.23 -11.15
CA ASN A 472 24.35 26.70 -10.26
C ASN A 472 24.68 25.60 -9.25
N LEU A 473 25.93 25.60 -8.78
CA LEU A 473 26.35 24.57 -7.83
C LEU A 473 25.62 24.73 -6.50
N SER A 474 25.44 25.96 -6.03
CA SER A 474 24.90 26.20 -4.69
C SER A 474 23.48 25.72 -4.54
N VAL A 475 22.71 25.61 -5.62
CA VAL A 475 21.34 25.11 -5.52
C VAL A 475 21.26 23.59 -5.61
N THR A 476 22.39 22.92 -5.82
CA THR A 476 22.36 21.46 -5.83
C THR A 476 22.16 20.90 -4.43
N SER A 477 22.72 21.56 -3.42
CA SER A 477 22.56 21.09 -2.05
C SER A 477 21.11 21.10 -1.57
N PRO A 478 20.32 22.17 -1.74
CA PRO A 478 18.90 22.06 -1.39
C PRO A 478 18.15 21.05 -2.24
N TYR A 479 18.52 20.88 -3.50
CA TYR A 479 17.91 19.84 -4.32
C TYR A 479 18.35 18.45 -3.92
N ASN A 480 19.47 18.33 -3.20
CA ASN A 480 20.07 17.04 -2.84
C ASN A 480 20.33 16.21 -4.10
N ALA A 481 21.12 16.78 -5.00
CA ALA A 481 21.38 16.15 -6.29
C ALA A 481 22.87 16.27 -6.62
N ASP A 482 23.33 15.34 -7.45
CA ASP A 482 24.67 15.36 -8.01
C ASP A 482 24.58 15.12 -9.51
N PHE A 483 25.69 15.36 -10.20
CA PHE A 483 25.73 15.27 -11.65
C PHE A 483 26.22 13.91 -12.14
N ASP A 484 25.95 12.84 -11.39
CA ASP A 484 26.34 11.49 -11.77
C ASP A 484 25.31 10.83 -12.69
N GLY A 485 24.46 11.61 -13.33
CA GLY A 485 23.41 11.08 -14.18
C GLY A 485 22.00 11.29 -13.67
N ASP A 486 21.81 12.07 -12.61
CA ASP A 486 20.48 12.33 -12.08
C ASP A 486 19.66 13.15 -13.07
N GLU A 487 18.34 12.96 -13.01
CA GLU A 487 17.42 13.63 -13.92
C GLU A 487 16.52 14.59 -13.16
N MET A 488 16.08 15.62 -13.86
CA MET A 488 15.31 16.71 -13.29
C MET A 488 14.10 16.99 -14.18
N ASN A 489 13.05 17.52 -13.59
CA ASN A 489 11.80 17.81 -14.29
C ASN A 489 11.55 19.32 -14.33
N LEU A 490 10.94 19.75 -15.43
CA LEU A 490 10.70 21.16 -15.69
C LEU A 490 9.27 21.35 -16.19
N HIS A 491 8.60 22.36 -15.65
CA HIS A 491 7.24 22.73 -16.05
C HIS A 491 7.20 24.20 -16.41
N VAL A 492 6.32 24.55 -17.35
CA VAL A 492 6.18 25.91 -17.85
C VAL A 492 4.79 26.42 -17.50
N PRO A 493 4.66 27.55 -16.82
CA PRO A 493 3.34 28.13 -16.59
C PRO A 493 2.72 28.61 -17.90
N GLN A 494 1.38 28.56 -17.95
CA GLN A 494 0.65 28.87 -19.16
C GLN A 494 -0.29 30.05 -19.00
N SER A 495 -0.10 30.87 -17.97
CA SER A 495 -0.97 32.01 -17.74
C SER A 495 -0.22 33.08 -16.97
N GLU A 496 -0.79 34.28 -16.97
CA GLU A 496 -0.17 35.40 -16.26
C GLU A 496 -0.22 35.20 -14.75
N GLU A 497 -1.33 34.65 -14.23
CA GLU A 497 -1.41 34.39 -12.81
C GLU A 497 -0.35 33.40 -12.36
N THR A 498 -0.18 32.32 -13.12
CA THR A 498 0.82 31.32 -12.75
C THR A 498 2.23 31.90 -12.84
N ARG A 499 2.50 32.70 -13.87
CA ARG A 499 3.82 33.32 -13.99
C ARG A 499 4.10 34.27 -12.83
N ALA A 500 3.11 35.09 -12.46
CA ALA A 500 3.30 36.00 -11.34
C ALA A 500 3.47 35.24 -10.03
N GLU A 501 2.70 34.18 -9.83
CA GLU A 501 2.83 33.38 -8.61
C GLU A 501 4.20 32.74 -8.51
N LEU A 502 4.70 32.20 -9.63
CA LEU A 502 6.04 31.61 -9.62
C LEU A 502 7.11 32.66 -9.36
N SER A 503 6.98 33.84 -9.96
CA SER A 503 8.00 34.86 -9.80
C SER A 503 7.95 35.55 -8.44
N GLN A 504 6.82 35.51 -7.74
CA GLN A 504 6.67 36.21 -6.49
C GLN A 504 6.65 35.31 -5.26
N LEU A 505 6.45 34.00 -5.43
CA LEU A 505 6.35 33.10 -4.29
C LEU A 505 7.37 31.97 -4.31
N CYS A 506 7.62 31.38 -5.47
CA CYS A 506 8.50 30.22 -5.59
C CYS A 506 9.86 30.58 -6.18
N ALA A 507 10.22 31.85 -6.19
CA ALA A 507 11.49 32.27 -6.75
C ALA A 507 12.65 31.71 -5.93
N VAL A 508 13.78 31.49 -6.61
CA VAL A 508 14.95 30.92 -5.94
C VAL A 508 15.47 31.81 -4.80
N PRO A 509 15.66 33.12 -4.99
CA PRO A 509 16.20 33.91 -3.86
C PRO A 509 15.32 33.91 -2.63
N LEU A 510 14.01 33.75 -2.78
CA LEU A 510 13.11 33.73 -1.63
C LEU A 510 13.27 32.46 -0.80
N GLN A 511 13.89 31.42 -1.37
CA GLN A 511 14.01 30.14 -0.70
C GLN A 511 15.37 29.94 -0.04
N ILE A 512 16.19 30.99 0.04
CA ILE A 512 17.53 30.85 0.62
C ILE A 512 17.44 30.49 2.09
N VAL A 513 16.55 31.16 2.83
CA VAL A 513 16.36 30.90 4.25
C VAL A 513 15.11 30.04 4.42
N SER A 514 15.26 28.92 5.11
CA SER A 514 14.18 27.97 5.30
C SER A 514 13.52 28.14 6.66
N PRO A 515 12.21 27.93 6.76
CA PRO A 515 11.54 28.00 8.06
C PRO A 515 11.75 26.77 8.94
N GLN A 516 12.42 25.74 8.42
CA GLN A 516 12.63 24.52 9.20
C GLN A 516 13.51 24.79 10.42
N SER A 517 14.64 25.46 10.21
CA SER A 517 15.55 25.77 11.31
C SER A 517 16.11 27.18 11.20
N ASN A 518 15.32 28.10 10.65
CA ASN A 518 15.61 29.53 10.50
C ASN A 518 17.06 29.83 10.14
N LYS A 519 17.64 29.03 9.26
CA LYS A 519 19.01 29.19 8.80
C LYS A 519 19.04 28.97 7.29
N PRO A 520 20.03 29.54 6.61
CA PRO A 520 20.11 29.35 5.15
C PRO A 520 20.34 27.89 4.79
N VAL A 521 19.80 27.51 3.63
CA VAL A 521 19.99 26.17 3.10
C VAL A 521 20.94 26.12 1.92
N MET A 522 21.32 27.26 1.36
CA MET A 522 22.27 27.34 0.27
C MET A 522 23.55 28.02 0.76
N GLY A 523 24.69 27.45 0.41
CA GLY A 523 25.97 28.02 0.81
C GLY A 523 27.03 27.71 -0.23
N ILE A 524 28.19 28.36 -0.04
CA ILE A 524 29.32 28.11 -0.92
C ILE A 524 29.85 26.71 -0.67
N VAL A 525 30.01 25.93 -1.74
CA VAL A 525 30.36 24.52 -1.62
C VAL A 525 31.44 24.16 -2.64
N GLN A 526 32.16 23.08 -2.32
CA GLN A 526 33.03 22.36 -3.25
C GLN A 526 34.20 23.25 -3.68
N ASP A 527 34.43 23.43 -4.98
CA ASP A 527 35.63 24.12 -5.45
C ASP A 527 35.65 25.57 -4.99
N THR A 528 34.50 26.22 -4.98
CA THR A 528 34.45 27.61 -4.52
C THR A 528 34.80 27.70 -3.04
N LEU A 529 34.33 26.76 -2.23
CA LEU A 529 34.67 26.76 -0.81
C LEU A 529 36.16 26.55 -0.60
N CYS A 530 36.74 25.57 -1.30
CA CYS A 530 38.17 25.33 -1.16
C CYS A 530 38.98 26.53 -1.63
N GLY A 531 38.57 27.13 -2.75
CA GLY A 531 39.29 28.28 -3.28
C GLY A 531 39.18 29.51 -2.39
N VAL A 532 38.03 29.71 -1.75
CA VAL A 532 37.90 30.87 -0.88
C VAL A 532 38.66 30.64 0.43
N ARG A 533 38.78 29.38 0.86
CA ARG A 533 39.64 29.11 2.01
C ARG A 533 41.10 29.35 1.66
N LYS A 534 41.53 28.91 0.49
CA LYS A 534 42.94 29.08 0.10
C LYS A 534 43.27 30.54 -0.20
N MET A 535 42.33 31.28 -0.78
CA MET A 535 42.62 32.64 -1.22
C MET A 535 42.70 33.61 -0.06
N THR A 536 41.83 33.44 0.94
CA THR A 536 41.80 34.35 2.08
C THR A 536 42.88 34.05 3.10
N LEU A 537 43.89 33.26 2.75
CA LEU A 537 45.00 33.03 3.66
C LEU A 537 45.83 34.30 3.81
N ARG A 538 46.56 34.38 4.91
CA ARG A 538 47.29 35.60 5.24
C ARG A 538 48.39 35.88 4.22
N ASP A 539 49.06 34.84 3.73
CA ASP A 539 50.20 35.00 2.85
C ASP A 539 49.85 34.82 1.38
N THR A 540 48.66 35.26 0.97
CA THR A 540 48.25 35.23 -0.42
C THR A 540 48.28 36.65 -0.97
N PHE A 541 49.11 36.87 -1.99
CA PHE A 541 49.27 38.19 -2.59
C PHE A 541 49.07 38.09 -4.10
N ILE A 542 48.40 39.08 -4.67
CA ILE A 542 47.98 39.06 -6.07
C ILE A 542 48.65 40.21 -6.81
N GLU A 543 49.16 39.91 -8.00
CA GLU A 543 49.78 40.92 -8.86
C GLU A 543 48.72 41.82 -9.46
N TYR A 544 49.17 42.96 -10.00
CA TYR A 544 48.26 43.99 -10.45
C TYR A 544 47.36 43.51 -11.59
N GLU A 545 47.93 42.85 -12.59
CA GLU A 545 47.15 42.41 -13.75
C GLU A 545 46.09 41.40 -13.34
N GLN A 546 46.45 40.46 -12.46
CA GLN A 546 45.46 39.50 -11.98
C GLN A 546 44.39 40.20 -11.16
N VAL A 547 44.76 41.25 -10.43
CA VAL A 547 43.76 42.01 -9.69
C VAL A 547 42.77 42.66 -10.64
N MET A 548 43.26 43.27 -11.72
CA MET A 548 42.35 43.87 -12.69
C MET A 548 41.43 42.83 -13.32
N ASN A 549 41.98 41.67 -13.68
CA ASN A 549 41.17 40.62 -14.29
C ASN A 549 40.10 40.12 -13.32
N MET A 550 40.47 39.95 -12.04
CA MET A 550 39.51 39.48 -11.05
C MET A 550 38.43 40.53 -10.78
N LEU A 551 38.83 41.81 -10.76
CA LEU A 551 37.85 42.88 -10.52
C LEU A 551 36.86 42.99 -11.67
N PHE A 552 37.34 42.84 -12.91
CA PHE A 552 36.43 42.88 -14.05
C PHE A 552 35.44 41.73 -14.05
N TRP A 553 35.75 40.64 -13.36
CA TRP A 553 34.86 39.48 -13.34
C TRP A 553 33.66 39.67 -12.41
N VAL A 554 33.62 40.73 -11.62
CA VAL A 554 32.53 40.97 -10.69
C VAL A 554 31.43 41.72 -11.44
N PRO A 555 30.24 41.14 -11.60
CA PRO A 555 29.15 41.89 -12.24
C PRO A 555 28.74 43.14 -11.49
N SER A 556 28.84 43.14 -10.16
CA SER A 556 28.40 44.26 -9.35
C SER A 556 29.52 45.21 -8.97
N TRP A 557 30.68 45.09 -9.60
CA TRP A 557 31.79 45.98 -9.31
C TRP A 557 31.47 47.40 -9.75
N ASP A 558 31.86 48.37 -8.95
CA ASP A 558 31.56 49.77 -9.19
C ASP A 558 32.60 50.48 -10.04
N GLY A 559 33.63 49.77 -10.50
CA GLY A 559 34.62 50.36 -11.36
C GLY A 559 35.73 51.13 -10.67
N VAL A 560 35.81 51.06 -9.35
CA VAL A 560 36.85 51.75 -8.58
C VAL A 560 37.78 50.69 -8.01
N VAL A 561 39.04 50.72 -8.43
CA VAL A 561 40.02 49.74 -7.95
C VAL A 561 40.49 50.15 -6.55
N PRO A 562 40.43 49.25 -5.58
CA PRO A 562 40.89 49.60 -4.23
C PRO A 562 42.39 49.79 -4.18
N GLN A 563 42.83 50.57 -3.20
CA GLN A 563 44.26 50.77 -3.00
C GLN A 563 44.90 49.47 -2.53
N PRO A 564 46.06 49.11 -3.06
CA PRO A 564 46.72 47.87 -2.63
C PRO A 564 47.19 47.96 -1.19
N ALA A 565 47.25 46.79 -0.55
CA ALA A 565 47.73 46.74 0.84
C ALA A 565 49.20 47.14 0.92
N ILE A 566 49.99 46.81 -0.09
CA ILE A 566 51.41 47.12 -0.14
C ILE A 566 51.65 48.05 -1.31
N LEU A 567 52.32 49.17 -1.06
CA LEU A 567 52.58 50.18 -2.08
C LEU A 567 54.02 50.19 -2.56
N LYS A 568 54.97 49.79 -1.72
CA LYS A 568 56.39 49.82 -2.04
C LYS A 568 57.02 48.52 -1.54
N PRO A 569 57.94 47.92 -2.30
CA PRO A 569 58.50 48.36 -3.59
C PRO A 569 57.72 47.86 -4.80
N LYS A 570 56.58 47.23 -4.58
CA LYS A 570 55.75 46.73 -5.65
C LYS A 570 54.31 46.60 -5.18
N PRO A 571 53.34 47.09 -5.94
CA PRO A 571 51.95 46.98 -5.52
C PRO A 571 51.54 45.52 -5.37
N LEU A 572 50.78 45.24 -4.31
CA LEU A 572 50.35 43.88 -4.01
C LEU A 572 49.02 43.93 -3.27
N TRP A 573 48.07 43.10 -3.71
CA TRP A 573 46.77 42.99 -3.08
C TRP A 573 46.65 41.64 -2.40
N THR A 574 46.04 41.62 -1.22
CA THR A 574 45.76 40.37 -0.54
C THR A 574 44.43 39.81 -1.00
N GLY A 575 44.25 38.50 -0.80
CA GLY A 575 43.02 37.85 -1.19
C GLY A 575 41.81 38.36 -0.44
N LYS A 576 42.00 38.78 0.81
CA LYS A 576 40.89 39.31 1.59
C LYS A 576 40.32 40.57 0.96
N GLN A 577 41.17 41.41 0.37
CA GLN A 577 40.69 42.61 -0.30
C GLN A 577 39.79 42.27 -1.47
N LEU A 578 40.22 41.33 -2.30
CA LEU A 578 39.43 41.00 -3.49
C LEU A 578 38.20 40.18 -3.15
N LEU A 579 38.18 39.50 -2.00
CA LEU A 579 36.94 38.90 -1.55
C LEU A 579 35.98 39.96 -1.01
N SER A 580 36.51 40.92 -0.24
CA SER A 580 35.68 42.01 0.27
C SER A 580 35.14 42.89 -0.83
N ILE A 581 35.77 42.87 -2.01
CA ILE A 581 35.22 43.59 -3.16
C ILE A 581 33.82 43.07 -3.49
N ALA A 582 33.64 41.75 -3.45
CA ALA A 582 32.35 41.15 -3.80
C ALA A 582 31.32 41.26 -2.69
N ILE A 583 31.71 41.66 -1.48
CA ILE A 583 30.78 41.80 -0.37
C ILE A 583 30.14 43.18 -0.42
N PRO A 584 28.80 43.28 -0.41
CA PRO A 584 28.16 44.60 -0.41
C PRO A 584 28.50 45.39 0.85
N SER A 585 28.58 46.71 0.68
CA SER A 585 28.94 47.58 1.78
C SER A 585 27.82 47.65 2.81
N GLY A 586 28.18 48.08 4.02
CA GLY A 586 27.22 48.16 5.09
C GLY A 586 26.94 46.85 5.79
N ILE A 587 27.89 45.92 5.77
CA ILE A 587 27.75 44.62 6.39
C ILE A 587 28.79 44.48 7.50
N HIS A 588 28.34 44.10 8.69
CA HIS A 588 29.22 43.89 9.82
C HIS A 588 29.00 42.49 10.37
N LEU A 589 30.09 41.85 10.77
CA LEU A 589 30.01 40.49 11.30
C LEU A 589 31.18 40.24 12.23
N GLN A 590 30.92 39.67 13.39
CA GLN A 590 31.95 39.35 14.37
C GLN A 590 31.77 37.91 14.82
N ARG A 591 32.84 37.12 14.72
CA ARG A 591 32.83 35.75 15.19
C ARG A 591 34.14 35.46 15.91
N THR A 592 34.05 34.86 17.09
CA THR A 592 35.20 34.53 17.91
C THR A 592 35.39 33.02 17.90
N ASP A 593 36.58 32.57 17.48
CA ASP A 593 36.90 31.15 17.39
C ASP A 593 37.93 30.81 18.45
N GLY A 594 37.53 29.98 19.41
CA GLY A 594 38.44 29.54 20.46
C GLY A 594 38.95 30.66 21.35
N GLY A 595 38.12 31.66 21.62
CA GLY A 595 38.53 32.76 22.46
C GLY A 595 39.69 33.56 21.88
N ASN A 596 39.72 33.73 20.57
CA ASN A 596 40.82 34.44 19.94
C ASN A 596 40.75 35.93 20.28
N SER A 597 41.93 36.55 20.38
CA SER A 597 42.01 37.96 20.68
C SER A 597 41.78 38.79 19.42
N LEU A 598 41.64 40.10 19.60
CA LEU A 598 41.49 41.01 18.47
C LEU A 598 42.74 41.04 17.60
N LEU A 599 43.90 40.68 18.15
CA LEU A 599 45.13 40.62 17.37
C LEU A 599 45.20 39.39 16.48
N SER A 600 44.43 38.35 16.80
CA SER A 600 44.26 37.13 16.01
C SER A 600 45.60 36.52 15.62
N PRO A 601 46.32 35.91 16.56
CA PRO A 601 47.60 35.27 16.20
C PRO A 601 47.45 34.12 15.22
N LYS A 602 46.36 33.36 15.31
CA LYS A 602 46.15 32.20 14.46
C LYS A 602 45.31 32.49 13.22
N ASP A 603 44.95 33.75 13.00
CA ASP A 603 44.10 34.15 11.88
C ASP A 603 42.75 33.46 11.92
N ASN A 604 42.28 33.07 13.10
CA ASN A 604 40.97 32.49 13.25
C ASN A 604 39.96 33.59 13.59
N GLY A 605 38.72 33.20 13.86
CA GLY A 605 37.68 34.18 14.04
C GLY A 605 37.32 34.83 12.72
N MET A 606 36.57 35.92 12.81
CA MET A 606 36.18 36.66 11.62
C MET A 606 35.68 38.04 12.02
N LEU A 607 36.16 39.07 11.32
CA LEU A 607 35.67 40.43 11.53
C LEU A 607 35.46 41.09 10.19
N ILE A 608 34.22 41.46 9.89
CA ILE A 608 33.86 42.16 8.67
C ILE A 608 33.26 43.49 9.07
N VAL A 609 33.81 44.59 8.55
CA VAL A 609 33.36 45.93 8.85
C VAL A 609 33.10 46.65 7.54
N ASP A 610 31.87 47.15 7.36
CA ASP A 610 31.48 47.90 6.17
C ASP A 610 31.77 47.12 4.89
N GLY A 611 31.46 45.83 4.92
CA GLY A 611 31.72 44.98 3.77
C GLY A 611 33.19 44.82 3.44
N LYS A 612 34.04 44.79 4.46
CA LYS A 612 35.47 44.58 4.28
C LYS A 612 35.97 43.65 5.37
N VAL A 613 36.77 42.67 4.99
CA VAL A 613 37.26 41.67 5.93
C VAL A 613 38.48 42.24 6.64
N MET A 614 38.37 42.46 7.95
CA MET A 614 39.51 42.94 8.73
C MET A 614 40.49 41.80 9.01
N PHE A 615 39.99 40.69 9.55
CA PHE A 615 40.81 39.51 9.76
C PHE A 615 39.92 38.29 9.82
N GLY A 616 40.54 37.13 9.63
CA GLY A 616 39.84 35.85 9.69
C GLY A 616 39.82 35.16 8.35
N VAL A 617 40.19 33.88 8.35
CA VAL A 617 40.13 33.06 7.15
C VAL A 617 38.68 32.71 6.87
N VAL A 618 38.28 32.82 5.60
CA VAL A 618 36.91 32.56 5.19
C VAL A 618 36.77 31.09 4.84
N ASP A 619 35.93 30.38 5.59
CA ASP A 619 35.72 28.96 5.40
C ASP A 619 34.25 28.67 5.60
N LYS A 620 33.91 27.39 5.80
CA LYS A 620 32.52 26.99 5.98
C LYS A 620 31.87 27.67 7.18
N LYS A 621 32.66 28.09 8.17
CA LYS A 621 32.10 28.77 9.33
C LYS A 621 31.49 30.12 8.97
N THR A 622 31.87 30.70 7.83
CA THR A 622 31.39 32.02 7.43
C THR A 622 30.45 31.96 6.22
N VAL A 623 30.89 31.35 5.13
CA VAL A 623 30.10 31.30 3.90
C VAL A 623 29.33 29.98 3.78
N GLY A 624 29.17 29.26 4.88
CA GLY A 624 28.42 28.02 4.89
C GLY A 624 26.93 28.27 5.05
N SER A 625 26.21 27.17 5.33
CA SER A 625 24.76 27.23 5.52
C SER A 625 24.37 27.41 6.97
N GLY A 626 25.32 27.54 7.88
CA GLY A 626 24.98 27.72 9.28
C GLY A 626 24.37 29.08 9.56
N GLY A 627 23.58 29.14 10.62
CA GLY A 627 22.97 30.40 11.00
C GLY A 627 23.99 31.39 11.51
N GLY A 628 23.70 32.67 11.29
CA GLY A 628 24.60 33.73 11.70
C GLY A 628 25.76 33.99 10.77
N GLY A 629 25.83 33.30 9.64
CA GLY A 629 26.92 33.48 8.70
C GLY A 629 26.73 34.72 7.85
N LEU A 630 27.65 34.88 6.89
CA LEU A 630 27.60 36.03 6.01
C LEU A 630 26.34 36.01 5.14
N ILE A 631 25.97 34.84 4.63
CA ILE A 631 24.79 34.73 3.78
C ILE A 631 23.54 35.11 4.57
N HIS A 632 23.42 34.62 5.81
CA HIS A 632 22.28 34.96 6.64
C HIS A 632 22.23 36.45 6.93
N THR A 633 23.39 37.06 7.20
CA THR A 633 23.42 38.49 7.48
C THR A 633 22.99 39.29 6.26
N VAL A 634 23.47 38.92 5.07
CA VAL A 634 23.08 39.64 3.86
C VAL A 634 21.59 39.46 3.59
N MET A 635 21.08 38.24 3.83
CA MET A 635 19.66 37.99 3.66
C MET A 635 18.83 38.89 4.58
N ARG A 636 19.22 38.98 5.85
CA ARG A 636 18.44 39.76 6.80
C ARG A 636 18.61 41.26 6.61
N GLU A 637 19.72 41.71 6.02
CA GLU A 637 20.01 43.13 5.91
C GLU A 637 19.58 43.71 4.56
N LYS A 638 20.08 43.15 3.46
CA LYS A 638 19.89 43.75 2.16
C LYS A 638 18.62 43.25 1.46
N GLY A 639 18.46 41.93 1.35
CA GLY A 639 17.31 41.37 0.70
C GLY A 639 17.65 40.20 -0.22
N PRO A 640 16.62 39.54 -0.74
CA PRO A 640 16.87 38.34 -1.56
C PRO A 640 17.67 38.60 -2.82
N LYS A 641 17.50 39.75 -3.47
CA LYS A 641 18.22 40.02 -4.70
C LYS A 641 19.72 40.15 -4.45
N ILE A 642 20.09 40.93 -3.43
CA ILE A 642 21.50 41.11 -3.12
C ILE A 642 22.12 39.80 -2.63
N CYS A 643 21.37 39.05 -1.83
CA CYS A 643 21.87 37.75 -1.35
C CYS A 643 22.10 36.80 -2.52
N ALA A 644 21.19 36.80 -3.50
CA ALA A 644 21.39 35.97 -4.68
C ALA A 644 22.60 36.41 -5.49
N GLU A 645 22.79 37.73 -5.64
CA GLU A 645 23.94 38.21 -6.41
C GLU A 645 25.26 37.92 -5.70
N LEU A 646 25.23 37.84 -4.37
CA LEU A 646 26.46 37.56 -3.62
C LEU A 646 27.04 36.21 -4.00
N PHE A 647 26.18 35.20 -4.16
CA PHE A 647 26.64 33.88 -4.58
C PHE A 647 27.40 33.95 -5.88
N GLY A 648 26.82 34.60 -6.89
CA GLY A 648 27.48 34.70 -8.18
C GLY A 648 28.80 35.46 -8.11
N ASN A 649 28.82 36.57 -7.36
CA ASN A 649 30.05 37.35 -7.27
C ASN A 649 31.17 36.54 -6.63
N ILE A 650 30.89 35.92 -5.48
CA ILE A 650 31.91 35.14 -4.79
C ILE A 650 32.36 33.97 -5.65
N GLN A 651 31.40 33.28 -6.29
CA GLN A 651 31.76 32.13 -7.11
C GLN A 651 32.65 32.53 -8.27
N LYS A 652 32.32 33.64 -8.95
CA LYS A 652 33.13 34.06 -10.09
C LYS A 652 34.55 34.43 -9.66
N VAL A 653 34.67 35.22 -8.60
CA VAL A 653 36.00 35.64 -8.16
C VAL A 653 36.84 34.44 -7.75
N VAL A 654 36.28 33.59 -6.90
CA VAL A 654 37.03 32.45 -6.38
C VAL A 654 37.38 31.47 -7.49
N ASN A 655 36.44 31.26 -8.43
CA ASN A 655 36.70 30.32 -9.51
C ASN A 655 37.81 30.83 -10.43
N TYR A 656 37.83 32.13 -10.73
CA TYR A 656 38.93 32.65 -11.54
C TYR A 656 40.26 32.50 -10.82
N TRP A 657 40.30 32.83 -9.53
CA TRP A 657 41.56 32.71 -8.80
C TRP A 657 42.03 31.26 -8.74
N LEU A 658 41.10 30.33 -8.52
CA LEU A 658 41.48 28.92 -8.46
C LEU A 658 41.90 28.39 -9.82
N LEU A 659 41.28 28.89 -10.89
CA LEU A 659 41.69 28.53 -12.24
C LEU A 659 43.14 28.95 -12.49
N HIS A 660 43.49 30.14 -12.06
CA HIS A 660 44.85 30.63 -12.32
C HIS A 660 45.82 30.31 -11.18
N ASN A 661 45.39 29.57 -10.16
CA ASN A 661 46.27 29.12 -9.11
C ASN A 661 46.53 27.62 -9.15
N GLY A 662 45.48 26.82 -9.20
CA GLY A 662 45.63 25.38 -9.30
C GLY A 662 45.44 24.69 -7.96
N PHE A 663 44.90 23.48 -8.02
CA PHE A 663 44.68 22.67 -6.83
C PHE A 663 44.52 21.22 -7.26
N SER A 664 45.01 20.30 -6.43
CA SER A 664 45.00 18.89 -6.78
C SER A 664 45.10 18.05 -5.51
N ILE A 665 44.99 16.74 -5.70
CA ILE A 665 45.20 15.76 -4.63
C ILE A 665 45.93 14.57 -5.22
N GLY A 666 46.77 13.94 -4.41
CA GLY A 666 47.59 12.84 -4.89
C GLY A 666 47.72 11.76 -3.83
N ILE A 667 48.40 10.67 -4.22
CA ILE A 667 48.60 9.55 -3.32
C ILE A 667 49.50 9.97 -2.15
N GLY A 668 50.49 10.82 -2.41
CA GLY A 668 51.40 11.24 -1.37
C GLY A 668 50.74 11.99 -0.23
N ASP A 669 49.53 12.50 -0.45
CA ASP A 669 48.80 13.17 0.61
C ASP A 669 48.28 12.19 1.66
N ALA A 670 48.30 10.88 1.39
CA ALA A 670 47.83 9.88 2.34
C ALA A 670 48.97 9.14 3.03
N ILE A 671 50.20 9.62 2.90
CA ILE A 671 51.38 8.94 3.43
C ILE A 671 51.90 9.74 4.61
N ALA A 672 52.14 9.06 5.73
CA ALA A 672 52.73 9.65 6.91
C ALA A 672 54.21 9.29 6.98
N ASP A 673 54.97 10.08 7.73
CA ASP A 673 56.41 9.88 7.83
C ASP A 673 56.71 8.66 8.71
N ALA A 674 58.00 8.36 8.85
CA ALA A 674 58.42 7.20 9.61
C ALA A 674 58.10 7.35 11.10
N SER A 675 58.33 8.55 11.65
CA SER A 675 58.11 8.76 13.09
C SER A 675 56.64 8.60 13.46
N THR A 676 55.75 9.19 12.66
CA THR A 676 54.32 9.06 12.96
C THR A 676 53.85 7.63 12.77
N MET A 677 54.39 6.93 11.77
CA MET A 677 54.04 5.53 11.58
C MET A 677 54.48 4.69 12.79
N LYS A 678 55.68 4.97 13.31
CA LYS A 678 56.15 4.26 14.49
C LYS A 678 55.26 4.56 15.69
N GLU A 679 54.85 5.83 15.84
CA GLU A 679 53.97 6.18 16.95
C GLU A 679 52.63 5.46 16.83
N ILE A 680 52.07 5.41 15.62
CA ILE A 680 50.80 4.72 15.41
C ILE A 680 50.93 3.24 15.72
N THR A 681 52.03 2.62 15.27
CA THR A 681 52.24 1.20 15.54
C THR A 681 52.38 0.96 17.04
N HIS A 682 53.09 1.84 17.75
CA HIS A 682 53.22 1.71 19.19
C HIS A 682 51.88 1.81 19.89
N ALA A 683 51.05 2.77 19.48
CA ALA A 683 49.73 2.92 20.08
C ALA A 683 48.87 1.69 19.84
N ILE A 684 48.90 1.16 18.61
CA ILE A 684 48.10 -0.02 18.30
C ILE A 684 48.58 -1.22 19.11
N SER A 685 49.90 -1.39 19.23
CA SER A 685 50.43 -2.51 20.01
C SER A 685 50.04 -2.39 21.48
N SER A 686 50.11 -1.17 22.03
CA SER A 686 49.71 -0.98 23.42
C SER A 686 48.23 -1.29 23.61
N ALA A 687 47.40 -0.88 22.65
CA ALA A 687 45.98 -1.19 22.73
C ALA A 687 45.73 -2.69 22.68
N LYS A 688 46.46 -3.40 21.81
CA LYS A 688 46.31 -4.85 21.73
C LYS A 688 46.74 -5.52 23.03
N GLU A 689 47.81 -5.01 23.65
CA GLU A 689 48.24 -5.55 24.94
C GLU A 689 47.18 -5.30 26.01
N GLN A 690 46.55 -4.12 25.98
CA GLN A 690 45.47 -3.84 26.93
C GLN A 690 44.29 -4.78 26.72
N VAL A 691 43.97 -5.06 25.45
CA VAL A 691 42.88 -5.99 25.14
C VAL A 691 43.23 -7.39 25.66
N GLN A 692 44.48 -7.79 25.49
CA GLN A 692 44.91 -9.09 26.01
C GLN A 692 44.79 -9.14 27.53
N GLU A 693 45.16 -8.04 28.20
CA GLU A 693 45.00 -7.98 29.65
C GLU A 693 43.54 -8.07 30.06
N ILE A 694 42.66 -7.41 29.33
CA ILE A 694 41.23 -7.49 29.62
C ILE A 694 40.73 -8.91 29.44
N ILE A 695 41.19 -9.58 28.39
CA ILE A 695 40.80 -10.97 28.14
C ILE A 695 41.27 -11.86 29.28
N TYR A 696 42.51 -11.67 29.73
CA TYR A 696 43.03 -12.47 30.84
C TYR A 696 42.24 -12.23 32.12
N LYS A 697 41.89 -10.97 32.39
CA LYS A 697 41.09 -10.67 33.58
C LYS A 697 39.72 -11.31 33.49
N ALA A 698 39.10 -11.27 32.31
CA ALA A 698 37.77 -11.85 32.16
C ALA A 698 37.81 -13.36 32.29
N GLN A 699 38.84 -14.00 31.77
CA GLN A 699 38.93 -15.45 31.79
C GLN A 699 39.19 -16.02 33.18
N HIS A 700 39.52 -15.16 34.16
CA HIS A 700 39.77 -15.61 35.53
C HIS A 700 38.73 -15.05 36.51
N ASN A 701 37.60 -14.57 35.99
CA ASN A 701 36.54 -13.99 36.81
C ASN A 701 37.04 -12.81 37.65
N GLU A 702 37.97 -12.05 37.09
CA GLU A 702 38.55 -10.89 37.76
C GLU A 702 38.16 -9.58 37.07
N LEU A 703 37.06 -9.57 36.33
CA LEU A 703 36.59 -8.38 35.63
C LEU A 703 35.42 -7.78 36.40
N GLU A 704 35.49 -6.47 36.62
CA GLU A 704 34.40 -5.77 37.29
C GLU A 704 33.15 -5.80 36.43
N LEU A 705 32.01 -6.07 37.06
CA LEU A 705 30.73 -6.19 36.37
C LEU A 705 30.00 -4.86 36.43
N LYS A 706 29.67 -4.32 35.27
CA LYS A 706 28.86 -3.11 35.24
C LYS A 706 27.44 -3.42 35.71
N PRO A 707 26.79 -2.50 36.42
CA PRO A 707 25.47 -2.80 36.98
C PRO A 707 24.43 -3.01 35.89
N GLY A 708 23.50 -3.91 36.16
CA GLY A 708 22.39 -4.15 35.25
C GLY A 708 22.76 -4.74 33.91
N MET A 709 23.93 -5.38 33.81
CA MET A 709 24.35 -5.96 32.54
C MET A 709 25.35 -7.06 32.82
N THR A 710 25.33 -8.09 31.97
CA THR A 710 26.05 -9.32 32.24
C THR A 710 27.55 -9.18 31.96
N LEU A 711 28.28 -10.23 32.31
CA LEU A 711 29.74 -10.19 32.21
C LEU A 711 30.19 -10.17 30.76
N ARG A 712 29.57 -10.97 29.90
CA ARG A 712 30.02 -11.08 28.51
C ARG A 712 29.86 -9.75 27.77
N GLU A 713 28.71 -9.11 27.92
CA GLU A 713 28.50 -7.84 27.23
C GLU A 713 29.33 -6.73 27.85
N SER A 714 29.61 -6.81 29.16
CA SER A 714 30.53 -5.84 29.75
C SER A 714 31.93 -5.99 29.17
N PHE A 715 32.40 -7.22 29.01
CA PHE A 715 33.70 -7.47 28.40
C PHE A 715 33.72 -6.96 26.96
N GLU A 716 32.66 -7.23 26.20
CA GLU A 716 32.60 -6.77 24.82
C GLU A 716 32.60 -5.25 24.75
N GLY A 717 31.86 -4.59 25.65
CA GLY A 717 31.84 -3.14 25.67
C GLY A 717 33.19 -2.54 26.02
N GLU A 718 33.88 -3.14 26.99
CA GLU A 718 35.22 -2.65 27.34
C GLU A 718 36.18 -2.81 26.17
N VAL A 719 36.14 -3.97 25.50
CA VAL A 719 37.02 -4.20 24.36
C VAL A 719 36.72 -3.21 23.24
N SER A 720 35.44 -2.98 22.96
CA SER A 720 35.05 -2.04 21.91
C SER A 720 35.50 -0.63 22.25
N ARG A 721 35.35 -0.22 23.52
CA ARG A 721 35.81 1.10 23.94
C ARG A 721 37.31 1.24 23.77
N THR A 722 38.06 0.21 24.16
CA THR A 722 39.51 0.26 24.00
C THR A 722 39.90 0.40 22.53
N LEU A 723 39.27 -0.38 21.66
CA LEU A 723 39.62 -0.34 20.24
C LEU A 723 39.23 1.01 19.62
N ASN A 724 38.08 1.55 20.00
CA ASN A 724 37.68 2.86 19.49
C ASN A 724 38.63 3.94 19.95
N ASP A 725 39.05 3.90 21.22
CA ASP A 725 40.02 4.87 21.71
C ASP A 725 41.35 4.74 20.98
N ALA A 726 41.75 3.50 20.68
CA ALA A 726 43.00 3.29 19.93
C ALA A 726 42.92 3.90 18.55
N ARG A 727 41.80 3.65 17.85
CA ARG A 727 41.64 4.21 16.51
C ARG A 727 41.63 5.74 16.56
N ASP A 728 40.94 6.31 17.55
CA ASP A 728 40.91 7.76 17.68
C ASP A 728 42.29 8.33 17.94
N SER A 729 43.08 7.68 18.81
CA SER A 729 44.42 8.16 19.09
C SER A 729 45.32 8.07 17.87
N ALA A 730 45.25 6.97 17.13
CA ALA A 730 46.07 6.84 15.93
C ALA A 730 45.70 7.88 14.90
N GLY A 731 44.39 8.11 14.69
CA GLY A 731 43.97 9.12 13.75
C GLY A 731 44.37 10.52 14.20
N ARG A 732 44.34 10.77 15.51
CA ARG A 732 44.77 12.07 16.03
C ARG A 732 46.25 12.30 15.76
N SER A 733 47.07 11.27 15.98
CA SER A 733 48.50 11.39 15.66
C SER A 733 48.71 11.65 14.18
N ALA A 734 47.98 10.94 13.33
CA ALA A 734 48.09 11.16 11.89
C ALA A 734 47.67 12.58 11.52
N GLU A 735 46.64 13.10 12.17
CA GLU A 735 46.17 14.45 11.87
C GLU A 735 47.21 15.49 12.27
N MET A 736 47.79 15.36 13.47
CA MET A 736 48.84 16.30 13.85
C MET A 736 50.13 16.12 13.07
N ASN A 737 50.30 14.98 12.39
CA ASN A 737 51.43 14.86 11.47
C ASN A 737 51.29 15.84 10.30
N LEU A 738 50.07 15.96 9.76
CA LEU A 738 49.88 16.54 8.44
C LEU A 738 50.40 17.97 8.35
N LYS A 739 51.14 18.25 7.28
CA LYS A 739 51.61 19.59 7.00
C LYS A 739 50.48 20.44 6.42
N ASP A 740 50.70 21.75 6.38
CA ASP A 740 49.69 22.64 5.84
C ASP A 740 49.60 22.57 4.32
N LEU A 741 50.63 22.04 3.66
CA LEU A 741 50.58 21.83 2.22
C LEU A 741 49.86 20.54 1.85
N ASN A 742 49.48 19.73 2.82
CA ASN A 742 48.78 18.48 2.55
C ASN A 742 47.38 18.78 2.04
N ASN A 743 47.07 18.28 0.83
CA ASN A 743 45.81 18.64 0.18
C ASN A 743 44.60 18.11 0.95
N VAL A 744 44.71 16.92 1.54
CA VAL A 744 43.61 16.39 2.34
C VAL A 744 43.36 17.29 3.54
N LYS A 745 44.43 17.77 4.17
CA LYS A 745 44.26 18.70 5.29
C LYS A 745 43.62 20.00 4.83
N GLN A 746 43.98 20.47 3.63
CA GLN A 746 43.35 21.68 3.11
C GLN A 746 41.85 21.46 2.90
N MET A 747 41.47 20.31 2.35
CA MET A 747 40.05 20.02 2.16
C MET A 747 39.31 19.94 3.49
N VAL A 748 39.91 19.28 4.48
CA VAL A 748 39.25 19.14 5.78
C VAL A 748 39.12 20.50 6.46
N SER A 749 40.18 21.31 6.42
CA SER A 749 40.12 22.64 7.03
C SER A 749 39.09 23.51 6.35
N ALA A 750 39.01 23.46 5.02
CA ALA A 750 38.00 24.23 4.31
C ALA A 750 36.59 23.71 4.58
N GLY A 751 36.47 22.43 4.93
CA GLY A 751 35.17 21.84 5.17
C GLY A 751 34.42 21.44 3.92
N SER A 752 35.02 21.61 2.74
CA SER A 752 34.32 21.28 1.50
C SER A 752 34.03 19.78 1.41
N LYS A 753 34.98 18.94 1.78
CA LYS A 753 34.79 17.50 1.68
C LYS A 753 35.73 16.81 2.66
N GLY A 754 35.30 15.65 3.14
CA GLY A 754 36.10 14.86 4.05
C GLY A 754 35.99 15.33 5.49
N SER A 755 36.58 14.55 6.38
CA SER A 755 36.57 14.85 7.81
C SER A 755 37.77 14.16 8.45
N PHE A 756 37.83 14.21 9.78
CA PHE A 756 38.96 13.63 10.50
C PHE A 756 38.99 12.11 10.37
N ILE A 757 37.80 11.47 10.40
CA ILE A 757 37.74 10.01 10.34
C ILE A 757 38.26 9.50 9.01
N ASN A 758 38.02 10.25 7.91
CA ASN A 758 38.56 9.84 6.62
C ASN A 758 40.08 9.83 6.63
N ILE A 759 40.69 10.85 7.23
CA ILE A 759 42.14 10.88 7.35
C ILE A 759 42.63 9.72 8.19
N ALA A 760 41.93 9.44 9.30
CA ALA A 760 42.32 8.35 10.18
C ALA A 760 42.28 7.02 9.45
N GLN A 761 41.25 6.79 8.65
CA GLN A 761 41.12 5.51 7.95
C GLN A 761 42.08 5.39 6.78
N MET A 762 42.35 6.49 6.07
CA MET A 762 43.27 6.41 4.94
C MET A 762 44.72 6.32 5.38
N SER A 763 45.08 6.91 6.51
CA SER A 763 46.48 7.03 6.89
C SER A 763 46.89 6.16 8.08
N ALA A 764 46.02 6.00 9.08
CA ALA A 764 46.43 5.39 10.33
C ALA A 764 45.82 4.02 10.56
N CYS A 765 44.49 3.92 10.58
CA CYS A 765 43.83 2.67 10.97
C CYS A 765 42.37 2.73 10.56
N VAL A 766 41.90 1.65 9.94
CA VAL A 766 40.49 1.59 9.57
C VAL A 766 39.61 1.46 10.79
N GLY A 767 40.00 0.61 11.74
CA GLY A 767 39.27 0.45 12.98
C GLY A 767 38.44 -0.82 13.00
N GLN A 768 37.74 -0.99 14.12
CA GLN A 768 36.93 -2.17 14.35
C GLN A 768 35.71 -2.17 13.45
N GLN A 769 35.46 -3.28 12.76
CA GLN A 769 34.27 -3.44 11.95
C GLN A 769 33.09 -3.80 12.83
N MET A 770 31.94 -3.17 12.56
CA MET A 770 30.88 -3.02 13.55
C MET A 770 29.61 -3.63 12.96
N VAL A 771 29.01 -4.58 13.67
CA VAL A 771 27.88 -5.35 13.13
C VAL A 771 26.74 -5.39 14.14
N GLU A 772 25.61 -4.79 13.77
CA GLU A 772 24.37 -4.84 14.57
C GLU A 772 24.61 -4.41 16.01
N GLY A 773 25.45 -3.39 16.18
CA GLY A 773 25.78 -2.92 17.52
C GLY A 773 26.73 -3.81 18.28
N LYS A 774 27.31 -4.82 17.64
CA LYS A 774 28.28 -5.71 18.25
C LYS A 774 29.43 -5.93 17.29
N ARG A 775 30.42 -6.71 17.74
CA ARG A 775 31.53 -7.09 16.88
C ARG A 775 31.10 -8.22 15.94
N ILE A 776 32.06 -8.74 15.19
CA ILE A 776 31.78 -9.83 14.26
C ILE A 776 31.37 -11.07 15.05
N ALA A 777 30.18 -11.60 14.74
CA ALA A 777 29.68 -12.77 15.44
C ALA A 777 30.40 -14.02 14.97
N PHE A 778 30.23 -15.10 15.74
CA PHE A 778 30.82 -16.40 15.41
C PHE A 778 29.90 -17.10 14.44
N GLY A 779 30.07 -16.82 13.14
CA GLY A 779 29.25 -17.48 12.14
C GLY A 779 29.51 -18.97 12.06
N PHE A 780 30.77 -19.37 12.16
CA PHE A 780 31.11 -20.79 12.22
C PHE A 780 30.96 -21.28 13.65
N ALA A 781 31.44 -22.48 13.92
CA ALA A 781 31.37 -23.04 15.28
C ALA A 781 32.39 -22.37 16.19
N ASP A 782 31.95 -21.34 16.92
CA ASP A 782 32.78 -20.64 17.89
C ASP A 782 34.01 -20.01 17.27
N ARG A 783 33.91 -19.59 16.01
CA ARG A 783 35.00 -18.88 15.34
C ARG A 783 34.42 -18.10 14.17
N SER A 784 34.93 -16.89 13.96
CA SER A 784 34.42 -16.05 12.88
C SER A 784 34.75 -16.65 11.52
N LEU A 785 35.95 -17.20 11.37
CA LEU A 785 36.42 -17.77 10.11
C LEU A 785 37.12 -19.08 10.39
N PRO A 786 37.15 -19.99 9.41
CA PRO A 786 37.87 -21.26 9.63
C PRO A 786 39.36 -21.09 9.84
N HIS A 787 39.94 -19.94 9.48
CA HIS A 787 41.36 -19.71 9.65
C HIS A 787 41.75 -19.34 11.07
N PHE A 788 40.79 -19.17 11.96
CA PHE A 788 41.06 -18.88 13.36
C PHE A 788 40.66 -20.07 14.22
N THR A 789 41.41 -20.27 15.30
CA THR A 789 41.09 -21.35 16.24
C THR A 789 39.81 -21.00 17.01
N LYS A 790 39.23 -22.04 17.63
CA LYS A 790 38.00 -21.84 18.38
C LYS A 790 38.25 -20.98 19.60
N ASP A 791 37.26 -20.15 19.93
CA ASP A 791 37.31 -19.25 21.10
C ASP A 791 38.51 -18.32 21.03
N ASP A 792 38.52 -17.48 20.00
CA ASP A 792 39.56 -16.48 19.78
C ASP A 792 38.91 -15.10 19.86
N PHE A 793 39.17 -14.40 20.95
CA PHE A 793 38.62 -13.07 21.18
C PHE A 793 39.61 -11.96 20.89
N SER A 794 40.72 -12.27 20.23
CA SER A 794 41.70 -11.26 19.87
C SER A 794 41.08 -10.27 18.90
N PRO A 795 41.56 -9.01 18.88
CA PRO A 795 40.93 -8.01 17.99
C PRO A 795 40.91 -8.41 16.54
N GLU A 796 41.97 -9.03 16.04
CA GLU A 796 42.00 -9.46 14.65
C GLU A 796 41.03 -10.61 14.38
N SER A 797 40.67 -11.36 15.42
CA SER A 797 39.76 -12.49 15.22
C SER A 797 38.31 -12.05 15.06
N LYS A 798 37.93 -10.92 15.64
CA LYS A 798 36.53 -10.50 15.64
C LYS A 798 36.33 -9.17 14.91
N GLY A 799 37.24 -8.81 14.00
CA GLY A 799 36.96 -7.71 13.11
C GLY A 799 37.62 -6.38 13.42
N PHE A 800 38.89 -6.37 13.78
CA PHE A 800 39.65 -5.15 13.93
C PHE A 800 40.67 -5.05 12.81
N VAL A 801 40.67 -3.93 12.09
CA VAL A 801 41.51 -3.72 10.92
C VAL A 801 42.65 -2.80 11.33
N GLU A 802 43.78 -3.39 11.71
CA GLU A 802 44.94 -2.57 12.09
C GLU A 802 45.47 -1.76 10.92
N ASN A 803 45.52 -2.35 9.74
CA ASN A 803 46.07 -1.68 8.57
C ASN A 803 45.16 -0.56 8.10
N SER A 804 45.75 0.41 7.42
CA SER A 804 45.01 1.50 6.82
C SER A 804 44.67 1.15 5.37
N TYR A 805 43.90 2.03 4.73
CA TYR A 805 43.58 1.83 3.32
C TYR A 805 44.81 1.93 2.44
N LEU A 806 45.76 2.79 2.81
CA LEU A 806 46.99 2.91 2.03
C LEU A 806 47.80 1.63 2.10
N ARG A 807 47.90 1.01 3.27
CA ARG A 807 48.68 -0.20 3.41
C ARG A 807 48.02 -1.38 2.70
N GLY A 808 46.70 -1.46 2.76
CA GLY A 808 45.98 -2.58 2.21
C GLY A 808 45.48 -3.51 3.31
N LEU A 809 44.39 -4.21 3.01
CA LEU A 809 43.71 -5.04 4.00
C LEU A 809 44.03 -6.51 3.77
N THR A 810 44.25 -7.22 4.87
CA THR A 810 44.38 -8.67 4.82
C THR A 810 43.03 -9.29 4.48
N PRO A 811 43.03 -10.53 3.95
CA PRO A 811 41.76 -11.12 3.49
C PRO A 811 40.68 -11.18 4.56
N GLN A 812 41.03 -11.51 5.81
CA GLN A 812 40.04 -11.51 6.87
C GLN A 812 39.48 -10.12 7.10
N GLU A 813 40.35 -9.11 7.14
CA GLU A 813 39.89 -7.73 7.29
C GLU A 813 39.04 -7.31 6.11
N PHE A 814 39.40 -7.74 4.91
CA PHE A 814 38.62 -7.43 3.72
C PHE A 814 37.21 -8.00 3.83
N PHE A 815 37.11 -9.26 4.26
CA PHE A 815 35.79 -9.89 4.40
C PHE A 815 34.96 -9.19 5.48
N PHE A 816 35.59 -8.85 6.61
CA PHE A 816 34.86 -8.18 7.68
C PHE A 816 34.38 -6.80 7.23
N HIS A 817 35.22 -6.07 6.50
CA HIS A 817 34.83 -4.78 5.96
C HIS A 817 33.67 -4.92 4.98
N ALA A 818 33.69 -5.97 4.15
CA ALA A 818 32.59 -6.21 3.24
C ALA A 818 31.29 -6.48 4.00
N MET A 819 31.37 -7.26 5.08
CA MET A 819 30.20 -7.53 5.90
C MET A 819 29.63 -6.24 6.47
N ALA A 820 30.50 -5.39 7.01
CA ALA A 820 30.05 -4.12 7.59
C ALA A 820 29.42 -3.23 6.53
N GLY A 821 30.01 -3.16 5.34
CA GLY A 821 29.46 -2.35 4.28
C GLY A 821 28.09 -2.84 3.82
N ARG A 822 27.93 -4.16 3.71
CA ARG A 822 26.63 -4.71 3.33
C ARG A 822 25.57 -4.40 4.38
N GLU A 823 25.93 -4.53 5.67
CA GLU A 823 24.98 -4.18 6.72
C GLU A 823 24.59 -2.70 6.64
N GLY A 824 25.57 -1.82 6.41
CA GLY A 824 25.27 -0.41 6.29
C GLY A 824 24.35 -0.10 5.13
N LEU A 825 24.59 -0.75 3.98
CA LEU A 825 23.72 -0.56 2.82
C LEU A 825 22.29 -0.99 3.13
N ILE A 826 22.12 -2.16 3.77
CA ILE A 826 20.79 -2.65 4.09
C ILE A 826 20.09 -1.69 5.06
N ASP A 827 20.82 -1.22 6.07
CA ASP A 827 20.23 -0.32 7.06
C ASP A 827 19.79 0.98 6.41
N THR A 828 20.62 1.54 5.54
CA THR A 828 20.23 2.77 4.84
C THR A 828 18.99 2.53 3.97
N ALA A 829 18.97 1.40 3.25
CA ALA A 829 17.86 1.11 2.35
C ALA A 829 16.54 0.94 3.09
N VAL A 830 16.57 0.39 4.31
CA VAL A 830 15.31 0.28 5.04
C VAL A 830 14.96 1.60 5.73
N LYS A 831 15.96 2.35 6.21
CA LYS A 831 15.69 3.60 6.90
C LYS A 831 15.07 4.63 5.98
N THR A 832 15.54 4.70 4.73
CA THR A 832 14.96 5.68 3.81
C THR A 832 13.49 5.40 3.55
N ALA A 833 13.13 4.13 3.38
CA ALA A 833 11.72 3.78 3.17
C ALA A 833 10.87 4.10 4.40
N GLU A 834 11.38 3.78 5.59
CA GLU A 834 10.63 4.10 6.80
C GLU A 834 10.41 5.60 6.94
N THR A 835 11.45 6.39 6.68
CA THR A 835 11.32 7.84 6.78
C THR A 835 10.36 8.38 5.73
N GLY A 836 10.39 7.83 4.52
CA GLY A 836 9.45 8.26 3.49
C GLY A 836 8.01 7.99 3.88
N TYR A 837 7.74 6.80 4.42
CA TYR A 837 6.39 6.49 4.86
C TYR A 837 5.95 7.41 5.99
N ILE A 838 6.83 7.66 6.95
CA ILE A 838 6.48 8.54 8.06
C ILE A 838 6.18 9.95 7.55
N GLN A 839 7.01 10.44 6.64
CA GLN A 839 6.83 11.79 6.10
C GLN A 839 5.52 11.91 5.33
N ARG A 840 5.18 10.88 4.53
CA ARG A 840 3.92 10.91 3.81
C ARG A 840 2.74 10.91 4.76
N ARG A 841 2.79 10.08 5.81
CA ARG A 841 1.70 10.06 6.77
C ARG A 841 1.57 11.39 7.49
N LEU A 842 2.70 12.00 7.85
CA LEU A 842 2.67 13.30 8.52
C LEU A 842 2.06 14.37 7.62
N VAL A 843 2.42 14.38 6.34
CA VAL A 843 1.85 15.35 5.41
C VAL A 843 0.34 15.13 5.29
N LYS A 844 -0.09 13.87 5.19
CA LYS A 844 -1.51 13.59 5.12
C LYS A 844 -2.25 14.04 6.38
N ALA A 845 -1.58 14.02 7.53
CA ALA A 845 -2.24 14.40 8.77
C ALA A 845 -2.48 15.89 8.85
N LEU A 846 -1.49 16.71 8.50
CA LEU A 846 -1.53 18.16 8.68
C LEU A 846 -1.71 18.88 7.35
N GLU A 847 -2.50 18.30 6.43
CA GLU A 847 -2.59 18.86 5.09
C GLU A 847 -3.40 20.16 5.08
N ASP A 848 -4.41 20.27 5.93
CA ASP A 848 -5.41 21.34 5.83
C ASP A 848 -5.36 22.31 7.01
N ILE A 849 -4.16 22.67 7.47
CA ILE A 849 -3.98 23.60 8.57
C ILE A 849 -3.47 24.92 7.99
N MET A 850 -4.17 26.00 8.27
CA MET A 850 -3.83 27.29 7.69
C MET A 850 -4.12 28.40 8.69
N VAL A 851 -3.26 29.42 8.71
CA VAL A 851 -3.41 30.55 9.61
C VAL A 851 -4.40 31.54 8.99
N HIS A 852 -5.42 31.92 9.77
CA HIS A 852 -6.46 32.80 9.28
C HIS A 852 -6.08 34.27 9.53
N TYR A 853 -7.00 35.17 9.18
CA TYR A 853 -6.73 36.59 9.27
C TYR A 853 -6.80 37.14 10.69
N ASP A 854 -7.44 36.41 11.60
CA ASP A 854 -7.53 36.82 12.99
C ASP A 854 -6.36 36.33 13.83
N GLY A 855 -5.39 35.65 13.22
CA GLY A 855 -4.25 35.11 13.94
C GLY A 855 -4.43 33.69 14.43
N THR A 856 -5.65 33.16 14.37
CA THR A 856 -5.89 31.78 14.81
C THR A 856 -5.40 30.79 13.75
N THR A 857 -5.24 29.55 14.18
CA THR A 857 -4.80 28.46 13.31
C THR A 857 -5.87 27.39 13.33
N ARG A 858 -6.56 27.20 12.20
CA ARG A 858 -7.72 26.33 12.12
C ARG A 858 -7.55 25.33 10.99
N ASN A 859 -8.27 24.22 11.11
CA ASN A 859 -8.29 23.20 10.07
C ASN A 859 -9.37 23.54 9.05
N SER A 860 -9.64 22.60 8.13
CA SER A 860 -10.66 22.84 7.12
C SER A 860 -12.06 22.88 7.72
N LEU A 861 -12.30 22.13 8.80
CA LEU A 861 -13.60 22.13 9.45
C LEU A 861 -13.87 23.41 10.21
N GLY A 862 -12.88 24.29 10.36
CA GLY A 862 -13.04 25.50 11.14
C GLY A 862 -12.69 25.36 12.61
N ASP A 863 -12.36 24.15 13.07
CA ASP A 863 -11.96 23.97 14.45
C ASP A 863 -10.62 24.64 14.70
N ILE A 864 -10.50 25.31 15.85
CA ILE A 864 -9.27 26.01 16.18
C ILE A 864 -8.27 25.01 16.76
N ILE A 865 -7.08 24.98 16.17
CA ILE A 865 -5.98 24.19 16.72
C ILE A 865 -5.16 25.02 17.71
N GLN A 866 -4.73 26.21 17.29
CA GLN A 866 -4.03 27.14 18.14
C GLN A 866 -4.70 28.51 18.06
N PHE A 867 -4.86 29.15 19.21
CA PHE A 867 -5.43 30.50 19.20
C PHE A 867 -4.48 31.52 18.62
N LEU A 868 -3.19 31.20 18.54
CA LEU A 868 -2.21 32.09 17.93
C LEU A 868 -1.08 31.22 17.40
N TYR A 869 -0.65 31.49 16.17
CA TYR A 869 0.33 30.62 15.51
C TYR A 869 1.67 30.69 16.25
N GLY A 870 2.13 29.54 16.74
CA GLY A 870 3.36 29.49 17.48
C GLY A 870 3.35 30.23 18.78
N GLU A 871 2.15 30.57 19.29
CA GLU A 871 1.97 31.31 20.54
C GLU A 871 2.56 32.71 20.47
N ASP A 872 3.05 33.11 19.30
CA ASP A 872 3.61 34.44 19.12
C ASP A 872 3.18 35.12 17.82
N GLY A 873 2.61 34.39 16.86
CA GLY A 873 2.21 35.00 15.60
C GLY A 873 3.36 35.40 14.70
N LEU A 874 4.52 34.77 14.85
CA LEU A 874 5.71 35.12 14.09
C LEU A 874 5.99 34.08 13.02
N ASP A 875 6.70 34.51 11.99
CA ASP A 875 7.14 33.62 10.93
C ASP A 875 8.43 32.91 11.35
N GLY A 876 8.57 31.67 10.89
CA GLY A 876 9.73 30.88 11.25
C GLY A 876 11.02 31.35 10.65
N THR A 877 10.96 32.12 9.56
CA THR A 877 12.15 32.60 8.88
C THR A 877 12.64 33.94 9.43
N GLN A 878 11.95 34.51 10.41
CA GLN A 878 12.27 35.84 10.91
C GLN A 878 12.68 35.82 12.38
N VAL A 879 13.34 34.76 12.82
CA VAL A 879 13.82 34.64 14.19
C VAL A 879 15.28 34.25 14.17
N GLU A 880 16.06 34.84 15.08
CA GLU A 880 17.47 34.53 15.23
C GLU A 880 17.80 34.40 16.70
N ARG A 881 18.91 33.74 16.99
CA ARG A 881 19.31 33.53 18.38
C ARG A 881 19.77 34.84 18.99
N GLN A 882 19.13 35.25 20.08
CA GLN A 882 19.47 36.47 20.79
C GLN A 882 19.46 36.17 22.28
N THR A 883 20.21 36.98 23.04
CA THR A 883 20.40 36.77 24.46
C THR A 883 19.63 37.81 25.26
N ILE A 884 18.89 37.35 26.27
CA ILE A 884 18.24 38.25 27.22
C ILE A 884 19.28 38.62 28.28
N ASP A 885 19.63 39.90 28.34
CA ASP A 885 20.74 40.32 29.19
C ASP A 885 20.40 40.34 30.67
N THR A 886 19.12 40.38 31.03
CA THR A 886 18.76 40.40 32.44
C THR A 886 18.91 39.04 33.10
N ILE A 887 18.71 37.96 32.34
CA ILE A 887 18.72 36.62 32.95
C ILE A 887 20.06 36.26 33.60
N PRO A 888 21.20 36.39 32.94
CA PRO A 888 22.45 35.96 33.57
C PRO A 888 23.00 37.06 34.48
N GLY A 889 24.11 36.74 35.14
CA GLY A 889 24.80 37.68 35.99
C GLY A 889 24.30 37.68 37.43
N SER A 890 25.14 38.18 38.31
CA SER A 890 24.80 38.29 39.72
C SER A 890 23.95 39.53 39.97
N ASP A 891 23.41 39.61 41.19
CA ASP A 891 22.61 40.77 41.56
C ASP A 891 23.46 42.04 41.58
N LYS A 892 24.69 41.94 42.06
CA LYS A 892 25.58 43.10 42.08
C LYS A 892 25.89 43.57 40.67
N ALA A 893 26.18 42.64 39.76
CA ALA A 893 26.43 43.01 38.37
C ALA A 893 25.19 43.62 37.73
N PHE A 894 24.01 43.06 38.04
CA PHE A 894 22.76 43.61 37.53
C PHE A 894 22.55 45.05 38.01
N HIS A 895 22.80 45.30 39.30
CA HIS A 895 22.67 46.64 39.84
C HIS A 895 23.67 47.60 39.21
N LYS A 896 24.92 47.15 39.04
CA LYS A 896 25.93 48.00 38.42
C LYS A 896 25.57 48.34 36.98
N ARG A 897 25.02 47.36 36.25
CA ARG A 897 24.70 47.57 34.85
C ARG A 897 23.45 48.42 34.64
N TYR A 898 22.47 48.32 35.54
CA TYR A 898 21.17 48.90 35.26
C TYR A 898 20.76 50.02 36.21
N TYR A 899 21.09 49.92 37.49
CA TYR A 899 20.62 50.90 38.46
C TYR A 899 21.29 52.26 38.22
N VAL A 900 20.49 53.32 38.37
CA VAL A 900 20.96 54.69 38.23
C VAL A 900 20.54 55.46 39.46
N ASP A 901 21.47 56.20 40.06
CA ASP A 901 21.18 57.06 41.19
C ASP A 901 21.71 58.46 40.89
N LEU A 902 20.83 59.46 41.01
CA LEU A 902 21.20 60.84 40.72
C LEU A 902 21.70 61.59 41.94
N MET A 903 21.77 60.94 43.10
CA MET A 903 22.25 61.58 44.31
C MET A 903 23.77 61.45 44.42
N ASP A 904 24.28 60.22 44.42
CA ASP A 904 25.71 59.99 44.46
C ASP A 904 26.30 60.11 43.06
N GLU A 905 27.43 60.80 42.96
CA GLU A 905 28.07 61.00 41.65
C GLU A 905 28.59 59.67 41.09
N LYS A 906 29.14 58.81 41.94
CA LYS A 906 29.70 57.56 41.47
C LYS A 906 28.62 56.63 40.92
N ASN A 907 27.40 56.73 41.42
CA ASN A 907 26.28 55.95 40.92
C ASN A 907 25.50 56.65 39.81
N SER A 908 25.95 57.83 39.40
CA SER A 908 25.25 58.61 38.38
C SER A 908 25.90 58.42 37.02
N ILE A 909 25.29 59.05 36.01
CA ILE A 909 25.84 59.02 34.67
C ILE A 909 27.12 59.84 34.61
N LYS A 910 28.14 59.31 33.94
CA LYS A 910 29.41 60.01 33.85
C LYS A 910 29.24 61.33 33.10
N PRO A 911 29.81 62.42 33.61
CA PRO A 911 29.57 63.74 32.99
C PRO A 911 30.12 63.88 31.58
N ASP A 912 31.10 63.06 31.18
CA ASP A 912 31.74 63.24 29.89
C ASP A 912 30.88 62.77 28.71
N VAL A 913 29.77 62.09 28.97
CA VAL A 913 28.93 61.56 27.90
C VAL A 913 27.66 62.37 27.69
N ILE A 914 27.34 63.33 28.55
CA ILE A 914 26.17 64.16 28.42
C ILE A 914 26.56 65.62 28.59
N GLU A 915 25.92 66.51 27.83
CA GLU A 915 26.22 67.93 27.89
C GLU A 915 25.55 68.65 29.04
N TYR A 916 24.72 67.96 29.82
CA TYR A 916 23.86 68.58 30.82
C TYR A 916 24.01 67.88 32.17
N ALA A 917 25.24 67.45 32.47
CA ALA A 917 25.47 66.69 33.70
C ALA A 917 25.16 67.50 34.95
N ALA A 918 25.55 68.78 34.96
CA ALA A 918 25.30 69.62 36.13
C ALA A 918 23.83 69.90 36.35
N ASP A 919 22.98 69.67 35.35
CA ASP A 919 21.55 69.89 35.46
C ASP A 919 20.80 68.63 35.88
N ILE A 920 21.50 67.55 36.17
CA ILE A 920 20.88 66.27 36.47
C ILE A 920 20.85 65.97 37.96
N LEU A 921 21.95 66.26 38.66
CA LEU A 921 22.06 65.91 40.07
C LEU A 921 20.97 66.60 40.89
N GLY A 922 20.30 65.82 41.72
CA GLY A 922 19.23 66.33 42.57
C GLY A 922 17.86 66.39 41.94
N ASP A 923 17.73 65.97 40.68
CA ASP A 923 16.43 66.01 40.02
C ASP A 923 15.55 64.89 40.54
N VAL A 924 14.48 65.25 41.26
CA VAL A 924 13.63 64.26 41.89
C VAL A 924 12.81 63.50 40.85
N GLU A 925 12.25 64.22 39.86
CA GLU A 925 11.36 63.58 38.89
C GLU A 925 12.10 62.56 38.03
N LEU A 926 13.31 62.90 37.58
CA LEU A 926 14.11 61.94 36.84
C LEU A 926 14.48 60.74 37.71
N GLN A 927 14.73 60.98 39.00
CA GLN A 927 14.99 59.87 39.91
C GLN A 927 13.80 58.95 40.03
N LYS A 928 12.58 59.51 40.09
CA LYS A 928 11.37 58.69 40.13
C LYS A 928 11.22 57.89 38.85
N GLU A 929 11.48 58.52 37.70
CA GLU A 929 11.40 57.81 36.43
C GLU A 929 12.39 56.65 36.38
N LEU A 930 13.63 56.89 36.81
CA LEU A 930 14.63 55.84 36.82
C LEU A 930 14.27 54.74 37.80
N ASN A 931 13.69 55.09 38.94
CA ASN A 931 13.23 54.08 39.89
C ASN A 931 12.14 53.21 39.28
N SER A 932 11.21 53.82 38.55
CA SER A 932 10.17 53.05 37.88
C SER A 932 10.77 52.12 36.83
N GLU A 933 11.74 52.61 36.06
CA GLU A 933 12.39 51.77 35.06
C GLU A 933 13.12 50.60 35.71
N TYR A 934 13.83 50.85 36.82
CA TYR A 934 14.53 49.79 37.52
C TYR A 934 13.56 48.77 38.09
N GLU A 935 12.43 49.23 38.62
CA GLU A 935 11.41 48.31 39.12
C GLU A 935 10.86 47.44 38.00
N GLN A 936 10.63 48.04 36.84
CA GLN A 936 10.18 47.25 35.69
C GLN A 936 11.21 46.20 35.30
N LEU A 937 12.48 46.59 35.29
CA LEU A 937 13.54 45.63 34.94
C LEU A 937 13.65 44.52 35.96
N VAL A 938 13.49 44.84 37.25
CA VAL A 938 13.52 43.82 38.28
C VAL A 938 12.35 42.86 38.13
N SER A 939 11.17 43.39 37.81
CA SER A 939 10.01 42.55 37.58
C SER A 939 10.23 41.62 36.39
N ASP A 940 10.83 42.15 35.32
CA ASP A 940 11.15 41.31 34.16
C ASP A 940 12.14 40.22 34.55
N ARG A 941 13.15 40.57 35.35
CA ARG A 941 14.12 39.59 35.83
C ARG A 941 13.44 38.47 36.59
N LYS A 942 12.58 38.83 37.54
CA LYS A 942 11.90 37.82 38.34
C LYS A 942 10.98 36.95 37.49
N PHE A 943 10.23 37.57 36.58
CA PHE A 943 9.31 36.82 35.74
C PHE A 943 10.05 35.85 34.81
N LEU A 944 11.19 36.29 34.25
CA LEU A 944 11.95 35.42 33.37
C LEU A 944 12.60 34.28 34.14
N ARG A 945 13.15 34.57 35.33
CA ARG A 945 13.89 33.54 36.05
C ARG A 945 12.97 32.51 36.69
N GLU A 946 11.87 32.96 37.29
CA GLU A 946 11.05 32.07 38.10
C GLU A 946 9.91 31.41 37.33
N ILE A 947 9.63 31.81 36.10
CA ILE A 947 8.48 31.28 35.39
C ILE A 947 8.88 30.70 34.04
N VAL A 948 9.53 31.50 33.21
CA VAL A 948 9.76 31.09 31.82
C VAL A 948 10.94 30.13 31.73
N PHE A 949 12.13 30.59 32.12
CA PHE A 949 13.36 29.82 31.97
C PHE A 949 13.91 29.51 33.37
N VAL A 950 13.47 28.38 33.93
CA VAL A 950 13.94 27.98 35.25
C VAL A 950 15.41 27.58 35.20
N ASN A 951 15.82 26.88 34.13
CA ASN A 951 17.19 26.41 34.03
C ASN A 951 18.20 27.54 33.84
N GLY A 952 17.74 28.72 33.45
CA GLY A 952 18.61 29.87 33.31
C GLY A 952 19.17 30.12 31.93
N ASP A 953 18.66 29.45 30.90
CA ASP A 953 19.14 29.71 29.55
C ASP A 953 18.72 31.10 29.10
N HIS A 954 19.68 31.85 28.55
CA HIS A 954 19.43 33.22 28.14
C HIS A 954 19.40 33.41 26.63
N ASN A 955 19.92 32.45 25.86
CA ASN A 955 19.94 32.55 24.40
C ASN A 955 18.76 31.79 23.83
N TRP A 956 17.91 32.50 23.09
CA TRP A 956 16.69 31.91 22.54
C TRP A 956 16.41 32.57 21.21
N PRO A 957 15.66 31.89 20.33
CA PRO A 957 15.26 32.52 19.05
C PRO A 957 14.19 33.57 19.27
N LEU A 958 14.47 34.78 18.81
CA LEU A 958 13.57 35.92 18.91
C LEU A 958 13.65 36.71 17.61
N PRO A 959 12.62 37.49 17.30
CA PRO A 959 12.67 38.33 16.09
C PRO A 959 13.46 39.61 16.35
N VAL A 960 13.85 40.23 15.24
CA VAL A 960 14.51 41.55 15.21
C VAL A 960 15.85 41.50 15.92
N ASN A 961 16.93 41.55 15.16
CA ASN A 961 18.28 41.55 15.72
C ASN A 961 18.60 42.97 16.21
N LEU A 962 18.55 43.16 17.53
CA LEU A 962 18.77 44.49 18.09
C LEU A 962 20.23 44.91 17.96
N ARG A 963 21.16 43.98 18.14
CA ARG A 963 22.58 44.32 18.08
C ARG A 963 22.97 44.83 16.70
N ARG A 964 22.48 44.17 15.65
CA ARG A 964 22.79 44.61 14.30
C ARG A 964 22.21 45.99 14.03
N ILE A 965 21.00 46.25 14.53
CA ILE A 965 20.38 47.57 14.37
C ILE A 965 21.21 48.62 15.08
N ILE A 966 21.67 48.32 16.29
CA ILE A 966 22.43 49.29 17.07
C ILE A 966 23.76 49.60 16.38
N GLN A 967 24.45 48.58 15.89
CA GLN A 967 25.73 48.86 15.23
C GLN A 967 25.54 49.53 13.88
N ASN A 968 24.43 49.25 13.19
CA ASN A 968 24.12 49.97 11.96
C ASN A 968 23.87 51.45 12.26
N ALA A 969 23.15 51.74 13.34
CA ALA A 969 22.93 53.12 13.74
C ALA A 969 24.24 53.80 14.10
N GLN A 970 25.13 53.08 14.78
CA GLN A 970 26.44 53.64 15.11
C GLN A 970 27.24 53.97 13.86
N GLN A 971 27.22 53.07 12.87
CA GLN A 971 27.96 53.31 11.64
C GLN A 971 27.35 54.44 10.83
N ILE A 972 26.03 54.53 10.78
CA ILE A 972 25.37 55.51 9.92
C ILE A 972 25.63 56.92 10.42
N PHE A 973 25.43 57.17 11.71
CA PHE A 973 25.51 58.51 12.28
C PHE A 973 26.88 58.83 12.86
N HIS A 974 27.84 57.91 12.77
CA HIS A 974 29.20 58.10 13.29
C HIS A 974 29.15 58.44 14.79
N LEU A 975 28.68 57.46 15.55
CA LEU A 975 28.55 57.58 17.00
C LEU A 975 29.87 57.36 17.72
N ASP A 976 30.98 57.41 16.99
CA ASP A 976 32.32 57.31 17.56
C ASP A 976 32.78 58.66 18.09
N ARG A 977 34.10 58.81 18.28
CA ARG A 977 34.79 60.07 18.58
C ARG A 977 34.28 60.74 19.85
N ALA A 978 33.64 59.96 20.72
CA ALA A 978 33.38 60.32 22.12
C ALA A 978 32.83 61.74 22.28
N LYS A 979 31.69 61.98 21.67
CA LYS A 979 31.00 63.26 21.77
C LYS A 979 29.83 63.12 22.72
N ALA A 980 29.67 64.10 23.61
CA ALA A 980 28.63 64.03 24.63
C ALA A 980 27.24 63.98 24.00
N SER A 981 26.40 63.08 24.50
CA SER A 981 25.08 62.88 23.93
C SER A 981 24.10 63.94 24.43
N ASP A 982 23.19 64.33 23.54
CA ASP A 982 22.14 65.28 23.87
C ASP A 982 20.83 64.62 24.26
N LEU A 983 20.79 63.29 24.29
CA LEU A 983 19.57 62.58 24.66
C LEU A 983 19.26 62.82 26.13
N THR A 984 17.98 63.01 26.43
CA THR A 984 17.52 63.21 27.79
C THR A 984 16.87 61.95 28.33
N ILE A 985 16.92 61.79 29.65
CA ILE A 985 16.37 60.59 30.28
C ILE A 985 14.87 60.44 30.05
N PRO A 986 14.02 61.46 30.27
CA PRO A 986 12.59 61.27 29.99
C PRO A 986 12.30 60.93 28.54
N GLU A 987 13.05 61.51 27.60
CA GLU A 987 12.85 61.17 26.19
C GLU A 987 13.12 59.70 25.94
N ILE A 988 14.22 59.19 26.50
CA ILE A 988 14.57 57.78 26.29
C ILE A 988 13.51 56.87 26.90
N ILE A 989 13.09 57.18 28.13
CA ILE A 989 12.14 56.33 28.82
C ILE A 989 10.80 56.33 28.08
N HIS A 990 10.33 57.51 27.70
CA HIS A 990 9.05 57.62 27.01
C HIS A 990 9.10 56.93 25.64
N GLY A 991 10.21 57.10 24.91
CA GLY A 991 10.33 56.43 23.63
C GLY A 991 10.33 54.92 23.75
N VAL A 992 11.06 54.39 24.74
CA VAL A 992 11.08 52.96 24.95
C VAL A 992 9.70 52.44 25.31
N ARG A 993 8.99 53.14 26.20
CA ARG A 993 7.65 52.70 26.59
C ARG A 993 6.69 52.74 25.40
N ASP A 994 6.74 53.82 24.60
CA ASP A 994 5.86 53.92 23.45
C ASP A 994 6.16 52.85 22.42
N LEU A 995 7.45 52.54 22.20
CA LEU A 995 7.80 51.46 21.29
C LEU A 995 7.27 50.13 21.81
N CYS A 996 7.37 49.90 23.13
CA CYS A 996 6.84 48.68 23.72
C CYS A 996 5.32 48.61 23.63
N LYS A 997 4.64 49.75 23.49
CA LYS A 997 3.20 49.74 23.30
C LYS A 997 2.77 49.72 21.84
N LYS A 998 3.70 49.84 20.90
CA LYS A 998 3.36 49.90 19.48
C LYS A 998 3.65 48.59 18.73
N LEU A 999 4.10 47.55 19.42
CA LEU A 999 4.39 46.27 18.77
C LEU A 999 3.08 45.52 18.57
N PHE A 1000 2.42 45.82 17.46
CA PHE A 1000 1.08 45.32 17.20
C PHE A 1000 1.15 43.94 16.57
N VAL A 1001 0.74 42.92 17.31
CA VAL A 1001 0.49 41.59 16.77
C VAL A 1001 -0.98 41.39 16.46
N LEU A 1002 -1.85 41.79 17.38
CA LEU A 1002 -3.29 41.80 17.18
C LEU A 1002 -3.81 43.22 17.35
N ARG A 1003 -4.85 43.55 16.59
CA ARG A 1003 -5.42 44.88 16.61
C ARG A 1003 -6.87 44.83 17.06
N GLY A 1004 -7.32 45.91 17.70
CA GLY A 1004 -8.67 45.97 18.22
C GLY A 1004 -8.71 46.47 19.66
N GLU A 1005 -9.85 46.99 20.09
CA GLU A 1005 -9.99 47.54 21.42
C GLU A 1005 -10.68 46.59 22.38
N ASN A 1006 -10.94 45.35 21.97
CA ASN A 1006 -11.53 44.37 22.86
C ASN A 1006 -10.57 44.05 24.00
N GLU A 1007 -11.14 43.78 25.18
CA GLU A 1007 -10.32 43.47 26.34
C GLU A 1007 -9.52 42.18 26.12
N LEU A 1008 -10.16 41.16 25.55
CA LEU A 1008 -9.46 39.91 25.29
C LEU A 1008 -8.36 40.11 24.25
N ILE A 1009 -8.63 40.92 23.22
CA ILE A 1009 -7.62 41.19 22.21
C ILE A 1009 -6.42 41.91 22.83
N LYS A 1010 -6.68 42.89 23.69
CA LYS A 1010 -5.59 43.60 24.34
C LYS A 1010 -4.78 42.68 25.25
N GLU A 1011 -5.47 41.80 26.00
CA GLU A 1011 -4.77 40.86 26.86
C GLU A 1011 -3.90 39.90 26.05
N ALA A 1012 -4.44 39.38 24.94
CA ALA A 1012 -3.67 38.48 24.10
C ALA A 1012 -2.47 39.18 23.46
N GLN A 1013 -2.65 40.44 23.04
CA GLN A 1013 -1.54 41.20 22.47
C GLN A 1013 -0.46 41.43 23.52
N GLN A 1014 -0.86 41.74 24.76
CA GLN A 1014 0.12 41.90 25.82
C GLN A 1014 0.85 40.61 26.11
N ASN A 1015 0.13 39.48 26.12
CA ASN A 1015 0.76 38.19 26.40
C ASN A 1015 1.70 37.76 25.28
N ALA A 1016 1.38 38.08 24.03
CA ALA A 1016 2.12 37.56 22.89
C ALA A 1016 3.48 38.24 22.71
N THR A 1017 3.70 39.39 23.34
CA THR A 1017 4.95 40.12 23.16
C THR A 1017 5.69 40.33 24.48
N SER A 1018 5.43 39.50 25.48
CA SER A 1018 6.08 39.66 26.78
C SER A 1018 7.59 39.45 26.67
N LEU A 1019 8.00 38.35 26.02
CA LEU A 1019 9.42 38.04 25.93
C LEU A 1019 10.16 39.06 25.08
N PHE A 1020 9.57 39.49 23.96
CA PHE A 1020 10.21 40.50 23.13
C PHE A 1020 10.29 41.83 23.86
N GLN A 1021 9.25 42.19 24.61
CA GLN A 1021 9.30 43.42 25.40
C GLN A 1021 10.40 43.35 26.44
N CYS A 1022 10.56 42.18 27.09
CA CYS A 1022 11.64 42.01 28.05
C CYS A 1022 13.00 42.18 27.36
N LEU A 1023 13.15 41.60 26.18
CA LEU A 1023 14.41 41.76 25.44
C LEU A 1023 14.70 43.21 25.12
N VAL A 1024 13.69 43.94 24.62
CA VAL A 1024 13.89 45.33 24.24
C VAL A 1024 14.22 46.18 25.46
N ARG A 1025 13.50 45.97 26.56
CA ARG A 1025 13.78 46.75 27.76
C ARG A 1025 15.14 46.41 28.36
N ALA A 1026 15.60 45.17 28.20
CA ALA A 1026 16.93 44.81 28.69
C ALA A 1026 18.02 45.44 27.83
N ARG A 1027 17.86 45.41 26.51
CA ARG A 1027 18.90 45.95 25.64
C ARG A 1027 18.94 47.48 25.69
N LEU A 1028 17.79 48.13 25.65
CA LEU A 1028 17.72 49.58 25.60
C LEU A 1028 17.52 50.17 26.99
N ALA A 1029 18.51 49.96 27.84
CA ALA A 1029 18.53 50.57 29.15
C ALA A 1029 19.22 51.92 29.09
N THR A 1030 18.96 52.75 30.11
CA THR A 1030 19.49 54.11 30.12
C THR A 1030 21.01 54.12 30.15
N ARG A 1031 21.60 53.37 31.10
CA ARG A 1031 23.05 53.29 31.17
C ARG A 1031 23.64 52.67 29.93
N ARG A 1032 23.01 51.62 29.41
CA ARG A 1032 23.53 50.97 28.21
C ARG A 1032 23.46 51.89 27.00
N ILE A 1033 22.38 52.67 26.89
CA ILE A 1033 22.27 53.60 25.77
C ILE A 1033 23.29 54.71 25.89
N LEU A 1034 23.46 55.28 27.09
CA LEU A 1034 24.30 56.46 27.24
C LEU A 1034 25.78 56.10 27.32
N GLU A 1035 26.16 55.34 28.35
CA GLU A 1035 27.57 55.02 28.56
C GLU A 1035 28.13 54.13 27.46
N GLU A 1036 27.37 53.10 27.06
CA GLU A 1036 27.90 52.07 26.18
C GLU A 1036 27.60 52.37 24.71
N PHE A 1037 26.33 52.49 24.35
CA PHE A 1037 25.97 52.71 22.95
C PHE A 1037 26.22 54.14 22.50
N ARG A 1038 26.06 55.11 23.41
CA ARG A 1038 26.30 56.53 23.11
C ARG A 1038 25.46 57.02 21.94
N LEU A 1039 24.19 56.62 21.92
CA LEU A 1039 23.28 57.10 20.88
C LEU A 1039 22.92 58.56 21.12
N ASN A 1040 22.67 59.28 20.02
CA ASN A 1040 22.16 60.63 20.10
C ASN A 1040 20.66 60.62 19.79
N ARG A 1041 20.09 61.81 19.65
CA ARG A 1041 18.64 61.91 19.41
C ARG A 1041 18.26 61.27 18.08
N ASP A 1042 18.96 61.63 17.01
CA ASP A 1042 18.64 61.08 15.69
C ASP A 1042 18.85 59.58 15.65
N ALA A 1043 19.95 59.10 16.23
CA ALA A 1043 20.21 57.66 16.25
C ALA A 1043 19.14 56.93 17.04
N PHE A 1044 18.73 57.49 18.19
CA PHE A 1044 17.70 56.85 18.99
C PHE A 1044 16.37 56.77 18.25
N GLU A 1045 15.96 57.86 17.61
CA GLU A 1045 14.71 57.84 16.86
C GLU A 1045 14.78 56.87 15.69
N TRP A 1046 15.92 56.82 14.99
CA TRP A 1046 16.08 55.89 13.89
C TRP A 1046 16.02 54.45 14.40
N VAL A 1047 16.63 54.17 15.55
CA VAL A 1047 16.59 52.83 16.12
C VAL A 1047 15.16 52.43 16.45
N LEU A 1048 14.40 53.35 17.08
CA LEU A 1048 13.01 53.04 17.43
C LEU A 1048 12.19 52.75 16.18
N GLY A 1049 12.32 53.60 15.15
CA GLY A 1049 11.56 53.38 13.94
C GLY A 1049 11.94 52.08 13.24
N THR A 1050 13.24 51.78 13.18
CA THR A 1050 13.69 50.55 12.53
C THR A 1050 13.20 49.33 13.29
N ILE A 1051 13.23 49.36 14.62
CA ILE A 1051 12.76 48.24 15.41
C ILE A 1051 11.27 48.02 15.16
N GLU A 1052 10.48 49.11 15.16
CA GLU A 1052 9.05 48.96 14.92
C GLU A 1052 8.77 48.38 13.54
N ALA A 1053 9.45 48.91 12.51
CA ALA A 1053 9.22 48.42 11.15
C ALA A 1053 9.64 46.97 11.00
N GLN A 1054 10.78 46.59 11.58
CA GLN A 1054 11.26 45.22 11.42
C GLN A 1054 10.39 44.24 12.19
N PHE A 1055 9.86 44.65 13.35
CA PHE A 1055 8.92 43.78 14.04
C PHE A 1055 7.63 43.63 13.23
N GLN A 1056 7.16 44.70 12.60
CA GLN A 1056 5.98 44.59 11.77
C GLN A 1056 6.24 43.70 10.56
N ARG A 1057 7.48 43.67 10.07
CA ARG A 1057 7.82 42.83 8.92
C ARG A 1057 8.02 41.36 9.29
N SER A 1058 8.11 41.03 10.58
CA SER A 1058 8.41 39.68 11.01
C SER A 1058 7.18 38.86 11.37
N LEU A 1059 5.98 39.40 11.18
CA LEU A 1059 4.77 38.65 11.47
C LEU A 1059 4.48 37.64 10.37
N VAL A 1060 3.69 36.63 10.71
CA VAL A 1060 3.30 35.60 9.76
C VAL A 1060 2.16 36.14 8.90
N HIS A 1061 2.23 35.87 7.61
CA HIS A 1061 1.20 36.33 6.69
C HIS A 1061 -0.04 35.46 6.85
N PRO A 1062 -1.23 36.04 6.94
CA PRO A 1062 -2.45 35.21 6.97
C PRO A 1062 -2.62 34.43 5.69
N GLY A 1063 -3.22 33.25 5.81
CA GLY A 1063 -3.32 32.34 4.70
C GLY A 1063 -2.14 31.41 4.52
N GLU A 1064 -1.14 31.49 5.39
CA GLU A 1064 -0.02 30.56 5.35
C GLU A 1064 -0.50 29.14 5.61
N MET A 1065 -0.07 28.20 4.77
CA MET A 1065 -0.39 26.79 4.97
C MET A 1065 0.68 26.17 5.88
N VAL A 1066 0.59 26.54 7.16
CA VAL A 1066 1.64 26.17 8.11
C VAL A 1066 1.65 24.68 8.42
N GLY A 1067 0.53 23.98 8.21
CA GLY A 1067 0.49 22.56 8.53
C GLY A 1067 1.44 21.76 7.66
N VAL A 1068 1.42 22.00 6.35
CA VAL A 1068 2.29 21.28 5.44
C VAL A 1068 3.75 21.65 5.69
N ILE A 1069 4.01 22.93 5.99
CA ILE A 1069 5.37 23.36 6.29
C ILE A 1069 5.90 22.64 7.53
N ALA A 1070 5.08 22.57 8.58
CA ALA A 1070 5.48 21.87 9.79
C ALA A 1070 5.71 20.40 9.53
N ALA A 1071 4.81 19.77 8.77
CA ALA A 1071 4.98 18.34 8.48
C ALA A 1071 6.26 18.08 7.73
N GLN A 1072 6.57 18.89 6.72
CA GLN A 1072 7.79 18.70 5.95
C GLN A 1072 9.04 18.97 6.81
N SER A 1073 9.01 20.04 7.61
CA SER A 1073 10.16 20.39 8.41
C SER A 1073 10.37 19.44 9.58
N ILE A 1074 9.37 18.64 9.92
CA ILE A 1074 9.57 17.58 10.92
C ILE A 1074 10.01 16.29 10.26
N GLY A 1075 9.44 15.96 9.10
CA GLY A 1075 9.82 14.73 8.42
C GLY A 1075 11.24 14.76 7.89
N GLU A 1076 11.71 15.93 7.44
CA GLU A 1076 13.03 16.01 6.82
C GLU A 1076 14.17 15.61 7.75
N PRO A 1077 14.26 16.07 9.00
CA PRO A 1077 15.37 15.62 9.86
C PRO A 1077 15.40 14.14 10.12
N ALA A 1078 14.26 13.45 10.03
CA ALA A 1078 14.24 12.01 10.22
C ALA A 1078 15.03 11.27 9.14
N THR A 1079 15.21 11.88 7.97
CA THR A 1079 15.93 11.22 6.89
C THR A 1079 17.38 10.94 7.27
N GLN A 1080 18.03 11.90 7.94
CA GLN A 1080 19.42 11.75 8.35
C GLN A 1080 19.57 11.16 9.74
N MET A 1081 18.58 10.39 10.21
CA MET A 1081 18.68 9.74 11.51
C MET A 1081 19.48 8.45 11.41
N ASN A 1095 19.81 2.91 28.60
CA ASN A 1095 19.57 2.94 27.17
C ASN A 1095 18.09 2.81 26.86
N VAL A 1096 17.59 3.65 25.96
CA VAL A 1096 16.18 3.68 25.59
C VAL A 1096 16.07 3.67 24.08
N THR A 1097 14.87 3.33 23.60
CA THR A 1097 14.61 3.33 22.17
C THR A 1097 14.72 4.74 21.61
N LEU A 1098 15.44 4.87 20.49
CA LEU A 1098 15.70 6.17 19.89
C LEU A 1098 15.59 6.06 18.38
N GLY A 1099 15.59 7.21 17.72
CA GLY A 1099 15.60 7.24 16.27
C GLY A 1099 14.24 6.93 15.65
N VAL A 1100 14.30 6.35 14.46
CA VAL A 1100 13.07 6.08 13.70
C VAL A 1100 12.12 5.15 14.44
N PRO A 1101 12.55 4.05 15.08
CA PRO A 1101 11.57 3.25 15.84
C PRO A 1101 10.87 4.02 16.94
N ARG A 1102 11.59 4.88 17.67
CA ARG A 1102 10.96 5.69 18.70
C ARG A 1102 10.01 6.71 18.10
N LEU A 1103 10.38 7.29 16.95
CA LEU A 1103 9.49 8.21 16.27
C LEU A 1103 8.20 7.52 15.84
N LYS A 1104 8.31 6.31 15.31
CA LYS A 1104 7.13 5.56 14.91
C LYS A 1104 6.27 5.19 16.11
N GLU A 1105 6.92 4.85 17.23
CA GLU A 1105 6.18 4.55 18.45
C GLU A 1105 5.40 5.77 18.93
N ILE A 1106 6.02 6.94 18.89
CA ILE A 1106 5.35 8.16 19.32
C ILE A 1106 4.18 8.48 18.39
N LEU A 1107 4.41 8.39 17.07
CA LEU A 1107 3.37 8.76 16.12
C LEU A 1107 2.19 7.80 16.18
N ASN A 1108 2.46 6.49 16.30
CA ASN A 1108 1.38 5.51 16.33
C ASN A 1108 0.62 5.51 17.65
N VAL A 1109 1.14 6.18 18.69
CA VAL A 1109 0.58 6.16 20.03
C VAL A 1109 0.46 4.70 20.48
N ALA A 1110 1.60 4.06 20.73
CA ALA A 1110 1.62 2.66 21.13
C ALA A 1110 1.21 2.54 22.58
N LYS A 1111 0.27 1.64 22.87
CA LYS A 1111 -0.15 1.40 24.24
C LYS A 1111 0.98 0.83 25.07
N ASN A 1112 1.75 -0.10 24.51
CA ASN A 1112 2.88 -0.72 25.18
C ASN A 1112 4.14 -0.39 24.38
N ILE A 1113 4.94 0.55 24.89
CA ILE A 1113 6.16 0.93 24.20
C ILE A 1113 7.25 -0.10 24.48
N LYS A 1114 8.33 -0.02 23.68
CA LYS A 1114 9.42 -0.97 23.82
C LYS A 1114 10.14 -0.82 25.15
N THR A 1115 10.37 0.43 25.59
CA THR A 1115 11.17 0.71 26.79
C THR A 1115 10.39 1.61 27.73
N PRO A 1116 9.48 1.04 28.52
CA PRO A 1116 8.83 1.84 29.56
C PRO A 1116 9.86 2.30 30.59
N ALA A 1117 9.66 3.52 31.09
CA ALA A 1117 10.62 4.09 32.03
C ALA A 1117 9.94 5.19 32.84
N LEU A 1118 10.38 5.33 34.08
CA LEU A 1118 9.97 6.42 34.96
C LEU A 1118 11.20 7.15 35.46
N THR A 1119 11.13 8.48 35.46
CA THR A 1119 12.17 9.33 36.03
C THR A 1119 11.64 9.88 37.34
N VAL A 1120 12.31 9.53 38.44
CA VAL A 1120 11.86 9.87 39.78
C VAL A 1120 12.86 10.87 40.37
N TYR A 1121 12.36 12.03 40.78
CA TYR A 1121 13.15 13.05 41.43
C TYR A 1121 12.90 12.99 42.93
N LEU A 1122 13.98 12.96 43.71
CA LEU A 1122 13.88 12.87 45.15
C LEU A 1122 13.71 14.27 45.74
N ASP A 1123 13.55 14.32 47.06
CA ASP A 1123 13.39 15.60 47.73
C ASP A 1123 14.71 16.36 47.75
N ARG A 1124 14.66 17.60 48.22
CA ARG A 1124 15.83 18.48 48.18
C ARG A 1124 16.97 17.91 49.02
N GLU A 1125 16.68 17.55 50.27
CA GLU A 1125 17.73 17.02 51.14
C GLU A 1125 18.11 15.59 50.78
N ILE A 1126 17.17 14.82 50.22
CA ILE A 1126 17.48 13.45 49.81
C ILE A 1126 18.40 13.45 48.60
N ALA A 1127 18.17 14.38 47.66
CA ALA A 1127 18.93 14.38 46.41
C ALA A 1127 20.41 14.67 46.62
N LEU A 1128 20.79 15.31 47.74
CA LEU A 1128 22.18 15.59 48.04
C LEU A 1128 22.83 14.51 48.90
N ASP A 1129 22.08 13.48 49.29
CA ASP A 1129 22.59 12.39 50.11
C ASP A 1129 22.42 11.08 49.37
N ILE A 1130 23.42 10.20 49.51
CA ILE A 1130 23.35 8.91 48.82
C ILE A 1130 22.73 7.82 49.68
N GLU A 1131 22.85 7.92 51.02
CA GLU A 1131 22.35 6.87 51.88
C GLU A 1131 20.82 6.82 51.87
N LYS A 1132 20.18 7.98 52.07
CA LYS A 1132 18.72 8.02 52.04
C LYS A 1132 18.19 7.67 50.66
N ALA A 1133 18.90 8.10 49.61
CA ALA A 1133 18.50 7.76 48.25
C ALA A 1133 18.56 6.25 48.02
N LYS A 1134 19.61 5.59 48.52
CA LYS A 1134 19.70 4.14 48.40
C LYS A 1134 18.59 3.47 49.19
N VAL A 1135 18.25 4.03 50.36
CA VAL A 1135 17.15 3.49 51.15
C VAL A 1135 15.85 3.55 50.37
N ILE A 1136 15.58 4.70 49.74
CA ILE A 1136 14.37 4.87 48.94
C ILE A 1136 14.38 3.90 47.76
N GLN A 1137 15.53 3.76 47.09
CA GLN A 1137 15.62 2.84 45.95
C GLN A 1137 15.33 1.40 46.38
N SER A 1138 15.84 1.00 47.54
CA SER A 1138 15.52 -0.33 48.06
C SER A 1138 14.04 -0.43 48.39
N SER A 1139 13.45 0.62 48.93
CA SER A 1139 12.04 0.58 49.33
C SER A 1139 11.09 0.60 48.14
N ILE A 1140 11.54 1.06 46.98
CA ILE A 1140 10.67 1.15 45.82
C ILE A 1140 10.79 -0.05 44.88
N GLU A 1141 11.92 -0.77 44.91
CA GLU A 1141 12.12 -1.87 43.98
C GLU A 1141 11.19 -3.04 44.29
N TYR A 1142 10.53 -3.54 43.25
CA TYR A 1142 9.58 -4.64 43.42
C TYR A 1142 10.32 -5.93 43.76
N THR A 1143 9.81 -6.65 44.76
CA THR A 1143 10.40 -7.92 45.17
C THR A 1143 9.27 -8.87 45.54
N THR A 1144 9.21 -10.01 44.85
CA THR A 1144 8.19 -11.02 45.09
C THR A 1144 8.81 -12.24 45.76
N LEU A 1145 8.00 -13.28 45.94
CA LEU A 1145 8.49 -14.50 46.56
C LEU A 1145 9.54 -15.18 45.70
N LYS A 1146 9.34 -15.19 44.37
CA LYS A 1146 10.29 -15.82 43.47
C LYS A 1146 11.64 -15.14 43.49
N ASN A 1147 11.67 -13.82 43.70
CA ASN A 1147 12.92 -13.09 43.70
C ASN A 1147 13.81 -13.42 44.90
N VAL A 1148 13.25 -14.06 45.92
CA VAL A 1148 14.03 -14.43 47.10
C VAL A 1148 14.08 -15.93 47.32
N THR A 1149 13.08 -16.70 46.86
CA THR A 1149 13.09 -18.14 47.06
C THR A 1149 14.18 -18.80 46.22
N SER A 1150 14.81 -19.82 46.78
CA SER A 1150 15.84 -20.58 46.09
C SER A 1150 15.40 -21.98 45.74
N ALA A 1151 14.85 -22.73 46.71
CA ALA A 1151 14.49 -24.13 46.51
C ALA A 1151 13.05 -24.38 46.96
N THR A 1152 12.31 -25.14 46.17
CA THR A 1152 10.97 -25.58 46.51
C THR A 1152 10.93 -27.09 46.48
N GLU A 1153 10.32 -27.70 47.49
CA GLU A 1153 10.28 -29.15 47.62
C GLU A 1153 8.91 -29.59 48.11
N ILE A 1154 8.56 -30.83 47.77
CA ILE A 1154 7.36 -31.48 48.29
C ILE A 1154 7.78 -32.76 48.96
N TYR A 1155 7.41 -32.93 50.22
CA TYR A 1155 7.81 -34.08 51.02
C TYR A 1155 6.57 -34.76 51.59
N TYR A 1156 6.77 -36.00 52.04
CA TYR A 1156 5.72 -36.77 52.70
C TYR A 1156 5.94 -36.66 54.21
N ASP A 1157 5.08 -35.89 54.88
CA ASP A 1157 5.23 -35.59 56.30
C ASP A 1157 3.92 -35.94 57.00
N PRO A 1158 3.74 -37.21 57.37
CA PRO A 1158 2.45 -37.64 57.91
C PRO A 1158 2.18 -37.16 59.34
N ASP A 1159 3.20 -37.18 60.18
CA ASP A 1159 3.01 -36.80 61.58
C ASP A 1159 2.89 -35.29 61.72
N PRO A 1160 1.83 -34.79 62.36
CA PRO A 1160 1.70 -33.33 62.52
C PRO A 1160 2.69 -32.74 63.52
N THR A 1161 2.83 -33.37 64.69
CA THR A 1161 3.67 -32.80 65.74
C THR A 1161 5.15 -32.85 65.37
N SER A 1162 5.62 -34.00 64.91
CA SER A 1162 7.01 -34.18 64.51
C SER A 1162 7.12 -34.07 63.00
N THR A 1163 8.30 -34.38 62.47
CA THR A 1163 8.55 -34.27 61.04
C THR A 1163 9.49 -35.38 60.60
N VAL A 1164 9.51 -35.63 59.29
CA VAL A 1164 10.41 -36.62 58.73
C VAL A 1164 11.80 -36.02 58.51
N ILE A 1165 11.86 -34.74 58.13
CA ILE A 1165 13.13 -34.09 57.84
C ILE A 1165 13.90 -33.89 59.14
N GLU A 1166 15.16 -34.36 59.15
CA GLU A 1166 15.98 -34.22 60.36
C GLU A 1166 16.28 -32.76 60.67
N GLU A 1167 16.60 -31.97 59.65
CA GLU A 1167 16.99 -30.58 59.86
C GLU A 1167 15.88 -29.74 60.47
N ASP A 1168 14.63 -30.21 60.40
CA ASP A 1168 13.50 -29.51 60.97
C ASP A 1168 12.98 -30.18 62.24
N PHE A 1169 13.76 -31.07 62.85
CA PHE A 1169 13.31 -31.70 64.08
C PHE A 1169 13.11 -30.68 65.19
N ASP A 1170 14.22 -30.10 65.67
CA ASP A 1170 14.13 -29.16 66.78
C ASP A 1170 13.23 -27.98 66.44
N THR A 1171 13.18 -27.61 65.16
CA THR A 1171 12.33 -26.50 64.73
C THR A 1171 10.88 -26.76 65.09
N VAL A 1172 10.37 -27.96 64.83
CA VAL A 1172 8.99 -28.22 65.22
C VAL A 1172 8.89 -28.30 66.73
N GLU A 1173 9.94 -28.80 67.40
CA GLU A 1173 9.99 -28.73 68.86
C GLU A 1173 10.07 -27.28 69.32
N ALA A 1174 10.66 -26.41 68.50
CA ALA A 1174 10.64 -24.98 68.78
C ALA A 1174 9.31 -24.34 68.42
N TYR A 1175 8.49 -24.99 67.60
CA TYR A 1175 7.22 -24.42 67.17
C TYR A 1175 6.04 -24.99 67.93
N PHE A 1176 5.88 -26.32 67.90
CA PHE A 1176 4.75 -26.93 68.60
C PHE A 1176 4.96 -26.93 70.11
N SER A 1177 6.21 -26.93 70.56
CA SER A 1177 6.51 -26.93 71.98
C SER A 1177 7.38 -25.73 72.35
N GLN A 1190 -4.99 -33.05 58.54
CA GLN A 1190 -4.02 -32.38 57.69
C GLN A 1190 -3.68 -33.23 56.48
N SER A 1191 -3.16 -32.58 55.44
CA SER A 1191 -2.62 -33.48 54.43
C SER A 1191 -1.16 -33.78 54.73
N PRO A 1192 -0.75 -35.05 54.66
CA PRO A 1192 0.65 -35.39 54.95
C PRO A 1192 1.65 -34.76 54.00
N TRP A 1193 1.23 -34.37 52.80
CA TRP A 1193 2.14 -33.70 51.88
C TRP A 1193 2.50 -32.32 52.43
N LEU A 1194 3.79 -32.03 52.46
CA LEU A 1194 4.32 -30.80 53.04
C LEU A 1194 5.11 -30.05 51.97
N LEU A 1195 4.86 -28.75 51.87
CA LEU A 1195 5.54 -27.89 50.92
C LEU A 1195 6.66 -27.15 51.66
N ARG A 1196 7.89 -27.36 51.24
CA ARG A 1196 9.06 -26.80 51.90
C ARG A 1196 9.69 -25.74 51.01
N LEU A 1197 9.95 -24.57 51.59
CA LEU A 1197 10.52 -23.43 50.88
C LEU A 1197 11.84 -23.05 51.54
N GLU A 1198 12.88 -22.89 50.73
CA GLU A 1198 14.18 -22.47 51.20
C GLU A 1198 14.62 -21.25 50.42
N LEU A 1199 15.03 -20.20 51.12
CA LEU A 1199 15.44 -18.95 50.51
C LEU A 1199 16.96 -18.88 50.38
N ASP A 1200 17.42 -17.81 49.74
CA ASP A 1200 18.84 -17.51 49.65
C ASP A 1200 19.17 -16.44 50.68
N ARG A 1201 20.13 -16.71 51.56
CA ARG A 1201 20.40 -15.82 52.68
C ARG A 1201 20.84 -14.44 52.21
N ALA A 1202 21.73 -14.38 51.22
CA ALA A 1202 22.22 -13.09 50.73
C ALA A 1202 21.08 -12.28 50.12
N ARG A 1203 20.27 -12.90 49.26
CA ARG A 1203 19.13 -12.20 48.68
C ARG A 1203 18.06 -11.91 49.71
N MET A 1204 17.98 -12.74 50.76
CA MET A 1204 17.00 -12.49 51.82
C MET A 1204 17.36 -11.21 52.57
N LEU A 1205 18.62 -11.09 53.02
CA LEU A 1205 19.04 -9.91 53.76
C LEU A 1205 19.17 -8.69 52.86
N ASP A 1206 19.44 -8.88 51.57
CA ASP A 1206 19.63 -7.74 50.67
C ASP A 1206 18.37 -6.92 50.48
N LYS A 1207 17.20 -7.48 50.77
CA LYS A 1207 15.94 -6.77 50.65
C LYS A 1207 15.54 -6.05 51.93
N GLN A 1208 16.36 -6.14 52.98
CA GLN A 1208 16.10 -5.49 54.27
C GLN A 1208 14.73 -5.86 54.81
N LEU A 1209 14.39 -7.13 54.70
CA LEU A 1209 13.16 -7.68 55.25
C LEU A 1209 13.48 -8.58 56.45
N THR A 1210 12.44 -9.19 56.99
CA THR A 1210 12.58 -10.26 57.97
C THR A 1210 11.79 -11.46 57.48
N MET A 1211 12.35 -12.65 57.69
CA MET A 1211 11.65 -13.87 57.32
C MET A 1211 10.34 -14.03 58.07
N ASN A 1212 10.25 -13.49 59.29
CA ASN A 1212 9.03 -13.60 60.08
C ASN A 1212 7.86 -12.90 59.40
N GLN A 1213 8.08 -11.68 58.89
CA GLN A 1213 6.99 -10.98 58.22
C GLN A 1213 6.67 -11.62 56.88
N VAL A 1214 7.64 -12.28 56.25
CA VAL A 1214 7.35 -13.07 55.06
C VAL A 1214 6.38 -14.19 55.38
N ALA A 1215 6.65 -14.90 56.48
CA ALA A 1215 5.74 -15.95 56.92
C ALA A 1215 4.37 -15.37 57.28
N ASP A 1216 4.35 -14.21 57.91
CA ASP A 1216 3.09 -13.55 58.26
C ASP A 1216 2.28 -13.23 57.01
N LYS A 1217 2.94 -12.71 55.97
CA LYS A 1217 2.25 -12.42 54.72
C LYS A 1217 1.72 -13.69 54.07
N ILE A 1218 2.54 -14.75 54.05
CA ILE A 1218 2.10 -16.01 53.46
C ILE A 1218 0.89 -16.56 54.20
N SER A 1219 0.86 -16.38 55.53
CA SER A 1219 -0.30 -16.80 56.29
C SER A 1219 -1.53 -15.95 55.95
N GLU A 1220 -1.37 -14.62 55.95
CA GLU A 1220 -2.54 -13.76 55.83
C GLU A 1220 -3.12 -13.73 54.42
N VAL A 1221 -2.34 -14.10 53.40
CA VAL A 1221 -2.92 -14.11 52.06
C VAL A 1221 -3.97 -15.23 51.93
N PHE A 1222 -3.76 -16.37 52.59
CA PHE A 1222 -4.70 -17.48 52.54
C PHE A 1222 -5.30 -17.80 53.90
N SER A 1223 -5.21 -16.89 54.86
CA SER A 1223 -5.83 -17.01 56.18
C SER A 1223 -5.27 -18.26 56.86
N ASP A 1224 -6.11 -19.11 57.47
CA ASP A 1224 -5.64 -20.27 58.21
C ASP A 1224 -5.98 -21.59 57.51
N ASP A 1225 -6.51 -21.53 56.28
CA ASP A 1225 -6.76 -22.76 55.53
C ASP A 1225 -5.45 -23.47 55.20
N LEU A 1226 -4.38 -22.70 54.97
CA LEU A 1226 -3.05 -23.24 54.71
C LEU A 1226 -2.20 -22.95 55.93
N PHE A 1227 -1.97 -23.99 56.74
CA PHE A 1227 -1.12 -23.83 57.91
C PHE A 1227 0.33 -23.64 57.48
N VAL A 1228 1.00 -22.67 58.10
CA VAL A 1228 2.37 -22.33 57.76
C VAL A 1228 3.18 -22.17 59.05
N MET A 1229 4.41 -22.68 59.03
CA MET A 1229 5.33 -22.49 60.13
C MET A 1229 6.70 -22.13 59.58
N TRP A 1230 7.47 -21.42 60.38
CA TRP A 1230 8.76 -20.91 59.97
C TRP A 1230 9.82 -21.24 61.02
N SER A 1231 11.06 -21.37 60.56
CA SER A 1231 12.16 -21.70 61.44
C SER A 1231 12.61 -20.47 62.22
N GLU A 1232 13.72 -20.60 62.95
CA GLU A 1232 14.30 -19.46 63.64
C GLU A 1232 15.06 -18.58 62.66
N ASP A 1233 15.21 -17.31 63.03
CA ASP A 1233 15.91 -16.36 62.17
C ASP A 1233 17.40 -16.67 62.07
N ASN A 1234 17.97 -17.29 63.10
CA ASN A 1234 19.39 -17.61 63.14
C ASN A 1234 19.70 -18.99 62.57
N ALA A 1235 18.71 -19.67 62.00
CA ALA A 1235 18.94 -20.99 61.44
C ALA A 1235 19.90 -20.92 60.26
N ASP A 1236 20.72 -21.97 60.12
CA ASP A 1236 21.63 -22.05 58.99
C ASP A 1236 20.88 -22.12 57.66
N LYS A 1237 19.66 -22.67 57.67
CA LYS A 1237 18.82 -22.74 56.49
C LYS A 1237 17.48 -22.10 56.80
N LEU A 1238 17.03 -21.21 55.92
CA LEU A 1238 15.75 -20.55 56.07
C LEU A 1238 14.66 -21.47 55.52
N ILE A 1239 13.87 -22.06 56.40
CA ILE A 1239 12.91 -23.09 56.04
C ILE A 1239 11.50 -22.61 56.36
N ILE A 1240 10.61 -22.72 55.38
CA ILE A 1240 9.19 -22.46 55.56
C ILE A 1240 8.44 -23.74 55.21
N ARG A 1241 7.59 -24.20 56.13
CA ARG A 1241 6.85 -25.43 55.92
C ARG A 1241 5.35 -25.14 55.88
N CYS A 1242 4.69 -25.63 54.83
CA CYS A 1242 3.27 -25.38 54.62
C CYS A 1242 2.54 -26.70 54.47
N ARG A 1243 1.35 -26.76 55.09
CA ARG A 1243 0.46 -27.90 54.95
C ARG A 1243 -0.96 -27.40 54.72
N VAL A 1244 -1.77 -28.23 54.09
CA VAL A 1244 -3.16 -27.89 53.78
C VAL A 1244 -4.07 -28.72 54.65
N ILE A 1245 -5.17 -28.11 55.09
CA ILE A 1245 -6.14 -28.80 55.94
C ILE A 1245 -7.51 -28.79 55.29
N GLU A 1258 -6.07 -37.70 46.22
CA GLU A 1258 -4.90 -37.15 45.56
C GLU A 1258 -4.83 -35.64 45.73
N GLU A 1259 -3.65 -35.14 46.12
CA GLU A 1259 -3.46 -33.71 46.30
C GLU A 1259 -2.12 -33.22 45.76
N ASP A 1260 -1.53 -33.94 44.80
CA ASP A 1260 -0.28 -33.48 44.22
C ASP A 1260 -0.49 -32.27 43.30
N GLN A 1261 -1.53 -32.34 42.45
CA GLN A 1261 -1.74 -31.28 41.47
C GLN A 1261 -2.10 -29.96 42.14
N MET A 1262 -2.97 -30.01 43.16
CA MET A 1262 -3.34 -28.76 43.83
C MET A 1262 -2.15 -28.19 44.60
N LEU A 1263 -1.31 -29.05 45.18
CA LEU A 1263 -0.10 -28.56 45.83
C LEU A 1263 0.84 -27.90 44.84
N LYS A 1264 0.99 -28.49 43.64
CA LYS A 1264 1.83 -27.88 42.62
C LYS A 1264 1.27 -26.53 42.18
N ARG A 1265 -0.04 -26.44 41.98
CA ARG A 1265 -0.62 -25.17 41.56
C ARG A 1265 -0.55 -24.12 42.66
N ILE A 1266 -0.65 -24.54 43.93
CA ILE A 1266 -0.48 -23.60 45.04
C ILE A 1266 0.96 -23.12 45.11
N GLU A 1267 1.92 -24.00 44.86
CA GLU A 1267 3.32 -23.59 44.81
C GLU A 1267 3.56 -22.58 43.69
N ALA A 1268 2.97 -22.84 42.51
CA ALA A 1268 3.10 -21.89 41.42
C ALA A 1268 2.46 -20.55 41.76
N HIS A 1269 1.30 -20.58 42.42
CA HIS A 1269 0.64 -19.35 42.84
C HIS A 1269 1.49 -18.57 43.83
N MET A 1270 2.13 -19.28 44.77
CA MET A 1270 3.04 -18.62 45.71
C MET A 1270 4.21 -17.99 44.98
N LEU A 1271 4.77 -18.71 44.01
CA LEU A 1271 5.95 -18.20 43.31
C LEU A 1271 5.61 -17.02 42.40
N ASP A 1272 4.39 -16.97 41.88
CA ASP A 1272 4.04 -15.98 40.88
C ASP A 1272 3.14 -14.86 41.40
N LEU A 1273 2.70 -14.90 42.66
CA LEU A 1273 1.77 -13.88 43.12
C LEU A 1273 2.22 -13.23 44.44
N ILE A 1274 2.92 -13.98 45.28
CA ILE A 1274 3.29 -13.47 46.60
C ILE A 1274 4.35 -12.38 46.43
N ALA A 1275 3.98 -11.13 46.71
CA ALA A 1275 4.87 -9.99 46.60
C ALA A 1275 5.24 -9.52 48.01
N LEU A 1276 6.53 -9.29 48.22
CA LEU A 1276 7.01 -8.92 49.55
C LEU A 1276 7.15 -7.41 49.72
N ARG A 1277 7.95 -6.76 48.88
CA ARG A 1277 8.24 -5.35 49.04
C ARG A 1277 8.45 -4.71 47.68
N GLY A 1278 7.85 -3.54 47.48
CA GLY A 1278 8.08 -2.77 46.28
C GLY A 1278 6.82 -2.44 45.49
N ILE A 1279 6.92 -1.41 44.66
CA ILE A 1279 5.80 -1.02 43.81
C ILE A 1279 5.72 -1.99 42.64
N PRO A 1280 4.56 -2.60 42.38
CA PRO A 1280 4.45 -3.54 41.26
C PRO A 1280 4.72 -2.86 39.94
N GLY A 1281 5.34 -3.62 39.04
CA GLY A 1281 5.68 -3.12 37.71
C GLY A 1281 7.05 -2.49 37.59
N ILE A 1282 7.80 -2.38 38.68
CA ILE A 1282 9.13 -1.78 38.67
C ILE A 1282 10.14 -2.90 38.73
N SER A 1283 10.69 -3.28 37.57
CA SER A 1283 11.62 -4.40 37.51
C SER A 1283 13.00 -4.02 38.02
N LYS A 1284 13.46 -2.80 37.74
CA LYS A 1284 14.82 -2.40 38.09
C LYS A 1284 14.87 -0.90 38.29
N VAL A 1285 15.73 -0.47 39.21
CA VAL A 1285 15.92 0.95 39.52
C VAL A 1285 17.41 1.26 39.42
N TYR A 1286 17.73 2.37 38.76
CA TYR A 1286 19.11 2.81 38.59
C TYR A 1286 19.29 4.19 39.18
N MET A 1287 20.38 4.38 39.90
CA MET A 1287 20.75 5.70 40.40
C MET A 1287 21.40 6.52 39.30
N VAL A 1288 21.05 7.80 39.22
CA VAL A 1288 21.57 8.69 38.21
C VAL A 1288 21.92 10.02 38.85
N LYS A 1289 23.11 10.53 38.55
CA LYS A 1289 23.52 11.86 38.99
C LYS A 1289 23.10 12.89 37.95
N HIS A 1290 22.39 13.93 38.39
CA HIS A 1290 21.88 14.97 37.52
C HIS A 1290 22.55 16.29 37.85
N LYS A 1291 22.98 17.01 36.82
CA LYS A 1291 23.56 18.34 36.97
C LYS A 1291 22.51 19.38 36.62
N VAL A 1292 22.22 20.27 37.55
CA VAL A 1292 21.17 21.27 37.40
C VAL A 1292 21.75 22.63 37.74
N SER A 1293 21.34 23.65 36.98
CA SER A 1293 21.79 25.02 37.21
C SER A 1293 20.84 25.69 38.20
N VAL A 1294 21.38 26.20 39.29
CA VAL A 1294 20.59 26.82 40.34
C VAL A 1294 21.22 28.18 40.67
N PRO A 1295 20.43 29.24 40.81
CA PRO A 1295 21.02 30.53 41.21
C PRO A 1295 21.53 30.47 42.64
N ASP A 1296 22.61 31.22 42.88
CA ASP A 1296 23.21 31.28 44.20
C ASP A 1296 22.57 32.40 45.01
N GLU A 1297 23.09 32.62 46.22
CA GLU A 1297 22.63 33.73 47.04
C GLU A 1297 22.95 35.08 46.42
N SER A 1298 23.96 35.14 45.56
CA SER A 1298 24.30 36.35 44.82
C SER A 1298 23.53 36.48 43.52
N GLY A 1299 22.61 35.56 43.23
CA GLY A 1299 21.88 35.59 42.00
C GLY A 1299 22.63 35.01 40.81
N GLU A 1300 23.70 34.27 41.05
CA GLU A 1300 24.52 33.71 39.98
C GLU A 1300 24.21 32.23 39.82
N TYR A 1301 24.02 31.81 38.57
CA TYR A 1301 23.72 30.41 38.29
C TYR A 1301 24.99 29.56 38.44
N LYS A 1302 24.87 28.46 39.17
CA LYS A 1302 25.96 27.53 39.36
C LYS A 1302 25.44 26.11 39.19
N ASN A 1303 26.33 25.22 38.77
CA ASN A 1303 25.98 23.82 38.60
C ASN A 1303 25.95 23.10 39.93
N GLU A 1304 24.99 22.18 40.08
CA GLU A 1304 24.84 21.40 41.29
C GLU A 1304 24.49 19.97 40.92
N GLU A 1305 25.07 19.02 41.63
CA GLU A 1305 24.88 17.61 41.35
C GLU A 1305 23.94 17.00 42.38
N LEU A 1306 22.87 16.37 41.90
CA LEU A 1306 21.88 15.73 42.75
C LEU A 1306 21.65 14.30 42.29
N TRP A 1307 20.86 13.56 43.06
CA TRP A 1307 20.59 12.15 42.78
C TRP A 1307 19.14 11.95 42.38
N ALA A 1308 18.91 11.05 41.45
CA ALA A 1308 17.56 10.72 40.99
C ALA A 1308 17.54 9.25 40.58
N LEU A 1309 16.34 8.77 40.26
CA LEU A 1309 16.15 7.36 39.93
C LEU A 1309 15.57 7.22 38.54
N GLU A 1310 16.01 6.18 37.83
CA GLU A 1310 15.41 5.78 36.56
C GLU A 1310 14.96 4.35 36.69
N THR A 1311 13.67 4.11 36.54
CA THR A 1311 13.08 2.81 36.83
C THR A 1311 12.47 2.21 35.57
N ASP A 1312 12.77 0.93 35.32
CA ASP A 1312 12.11 0.20 34.26
C ASP A 1312 10.68 -0.11 34.66
N GLY A 1313 9.77 -0.06 33.69
CA GLY A 1313 8.37 -0.23 34.01
C GLY A 1313 7.71 1.08 34.40
N ILE A 1314 6.40 1.14 34.22
CA ILE A 1314 5.65 2.37 34.43
C ILE A 1314 4.52 2.10 35.43
N ASN A 1315 4.55 2.81 36.56
CA ASN A 1315 3.43 2.89 37.49
C ASN A 1315 3.53 4.26 38.15
N LEU A 1316 2.85 5.25 37.56
CA LEU A 1316 3.09 6.63 37.93
C LEU A 1316 2.45 6.98 39.27
N ALA A 1317 1.19 6.57 39.47
CA ALA A 1317 0.46 6.98 40.68
C ALA A 1317 1.11 6.42 41.94
N GLU A 1318 1.48 5.14 41.92
CA GLU A 1318 2.09 4.53 43.10
C GLU A 1318 3.44 5.16 43.40
N VAL A 1319 4.24 5.43 42.37
CA VAL A 1319 5.54 6.05 42.57
C VAL A 1319 5.38 7.44 43.17
N MET A 1320 4.44 8.23 42.63
CA MET A 1320 4.20 9.57 43.16
C MET A 1320 3.69 9.52 44.59
N ALA A 1321 2.92 8.49 44.94
CA ALA A 1321 2.40 8.35 46.29
C ALA A 1321 3.45 7.91 47.30
N VAL A 1322 4.62 7.48 46.85
CA VAL A 1322 5.65 7.01 47.77
C VAL A 1322 6.24 8.20 48.54
N PRO A 1323 6.28 8.16 49.87
CA PRO A 1323 6.91 9.26 50.61
C PRO A 1323 8.40 9.35 50.33
N GLY A 1324 8.91 10.57 50.40
CA GLY A 1324 10.28 10.84 50.04
C GLY A 1324 10.51 11.07 48.56
N VAL A 1325 9.46 11.04 47.75
CA VAL A 1325 9.56 11.25 46.32
C VAL A 1325 8.84 12.54 45.98
N ASP A 1326 9.50 13.40 45.20
CA ASP A 1326 8.90 14.67 44.81
C ASP A 1326 7.75 14.42 43.83
N SER A 1327 6.53 14.33 44.35
CA SER A 1327 5.37 14.01 43.52
C SER A 1327 5.02 15.11 42.53
N SER A 1328 5.60 16.31 42.67
CA SER A 1328 5.31 17.41 41.78
C SER A 1328 6.24 17.48 40.58
N ARG A 1329 7.21 16.56 40.48
CA ARG A 1329 8.17 16.58 39.39
C ARG A 1329 8.40 15.22 38.77
N THR A 1330 7.65 14.20 39.18
CA THR A 1330 7.83 12.87 38.60
C THR A 1330 7.39 12.87 37.14
N TYR A 1331 8.21 12.28 36.28
CA TYR A 1331 7.99 12.31 34.84
C TYR A 1331 8.06 10.89 34.28
N SER A 1332 7.34 10.68 33.17
CA SER A 1332 7.31 9.38 32.51
C SER A 1332 7.43 9.58 31.01
N ASN A 1333 7.91 8.55 30.32
CA ASN A 1333 8.03 8.56 28.87
C ASN A 1333 6.86 7.86 28.19
N SER A 1334 5.87 7.41 28.95
CA SER A 1334 4.66 6.80 28.39
C SER A 1334 3.53 7.80 28.57
N PHE A 1335 3.30 8.61 27.53
CA PHE A 1335 2.33 9.69 27.62
C PHE A 1335 0.88 9.22 27.67
N VAL A 1336 0.60 7.97 27.32
CA VAL A 1336 -0.76 7.46 27.42
C VAL A 1336 -1.21 7.41 28.88
N GLU A 1337 -0.39 6.80 29.73
CA GLU A 1337 -0.73 6.78 31.15
C GLU A 1337 -0.52 8.15 31.80
N ILE A 1338 0.29 9.01 31.19
CA ILE A 1338 0.35 10.40 31.62
C ILE A 1338 -1.00 11.06 31.46
N LEU A 1339 -1.64 10.86 30.30
CA LEU A 1339 -3.00 11.36 30.11
C LEU A 1339 -3.96 10.70 31.09
N SER A 1340 -3.82 9.39 31.28
CA SER A 1340 -4.72 8.68 32.19
C SER A 1340 -4.56 9.14 33.64
N VAL A 1341 -3.43 9.75 33.99
CA VAL A 1341 -3.14 10.15 35.36
C VAL A 1341 -3.10 11.67 35.51
N LEU A 1342 -2.31 12.35 34.70
CA LEU A 1342 -2.09 13.79 34.89
C LEU A 1342 -3.15 14.63 34.20
N GLY A 1343 -3.26 14.52 32.89
CA GLY A 1343 -4.23 15.30 32.15
C GLY A 1343 -3.77 15.55 30.73
N ILE A 1344 -4.64 16.23 29.98
CA ILE A 1344 -4.38 16.45 28.56
C ILE A 1344 -3.24 17.45 28.35
N GLU A 1345 -3.20 18.51 29.16
CA GLU A 1345 -2.15 19.51 29.00
C GLU A 1345 -0.78 18.94 29.35
N ALA A 1346 -0.70 18.19 30.44
CA ALA A 1346 0.54 17.51 30.78
C ALA A 1346 0.91 16.49 29.69
N THR A 1347 -0.10 15.87 29.07
CA THR A 1347 0.17 14.97 27.96
C THR A 1347 0.81 15.71 26.80
N ARG A 1348 0.28 16.90 26.47
CA ARG A 1348 0.86 17.70 25.40
C ARG A 1348 2.30 18.07 25.73
N SER A 1349 2.55 18.50 26.96
CA SER A 1349 3.91 18.86 27.36
C SER A 1349 4.86 17.66 27.27
N SER A 1350 4.42 16.51 27.77
CA SER A 1350 5.28 15.33 27.76
C SER A 1350 5.55 14.85 26.35
N LEU A 1351 4.54 14.89 25.48
CA LEU A 1351 4.73 14.43 24.12
C LEU A 1351 5.66 15.38 23.36
N TYR A 1352 5.54 16.69 23.62
CA TYR A 1352 6.50 17.63 23.05
C TYR A 1352 7.91 17.34 23.56
N LYS A 1353 8.05 17.04 24.85
CA LYS A 1353 9.37 16.71 25.38
C LYS A 1353 9.94 15.48 24.69
N GLU A 1354 9.12 14.46 24.48
CA GLU A 1354 9.58 13.23 23.84
C GLU A 1354 10.01 13.49 22.40
N ILE A 1355 9.18 14.24 21.64
CA ILE A 1355 9.52 14.49 20.25
C ILE A 1355 10.78 15.37 20.15
N LEU A 1356 10.94 16.31 21.09
CA LEU A 1356 12.15 17.12 21.11
C LEU A 1356 13.38 16.28 21.41
N ASN A 1357 13.25 15.33 22.34
CA ASN A 1357 14.37 14.44 22.64
C ASN A 1357 14.74 13.62 21.41
N VAL A 1358 13.74 13.06 20.72
CA VAL A 1358 14.01 12.26 19.54
C VAL A 1358 14.69 13.10 18.46
N ILE A 1359 14.21 14.33 18.26
CA ILE A 1359 14.77 15.18 17.21
C ILE A 1359 16.20 15.60 17.56
N ALA A 1360 16.44 15.97 18.82
CA ALA A 1360 17.70 16.59 19.21
C ALA A 1360 18.71 15.59 19.76
N PHE A 1361 18.42 14.29 19.75
CA PHE A 1361 19.44 13.32 20.14
C PHE A 1361 20.67 13.40 19.26
N ASP A 1362 20.48 13.52 17.94
CA ASP A 1362 21.61 13.58 17.03
C ASP A 1362 22.20 14.99 16.89
N GLY A 1363 21.57 16.00 17.48
CA GLY A 1363 22.06 17.36 17.43
C GLY A 1363 21.37 18.26 16.42
N SER A 1364 20.39 17.75 15.69
CA SER A 1364 19.65 18.59 14.75
C SER A 1364 18.73 19.54 15.49
N TYR A 1365 18.40 20.65 14.83
CA TYR A 1365 17.54 21.68 15.39
C TYR A 1365 16.31 21.85 14.52
N VAL A 1366 15.14 21.88 15.15
CA VAL A 1366 13.87 22.14 14.49
C VAL A 1366 13.16 23.23 15.28
N ASN A 1367 12.56 24.18 14.57
CA ASN A 1367 11.89 25.30 15.22
C ASN A 1367 10.74 24.80 16.09
N TYR A 1368 10.55 25.48 17.23
CA TYR A 1368 9.56 25.05 18.21
C TYR A 1368 8.14 25.08 17.66
N ARG A 1369 7.87 25.99 16.73
CA ARG A 1369 6.49 26.20 16.29
C ARG A 1369 5.94 25.00 15.53
N HIS A 1370 6.76 24.33 14.74
CA HIS A 1370 6.29 23.15 14.01
C HIS A 1370 5.89 22.03 14.97
N MET A 1371 6.75 21.73 15.95
CA MET A 1371 6.43 20.69 16.91
C MET A 1371 5.24 21.08 17.77
N ALA A 1372 5.13 22.37 18.10
CA ALA A 1372 3.97 22.83 18.86
C ALA A 1372 2.69 22.62 18.07
N LEU A 1373 2.71 22.94 16.78
CA LEU A 1373 1.54 22.71 15.94
C LEU A 1373 1.19 21.22 15.87
N LEU A 1374 2.22 20.37 15.73
CA LEU A 1374 1.98 18.93 15.65
C LEU A 1374 1.34 18.40 16.94
N VAL A 1375 1.89 18.80 18.09
CA VAL A 1375 1.33 18.29 19.34
C VAL A 1375 -0.05 18.86 19.59
N ASP A 1376 -0.31 20.11 19.17
CA ASP A 1376 -1.64 20.67 19.33
C ASP A 1376 -2.65 19.95 18.46
N VAL A 1377 -2.26 19.56 17.24
CA VAL A 1377 -3.14 18.75 16.40
C VAL A 1377 -3.40 17.40 17.06
N MET A 1378 -2.36 16.78 17.59
CA MET A 1378 -2.50 15.45 18.18
C MET A 1378 -3.32 15.47 19.47
N THR A 1379 -3.41 16.61 20.16
CA THR A 1379 -4.13 16.68 21.42
C THR A 1379 -5.30 17.66 21.39
N SER A 1380 -5.81 17.98 20.21
CA SER A 1380 -6.87 18.98 20.11
C SER A 1380 -8.24 18.43 20.51
N ARG A 1381 -8.46 17.13 20.42
CA ARG A 1381 -9.77 16.55 20.63
C ARG A 1381 -10.03 16.11 22.07
N GLY A 1382 -9.09 16.36 22.99
CA GLY A 1382 -9.22 15.88 24.34
C GLY A 1382 -8.73 14.47 24.56
N TYR A 1383 -8.30 13.79 23.50
CA TYR A 1383 -7.72 12.46 23.59
C TYR A 1383 -6.66 12.34 22.51
N LEU A 1384 -5.76 11.38 22.68
CA LEU A 1384 -4.69 11.19 21.72
C LEU A 1384 -5.26 10.72 20.38
N MET A 1385 -4.76 11.32 19.30
CA MET A 1385 -5.17 10.99 17.95
C MET A 1385 -3.93 10.54 17.19
N ALA A 1386 -3.86 9.26 16.87
CA ALA A 1386 -2.70 8.72 16.19
C ALA A 1386 -2.61 9.21 14.75
N ILE A 1387 -1.39 9.33 14.26
CA ILE A 1387 -1.15 9.73 12.86
C ILE A 1387 -1.18 8.44 12.04
N THR A 1388 -2.39 8.01 11.70
CA THR A 1388 -2.60 6.78 10.97
C THR A 1388 -3.91 6.90 10.21
N ARG A 1389 -4.02 6.16 9.11
CA ARG A 1389 -5.22 6.13 8.28
C ARG A 1389 -6.47 5.79 9.10
N THR A 1397 -22.55 10.08 1.02
CA THR A 1397 -21.46 10.71 0.30
C THR A 1397 -21.89 11.12 -1.10
N GLY A 1398 -20.92 11.58 -1.90
CA GLY A 1398 -21.19 11.99 -3.26
C GLY A 1398 -21.72 10.88 -4.14
N ALA A 1399 -22.81 11.16 -4.87
CA ALA A 1399 -23.38 10.16 -5.77
C ALA A 1399 -22.42 9.83 -6.91
N LEU A 1400 -21.72 10.83 -7.44
CA LEU A 1400 -20.80 10.59 -8.53
C LEU A 1400 -19.63 9.72 -8.09
N MET A 1401 -19.10 9.95 -6.88
CA MET A 1401 -18.06 9.07 -6.37
C MET A 1401 -18.61 7.71 -5.99
N ARG A 1402 -19.85 7.64 -5.51
CA ARG A 1402 -20.45 6.36 -5.18
C ARG A 1402 -20.59 5.49 -6.42
N CYS A 1403 -21.04 6.07 -7.53
CA CYS A 1403 -21.15 5.32 -8.78
C CYS A 1403 -19.78 5.08 -9.41
N SER A 1404 -18.80 5.94 -9.14
CA SER A 1404 -17.45 5.72 -9.66
C SER A 1404 -16.71 4.60 -8.96
N PHE A 1405 -17.24 4.11 -7.83
CA PHE A 1405 -16.57 3.06 -7.07
C PHE A 1405 -17.19 1.68 -7.34
N GLU A 1406 -18.47 1.51 -7.04
CA GLU A 1406 -19.16 0.23 -7.21
C GLU A 1406 -20.63 0.47 -7.41
N GLU A 1407 -21.32 -0.57 -7.91
CA GLU A 1407 -22.78 -0.65 -7.94
C GLU A 1407 -23.40 0.51 -8.71
N THR A 1408 -22.73 0.97 -9.77
CA THR A 1408 -23.20 2.15 -10.49
C THR A 1408 -24.52 1.88 -11.22
N VAL A 1409 -24.70 0.68 -11.78
CA VAL A 1409 -25.94 0.37 -12.48
C VAL A 1409 -27.12 0.39 -11.51
N GLU A 1410 -26.95 -0.23 -10.34
CA GLU A 1410 -28.02 -0.20 -9.35
C GLU A 1410 -28.18 1.18 -8.73
N ILE A 1411 -27.11 1.96 -8.65
CA ILE A 1411 -27.24 3.35 -8.20
C ILE A 1411 -28.12 4.14 -9.18
N LEU A 1412 -27.90 3.96 -10.48
CA LEU A 1412 -28.73 4.61 -11.47
C LEU A 1412 -30.16 4.09 -11.41
N PHE A 1413 -30.33 2.78 -11.16
CA PHE A 1413 -31.66 2.21 -10.99
C PHE A 1413 -32.42 2.88 -9.85
N GLU A 1414 -31.78 2.99 -8.69
CA GLU A 1414 -32.42 3.63 -7.55
C GLU A 1414 -32.64 5.11 -7.79
N ALA A 1415 -31.73 5.76 -8.52
CA ALA A 1415 -31.89 7.18 -8.85
C ALA A 1415 -33.12 7.40 -9.73
N GLY A 1416 -33.31 6.56 -10.74
CA GLY A 1416 -34.52 6.63 -11.53
C GLY A 1416 -35.74 6.22 -10.75
N ALA A 1417 -35.56 5.38 -9.72
CA ALA A 1417 -36.69 4.93 -8.91
C ALA A 1417 -37.22 6.06 -8.04
N ALA A 1418 -36.33 6.78 -7.34
CA ALA A 1418 -36.80 7.74 -6.35
C ALA A 1418 -36.02 9.04 -6.37
N ALA A 1419 -35.50 9.44 -7.53
CA ALA A 1419 -34.94 10.78 -7.76
C ALA A 1419 -33.81 11.08 -6.77
N GLU A 1420 -32.72 10.32 -6.92
CA GLU A 1420 -31.55 10.51 -6.09
C GLU A 1420 -30.96 11.91 -6.31
N LEU A 1421 -30.48 12.51 -5.22
CA LEU A 1421 -29.89 13.84 -5.26
C LEU A 1421 -28.57 13.83 -4.49
N ASP A 1422 -27.59 14.59 -4.99
CA ASP A 1422 -26.26 14.67 -4.39
C ASP A 1422 -26.11 16.02 -3.70
N ASP A 1423 -25.64 15.99 -2.45
CA ASP A 1423 -25.43 17.24 -1.72
C ASP A 1423 -24.22 18.00 -2.24
N CYS A 1424 -23.25 17.30 -2.82
CA CYS A 1424 -22.02 17.90 -3.36
C CYS A 1424 -21.23 18.64 -2.27
N ARG A 1425 -21.36 18.19 -1.03
CA ARG A 1425 -20.63 18.82 0.07
C ARG A 1425 -19.16 18.43 0.07
N GLY A 1426 -18.83 17.27 -0.49
CA GLY A 1426 -17.45 16.81 -0.46
C GLY A 1426 -16.54 17.67 -1.31
N VAL A 1427 -15.26 17.69 -0.92
CA VAL A 1427 -14.25 18.46 -1.64
C VAL A 1427 -14.04 17.91 -3.05
N SER A 1428 -14.36 16.63 -3.28
CA SER A 1428 -14.16 16.03 -4.59
C SER A 1428 -15.01 16.73 -5.66
N GLU A 1429 -16.22 17.18 -5.31
CA GLU A 1429 -17.04 17.89 -6.26
C GLU A 1429 -16.38 19.20 -6.70
N ASN A 1430 -15.85 19.96 -5.75
CA ASN A 1430 -15.21 21.23 -6.11
C ASN A 1430 -13.89 21.01 -6.84
N VAL A 1431 -13.17 19.93 -6.51
CA VAL A 1431 -11.97 19.58 -7.26
C VAL A 1431 -12.33 19.24 -8.70
N MET A 1432 -13.40 18.47 -8.90
CA MET A 1432 -13.88 18.15 -10.24
C MET A 1432 -14.31 19.42 -10.97
N LEU A 1433 -14.92 20.36 -10.25
CA LEU A 1433 -15.36 21.61 -10.85
C LEU A 1433 -14.21 22.57 -11.14
N GLY A 1434 -13.14 22.53 -10.35
CA GLY A 1434 -12.03 23.43 -10.56
C GLY A 1434 -12.30 24.85 -10.11
N GLN A 1435 -12.44 25.04 -8.80
CA GLN A 1435 -12.55 26.36 -8.18
C GLN A 1435 -11.31 26.61 -7.33
N LEU A 1436 -10.90 27.87 -7.26
CA LEU A 1436 -9.71 28.24 -6.51
C LEU A 1436 -9.85 27.84 -5.04
N ALA A 1437 -8.85 27.13 -4.53
CA ALA A 1437 -8.93 26.59 -3.18
C ALA A 1437 -8.78 27.71 -2.15
N PRO A 1438 -9.45 27.58 -1.00
CA PRO A 1438 -9.31 28.60 0.06
C PRO A 1438 -8.00 28.46 0.82
N MET A 1439 -6.90 28.78 0.13
CA MET A 1439 -5.57 28.65 0.70
C MET A 1439 -4.61 29.55 -0.07
N GLY A 1440 -3.65 30.12 0.64
CA GLY A 1440 -2.63 30.93 -0.01
C GLY A 1440 -3.24 32.10 -0.73
N THR A 1441 -2.98 32.18 -2.04
CA THR A 1441 -3.53 33.26 -2.85
C THR A 1441 -5.05 33.16 -3.00
N GLY A 1442 -5.63 31.99 -2.72
CA GLY A 1442 -7.06 31.83 -2.86
C GLY A 1442 -7.81 32.01 -1.56
N ALA A 1443 -7.17 32.65 -0.57
CA ALA A 1443 -7.76 32.84 0.74
C ALA A 1443 -8.53 34.15 0.86
N PHE A 1444 -8.87 34.79 -0.26
CA PHE A 1444 -9.57 36.06 -0.26
C PHE A 1444 -10.22 36.26 -1.62
N ASP A 1445 -10.86 37.41 -1.79
CA ASP A 1445 -11.49 37.78 -3.05
C ASP A 1445 -11.00 39.15 -3.49
N VAL A 1446 -10.99 39.36 -4.81
CA VAL A 1446 -10.57 40.61 -5.40
C VAL A 1446 -11.75 41.21 -6.14
N MET A 1447 -12.10 42.46 -5.81
CA MET A 1447 -13.22 43.16 -6.41
C MET A 1447 -12.73 44.40 -7.13
N ILE A 1448 -13.38 44.72 -8.25
CA ILE A 1448 -13.03 45.91 -9.01
C ILE A 1448 -13.45 47.16 -8.22
N ASP A 1449 -12.57 48.16 -8.21
CA ASP A 1449 -12.79 49.37 -7.43
C ASP A 1449 -13.49 50.40 -8.30
N GLU A 1450 -14.81 50.52 -8.16
CA GLU A 1450 -15.56 51.52 -8.91
C GLU A 1450 -15.19 52.93 -8.48
N LYS A 1451 -14.99 53.13 -7.18
CA LYS A 1451 -14.68 54.47 -6.68
C LYS A 1451 -13.35 54.97 -7.21
N LEU A 1452 -12.34 54.11 -7.26
CA LEU A 1452 -11.05 54.52 -7.81
C LEU A 1452 -11.17 54.83 -9.30
N LEU A 1453 -11.95 54.04 -10.03
CA LEU A 1453 -12.14 54.30 -11.46
C LEU A 1453 -12.86 55.62 -11.69
N THR A 1454 -13.81 55.96 -10.83
CA THR A 1454 -14.44 57.27 -10.91
C THR A 1454 -13.42 58.37 -10.59
N SER A 1455 -12.57 58.14 -9.59
CA SER A 1455 -11.51 59.08 -9.26
C SER A 1455 -10.43 59.15 -10.32
N LEU A 1456 -10.41 58.21 -11.26
CA LEU A 1456 -9.45 58.24 -12.35
C LEU A 1456 -9.76 59.39 -13.30
N PRO A 1457 -8.79 59.81 -14.10
CA PRO A 1457 -9.05 60.86 -15.10
C PRO A 1457 -10.15 60.47 -16.07
N ALA A 1458 -10.59 61.47 -16.85
CA ALA A 1458 -11.71 61.27 -17.77
C ALA A 1458 -11.43 60.18 -18.79
N ASP A 1459 -10.16 59.99 -19.16
CA ASP A 1459 -9.79 58.90 -20.05
C ASP A 1459 -9.80 57.55 -19.36
N TYR A 1460 -9.79 57.53 -18.04
CA TYR A 1460 -9.78 56.28 -17.28
C TYR A 1460 -10.91 56.24 -16.24
N ASP B 9 63.66 -30.69 -2.70
CA ASP B 9 62.93 -29.78 -3.57
C ASP B 9 63.03 -28.34 -3.09
N ASP B 10 61.93 -27.61 -3.18
CA ASP B 10 61.88 -26.23 -2.73
C ASP B 10 60.45 -25.88 -2.37
N THR B 11 60.29 -24.79 -1.64
CA THR B 11 58.98 -24.36 -1.18
C THR B 11 58.11 -23.93 -2.37
N ILE B 12 56.80 -24.06 -2.19
CA ILE B 12 55.85 -23.69 -3.22
C ILE B 12 55.68 -22.17 -3.21
N THR B 13 55.89 -21.54 -4.36
CA THR B 13 55.80 -20.09 -4.49
C THR B 13 54.41 -19.70 -4.98
N THR B 14 54.21 -18.39 -5.14
CA THR B 14 52.90 -17.90 -5.59
C THR B 14 52.66 -18.24 -7.06
N GLU B 15 53.70 -18.19 -7.88
CA GLU B 15 53.53 -18.55 -9.29
C GLU B 15 53.16 -20.03 -9.44
N ASP B 16 53.56 -20.87 -8.50
CA ASP B 16 53.10 -22.26 -8.51
C ASP B 16 51.60 -22.33 -8.27
N CYS B 17 51.08 -21.52 -7.33
CA CYS B 17 49.65 -21.48 -7.11
C CYS B 17 48.93 -20.97 -8.35
N TRP B 18 49.51 -19.99 -9.04
CA TRP B 18 48.89 -19.50 -10.26
C TRP B 18 48.92 -20.55 -11.37
N THR B 19 49.97 -21.35 -11.42
CA THR B 19 50.00 -22.48 -12.35
C THR B 19 48.88 -23.47 -12.03
N VAL B 20 48.67 -23.75 -10.74
CA VAL B 20 47.60 -24.66 -10.34
C VAL B 20 46.25 -24.11 -10.74
N ILE B 21 46.02 -22.81 -10.52
CA ILE B 21 44.75 -22.20 -10.87
C ILE B 21 44.55 -22.19 -12.38
N SER B 22 45.63 -21.95 -13.13
CA SER B 22 45.54 -22.00 -14.59
C SER B 22 45.16 -23.39 -15.06
N ALA B 23 45.73 -24.43 -14.44
CA ALA B 23 45.33 -25.79 -14.78
C ALA B 23 43.86 -26.04 -14.46
N PHE B 24 43.41 -25.54 -13.30
CA PHE B 24 42.00 -25.67 -12.94
C PHE B 24 41.09 -25.07 -13.99
N PHE B 25 41.38 -23.84 -14.41
CA PHE B 25 40.51 -23.17 -15.36
C PHE B 25 40.65 -23.74 -16.76
N GLU B 26 41.81 -24.30 -17.09
CA GLU B 26 41.96 -24.99 -18.37
C GLU B 26 41.10 -26.25 -18.41
N GLU B 27 41.07 -27.00 -17.31
CA GLU B 27 40.28 -28.23 -17.31
C GLU B 27 38.78 -27.93 -17.22
N LYS B 28 38.38 -27.01 -16.36
CA LYS B 28 36.97 -26.83 -16.02
C LYS B 28 36.29 -25.71 -16.80
N GLY B 29 36.89 -24.52 -16.83
CA GLY B 29 36.23 -23.38 -17.41
C GLY B 29 35.41 -22.62 -16.39
N LEU B 30 34.66 -21.64 -16.89
CA LEU B 30 33.91 -20.74 -16.02
C LEU B 30 32.43 -21.09 -15.91
N VAL B 31 31.90 -21.88 -16.83
CA VAL B 31 30.48 -22.25 -16.81
C VAL B 31 30.36 -23.76 -16.61
N SER B 32 31.29 -24.33 -15.86
CA SER B 32 31.35 -25.79 -15.73
C SER B 32 30.11 -26.35 -15.05
N GLN B 33 29.55 -25.64 -14.07
CA GLN B 33 28.43 -26.18 -13.32
C GLN B 33 27.20 -26.37 -14.18
N GLN B 34 26.91 -25.40 -15.06
CA GLN B 34 25.73 -25.50 -15.93
C GLN B 34 25.87 -26.69 -16.87
N LEU B 35 27.02 -26.81 -17.54
CA LEU B 35 27.23 -27.89 -18.49
C LEU B 35 27.20 -29.24 -17.78
N ASP B 36 27.82 -29.34 -16.60
CA ASP B 36 27.83 -30.60 -15.88
C ASP B 36 26.42 -31.01 -15.45
N SER B 37 25.64 -30.06 -14.95
CA SER B 37 24.28 -30.37 -14.54
C SER B 37 23.43 -30.82 -15.72
N PHE B 38 23.53 -30.10 -16.85
CA PHE B 38 22.75 -30.49 -18.02
C PHE B 38 23.19 -31.85 -18.56
N ASP B 39 24.49 -32.11 -18.56
CA ASP B 39 25.00 -33.39 -19.06
C ASP B 39 24.53 -34.54 -18.18
N GLU B 40 24.57 -34.37 -16.86
CA GLU B 40 24.12 -35.45 -15.99
C GLU B 40 22.60 -35.61 -16.06
N PHE B 41 21.87 -34.54 -16.36
CA PHE B 41 20.43 -34.68 -16.56
C PHE B 41 20.13 -35.47 -17.82
N MET B 42 20.78 -35.12 -18.93
CA MET B 42 20.50 -35.78 -20.20
C MET B 42 20.98 -37.23 -20.19
N GLU B 43 22.13 -37.50 -19.56
CA GLU B 43 22.71 -38.83 -19.63
C GLU B 43 21.97 -39.83 -18.74
N THR B 44 21.54 -39.41 -17.56
CA THR B 44 21.05 -40.36 -16.56
C THR B 44 19.64 -40.05 -16.07
N SER B 45 19.31 -38.76 -15.87
CA SER B 45 18.05 -38.42 -15.22
C SER B 45 16.85 -38.83 -16.08
N ILE B 46 16.93 -38.64 -17.38
CA ILE B 46 15.78 -38.93 -18.26
C ILE B 46 15.47 -40.42 -18.23
N GLN B 47 16.50 -41.27 -18.34
CA GLN B 47 16.28 -42.71 -18.39
C GLN B 47 15.69 -43.23 -17.09
N ASP B 48 16.22 -42.78 -15.95
CA ASP B 48 15.69 -43.22 -14.66
C ASP B 48 14.28 -42.68 -14.44
N LEU B 49 14.02 -41.45 -14.87
CA LEU B 49 12.68 -40.89 -14.75
C LEU B 49 11.67 -41.67 -15.59
N VAL B 50 12.11 -42.18 -16.73
CA VAL B 50 11.24 -43.04 -17.53
C VAL B 50 11.04 -44.39 -16.83
N TRP B 51 12.13 -44.98 -16.32
CA TRP B 51 12.09 -46.32 -15.77
C TRP B 51 11.42 -46.40 -14.40
N GLU B 52 11.21 -45.27 -13.72
CA GLU B 52 10.58 -45.33 -12.40
C GLU B 52 9.17 -45.89 -12.48
N GLU B 53 8.50 -45.74 -13.61
CA GLU B 53 7.20 -46.35 -13.88
C GLU B 53 7.31 -47.05 -15.22
N PRO B 54 7.85 -48.28 -15.24
CA PRO B 54 8.22 -48.89 -16.52
C PRO B 54 7.10 -49.60 -17.25
N ARG B 55 5.97 -49.88 -16.60
CA ARG B 55 4.91 -50.67 -17.22
C ARG B 55 3.55 -50.03 -17.01
N LEU B 56 2.72 -50.11 -18.03
CA LEU B 56 1.31 -49.70 -17.96
C LEU B 56 0.45 -50.87 -18.44
N ILE B 57 -0.42 -51.36 -17.59
CA ILE B 57 -1.13 -52.62 -17.82
C ILE B 57 -2.62 -52.34 -17.93
N LEU B 58 -3.24 -52.91 -18.98
CA LEU B 58 -4.70 -52.95 -19.09
C LEU B 58 -5.11 -54.42 -19.19
N ASP B 59 -6.11 -54.82 -18.41
CA ASP B 59 -6.42 -56.22 -18.23
C ASP B 59 -7.91 -56.48 -18.44
N GLN B 60 -8.20 -57.67 -18.97
CA GLN B 60 -9.55 -58.20 -19.06
C GLN B 60 -9.50 -59.65 -18.56
N PRO B 61 -9.89 -59.89 -17.31
CA PRO B 61 -9.69 -61.22 -16.73
C PRO B 61 -10.56 -62.30 -17.36
N ALA B 62 -11.86 -62.06 -17.46
CA ALA B 62 -12.80 -63.05 -17.99
C ALA B 62 -14.15 -62.37 -18.16
N GLN B 63 -15.11 -63.13 -18.71
CA GLN B 63 -16.51 -62.71 -18.82
C GLN B 63 -16.66 -61.40 -19.60
N HIS B 64 -15.85 -61.23 -20.65
CA HIS B 64 -15.97 -60.09 -21.55
C HIS B 64 -16.98 -60.45 -22.63
N THR B 65 -18.26 -60.42 -22.24
CA THR B 65 -19.36 -60.90 -23.08
C THR B 65 -19.11 -62.34 -23.54
N ASN B 66 -18.58 -63.14 -22.64
CA ASN B 66 -18.22 -64.53 -22.92
C ASN B 66 -19.11 -65.46 -22.10
N GLU B 67 -19.42 -66.62 -22.68
CA GLU B 67 -20.26 -67.62 -22.01
C GLU B 67 -19.42 -68.35 -20.97
N LYS B 68 -19.14 -67.63 -19.87
CA LYS B 68 -18.35 -68.14 -18.75
C LYS B 68 -16.98 -68.64 -19.21
N ASP B 69 -16.38 -67.92 -20.14
CA ASP B 69 -15.05 -68.26 -20.67
C ASP B 69 -14.00 -67.41 -19.98
N ASN B 70 -12.94 -68.05 -19.51
CA ASN B 70 -11.89 -67.38 -18.74
C ASN B 70 -10.64 -67.29 -19.60
N ILE B 71 -10.25 -66.05 -19.94
CA ILE B 71 -8.98 -65.78 -20.60
C ILE B 71 -8.46 -64.42 -20.16
N ASN B 72 -7.33 -64.42 -19.47
CA ASN B 72 -6.74 -63.18 -18.96
C ASN B 72 -6.03 -62.48 -20.11
N LYS B 73 -6.77 -61.60 -20.80
CA LYS B 73 -6.24 -60.86 -21.94
C LYS B 73 -5.68 -59.53 -21.43
N ARG B 74 -4.36 -59.38 -21.47
CA ARG B 74 -3.71 -58.19 -20.97
C ARG B 74 -2.86 -57.55 -22.06
N TYR B 75 -2.96 -56.23 -22.16
CA TYR B 75 -2.10 -55.43 -23.02
C TYR B 75 -1.21 -54.58 -22.12
N GLU B 76 0.10 -54.73 -22.29
CA GLU B 76 1.06 -54.03 -21.44
C GLU B 76 1.98 -53.18 -22.30
N ILE B 77 2.23 -51.97 -21.83
CA ILE B 77 3.16 -51.04 -22.48
C ILE B 77 4.40 -50.95 -21.61
N ARG B 78 5.54 -51.35 -22.17
CA ARG B 78 6.80 -51.38 -21.45
C ARG B 78 7.74 -50.34 -22.02
N PHE B 79 8.27 -49.48 -21.16
CA PHE B 79 9.18 -48.42 -21.57
C PHE B 79 10.61 -48.94 -21.59
N GLY B 80 11.31 -48.68 -22.69
CA GLY B 80 12.67 -49.19 -22.84
C GLY B 80 13.74 -48.13 -22.98
N LYS B 81 14.64 -48.33 -23.94
CA LYS B 81 15.80 -47.46 -24.10
C LYS B 81 15.37 -46.08 -24.61
N ILE B 82 16.08 -45.06 -24.16
CA ILE B 82 15.88 -43.68 -24.61
C ILE B 82 16.96 -43.34 -25.62
N TYR B 83 16.56 -42.83 -26.78
CA TYR B 83 17.49 -42.42 -27.83
C TYR B 83 17.45 -40.91 -27.99
N LEU B 84 18.62 -40.29 -28.00
CA LEU B 84 18.75 -38.86 -28.23
C LEU B 84 19.56 -38.63 -29.49
N SER B 85 19.04 -37.81 -30.39
CA SER B 85 19.69 -37.53 -31.67
C SER B 85 20.31 -36.14 -31.64
N ARG B 86 21.08 -35.85 -32.67
CA ARG B 86 21.63 -34.52 -32.83
C ARG B 86 20.50 -33.53 -33.13
N PRO B 87 20.66 -32.26 -32.75
CA PRO B 87 19.61 -31.27 -33.00
C PRO B 87 19.28 -31.14 -34.49
N THR B 88 18.07 -31.54 -34.85
CA THR B 88 17.61 -31.54 -36.23
C THR B 88 16.35 -30.69 -36.34
N MET B 89 16.23 -29.93 -37.42
CA MET B 89 15.07 -29.08 -37.64
C MET B 89 14.34 -29.55 -38.89
N THR B 90 13.01 -29.63 -38.77
CA THR B 90 12.15 -30.09 -39.85
C THR B 90 11.55 -28.88 -40.57
N GLU B 91 11.78 -28.79 -41.87
CA GLU B 91 11.25 -27.70 -42.65
C GLU B 91 9.72 -27.79 -42.72
N ALA B 92 9.09 -26.65 -43.02
CA ALA B 92 7.64 -26.63 -43.19
C ALA B 92 7.21 -27.52 -44.35
N ASP B 93 8.06 -27.66 -45.36
CA ASP B 93 7.76 -28.57 -46.46
C ASP B 93 7.69 -30.01 -45.97
N GLY B 94 8.60 -30.41 -45.09
CA GLY B 94 8.63 -31.77 -44.58
C GLY B 94 10.04 -32.30 -44.46
N THR B 95 10.97 -31.69 -45.18
CA THR B 95 12.36 -32.11 -45.12
C THR B 95 12.99 -31.75 -43.78
N THR B 96 13.91 -32.59 -43.33
CA THR B 96 14.62 -32.40 -42.07
C THR B 96 16.11 -32.26 -42.36
N HIS B 97 16.78 -31.41 -41.59
CA HIS B 97 18.22 -31.25 -41.75
C HIS B 97 18.84 -30.80 -40.45
N ALA B 98 20.14 -31.04 -40.32
CA ALA B 98 20.86 -30.70 -39.10
C ALA B 98 20.83 -29.19 -38.88
N MET B 99 20.64 -28.80 -37.63
CA MET B 99 20.52 -27.39 -37.26
C MET B 99 21.67 -27.00 -36.34
N PHE B 100 22.14 -25.78 -36.48
CA PHE B 100 23.20 -25.22 -35.67
C PHE B 100 22.69 -23.96 -34.99
N PRO B 101 23.28 -23.58 -33.84
CA PRO B 101 22.69 -22.47 -33.05
C PRO B 101 22.59 -21.16 -33.80
N GLN B 102 23.49 -20.89 -34.74
CA GLN B 102 23.40 -19.65 -35.50
C GLN B 102 22.12 -19.61 -36.33
N GLU B 103 21.79 -20.72 -36.99
CA GLU B 103 20.57 -20.76 -37.79
C GLU B 103 19.33 -20.60 -36.90
N ALA B 104 19.34 -21.21 -35.72
CA ALA B 104 18.23 -21.06 -34.80
C ALA B 104 18.09 -19.61 -34.33
N ARG B 105 19.21 -18.95 -34.07
CA ARG B 105 19.16 -17.55 -33.66
C ARG B 105 18.62 -16.67 -34.78
N LEU B 106 19.07 -16.90 -36.01
CA LEU B 106 18.66 -16.04 -37.11
C LEU B 106 17.21 -16.27 -37.50
N ARG B 107 16.76 -17.52 -37.49
CA ARG B 107 15.42 -17.88 -37.94
C ARG B 107 14.42 -18.00 -36.80
N ASN B 108 14.80 -17.60 -35.60
CA ASN B 108 13.92 -17.62 -34.42
C ASN B 108 13.38 -19.02 -34.14
N LEU B 109 14.22 -20.03 -34.36
CA LEU B 109 13.86 -21.40 -34.05
C LEU B 109 14.29 -21.73 -32.63
N THR B 110 14.09 -22.99 -32.23
CA THR B 110 14.47 -23.47 -30.91
C THR B 110 15.49 -24.59 -31.08
N TYR B 111 16.66 -24.42 -30.48
CA TYR B 111 17.72 -25.43 -30.53
C TYR B 111 17.30 -26.59 -29.64
N SER B 112 16.83 -27.67 -30.25
CA SER B 112 16.34 -28.81 -29.50
C SER B 112 16.65 -30.09 -30.25
N SER B 113 16.63 -31.20 -29.52
CA SER B 113 16.89 -32.52 -30.08
C SER B 113 15.69 -33.41 -29.85
N PRO B 114 15.24 -34.16 -30.86
CA PRO B 114 14.15 -35.12 -30.64
C PRO B 114 14.59 -36.26 -29.75
N VAL B 115 13.64 -36.78 -28.98
CA VAL B 115 13.90 -37.89 -28.07
C VAL B 115 12.94 -39.03 -28.41
N TYR B 116 13.48 -40.24 -28.49
CA TYR B 116 12.72 -41.42 -28.86
C TYR B 116 12.68 -42.38 -27.68
N LEU B 117 11.48 -42.91 -27.39
CA LEU B 117 11.27 -43.84 -26.30
C LEU B 117 10.70 -45.14 -26.85
N ASP B 118 11.27 -46.27 -26.43
CA ASP B 118 10.78 -47.58 -26.85
C ASP B 118 9.66 -48.01 -25.93
N MET B 119 8.42 -47.90 -26.39
CA MET B 119 7.30 -48.56 -25.74
C MET B 119 6.95 -49.81 -26.53
N GLU B 120 7.02 -50.95 -25.86
CA GLU B 120 6.73 -52.24 -26.43
C GLU B 120 5.35 -52.69 -25.97
N LYS B 121 4.52 -53.13 -26.91
CA LYS B 121 3.18 -53.61 -26.62
C LYS B 121 3.24 -55.13 -26.49
N SER B 122 3.13 -55.62 -25.26
CA SER B 122 3.19 -57.04 -24.96
C SER B 122 1.78 -57.57 -24.72
N MET B 123 1.48 -58.71 -25.33
CA MET B 123 0.19 -59.36 -25.23
C MET B 123 0.33 -60.55 -24.28
N PHE B 124 -0.51 -60.58 -23.25
CA PHE B 124 -0.45 -61.60 -22.20
C PHE B 124 -1.77 -62.36 -22.20
N THR B 125 -1.69 -63.67 -22.44
CA THR B 125 -2.84 -64.58 -22.34
C THR B 125 -2.39 -65.86 -21.64
N SER B 126 -2.54 -65.89 -20.32
CA SER B 126 -2.27 -67.10 -19.55
C SER B 126 -3.14 -67.03 -18.29
N ILE B 127 -4.10 -67.94 -18.18
CA ILE B 127 -5.04 -67.92 -17.06
C ILE B 127 -4.30 -68.26 -15.78
N ASP B 128 -4.54 -67.46 -14.73
CA ASP B 128 -3.87 -67.65 -13.45
C ASP B 128 -4.66 -66.96 -12.34
N GLY B 153 6.70 -51.64 -30.52
CA GLY B 153 6.49 -50.26 -30.93
C GLY B 153 7.73 -49.62 -31.51
N ASN B 154 8.90 -50.18 -31.18
CA ASN B 154 10.20 -49.71 -31.64
C ASN B 154 10.37 -48.25 -31.22
N LYS B 155 11.19 -47.48 -31.92
CA LYS B 155 11.42 -46.09 -31.55
C LYS B 155 10.21 -45.24 -31.89
N VAL B 156 9.73 -44.47 -30.91
CA VAL B 156 8.59 -43.58 -31.07
C VAL B 156 8.99 -42.20 -30.57
N HIS B 157 8.67 -41.17 -31.36
CA HIS B 157 8.99 -39.80 -30.98
C HIS B 157 8.01 -39.32 -29.92
N ILE B 158 8.54 -38.82 -28.80
CA ILE B 158 7.72 -38.32 -27.71
C ILE B 158 7.96 -36.86 -27.41
N GLY B 159 8.80 -36.19 -28.18
CA GLY B 159 9.00 -34.76 -28.02
C GLY B 159 10.41 -34.35 -28.38
N LYS B 160 10.67 -33.05 -28.20
CA LYS B 160 11.98 -32.47 -28.43
C LYS B 160 12.41 -31.73 -27.17
N VAL B 161 13.63 -31.98 -26.72
CA VAL B 161 14.17 -31.39 -25.50
C VAL B 161 15.17 -30.31 -25.91
N PRO B 162 15.07 -29.10 -25.35
CA PRO B 162 16.05 -28.06 -25.69
C PRO B 162 17.45 -28.45 -25.24
N ILE B 163 18.44 -28.00 -25.99
CA ILE B 163 19.84 -28.37 -25.79
C ILE B 163 20.61 -27.15 -25.30
N MET B 164 21.30 -27.30 -24.18
CA MET B 164 22.21 -26.27 -23.72
C MET B 164 23.47 -26.27 -24.57
N LEU B 165 23.88 -25.09 -25.02
CA LEU B 165 25.02 -24.99 -25.92
C LEU B 165 26.32 -25.41 -25.22
N ARG B 166 27.24 -25.97 -26.01
CA ARG B 166 28.56 -26.40 -25.57
C ARG B 166 28.50 -27.52 -24.55
N SER B 167 27.37 -28.22 -24.45
CA SER B 167 27.25 -29.37 -23.57
C SER B 167 27.75 -30.62 -24.30
N LYS B 168 27.54 -31.79 -23.71
CA LYS B 168 27.98 -33.02 -24.36
C LYS B 168 27.08 -33.41 -25.52
N PHE B 169 25.89 -32.85 -25.62
CA PHE B 169 24.97 -33.16 -26.71
C PHE B 169 24.88 -32.05 -27.75
N CYS B 170 25.42 -30.87 -27.47
CA CYS B 170 25.42 -29.79 -28.45
C CYS B 170 26.36 -30.13 -29.59
N SER B 171 26.05 -29.57 -30.77
CA SER B 171 26.86 -29.83 -31.95
C SER B 171 28.20 -29.11 -31.93
N LEU B 172 28.36 -28.10 -31.07
CA LEU B 172 29.58 -27.30 -31.04
C LEU B 172 30.62 -27.80 -30.07
N ARG B 173 30.37 -28.92 -29.38
CA ARG B 173 31.34 -29.45 -28.43
C ARG B 173 32.63 -29.81 -29.14
N THR B 174 32.53 -30.50 -30.26
CA THR B 174 33.67 -30.82 -31.11
C THR B 174 33.79 -29.77 -32.21
N LEU B 175 34.55 -30.08 -33.26
CA LEU B 175 34.76 -29.36 -34.52
C LEU B 175 35.81 -28.25 -34.46
N ASP B 176 36.37 -27.93 -33.30
CA ASP B 176 37.55 -27.05 -33.20
C ASP B 176 37.29 -25.64 -33.73
N GLU B 177 38.31 -24.78 -33.65
CA GLU B 177 38.15 -23.37 -34.00
C GLU B 177 37.89 -23.16 -35.48
N VAL B 178 38.50 -23.98 -36.34
CA VAL B 178 38.34 -23.77 -37.79
C VAL B 178 36.87 -23.93 -38.18
N ASP B 179 36.26 -25.04 -37.77
CA ASP B 179 34.84 -25.23 -38.08
C ASP B 179 33.96 -24.32 -37.25
N LEU B 180 34.38 -23.92 -36.06
CA LEU B 180 33.61 -22.93 -35.30
C LEU B 180 33.52 -21.62 -36.07
N TYR B 181 34.62 -21.19 -36.67
CA TYR B 181 34.59 -20.02 -37.55
C TYR B 181 33.78 -20.31 -38.82
N LYS B 182 33.80 -21.56 -39.28
CA LYS B 182 33.13 -21.90 -40.54
C LYS B 182 31.61 -21.77 -40.46
N MET B 183 31.04 -21.69 -39.26
CA MET B 183 29.60 -21.60 -39.11
C MET B 183 29.21 -20.45 -38.18
N LYS B 184 29.92 -19.32 -38.30
CA LYS B 184 29.55 -18.06 -37.65
C LYS B 184 29.40 -18.21 -36.15
N GLU B 185 30.33 -18.91 -35.51
CA GLU B 185 30.33 -19.10 -34.06
C GLU B 185 31.64 -18.59 -33.50
N CYS B 186 31.55 -17.73 -32.48
CA CYS B 186 32.75 -17.17 -31.86
C CYS B 186 33.39 -18.22 -30.96
N PRO B 187 34.68 -18.52 -31.15
CA PRO B 187 35.35 -19.48 -30.26
C PRO B 187 35.37 -19.04 -28.80
N TYR B 188 35.38 -17.73 -28.54
CA TYR B 188 35.40 -17.24 -27.17
C TYR B 188 34.08 -17.50 -26.43
N ASP B 189 33.02 -17.87 -27.15
CA ASP B 189 31.76 -18.16 -26.49
C ASP B 189 31.89 -19.36 -25.57
N MET B 190 31.21 -19.30 -24.43
CA MET B 190 31.35 -20.33 -23.40
C MET B 190 30.14 -21.24 -23.29
N GLY B 191 29.02 -20.91 -23.91
CA GLY B 191 27.84 -21.76 -23.81
C GLY B 191 27.16 -21.64 -22.46
N GLY B 192 26.46 -22.70 -22.08
CA GLY B 192 25.74 -22.71 -20.83
C GLY B 192 24.37 -22.07 -20.88
N TYR B 193 23.83 -21.81 -22.06
CA TYR B 193 22.53 -21.18 -22.21
C TYR B 193 21.76 -21.90 -23.31
N PHE B 194 20.44 -21.75 -23.28
CA PHE B 194 19.56 -22.31 -24.29
C PHE B 194 19.18 -21.25 -25.31
N VAL B 195 18.70 -21.72 -26.46
CA VAL B 195 18.14 -20.85 -27.49
C VAL B 195 16.68 -21.24 -27.66
N ILE B 196 15.78 -20.34 -27.27
CA ILE B 196 14.35 -20.57 -27.36
C ILE B 196 13.77 -19.49 -28.27
N ASN B 197 13.19 -19.91 -29.40
CA ASN B 197 12.60 -18.99 -30.38
C ASN B 197 13.61 -17.94 -30.83
N GLY B 198 14.88 -18.33 -30.92
CA GLY B 198 15.93 -17.42 -31.33
C GLY B 198 16.45 -16.52 -30.24
N SER B 199 15.97 -16.66 -29.01
CA SER B 199 16.40 -15.83 -27.89
C SER B 199 17.26 -16.64 -26.95
N GLU B 200 18.38 -16.04 -26.52
CA GLU B 200 19.29 -16.72 -25.62
C GLU B 200 18.78 -16.61 -24.19
N LYS B 201 18.43 -17.74 -23.59
CA LYS B 201 17.88 -17.78 -22.25
C LYS B 201 18.85 -18.52 -21.32
N VAL B 202 18.96 -18.02 -20.09
CA VAL B 202 19.84 -18.59 -19.08
C VAL B 202 19.02 -18.86 -17.83
N LEU B 203 19.30 -19.99 -17.18
CA LEU B 203 18.59 -20.42 -15.99
C LEU B 203 19.39 -19.98 -14.76
N ILE B 204 18.87 -19.00 -14.04
CA ILE B 204 19.49 -18.56 -12.80
C ILE B 204 19.39 -19.68 -11.76
N ALA B 205 20.48 -19.94 -11.04
CA ALA B 205 20.44 -20.95 -10.00
C ALA B 205 19.45 -20.54 -8.92
N GLN B 206 18.72 -21.50 -8.39
CA GLN B 206 17.65 -21.23 -7.44
C GLN B 206 18.09 -21.66 -6.04
N GLU B 207 18.08 -20.72 -5.11
CA GLU B 207 18.45 -21.01 -3.73
C GLU B 207 17.33 -21.72 -3.01
N ARG B 208 17.69 -22.71 -2.18
CA ARG B 208 16.70 -23.37 -1.35
C ARG B 208 17.37 -23.95 -0.12
N SER B 209 16.55 -24.25 0.88
CA SER B 209 17.05 -24.88 2.10
C SER B 209 17.35 -26.35 1.85
N ALA B 210 18.25 -26.91 2.65
CA ALA B 210 18.58 -28.32 2.53
C ALA B 210 17.41 -29.17 2.99
N ALA B 211 17.36 -30.40 2.48
CA ALA B 211 16.31 -31.35 2.81
C ALA B 211 16.88 -32.51 3.60
N ASN B 212 15.98 -33.20 4.30
CA ASN B 212 16.31 -34.38 5.11
C ASN B 212 17.31 -34.05 6.21
N ILE B 213 17.29 -32.82 6.73
CA ILE B 213 18.10 -32.44 7.86
C ILE B 213 17.20 -31.77 8.90
N VAL B 214 17.61 -31.85 10.16
CA VAL B 214 16.83 -31.35 11.28
C VAL B 214 17.30 -29.95 11.63
N GLN B 215 16.38 -29.00 11.67
CA GLN B 215 16.70 -27.62 12.03
C GLN B 215 15.81 -27.19 13.19
N VAL B 216 16.42 -26.61 14.22
CA VAL B 216 15.71 -26.22 15.43
C VAL B 216 15.84 -24.71 15.59
N PHE B 217 14.73 -24.04 15.84
CA PHE B 217 14.67 -22.60 15.97
C PHE B 217 13.88 -22.22 17.20
N LYS B 218 14.13 -21.00 17.69
CA LYS B 218 13.42 -20.46 18.83
C LYS B 218 12.34 -19.51 18.36
N LYS B 219 11.11 -19.76 18.79
CA LYS B 219 9.97 -18.96 18.35
C LYS B 219 10.00 -17.59 19.02
N ALA B 220 9.21 -16.67 18.46
CA ALA B 220 9.14 -15.31 18.98
C ALA B 220 8.45 -15.27 20.34
N ALA B 221 8.68 -14.18 21.06
CA ALA B 221 8.10 -14.02 22.40
C ALA B 221 6.58 -14.07 22.41
N PRO B 222 5.84 -13.33 21.57
CA PRO B 222 4.36 -13.38 21.67
C PRO B 222 3.77 -14.59 20.94
N SER B 223 4.10 -15.78 21.44
CA SER B 223 3.58 -17.02 20.88
C SER B 223 3.65 -18.10 21.94
N PRO B 224 2.66 -18.98 22.05
CA PRO B 224 2.75 -20.09 23.01
C PRO B 224 3.90 -21.03 22.73
N ILE B 225 4.26 -21.23 21.45
CA ILE B 225 5.36 -22.12 21.11
C ILE B 225 6.67 -21.47 21.49
N SER B 226 7.56 -22.25 22.11
CA SER B 226 8.88 -21.77 22.49
C SER B 226 9.94 -22.15 21.47
N HIS B 227 10.02 -23.42 21.10
CA HIS B 227 10.98 -23.90 20.13
C HIS B 227 10.27 -24.79 19.10
N VAL B 228 10.77 -24.74 17.86
CA VAL B 228 10.24 -25.54 16.77
C VAL B 228 11.38 -26.31 16.13
N ALA B 229 11.23 -27.63 16.05
CA ALA B 229 12.18 -28.50 15.36
C ALA B 229 11.49 -29.05 14.12
N GLU B 230 12.10 -28.83 12.96
CA GLU B 230 11.45 -29.16 11.70
C GLU B 230 12.42 -29.84 10.76
N ILE B 231 11.84 -30.62 9.85
CA ILE B 231 12.57 -31.28 8.77
C ILE B 231 11.70 -31.26 7.52
N ARG B 232 12.31 -31.00 6.38
CA ARG B 232 11.61 -31.04 5.09
C ARG B 232 12.07 -32.30 4.36
N SER B 233 11.30 -33.38 4.51
CA SER B 233 11.69 -34.66 3.96
C SER B 233 11.43 -34.70 2.47
N ALA B 234 12.44 -35.10 1.70
CA ALA B 234 12.34 -35.21 0.25
C ALA B 234 12.97 -36.52 -0.19
N LEU B 235 12.31 -37.20 -1.13
CA LEU B 235 12.82 -38.46 -1.64
C LEU B 235 14.10 -38.24 -2.42
N GLU B 236 15.08 -39.12 -2.21
CA GLU B 236 16.36 -39.01 -2.91
C GLU B 236 16.17 -39.18 -4.41
N LYS B 237 15.29 -40.10 -4.82
CA LYS B 237 15.01 -40.32 -6.23
C LYS B 237 14.31 -39.09 -6.80
N GLY B 238 15.06 -38.30 -7.56
CA GLY B 238 14.56 -37.07 -8.12
C GLY B 238 14.81 -35.83 -7.28
N SER B 239 15.11 -36.00 -5.99
CA SER B 239 15.39 -34.90 -5.07
C SER B 239 14.25 -33.87 -5.07
N ARG B 240 13.02 -34.37 -5.06
CA ARG B 240 11.84 -33.53 -5.08
C ARG B 240 11.23 -33.49 -3.69
N LEU B 241 10.85 -32.29 -3.24
CA LEU B 241 10.21 -32.14 -1.94
C LEU B 241 8.87 -32.87 -1.92
N ILE B 242 8.64 -33.63 -0.86
CA ILE B 242 7.43 -34.45 -0.72
C ILE B 242 6.50 -33.88 0.33
N SER B 243 6.97 -33.74 1.57
CA SER B 243 6.13 -33.26 2.65
C SER B 243 6.98 -32.53 3.67
N THR B 244 6.33 -31.66 4.45
CA THR B 244 6.97 -30.91 5.52
C THR B 244 6.38 -31.34 6.84
N MET B 245 7.25 -31.74 7.78
CA MET B 245 6.84 -32.19 9.10
C MET B 245 7.54 -31.35 10.13
N GLN B 246 6.83 -31.01 11.21
CA GLN B 246 7.33 -30.09 12.21
C GLN B 246 7.10 -30.66 13.60
N ILE B 247 7.92 -30.22 14.55
CA ILE B 247 7.75 -30.54 15.96
C ILE B 247 7.85 -29.25 16.75
N LYS B 248 6.85 -28.98 17.58
CA LYS B 248 6.76 -27.73 18.32
C LYS B 248 6.69 -27.99 19.81
N LEU B 249 7.39 -27.17 20.58
CA LEU B 249 7.36 -27.22 22.05
C LEU B 249 6.37 -26.15 22.52
N TYR B 250 5.14 -26.58 22.74
CA TYR B 250 4.10 -25.65 23.20
C TYR B 250 4.38 -25.21 24.63
N GLY B 251 4.05 -23.95 24.92
CA GLY B 251 4.20 -23.43 26.26
C GLY B 251 5.43 -22.60 26.47
N ARG B 252 5.25 -21.29 26.66
CA ARG B 252 6.34 -20.42 27.04
C ARG B 252 6.82 -20.78 28.44
N GLU B 253 8.02 -20.29 28.78
CA GLU B 253 8.63 -20.58 30.08
C GLU B 253 7.70 -20.15 31.21
N ASP B 254 7.32 -21.12 32.03
CA ASP B 254 6.37 -20.92 33.14
C ASP B 254 5.05 -20.36 32.64
N LYS B 255 4.62 -20.82 31.47
CA LYS B 255 3.38 -20.37 30.85
C LYS B 255 2.66 -21.57 30.25
N GLY B 256 1.34 -21.60 30.40
CA GLY B 256 0.56 -22.68 29.87
C GLY B 256 0.62 -23.96 30.65
N THR B 257 1.03 -23.91 31.92
CA THR B 257 1.14 -25.06 32.81
C THR B 257 2.02 -26.15 32.20
N GLY B 258 1.40 -27.18 31.64
CA GLY B 258 2.15 -28.28 31.05
C GLY B 258 2.92 -27.84 29.81
N ARG B 259 4.19 -28.21 29.75
CA ARG B 259 5.03 -27.93 28.58
C ARG B 259 4.98 -29.14 27.65
N THR B 260 3.96 -29.18 26.81
CA THR B 260 3.73 -30.31 25.93
C THR B 260 4.46 -30.11 24.60
N ILE B 261 4.79 -31.24 23.97
CA ILE B 261 5.44 -31.27 22.66
C ILE B 261 4.49 -31.91 21.68
N LYS B 262 4.27 -31.24 20.54
CA LYS B 262 3.29 -31.69 19.56
C LYS B 262 3.96 -31.78 18.18
N ALA B 263 3.33 -32.55 17.30
CA ALA B 263 3.86 -32.82 15.98
C ALA B 263 2.87 -32.36 14.92
N THR B 264 3.36 -31.59 13.96
CA THR B 264 2.59 -31.16 12.79
C THR B 264 2.94 -32.07 11.63
N LEU B 265 1.95 -32.82 11.15
CA LEU B 265 2.09 -33.77 10.07
C LEU B 265 1.24 -33.31 8.87
N PRO B 266 1.58 -33.75 7.66
CA PRO B 266 0.73 -33.41 6.52
C PRO B 266 -0.62 -34.09 6.60
N TYR B 267 -1.60 -33.44 5.96
CA TYR B 267 -2.97 -33.97 5.84
C TYR B 267 -3.63 -34.19 7.21
N VAL B 268 -3.35 -33.29 8.15
CA VAL B 268 -4.08 -33.21 9.41
C VAL B 268 -4.48 -31.77 9.63
N LYS B 269 -5.46 -31.58 10.51
CA LYS B 269 -5.99 -30.24 10.78
C LYS B 269 -5.36 -29.57 11.98
N GLN B 270 -4.72 -30.32 12.87
CA GLN B 270 -4.10 -29.73 14.05
C GLN B 270 -2.99 -30.66 14.54
N ASP B 271 -2.24 -30.17 15.53
CA ASP B 271 -1.07 -30.87 16.01
C ASP B 271 -1.46 -32.09 16.84
N ILE B 272 -0.51 -33.02 16.96
CA ILE B 272 -0.73 -34.28 17.68
C ILE B 272 0.41 -34.46 18.68
N PRO B 273 0.13 -34.90 19.91
CA PRO B 273 1.20 -35.11 20.89
C PRO B 273 2.18 -36.20 20.45
N ILE B 274 3.42 -36.06 20.90
CA ILE B 274 4.49 -36.96 20.49
C ILE B 274 4.27 -38.37 21.00
N VAL B 275 3.73 -38.50 22.21
CA VAL B 275 3.48 -39.84 22.76
C VAL B 275 2.44 -40.57 21.93
N ILE B 276 1.45 -39.84 21.41
CA ILE B 276 0.41 -40.45 20.60
C ILE B 276 1.01 -41.07 19.33
N VAL B 277 1.84 -40.30 18.62
CA VAL B 277 2.43 -40.85 17.40
C VAL B 277 3.44 -41.94 17.73
N PHE B 278 4.12 -41.85 18.88
CA PHE B 278 5.02 -42.92 19.27
C PHE B 278 4.26 -44.21 19.51
N ARG B 279 3.11 -44.14 20.17
CA ARG B 279 2.25 -45.31 20.31
C ARG B 279 1.76 -45.80 18.96
N ALA B 280 1.46 -44.87 18.06
CA ALA B 280 0.96 -45.25 16.73
C ALA B 280 2.01 -46.02 15.93
N LEU B 281 3.27 -45.62 16.03
CA LEU B 281 4.33 -46.34 15.31
C LEU B 281 4.50 -47.76 15.82
N GLY B 282 4.11 -48.02 17.07
CA GLY B 282 4.12 -49.39 17.54
C GLY B 282 4.99 -49.67 18.75
N VAL B 283 5.21 -48.66 19.59
CA VAL B 283 5.89 -48.84 20.87
C VAL B 283 4.94 -48.40 21.99
N VAL B 284 4.41 -49.38 22.71
CA VAL B 284 3.47 -49.11 23.80
C VAL B 284 4.13 -48.69 25.12
N PRO B 285 5.18 -49.35 25.62
CA PRO B 285 5.59 -49.07 27.00
C PRO B 285 6.33 -47.75 27.12
N ASP B 286 6.20 -47.14 28.30
CA ASP B 286 6.86 -45.86 28.54
C ASP B 286 8.36 -46.00 28.65
N GLY B 287 8.84 -47.12 29.21
CA GLY B 287 10.28 -47.31 29.38
C GLY B 287 11.01 -47.36 28.06
N GLU B 288 10.46 -48.06 27.07
CA GLU B 288 11.08 -48.10 25.74
C GLU B 288 11.06 -46.72 25.09
N ILE B 289 9.98 -45.97 25.27
CA ILE B 289 9.92 -44.62 24.71
C ILE B 289 11.00 -43.74 25.32
N LEU B 290 11.15 -43.79 26.65
CA LEU B 290 12.19 -43.01 27.31
C LEU B 290 13.58 -43.45 26.85
N GLN B 291 13.78 -44.75 26.68
CA GLN B 291 15.07 -45.23 26.17
C GLN B 291 15.32 -44.73 24.75
N HIS B 292 14.27 -44.59 23.94
CA HIS B 292 14.44 -44.05 22.60
C HIS B 292 14.78 -42.57 22.64
N ILE B 293 14.13 -41.80 23.51
CA ILE B 293 14.41 -40.37 23.61
C ILE B 293 15.72 -40.14 24.36
N CYS B 294 15.78 -40.57 25.61
CA CYS B 294 16.92 -40.30 26.47
C CYS B 294 18.04 -41.32 26.25
N TYR B 295 19.27 -40.87 26.47
CA TYR B 295 20.43 -41.73 26.34
C TYR B 295 21.26 -41.81 27.63
N ASP B 296 20.84 -41.17 28.70
CA ASP B 296 21.58 -41.19 29.96
C ASP B 296 20.60 -40.96 31.09
N GLU B 297 20.39 -41.99 31.93
CA GLU B 297 19.42 -41.91 33.01
C GLU B 297 19.76 -40.82 34.03
N ASN B 298 21.03 -40.40 34.10
CA ASN B 298 21.41 -39.33 35.00
C ASN B 298 20.90 -37.97 34.56
N ASP B 299 20.48 -37.83 33.30
CA ASP B 299 19.93 -36.57 32.79
C ASP B 299 18.47 -36.42 33.22
N TRP B 300 18.28 -36.32 34.54
CA TRP B 300 16.93 -36.26 35.10
C TRP B 300 16.20 -34.99 34.67
N GLN B 301 16.94 -33.92 34.38
CA GLN B 301 16.30 -32.68 33.94
C GLN B 301 15.58 -32.88 32.61
N MET B 302 16.27 -33.49 31.64
CA MET B 302 15.62 -33.80 30.37
C MET B 302 14.51 -34.83 30.55
N LEU B 303 14.69 -35.76 31.49
CA LEU B 303 13.67 -36.76 31.75
C LEU B 303 12.37 -36.13 32.24
N GLU B 304 12.47 -35.18 33.18
CA GLU B 304 11.29 -34.49 33.66
C GLU B 304 10.81 -33.40 32.72
N MET B 305 11.64 -32.99 31.75
CA MET B 305 11.20 -32.02 30.76
C MET B 305 10.03 -32.55 29.95
N LEU B 306 10.09 -33.82 29.56
CA LEU B 306 9.04 -34.46 28.79
C LEU B 306 8.02 -35.19 29.65
N LYS B 307 8.15 -35.12 30.98
CA LYS B 307 7.16 -35.74 31.85
C LYS B 307 5.73 -35.25 31.63
N PRO B 308 5.46 -33.95 31.42
CA PRO B 308 4.10 -33.56 31.05
C PRO B 308 3.58 -34.27 29.81
N CYS B 309 4.44 -34.47 28.81
CA CYS B 309 4.02 -35.23 27.62
C CYS B 309 3.67 -36.66 27.98
N ILE B 310 4.43 -37.27 28.90
CA ILE B 310 4.14 -38.63 29.33
C ILE B 310 2.78 -38.70 30.00
N GLU B 311 2.49 -37.74 30.90
CA GLU B 311 1.24 -37.85 31.65
C GLU B 311 0.03 -37.47 30.81
N GLU B 312 0.16 -36.54 29.86
CA GLU B 312 -0.99 -36.17 29.05
C GLU B 312 -1.32 -37.24 28.02
N GLY B 313 -0.33 -38.01 27.59
CA GLY B 313 -0.57 -39.06 26.61
C GLY B 313 -0.90 -40.39 27.26
N PHE B 314 -1.93 -40.41 28.09
CA PHE B 314 -2.32 -41.61 28.83
C PHE B 314 -3.61 -42.24 28.33
N VAL B 315 -4.56 -41.44 27.84
CA VAL B 315 -5.82 -41.98 27.33
C VAL B 315 -5.59 -42.90 26.15
N ILE B 316 -4.49 -42.73 25.43
CA ILE B 316 -4.10 -43.64 24.37
C ILE B 316 -3.17 -44.68 24.97
N GLN B 317 -3.50 -45.96 24.78
CA GLN B 317 -2.75 -47.04 25.42
C GLN B 317 -2.01 -47.91 24.42
N ASP B 318 -2.70 -48.47 23.43
CA ASP B 318 -2.08 -49.38 22.48
C ASP B 318 -2.09 -48.78 21.08
N LYS B 319 -1.56 -49.56 20.13
CA LYS B 319 -1.36 -49.07 18.77
C LYS B 319 -2.68 -48.78 18.07
N GLU B 320 -3.68 -49.64 18.28
CA GLU B 320 -4.95 -49.49 17.55
C GLU B 320 -5.67 -48.20 17.94
N VAL B 321 -5.73 -47.90 19.24
CA VAL B 321 -6.40 -46.68 19.66
C VAL B 321 -5.62 -45.46 19.21
N ALA B 322 -4.29 -45.54 19.15
CA ALA B 322 -3.49 -44.44 18.63
C ALA B 322 -3.77 -44.22 17.16
N LEU B 323 -3.88 -45.30 16.38
CA LEU B 323 -4.21 -45.17 14.96
C LEU B 323 -5.59 -44.57 14.77
N ASP B 324 -6.56 -44.98 15.59
CA ASP B 324 -7.88 -44.37 15.54
C ASP B 324 -7.81 -42.88 15.86
N PHE B 325 -7.02 -42.52 16.88
CA PHE B 325 -6.90 -41.12 17.27
C PHE B 325 -6.31 -40.28 16.16
N ILE B 326 -5.23 -40.77 15.53
CA ILE B 326 -4.60 -39.98 14.48
C ILE B 326 -5.47 -39.93 13.23
N GLY B 327 -6.18 -41.02 12.92
CA GLY B 327 -7.10 -40.99 11.79
C GLY B 327 -8.32 -40.13 12.01
N ARG B 328 -8.69 -39.90 13.27
CA ARG B 328 -9.83 -39.03 13.55
C ARG B 328 -9.60 -37.61 13.05
N ARG B 329 -8.38 -37.12 13.19
CA ARG B 329 -8.03 -35.76 12.80
C ARG B 329 -7.38 -35.70 11.42
N GLY B 330 -7.39 -36.80 10.67
CA GLY B 330 -6.71 -36.85 9.40
C GLY B 330 -7.46 -36.22 8.25
N SER B 331 -8.21 -35.15 8.53
CA SER B 331 -8.99 -34.41 7.54
C SER B 331 -9.92 -35.39 6.84
N ALA B 332 -9.94 -35.45 5.51
CA ALA B 332 -10.72 -36.40 4.72
C ALA B 332 -12.21 -36.23 5.06
N ALA B 333 -12.99 -37.30 4.92
CA ALA B 333 -14.43 -37.26 5.15
C ALA B 333 -14.73 -37.62 6.60
N LEU B 334 -16.00 -37.89 6.88
CA LEU B 334 -16.45 -38.43 8.15
C LEU B 334 -17.21 -39.73 7.91
N GLY B 335 -17.40 -40.50 8.98
CA GLY B 335 -18.10 -41.76 8.89
C GLY B 335 -17.29 -42.91 8.37
N ILE B 336 -15.98 -42.74 8.17
CA ILE B 336 -15.12 -43.82 7.73
C ILE B 336 -15.08 -44.94 8.78
N ARG B 337 -15.20 -44.58 10.05
CA ARG B 337 -15.20 -45.52 11.18
C ARG B 337 -13.86 -46.23 11.32
N ARG B 338 -13.70 -47.01 12.40
CA ARG B 338 -12.39 -47.53 12.76
C ARG B 338 -11.85 -48.50 11.71
N GLU B 339 -12.72 -49.37 11.18
CA GLU B 339 -12.27 -50.53 10.41
C GLU B 339 -11.42 -50.14 9.20
N LYS B 340 -11.63 -48.96 8.63
CA LYS B 340 -10.78 -48.44 7.57
C LYS B 340 -10.12 -47.12 7.90
N ARG B 341 -10.57 -46.43 8.96
CA ARG B 341 -9.83 -45.27 9.44
C ARG B 341 -8.46 -45.68 9.96
N ILE B 342 -8.37 -46.86 10.58
CA ILE B 342 -7.07 -47.37 11.02
C ILE B 342 -6.16 -47.63 9.82
N GLN B 343 -6.72 -48.19 8.75
CA GLN B 343 -5.94 -48.40 7.53
C GLN B 343 -5.48 -47.07 6.94
N TYR B 344 -6.35 -46.07 6.91
CA TYR B 344 -5.97 -44.76 6.41
C TYR B 344 -4.87 -44.14 7.26
N ALA B 345 -4.97 -44.28 8.59
CA ALA B 345 -3.93 -43.77 9.47
C ALA B 345 -2.61 -44.50 9.27
N LYS B 346 -2.67 -45.83 9.06
CA LYS B 346 -1.45 -46.58 8.79
C LYS B 346 -0.81 -46.14 7.48
N ASP B 347 -1.63 -45.86 6.47
CA ASP B 347 -1.09 -45.33 5.21
C ASP B 347 -0.44 -43.97 5.41
N ILE B 348 -1.07 -43.11 6.24
CA ILE B 348 -0.51 -41.80 6.51
C ILE B 348 0.81 -41.92 7.26
N LEU B 349 0.91 -42.91 8.15
CA LEU B 349 2.17 -43.13 8.88
C LEU B 349 3.24 -43.69 7.97
N GLN B 350 2.88 -44.56 7.02
CA GLN B 350 3.87 -45.19 6.17
C GLN B 350 4.39 -44.22 5.12
N LYS B 351 3.51 -43.69 4.28
CA LYS B 351 3.89 -42.73 3.26
C LYS B 351 3.49 -41.33 3.71
N GLU B 352 4.23 -40.33 3.21
CA GLU B 352 4.04 -38.92 3.51
C GLU B 352 4.43 -38.57 4.95
N LEU B 353 4.84 -39.56 5.73
CA LEU B 353 5.42 -39.34 7.06
C LEU B 353 6.87 -39.80 6.99
N LEU B 354 7.78 -38.83 6.91
CA LEU B 354 9.20 -39.09 6.71
C LEU B 354 9.44 -40.05 5.55
N PRO B 355 9.08 -39.65 4.32
CA PRO B 355 9.27 -40.56 3.19
C PRO B 355 10.73 -40.88 2.90
N HIS B 356 11.65 -40.00 3.28
CA HIS B 356 13.05 -40.19 2.88
C HIS B 356 13.72 -41.33 3.65
N ILE B 357 13.32 -41.56 4.91
CA ILE B 357 13.98 -42.58 5.70
C ILE B 357 13.65 -43.98 5.18
N THR B 358 12.38 -44.21 4.83
CA THR B 358 11.95 -45.48 4.27
C THR B 358 10.54 -45.31 3.70
N GLN B 359 10.14 -46.28 2.88
CA GLN B 359 8.78 -46.28 2.34
C GLN B 359 8.19 -47.69 2.31
N GLU B 360 8.73 -48.62 3.09
CA GLU B 360 8.29 -50.00 3.08
C GLU B 360 8.20 -50.51 4.52
N GLU B 361 7.42 -51.57 4.69
CA GLU B 361 7.21 -52.15 6.01
C GLU B 361 8.49 -52.82 6.51
N GLY B 362 8.53 -53.06 7.81
CA GLY B 362 9.70 -53.63 8.45
C GLY B 362 10.79 -52.64 8.79
N PHE B 363 10.60 -51.36 8.49
CA PHE B 363 11.59 -50.33 8.80
C PHE B 363 11.02 -49.25 9.71
N GLU B 364 9.91 -49.54 10.41
CA GLU B 364 9.34 -48.58 11.34
C GLU B 364 10.26 -48.32 12.52
N THR B 365 11.17 -49.26 12.83
CA THR B 365 12.15 -49.01 13.89
C THR B 365 13.05 -47.84 13.53
N ARG B 366 13.44 -47.74 12.26
CA ARG B 366 14.23 -46.60 11.82
C ARG B 366 13.48 -45.30 12.01
N LYS B 367 12.18 -45.29 11.67
CA LYS B 367 11.37 -44.09 11.87
C LYS B 367 11.28 -43.71 13.33
N THR B 368 11.07 -44.70 14.21
CA THR B 368 10.99 -44.41 15.64
C THR B 368 12.32 -43.86 16.15
N PHE B 369 13.43 -44.43 15.72
CA PHE B 369 14.74 -43.95 16.15
C PHE B 369 14.98 -42.52 15.68
N PHE B 370 14.61 -42.22 14.44
CA PHE B 370 14.80 -40.85 13.94
C PHE B 370 13.90 -39.86 14.66
N LEU B 371 12.67 -40.26 14.97
CA LEU B 371 11.78 -39.38 15.73
C LEU B 371 12.33 -39.12 17.12
N GLY B 372 12.86 -40.17 17.77
CA GLY B 372 13.48 -39.99 19.07
C GLY B 372 14.69 -39.08 18.99
N TYR B 373 15.49 -39.22 17.94
CA TYR B 373 16.64 -38.33 17.75
C TYR B 373 16.20 -36.89 17.59
N MET B 374 15.14 -36.66 16.81
CA MET B 374 14.65 -35.29 16.62
C MET B 374 14.15 -34.69 17.93
N VAL B 375 13.39 -35.48 18.70
CA VAL B 375 12.89 -34.98 19.98
C VAL B 375 14.04 -34.69 20.93
N ASN B 376 15.04 -35.57 20.96
CA ASN B 376 16.19 -35.35 21.81
C ASN B 376 16.94 -34.08 21.41
N ARG B 377 17.11 -33.85 20.11
CA ARG B 377 17.78 -32.64 19.66
C ARG B 377 17.00 -31.39 20.07
N LEU B 378 15.66 -31.44 19.93
CA LEU B 378 14.84 -30.33 20.36
C LEU B 378 14.98 -30.07 21.86
N LEU B 379 15.00 -31.14 22.66
CA LEU B 379 15.13 -30.97 24.11
C LEU B 379 16.49 -30.40 24.48
N LEU B 380 17.56 -30.87 23.85
CA LEU B 380 18.88 -30.31 24.10
C LEU B 380 18.95 -28.84 23.72
N CYS B 381 18.30 -28.45 22.62
CA CYS B 381 18.27 -27.03 22.29
C CYS B 381 17.47 -26.23 23.32
N ALA B 382 16.35 -26.79 23.79
CA ALA B 382 15.52 -26.08 24.76
C ALA B 382 16.18 -25.99 26.12
N LEU B 383 16.99 -26.98 26.50
CA LEU B 383 17.67 -26.98 27.78
C LEU B 383 18.94 -26.14 27.78
N GLU B 384 19.12 -25.29 26.77
CA GLU B 384 20.25 -24.37 26.65
C GLU B 384 21.60 -25.09 26.60
N ARG B 385 21.59 -26.38 26.25
CA ARG B 385 22.83 -27.12 26.10
C ARG B 385 23.41 -27.04 24.70
N LYS B 386 22.72 -26.42 23.77
CA LYS B 386 23.20 -26.25 22.41
C LYS B 386 22.55 -25.02 21.80
N ASP B 387 23.31 -24.31 20.98
CA ASP B 387 22.78 -23.12 20.31
C ASP B 387 21.74 -23.52 19.28
N GLN B 388 20.74 -22.66 19.10
CA GLN B 388 19.75 -22.87 18.07
C GLN B 388 20.40 -22.80 16.69
N ASP B 389 19.84 -23.56 15.75
CA ASP B 389 20.43 -23.65 14.42
C ASP B 389 20.31 -22.33 13.68
N ASP B 390 21.39 -21.93 13.03
CA ASP B 390 21.44 -20.70 12.25
C ASP B 390 20.92 -20.99 10.85
N ARG B 391 19.79 -20.38 10.49
CA ARG B 391 19.21 -20.60 9.17
C ARG B 391 19.95 -19.88 8.06
N ASP B 392 20.90 -19.02 8.40
CA ASP B 392 21.75 -18.36 7.41
C ASP B 392 22.97 -19.21 7.02
N HIS B 393 23.16 -20.35 7.68
CA HIS B 393 24.33 -21.19 7.42
C HIS B 393 24.32 -21.69 5.98
N PHE B 394 25.29 -21.23 5.20
CA PHE B 394 25.35 -21.60 3.79
C PHE B 394 25.65 -23.07 3.58
N GLY B 395 26.20 -23.75 4.59
CA GLY B 395 26.46 -25.18 4.46
C GLY B 395 25.22 -26.05 4.50
N LYS B 396 24.09 -25.50 4.94
CA LYS B 396 22.83 -26.21 5.00
C LYS B 396 21.86 -25.69 3.94
N LYS B 397 22.39 -25.35 2.77
CA LYS B 397 21.59 -24.77 1.69
C LYS B 397 22.03 -25.37 0.37
N ARG B 398 21.10 -25.42 -0.58
CA ARG B 398 21.35 -26.05 -1.87
C ARG B 398 20.97 -25.10 -2.99
N LEU B 399 21.59 -25.32 -4.15
CA LEU B 399 21.37 -24.52 -5.35
C LEU B 399 20.83 -25.43 -6.44
N ASP B 400 19.57 -25.26 -6.79
CA ASP B 400 18.98 -25.99 -7.90
C ASP B 400 19.44 -25.39 -9.21
N LEU B 401 20.09 -26.19 -10.05
CA LEU B 401 20.55 -25.80 -11.35
C LEU B 401 19.59 -26.34 -12.41
N ALA B 402 19.98 -26.26 -13.68
CA ALA B 402 19.13 -26.72 -14.77
C ALA B 402 18.74 -28.18 -14.62
N GLY B 403 19.62 -29.00 -14.04
CA GLY B 403 19.38 -30.41 -13.89
C GLY B 403 18.11 -30.77 -13.14
N PRO B 404 18.06 -30.47 -11.84
CA PRO B 404 16.87 -30.82 -11.05
C PRO B 404 15.60 -30.16 -11.54
N LEU B 405 15.68 -28.91 -11.99
CA LEU B 405 14.49 -28.21 -12.48
C LEU B 405 13.93 -28.88 -13.72
N LEU B 406 14.80 -29.15 -14.70
CA LEU B 406 14.36 -29.87 -15.89
C LEU B 406 13.88 -31.27 -15.55
N ALA B 407 14.47 -31.92 -14.55
CA ALA B 407 14.02 -33.25 -14.16
C ALA B 407 12.60 -33.21 -13.62
N ASN B 408 12.30 -32.24 -12.73
CA ASN B 408 10.95 -32.13 -12.20
C ASN B 408 9.95 -31.80 -13.30
N LEU B 409 10.30 -30.86 -14.18
CA LEU B 409 9.40 -30.49 -15.27
C LEU B 409 9.15 -31.67 -16.19
N PHE B 410 10.20 -32.42 -16.52
CA PHE B 410 10.04 -33.60 -17.37
C PHE B 410 9.21 -34.67 -16.69
N ARG B 411 9.34 -34.81 -15.36
CA ARG B 411 8.50 -35.78 -14.65
C ARG B 411 7.03 -35.40 -14.76
N ILE B 412 6.71 -34.11 -14.58
CA ILE B 412 5.33 -33.67 -14.70
C ILE B 412 4.81 -33.91 -16.12
N LEU B 413 5.59 -33.50 -17.12
CA LEU B 413 5.16 -33.65 -18.51
C LEU B 413 5.02 -35.12 -18.89
N PHE B 414 5.89 -35.98 -18.35
CA PHE B 414 5.83 -37.39 -18.70
C PHE B 414 4.65 -38.08 -18.03
N ARG B 415 4.30 -37.69 -16.80
CA ARG B 415 3.10 -38.26 -16.21
C ARG B 415 1.86 -37.79 -16.95
N LYS B 416 1.88 -36.54 -17.44
CA LYS B 416 0.77 -36.07 -18.27
C LYS B 416 0.66 -36.88 -19.56
N LEU B 417 1.80 -37.15 -20.21
CA LEU B 417 1.78 -37.95 -21.42
C LEU B 417 1.32 -39.37 -21.14
N THR B 418 1.73 -39.94 -20.00
CA THR B 418 1.30 -41.27 -19.62
C THR B 418 -0.21 -41.34 -19.42
N ARG B 419 -0.77 -40.34 -18.73
CA ARG B 419 -2.22 -40.31 -18.55
C ARG B 419 -2.94 -40.15 -19.88
N GLU B 420 -2.41 -39.30 -20.77
CA GLU B 420 -3.03 -39.12 -22.08
C GLU B 420 -3.00 -40.40 -22.90
N ILE B 421 -1.87 -41.11 -22.91
CA ILE B 421 -1.80 -42.34 -23.69
C ILE B 421 -2.64 -43.43 -23.07
N TYR B 422 -2.77 -43.45 -21.74
CA TYR B 422 -3.68 -44.39 -21.10
C TYR B 422 -5.12 -44.13 -21.53
N ARG B 423 -5.53 -42.86 -21.54
CA ARG B 423 -6.88 -42.52 -22.00
C ARG B 423 -7.07 -42.90 -23.46
N TYR B 424 -6.06 -42.67 -24.30
CA TYR B 424 -6.19 -43.01 -25.72
C TYR B 424 -6.30 -44.51 -25.92
N MET B 425 -5.53 -45.29 -25.17
CA MET B 425 -5.67 -46.76 -25.24
C MET B 425 -7.05 -47.20 -24.77
N GLN B 426 -7.56 -46.60 -23.69
CA GLN B 426 -8.89 -46.97 -23.21
C GLN B 426 -9.96 -46.65 -24.25
N ARG B 427 -9.81 -45.51 -24.94
CA ARG B 427 -10.78 -45.15 -25.98
C ARG B 427 -10.65 -46.05 -27.20
N CYS B 428 -9.41 -46.42 -27.57
CA CYS B 428 -9.19 -47.21 -28.78
C CYS B 428 -9.55 -48.67 -28.60
N ILE B 429 -9.49 -49.20 -27.38
CA ILE B 429 -9.88 -50.58 -27.15
C ILE B 429 -11.35 -50.79 -27.44
N GLU B 430 -12.18 -49.78 -27.17
CA GLU B 430 -13.61 -49.88 -27.46
C GLU B 430 -13.86 -50.11 -28.95
N THR B 431 -13.14 -49.38 -29.81
CA THR B 431 -13.25 -49.61 -31.24
C THR B 431 -12.61 -50.92 -31.68
N ASP B 432 -11.63 -51.41 -30.90
CA ASP B 432 -10.95 -52.67 -31.17
C ASP B 432 -10.31 -52.67 -32.55
N ARG B 433 -9.36 -51.76 -32.74
CA ARG B 433 -8.57 -51.67 -33.96
C ARG B 433 -7.09 -51.64 -33.59
N ASP B 434 -6.27 -52.16 -34.50
CA ASP B 434 -4.84 -52.30 -34.25
C ASP B 434 -4.19 -50.92 -34.28
N PHE B 435 -3.94 -50.36 -33.09
CA PHE B 435 -3.27 -49.07 -33.00
C PHE B 435 -1.79 -49.22 -33.32
N ASN B 436 -1.26 -48.21 -34.02
CA ASN B 436 0.14 -48.23 -34.42
C ASN B 436 1.08 -47.67 -33.36
N LEU B 437 0.55 -46.99 -32.35
CA LEU B 437 1.26 -46.33 -31.25
C LEU B 437 2.09 -45.14 -31.71
N ASN B 438 2.13 -44.86 -33.01
CA ASN B 438 2.84 -43.68 -33.49
C ASN B 438 1.94 -42.46 -33.56
N LEU B 439 0.72 -42.64 -34.06
CA LEU B 439 -0.29 -41.58 -33.99
C LEU B 439 -1.00 -41.55 -32.65
N ALA B 440 -0.74 -42.52 -31.78
CA ALA B 440 -1.41 -42.56 -30.48
C ALA B 440 -0.90 -41.48 -29.55
N VAL B 441 0.42 -41.28 -29.51
CA VAL B 441 1.03 -40.32 -28.60
C VAL B 441 1.10 -38.96 -29.27
N LYS B 442 0.98 -37.91 -28.45
CA LYS B 442 1.10 -36.52 -28.91
C LYS B 442 2.39 -35.95 -28.33
N SER B 443 3.43 -35.89 -29.17
CA SER B 443 4.71 -35.36 -28.74
C SER B 443 4.69 -33.87 -28.47
N THR B 444 3.62 -33.17 -28.88
CA THR B 444 3.54 -31.73 -28.67
C THR B 444 3.45 -31.36 -27.19
N THR B 445 3.03 -32.28 -26.33
CA THR B 445 2.84 -31.96 -24.92
C THR B 445 4.18 -31.61 -24.25
N ILE B 446 5.13 -32.53 -24.29
CA ILE B 446 6.41 -32.33 -23.61
C ILE B 446 7.15 -31.16 -24.24
N THR B 447 7.20 -31.12 -25.57
CA THR B 447 7.92 -30.06 -26.26
C THR B 447 7.32 -28.70 -25.94
N SER B 448 6.00 -28.58 -26.01
CA SER B 448 5.34 -27.31 -25.74
C SER B 448 5.55 -26.88 -24.30
N GLY B 449 5.44 -27.82 -23.35
CA GLY B 449 5.63 -27.46 -21.96
C GLY B 449 7.04 -26.97 -21.67
N LEU B 450 8.04 -27.71 -22.15
CA LEU B 450 9.42 -27.29 -21.94
C LEU B 450 9.71 -25.95 -22.59
N LYS B 451 9.26 -25.78 -23.84
CA LYS B 451 9.50 -24.53 -24.55
C LYS B 451 8.86 -23.35 -23.83
N TYR B 452 7.60 -23.51 -23.40
CA TYR B 452 6.91 -22.42 -22.71
C TYR B 452 7.60 -22.08 -21.40
N SER B 453 7.94 -23.11 -20.61
CA SER B 453 8.55 -22.86 -19.31
C SER B 453 9.90 -22.17 -19.45
N LEU B 454 10.70 -22.58 -20.45
CA LEU B 454 11.99 -21.92 -20.64
C LEU B 454 11.83 -20.52 -21.20
N ALA B 455 10.82 -20.30 -22.05
CA ALA B 455 10.67 -19.00 -22.69
C ALA B 455 10.16 -17.95 -21.70
N THR B 456 9.14 -18.28 -20.92
CA THR B 456 8.54 -17.27 -20.05
C THR B 456 9.17 -17.20 -18.67
N GLY B 457 9.89 -18.24 -18.26
CA GLY B 457 10.50 -18.28 -16.95
C GLY B 457 9.58 -18.70 -15.82
N ASN B 458 8.27 -18.75 -16.06
CA ASN B 458 7.32 -19.20 -15.05
C ASN B 458 7.41 -20.72 -14.96
N TRP B 459 8.08 -21.22 -13.93
CA TRP B 459 8.32 -22.64 -13.82
C TRP B 459 7.03 -23.36 -13.45
N GLY B 460 6.53 -24.18 -14.37
CA GLY B 460 5.27 -24.87 -14.18
C GLY B 460 4.39 -24.80 -15.41
N GLU B 461 3.27 -25.50 -15.39
CA GLU B 461 2.35 -25.48 -16.52
C GLU B 461 1.66 -24.13 -16.64
N GLN B 462 1.30 -23.78 -17.88
CA GLN B 462 0.58 -22.53 -18.11
C GLN B 462 -0.78 -22.54 -17.43
N LYS B 463 -1.39 -23.72 -17.29
CA LYS B 463 -2.62 -23.85 -16.51
C LYS B 463 -2.36 -23.58 -15.04
N LYS B 464 -1.13 -23.81 -14.57
CA LYS B 464 -0.74 -23.63 -13.18
C LYS B 464 0.15 -22.40 -13.02
N ALA B 465 -0.18 -21.32 -13.73
CA ALA B 465 0.60 -20.08 -13.62
C ALA B 465 0.55 -19.52 -12.21
N MET B 466 -0.54 -19.76 -11.48
CA MET B 466 -0.60 -19.36 -10.08
C MET B 466 0.35 -20.23 -9.27
N SER B 467 1.03 -19.61 -8.31
CA SER B 467 2.06 -20.23 -7.47
C SER B 467 3.24 -20.77 -8.27
N SER B 468 3.40 -20.33 -9.52
CA SER B 468 4.54 -20.74 -10.34
C SER B 468 5.70 -19.78 -10.12
N ARG B 469 6.89 -20.33 -9.90
CA ARG B 469 8.06 -19.51 -9.67
C ARG B 469 8.43 -18.74 -10.93
N ALA B 470 8.65 -17.44 -10.78
CA ALA B 470 8.96 -16.56 -11.90
C ALA B 470 10.39 -16.05 -11.79
N GLY B 471 10.93 -15.62 -12.93
CA GLY B 471 12.29 -15.13 -12.98
C GLY B 471 13.36 -16.20 -13.01
N VAL B 472 12.99 -17.46 -13.12
CA VAL B 472 13.97 -18.54 -13.18
C VAL B 472 14.79 -18.43 -14.45
N SER B 473 14.14 -18.16 -15.58
CA SER B 473 14.81 -18.02 -16.87
C SER B 473 14.83 -16.55 -17.24
N GLN B 474 16.01 -16.08 -17.67
CA GLN B 474 16.18 -14.68 -18.03
C GLN B 474 16.91 -14.58 -19.36
N VAL B 475 16.70 -13.47 -20.06
CA VAL B 475 17.40 -13.24 -21.32
C VAL B 475 18.88 -13.04 -21.02
N LEU B 476 19.73 -13.76 -21.75
CA LEU B 476 21.17 -13.72 -21.48
C LEU B 476 21.72 -12.32 -21.75
N ASN B 477 22.51 -11.82 -20.81
CA ASN B 477 23.11 -10.50 -20.96
C ASN B 477 24.24 -10.54 -21.97
N ARG B 478 24.32 -9.51 -22.82
CA ARG B 478 25.36 -9.44 -23.83
C ARG B 478 25.95 -8.04 -23.92
N TYR B 479 25.93 -7.29 -22.82
CA TYR B 479 26.51 -5.95 -22.84
C TYR B 479 28.02 -6.00 -23.02
N THR B 480 28.68 -6.95 -22.36
CA THR B 480 30.10 -7.19 -22.54
C THR B 480 30.40 -8.61 -22.07
N TYR B 481 31.63 -9.06 -22.35
CA TYR B 481 32.01 -10.44 -22.04
C TYR B 481 31.93 -10.70 -20.54
N SER B 482 32.45 -9.78 -19.72
CA SER B 482 32.41 -9.98 -18.28
C SER B 482 30.99 -9.97 -17.75
N SER B 483 30.12 -9.14 -18.33
CA SER B 483 28.72 -9.14 -17.93
C SER B 483 28.06 -10.48 -18.23
N THR B 484 28.36 -11.05 -19.40
CA THR B 484 27.82 -12.36 -19.74
C THR B 484 28.31 -13.43 -18.78
N LEU B 485 29.61 -13.41 -18.47
CA LEU B 485 30.15 -14.40 -17.54
C LEU B 485 29.52 -14.25 -16.15
N SER B 486 29.32 -13.01 -15.70
CA SER B 486 28.68 -12.79 -14.41
C SER B 486 27.23 -13.28 -14.43
N HIS B 487 26.51 -13.05 -15.53
CA HIS B 487 25.12 -13.48 -15.62
C HIS B 487 25.02 -15.00 -15.59
N LEU B 488 25.97 -15.69 -16.24
CA LEU B 488 25.91 -17.14 -16.28
C LEU B 488 26.21 -17.80 -14.94
N ARG B 489 26.69 -17.04 -13.94
CA ARG B 489 27.03 -17.61 -12.65
C ARG B 489 26.24 -16.95 -11.53
N ARG B 490 24.93 -16.82 -11.70
CA ARG B 490 24.10 -16.06 -10.79
C ARG B 490 23.14 -16.98 -10.04
N THR B 491 22.93 -16.67 -8.76
CA THR B 491 22.01 -17.39 -7.90
C THR B 491 20.99 -16.41 -7.33
N ASN B 492 19.73 -16.84 -7.27
CA ASN B 492 18.63 -16.01 -6.80
C ASN B 492 17.93 -16.72 -5.66
N THR B 493 17.62 -15.97 -4.60
CA THR B 493 16.94 -16.52 -3.44
C THR B 493 15.48 -16.13 -3.47
N PRO B 494 14.56 -17.08 -3.62
CA PRO B 494 13.11 -16.78 -3.70
C PRO B 494 12.47 -16.59 -2.32
N ILE B 495 12.52 -15.36 -1.83
CA ILE B 495 11.91 -14.99 -0.55
C ILE B 495 10.41 -15.28 -0.60
N GLY B 496 9.86 -15.72 0.52
CA GLY B 496 8.45 -16.06 0.59
C GLY B 496 7.74 -15.46 1.77
N ARG B 497 8.16 -14.24 2.16
CA ARG B 497 7.57 -13.45 3.24
C ARG B 497 7.79 -14.07 4.61
N ASP B 498 8.44 -15.24 4.66
CA ASP B 498 8.76 -15.90 5.91
C ASP B 498 10.14 -15.54 6.45
N GLY B 499 10.91 -14.73 5.72
CA GLY B 499 12.20 -14.28 6.19
C GLY B 499 12.08 -13.12 7.16
N LYS B 500 13.22 -12.75 7.73
CA LYS B 500 13.29 -11.66 8.70
C LYS B 500 13.92 -10.40 8.09
N LEU B 501 13.71 -10.21 6.78
CA LEU B 501 14.13 -9.00 6.08
C LEU B 501 15.65 -8.89 6.01
N ALA B 502 16.27 -8.41 7.08
CA ALA B 502 17.72 -8.20 7.09
C ALA B 502 18.46 -9.53 7.08
N LYS B 503 17.95 -10.53 7.81
CA LYS B 503 18.60 -11.82 7.99
C LYS B 503 18.98 -12.52 6.68
N PRO B 504 18.08 -12.65 5.70
CA PRO B 504 18.50 -13.27 4.43
C PRO B 504 19.42 -12.40 3.60
N ARG B 505 19.45 -11.08 3.84
CA ARG B 505 20.27 -10.18 3.05
C ARG B 505 21.67 -9.98 3.62
N GLN B 506 21.95 -10.50 4.81
CA GLN B 506 23.25 -10.30 5.43
C GLN B 506 24.31 -11.14 4.76
N LEU B 507 25.55 -10.67 4.81
CA LEU B 507 26.70 -11.42 4.32
C LEU B 507 27.22 -12.29 5.46
N HIS B 508 26.91 -13.58 5.40
CA HIS B 508 27.25 -14.48 6.48
C HIS B 508 28.72 -14.85 6.45
N ASN B 509 29.21 -15.34 7.59
CA ASN B 509 30.58 -15.82 7.66
C ASN B 509 30.81 -17.04 6.77
N THR B 510 29.78 -17.90 6.65
CA THR B 510 29.90 -19.12 5.86
C THR B 510 30.04 -18.85 4.37
N HIS B 511 29.81 -17.62 3.92
CA HIS B 511 29.96 -17.26 2.51
C HIS B 511 31.40 -17.13 2.08
N TRP B 512 32.36 -17.44 2.96
CA TRP B 512 33.77 -17.26 2.63
C TRP B 512 34.18 -18.23 1.54
N GLY B 513 34.61 -17.69 0.40
CA GLY B 513 35.13 -18.50 -0.67
C GLY B 513 34.09 -19.19 -1.54
N LEU B 514 32.81 -18.98 -1.26
CA LEU B 514 31.74 -19.61 -2.03
C LEU B 514 30.93 -18.62 -2.86
N VAL B 515 30.66 -17.43 -2.34
CA VAL B 515 30.01 -16.37 -3.10
C VAL B 515 30.84 -15.11 -2.97
N CYS B 516 30.67 -14.21 -3.92
CA CYS B 516 31.45 -12.98 -3.94
C CYS B 516 30.94 -12.04 -2.86
N PRO B 517 31.81 -11.55 -1.98
CA PRO B 517 31.36 -10.63 -0.92
C PRO B 517 31.18 -9.21 -1.42
N ALA B 518 31.98 -8.81 -2.41
CA ALA B 518 31.98 -7.42 -2.86
C ALA B 518 30.70 -7.07 -3.59
N GLU B 519 30.21 -7.95 -4.46
CA GLU B 519 29.13 -7.61 -5.36
C GLU B 519 27.77 -7.99 -4.78
N THR B 520 26.76 -7.19 -5.12
CA THR B 520 25.35 -7.45 -4.89
C THR B 520 24.54 -6.40 -5.65
N PRO B 521 23.39 -6.76 -6.20
CA PRO B 521 22.58 -5.75 -6.90
C PRO B 521 22.09 -4.68 -5.96
N GLU B 522 21.92 -3.47 -6.50
CA GLU B 522 21.47 -2.33 -5.71
C GLU B 522 19.95 -2.25 -5.77
N GLY B 523 19.32 -2.06 -4.61
CA GLY B 523 17.89 -1.95 -4.51
C GLY B 523 17.30 -3.07 -3.67
N GLN B 524 16.09 -3.49 -4.05
CA GLN B 524 15.39 -4.54 -3.31
C GLN B 524 16.03 -5.91 -3.51
N ALA B 525 16.86 -6.07 -4.53
CA ALA B 525 17.53 -7.34 -4.79
C ALA B 525 18.81 -7.52 -4.00
N CYS B 526 19.18 -6.55 -3.17
CA CYS B 526 20.42 -6.64 -2.41
C CYS B 526 20.34 -7.76 -1.38
N GLY B 527 21.35 -8.62 -1.35
CA GLY B 527 21.40 -9.73 -0.43
C GLY B 527 20.61 -10.95 -0.85
N LEU B 528 19.80 -10.85 -1.91
CA LEU B 528 19.05 -11.98 -2.41
C LEU B 528 19.59 -12.56 -3.70
N VAL B 529 20.31 -11.77 -4.49
CA VAL B 529 20.94 -12.23 -5.71
C VAL B 529 22.45 -12.22 -5.49
N LYS B 530 23.09 -13.37 -5.67
CA LYS B 530 24.52 -13.52 -5.43
C LYS B 530 25.20 -14.09 -6.66
N ASN B 531 26.52 -13.97 -6.70
CA ASN B 531 27.33 -14.62 -7.72
C ASN B 531 28.39 -15.47 -7.03
N LEU B 532 28.61 -16.66 -7.60
CA LEU B 532 29.54 -17.61 -7.01
C LEU B 532 30.97 -17.09 -7.06
N SER B 533 31.78 -17.55 -6.12
CA SER B 533 33.19 -17.22 -6.14
C SER B 533 33.85 -17.85 -7.35
N LEU B 534 35.07 -17.40 -7.65
CA LEU B 534 35.70 -17.72 -8.93
C LEU B 534 36.15 -19.17 -8.99
N LEU B 535 36.20 -19.88 -7.87
CA LEU B 535 36.56 -21.29 -7.84
C LEU B 535 35.44 -22.19 -7.33
N SER B 536 34.25 -21.65 -7.11
CA SER B 536 33.17 -22.45 -6.54
C SER B 536 32.65 -23.47 -7.56
N GLY B 537 32.01 -24.50 -7.03
CA GLY B 537 31.40 -25.52 -7.87
C GLY B 537 30.16 -26.07 -7.21
N ILE B 538 29.34 -26.74 -8.00
CA ILE B 538 28.08 -27.32 -7.55
C ILE B 538 28.17 -28.84 -7.67
N SER B 539 27.81 -29.53 -6.60
CA SER B 539 27.87 -30.99 -6.61
C SER B 539 26.84 -31.56 -7.57
N ILE B 540 27.25 -32.61 -8.30
CA ILE B 540 26.36 -33.24 -9.26
C ILE B 540 25.45 -34.26 -8.59
N GLY B 541 26.00 -35.04 -7.67
CA GLY B 541 25.19 -36.06 -7.00
C GLY B 541 25.74 -37.43 -7.29
N SER B 542 25.87 -38.23 -6.23
CA SER B 542 26.41 -39.57 -6.34
C SER B 542 25.51 -40.56 -5.62
N PRO B 543 25.42 -41.80 -6.11
CA PRO B 543 24.67 -42.81 -5.38
C PRO B 543 25.31 -43.13 -4.05
N SER B 544 24.47 -43.43 -3.06
CA SER B 544 24.94 -43.68 -1.70
C SER B 544 25.18 -45.15 -1.40
N GLU B 545 24.87 -46.05 -2.34
CA GLU B 545 25.08 -47.47 -2.12
C GLU B 545 26.55 -47.83 -1.88
N PRO B 546 27.52 -47.36 -2.68
CA PRO B 546 28.92 -47.66 -2.36
C PRO B 546 29.35 -47.16 -0.99
N ILE B 547 28.82 -46.01 -0.55
CA ILE B 547 29.15 -45.51 0.78
C ILE B 547 28.63 -46.47 1.84
N ILE B 548 27.40 -46.95 1.68
CA ILE B 548 26.84 -47.90 2.64
C ILE B 548 27.65 -49.18 2.67
N ASN B 549 28.05 -49.68 1.50
CA ASN B 549 28.86 -50.90 1.45
C ASN B 549 30.20 -50.69 2.14
N PHE B 550 30.85 -49.55 1.88
CA PHE B 550 32.13 -49.27 2.51
C PHE B 550 31.99 -49.17 4.03
N LEU B 551 30.92 -48.53 4.50
CA LEU B 551 30.70 -48.42 5.94
C LEU B 551 30.47 -49.78 6.57
N GLU B 552 29.61 -50.60 5.94
CA GLU B 552 29.33 -51.93 6.48
C GLU B 552 30.56 -52.82 6.49
N GLU B 553 31.44 -52.64 5.50
CA GLU B 553 32.68 -53.43 5.47
C GLU B 553 33.61 -53.06 6.63
N TRP B 554 33.53 -51.82 7.11
CA TRP B 554 34.48 -51.32 8.11
C TRP B 554 33.91 -51.35 9.53
N GLY B 555 33.15 -52.39 9.88
CA GLY B 555 32.73 -52.58 11.25
C GLY B 555 31.55 -51.75 11.69
N MET B 556 30.81 -51.14 10.78
CA MET B 556 29.61 -50.40 11.14
C MET B 556 28.54 -51.34 11.67
N GLU B 557 27.84 -50.89 12.71
CA GLU B 557 26.78 -51.68 13.32
C GLU B 557 25.42 -51.07 13.01
N PRO B 558 24.45 -51.86 12.58
CA PRO B 558 23.13 -51.30 12.26
C PRO B 558 22.38 -50.89 13.51
N LEU B 559 21.23 -50.26 13.28
CA LEU B 559 20.37 -49.83 14.37
C LEU B 559 19.60 -50.97 15.02
N GLU B 560 19.46 -52.11 14.31
CA GLU B 560 18.67 -53.21 14.85
C GLU B 560 19.29 -53.80 16.10
N ASP B 561 20.62 -53.95 16.12
CA ASP B 561 21.34 -54.46 17.27
C ASP B 561 21.94 -53.33 18.12
N TYR B 562 21.29 -52.18 18.16
CA TYR B 562 21.79 -51.02 18.88
C TYR B 562 21.05 -50.90 20.21
N ASP B 563 21.81 -51.02 21.31
CA ASP B 563 21.25 -50.81 22.63
C ASP B 563 21.78 -49.48 23.18
N PRO B 564 20.92 -48.48 23.39
CA PRO B 564 21.42 -47.18 23.85
C PRO B 564 22.08 -47.21 25.21
N ALA B 565 21.74 -48.19 26.07
CA ALA B 565 22.35 -48.26 27.39
C ALA B 565 23.83 -48.59 27.29
N GLN B 566 24.18 -49.63 26.54
CA GLN B 566 25.59 -50.00 26.41
C GLN B 566 26.34 -49.07 25.46
N HIS B 567 25.65 -48.44 24.52
CA HIS B 567 26.29 -47.57 23.54
C HIS B 567 26.22 -46.12 23.97
N THR B 568 26.85 -45.84 25.12
CA THR B 568 26.96 -44.46 25.60
C THR B 568 28.14 -43.72 25.00
N LYS B 569 29.07 -44.43 24.36
CA LYS B 569 30.23 -43.82 23.73
C LYS B 569 30.24 -44.00 22.22
N SER B 570 29.27 -44.72 21.66
CA SER B 570 29.24 -44.95 20.22
C SER B 570 28.94 -43.66 19.47
N THR B 571 29.43 -43.59 18.24
CA THR B 571 29.23 -42.45 17.37
C THR B 571 28.18 -42.79 16.33
N ARG B 572 27.14 -41.96 16.23
CA ARG B 572 26.12 -42.16 15.22
C ARG B 572 26.64 -41.77 13.84
N ILE B 573 26.14 -42.46 12.82
CA ILE B 573 26.56 -42.24 11.44
C ILE B 573 25.34 -41.83 10.63
N PHE B 574 25.47 -40.72 9.91
CA PHE B 574 24.40 -40.21 9.06
C PHE B 574 24.88 -40.18 7.61
N VAL B 575 24.07 -40.74 6.72
CA VAL B 575 24.37 -40.73 5.29
C VAL B 575 23.24 -39.98 4.59
N ASN B 576 23.60 -38.88 3.92
CA ASN B 576 22.66 -38.05 3.18
C ASN B 576 21.51 -37.54 4.04
N GLY B 577 21.71 -37.44 5.36
CA GLY B 577 20.73 -36.87 6.24
C GLY B 577 19.85 -37.85 6.99
N VAL B 578 20.08 -39.16 6.84
CA VAL B 578 19.30 -40.17 7.54
C VAL B 578 20.24 -40.99 8.41
N TRP B 579 19.82 -41.24 9.65
CA TRP B 579 20.61 -42.06 10.56
C TRP B 579 20.59 -43.51 10.08
N THR B 580 21.77 -44.10 9.92
CA THR B 580 21.89 -45.46 9.41
C THR B 580 22.52 -46.45 10.39
N GLY B 581 23.27 -45.99 11.38
CA GLY B 581 23.86 -46.92 12.32
C GLY B 581 24.78 -46.21 13.29
N ILE B 582 25.51 -47.03 14.06
CA ILE B 582 26.45 -46.54 15.06
C ILE B 582 27.78 -47.27 14.86
N HIS B 583 28.85 -46.66 15.38
CA HIS B 583 30.17 -47.26 15.34
C HIS B 583 30.86 -47.05 16.68
N ARG B 584 31.83 -47.91 16.98
CA ARG B 584 32.57 -47.81 18.23
C ARG B 584 33.77 -46.87 18.10
N ASP B 585 34.67 -47.16 17.17
CA ASP B 585 35.85 -46.34 16.96
C ASP B 585 35.70 -45.55 15.66
N PRO B 586 35.46 -44.24 15.72
CA PRO B 586 35.27 -43.47 14.50
C PRO B 586 36.54 -42.89 13.89
N SER B 587 37.65 -42.88 14.63
CA SER B 587 38.87 -42.25 14.11
C SER B 587 39.41 -43.01 12.90
N MET B 588 39.55 -44.33 13.04
CA MET B 588 40.01 -45.12 11.91
C MET B 588 39.01 -45.09 10.76
N LEU B 589 37.72 -45.02 11.08
CA LEU B 589 36.70 -44.99 10.05
C LEU B 589 36.81 -43.71 9.22
N VAL B 590 36.91 -42.55 9.88
CA VAL B 590 37.02 -41.31 9.13
C VAL B 590 38.35 -41.22 8.40
N SER B 591 39.42 -41.76 8.99
CA SER B 591 40.71 -41.76 8.29
C SER B 591 40.63 -42.58 7.02
N THR B 592 40.03 -43.77 7.10
CA THR B 592 39.91 -44.63 5.93
C THR B 592 39.01 -44.00 4.88
N MET B 593 37.90 -43.39 5.29
CA MET B 593 36.99 -42.75 4.34
C MET B 593 37.69 -41.59 3.64
N ARG B 594 38.42 -40.77 4.39
CA ARG B 594 39.14 -39.66 3.79
C ARG B 594 40.21 -40.15 2.82
N ASP B 595 40.92 -41.22 3.20
CA ASP B 595 41.93 -41.78 2.29
C ASP B 595 41.29 -42.32 1.01
N LEU B 596 40.14 -42.97 1.14
CA LEU B 596 39.45 -43.48 -0.05
C LEU B 596 38.99 -42.35 -0.95
N ARG B 597 38.47 -41.27 -0.36
CA ARG B 597 38.05 -40.13 -1.16
C ARG B 597 39.25 -39.48 -1.85
N ARG B 598 40.37 -39.35 -1.15
CA ARG B 598 41.53 -38.71 -1.75
C ARG B 598 42.13 -39.58 -2.85
N SER B 599 42.09 -40.91 -2.68
CA SER B 599 42.64 -41.81 -3.68
C SER B 599 41.79 -41.89 -4.94
N GLY B 600 40.58 -41.33 -4.93
CA GLY B 600 39.70 -41.39 -6.07
C GLY B 600 38.72 -42.54 -6.07
N ALA B 601 38.79 -43.43 -5.08
CA ALA B 601 37.82 -44.52 -5.01
C ALA B 601 36.40 -43.99 -4.80
N ILE B 602 36.26 -42.99 -3.95
CA ILE B 602 34.99 -42.31 -3.72
C ILE B 602 34.99 -41.03 -4.55
N SER B 603 33.80 -40.57 -4.91
CA SER B 603 33.67 -39.34 -5.69
C SER B 603 34.23 -38.18 -4.89
N PRO B 604 35.05 -37.32 -5.50
CA PRO B 604 35.70 -36.24 -4.72
C PRO B 604 34.74 -35.23 -4.14
N GLU B 605 33.51 -35.15 -4.65
CA GLU B 605 32.54 -34.17 -4.16
C GLU B 605 31.72 -34.70 -2.99
N VAL B 606 32.01 -35.89 -2.49
CA VAL B 606 31.31 -36.45 -1.34
C VAL B 606 31.85 -35.80 -0.07
N SER B 607 30.95 -35.22 0.72
CA SER B 607 31.34 -34.51 1.94
C SER B 607 31.42 -35.49 3.10
N ILE B 608 32.57 -35.49 3.79
CA ILE B 608 32.80 -36.32 4.97
C ILE B 608 33.07 -35.40 6.14
N ILE B 609 32.25 -35.50 7.18
CA ILE B 609 32.31 -34.58 8.32
C ILE B 609 32.28 -35.41 9.60
N ARG B 610 33.17 -35.07 10.53
CA ARG B 610 33.21 -35.73 11.83
C ARG B 610 33.07 -34.66 12.91
N ASP B 611 31.86 -34.53 13.46
CA ASP B 611 31.60 -33.56 14.54
C ASP B 611 31.79 -34.31 15.85
N ILE B 612 32.95 -34.09 16.49
CA ILE B 612 33.34 -34.88 17.65
C ILE B 612 32.74 -34.38 18.95
N ARG B 613 32.15 -33.18 18.95
CA ARG B 613 31.60 -32.64 20.19
C ARG B 613 30.44 -33.49 20.71
N GLU B 614 29.57 -33.95 19.81
CA GLU B 614 28.47 -34.84 20.19
C GLU B 614 28.56 -36.20 19.50
N ARG B 615 29.76 -36.57 19.02
CA ARG B 615 30.04 -37.90 18.47
C ARG B 615 29.11 -38.22 17.30
N GLU B 616 29.26 -37.45 16.23
CA GLU B 616 28.47 -37.65 15.02
C GLU B 616 29.38 -37.71 13.82
N PHE B 617 29.02 -38.56 12.86
CA PHE B 617 29.77 -38.74 11.61
C PHE B 617 28.77 -38.65 10.46
N LYS B 618 28.90 -37.61 9.65
CA LYS B 618 27.95 -37.33 8.58
C LYS B 618 28.63 -37.45 7.22
N ILE B 619 27.93 -38.08 6.29
CA ILE B 619 28.38 -38.22 4.91
C ILE B 619 27.27 -37.70 4.00
N PHE B 620 27.63 -36.77 3.12
CA PHE B 620 26.68 -36.14 2.22
C PHE B 620 27.08 -36.42 0.78
N THR B 621 26.13 -36.95 0.00
CA THR B 621 26.31 -37.17 -1.43
C THR B 621 25.19 -36.51 -2.22
N ASP B 622 24.66 -35.41 -1.70
CA ASP B 622 23.49 -34.78 -2.28
C ASP B 622 23.83 -34.03 -3.56
N VAL B 623 22.85 -33.33 -4.09
CA VAL B 623 23.00 -32.49 -5.28
C VAL B 623 22.73 -31.04 -4.88
N GLY B 624 23.55 -30.13 -5.40
CA GLY B 624 23.39 -28.73 -5.13
C GLY B 624 24.32 -28.16 -4.08
N ARG B 625 25.13 -28.99 -3.44
CA ARG B 625 26.08 -28.48 -2.45
C ARG B 625 27.16 -27.65 -3.15
N VAL B 626 27.59 -26.59 -2.47
CA VAL B 626 28.61 -25.69 -3.00
C VAL B 626 29.93 -26.00 -2.31
N TYR B 627 30.98 -26.22 -3.11
CA TYR B 627 32.28 -26.59 -2.57
C TYR B 627 33.37 -25.81 -3.27
N ARG B 628 34.52 -25.73 -2.61
CA ARG B 628 35.70 -25.09 -3.16
C ARG B 628 36.91 -26.00 -2.95
N PRO B 629 37.90 -25.91 -3.83
CA PRO B 629 39.10 -26.73 -3.66
C PRO B 629 40.11 -26.10 -2.71
N LEU B 630 40.88 -26.96 -2.04
CA LEU B 630 41.88 -26.51 -1.08
C LEU B 630 43.08 -27.43 -1.14
N PHE B 631 44.25 -26.86 -0.86
CA PHE B 631 45.46 -27.64 -0.71
C PHE B 631 45.35 -28.53 0.52
N ILE B 632 46.03 -29.68 0.47
CA ILE B 632 46.03 -30.63 1.56
C ILE B 632 47.39 -30.56 2.25
N VAL B 633 47.38 -30.18 3.52
CA VAL B 633 48.60 -30.09 4.31
C VAL B 633 48.78 -31.40 5.06
N GLU B 634 49.98 -31.99 4.94
CA GLU B 634 50.24 -33.25 5.61
C GLU B 634 50.14 -33.07 7.12
N ASP B 635 49.42 -33.99 7.77
CA ASP B 635 49.15 -33.90 9.20
C ASP B 635 49.44 -35.18 9.97
N ASP B 636 49.87 -36.25 9.31
CA ASP B 636 50.16 -37.50 10.00
C ASP B 636 51.45 -37.36 10.79
N GLU B 637 51.39 -37.60 12.10
CA GLU B 637 52.56 -37.51 12.96
C GLU B 637 53.35 -38.83 12.92
N SER B 638 53.73 -39.22 11.70
CA SER B 638 54.51 -40.42 11.51
C SER B 638 55.60 -40.23 10.46
N LYS B 639 55.80 -39.01 9.95
CA LYS B 639 56.80 -38.76 8.93
C LYS B 639 57.25 -37.30 9.02
N ASP B 640 58.39 -37.02 8.40
CA ASP B 640 58.95 -35.68 8.40
C ASP B 640 58.15 -34.70 7.56
N ASN B 641 57.22 -35.18 6.73
CA ASN B 641 56.43 -34.31 5.88
C ASN B 641 55.33 -33.58 6.63
N LYS B 642 55.12 -33.88 7.90
CA LYS B 642 54.06 -33.26 8.67
C LYS B 642 54.26 -31.75 8.75
N GLY B 643 53.16 -31.01 8.62
CA GLY B 643 53.20 -29.56 8.67
C GLY B 643 53.59 -28.89 7.38
N GLU B 644 53.72 -29.63 6.28
CA GLU B 644 54.11 -29.08 5.00
C GLU B 644 53.07 -29.43 3.94
N LEU B 645 53.09 -28.67 2.85
CA LEU B 645 52.17 -28.92 1.75
C LEU B 645 52.48 -30.27 1.10
N ARG B 646 51.41 -31.01 0.79
CA ARG B 646 51.59 -32.28 0.10
C ARG B 646 52.11 -32.07 -1.32
N ILE B 647 51.64 -31.02 -1.98
CA ILE B 647 52.07 -30.73 -3.35
C ILE B 647 53.52 -30.29 -3.33
N THR B 648 54.31 -30.80 -4.28
CA THR B 648 55.72 -30.47 -4.43
C THR B 648 55.96 -29.83 -5.79
N LYS B 649 57.23 -29.51 -6.04
CA LYS B 649 57.60 -28.99 -7.35
C LYS B 649 57.45 -30.04 -8.45
N GLU B 650 57.47 -31.32 -8.09
CA GLU B 650 57.28 -32.37 -9.08
C GLU B 650 55.89 -32.30 -9.72
N HIS B 651 54.87 -32.05 -8.90
CA HIS B 651 53.52 -31.91 -9.43
C HIS B 651 53.42 -30.70 -10.36
N ILE B 652 54.07 -29.60 -9.99
CA ILE B 652 54.06 -28.41 -10.85
C ILE B 652 54.75 -28.71 -12.17
N ARG B 653 55.88 -29.41 -12.12
CA ARG B 653 56.59 -29.77 -13.35
C ARG B 653 55.74 -30.68 -14.23
N LYS B 654 55.05 -31.64 -13.62
CA LYS B 654 54.18 -32.52 -14.39
C LYS B 654 53.03 -31.75 -15.02
N ILE B 655 52.45 -30.80 -14.28
CA ILE B 655 51.36 -29.99 -14.80
C ILE B 655 51.85 -29.15 -15.98
N GLN B 656 53.02 -28.54 -15.86
CA GLN B 656 53.57 -27.74 -16.95
C GLN B 656 53.88 -28.61 -18.17
N GLN B 657 54.39 -29.82 -17.94
CA GLN B 657 54.64 -30.74 -19.04
C GLN B 657 53.33 -31.18 -19.70
N GLY B 658 52.29 -31.36 -18.90
CA GLY B 658 51.01 -31.84 -19.41
C GLY B 658 50.84 -33.34 -19.38
N TYR B 659 51.86 -34.09 -18.98
CA TYR B 659 51.78 -35.54 -18.92
C TYR B 659 52.68 -36.04 -17.80
N ASP B 660 52.33 -37.20 -17.25
CA ASP B 660 53.13 -37.81 -16.20
C ASP B 660 54.33 -38.53 -16.80
N ASP B 661 55.31 -38.80 -15.96
CA ASP B 661 56.51 -39.53 -16.37
C ASP B 661 56.32 -41.04 -16.26
N ASP B 662 55.25 -41.53 -16.89
CA ASP B 662 54.90 -42.95 -16.90
C ASP B 662 54.81 -43.54 -15.50
N VAL B 675 47.02 -37.70 -19.87
CA VAL B 675 47.23 -36.28 -19.60
C VAL B 675 47.17 -36.02 -18.10
N TYR B 676 48.10 -35.21 -17.60
CA TYR B 676 48.18 -34.85 -16.19
C TYR B 676 47.54 -33.48 -16.03
N GLY B 677 46.37 -33.44 -15.39
CA GLY B 677 45.65 -32.20 -15.23
C GLY B 677 45.11 -31.97 -13.83
N TRP B 678 44.05 -31.17 -13.73
CA TRP B 678 43.48 -30.87 -12.42
C TRP B 678 42.93 -32.11 -11.76
N SER B 679 42.26 -32.97 -12.52
CA SER B 679 41.74 -34.21 -11.96
C SER B 679 42.87 -35.11 -11.48
N SER B 680 44.01 -35.08 -12.16
CA SER B 680 45.17 -35.83 -11.70
C SER B 680 45.66 -35.30 -10.36
N LEU B 681 45.63 -33.97 -10.18
CA LEU B 681 45.99 -33.40 -8.90
C LEU B 681 45.01 -33.81 -7.81
N VAL B 682 43.72 -33.81 -8.12
CA VAL B 682 42.71 -34.16 -7.12
C VAL B 682 42.85 -35.63 -6.71
N THR B 683 43.03 -36.53 -7.69
CA THR B 683 43.09 -37.94 -7.38
C THR B 683 44.42 -38.34 -6.75
N SER B 684 45.44 -37.51 -6.83
CA SER B 684 46.72 -37.80 -6.20
C SER B 684 46.75 -37.43 -4.72
N GLY B 685 45.68 -36.85 -4.20
CA GLY B 685 45.61 -36.54 -2.79
C GLY B 685 46.35 -35.29 -2.36
N VAL B 686 46.49 -34.31 -3.24
CA VAL B 686 47.11 -33.04 -2.88
C VAL B 686 46.14 -31.88 -2.86
N ILE B 687 44.99 -31.99 -3.53
CA ILE B 687 43.95 -30.96 -3.54
C ILE B 687 42.62 -31.65 -3.35
N GLU B 688 41.80 -31.15 -2.42
CA GLU B 688 40.51 -31.77 -2.15
C GLU B 688 39.43 -30.71 -2.04
N TYR B 689 38.20 -31.11 -2.35
CA TYR B 689 37.05 -30.22 -2.31
C TYR B 689 36.41 -30.25 -0.93
N VAL B 690 36.11 -29.08 -0.39
CA VAL B 690 35.40 -28.94 0.87
C VAL B 690 34.21 -28.02 0.67
N ASP B 691 33.08 -28.39 1.24
CA ASP B 691 31.87 -27.59 1.15
C ASP B 691 31.73 -26.70 2.39
N GLY B 692 30.60 -26.01 2.50
CA GLY B 692 30.41 -25.11 3.63
C GLY B 692 30.31 -25.83 4.95
N GLU B 693 29.67 -26.99 4.97
CA GLU B 693 29.45 -27.71 6.23
C GLU B 693 30.71 -28.40 6.72
N GLU B 694 31.59 -28.84 5.81
CA GLU B 694 32.84 -29.46 6.22
C GLU B 694 33.81 -28.43 6.79
N GLU B 695 33.71 -27.17 6.33
CA GLU B 695 34.62 -26.12 6.79
C GLU B 695 34.54 -25.90 8.29
N GLU B 696 33.46 -26.35 8.92
CA GLU B 696 33.32 -26.27 10.37
C GLU B 696 34.42 -27.03 11.11
N THR B 697 35.00 -28.06 10.49
CA THR B 697 35.87 -28.99 11.20
C THR B 697 37.29 -29.03 10.67
N ILE B 698 37.75 -27.98 10.00
CA ILE B 698 39.10 -27.95 9.46
C ILE B 698 39.80 -26.66 9.88
N MET B 699 41.12 -26.68 9.78
CA MET B 699 41.96 -25.52 10.06
C MET B 699 42.66 -25.11 8.76
N ILE B 700 42.48 -23.85 8.37
CA ILE B 700 42.94 -23.37 7.08
C ILE B 700 43.96 -22.26 7.28
N ALA B 701 45.03 -22.29 6.50
CA ALA B 701 46.04 -21.23 6.49
C ALA B 701 45.83 -20.36 5.26
N MET B 702 46.05 -19.04 5.44
CA MET B 702 45.88 -18.11 4.33
C MET B 702 46.89 -18.37 3.22
N THR B 703 48.15 -18.54 3.56
CA THR B 703 49.23 -18.64 2.60
C THR B 703 50.18 -19.76 3.00
N PRO B 704 50.95 -20.29 2.05
CA PRO B 704 51.97 -21.29 2.42
C PRO B 704 52.98 -20.75 3.43
N GLU B 705 53.28 -19.45 3.38
CA GLU B 705 54.23 -18.87 4.34
C GLU B 705 53.71 -18.99 5.77
N ASP B 706 52.40 -19.08 5.95
CA ASP B 706 51.85 -19.27 7.29
C ASP B 706 52.07 -20.67 7.83
N LEU B 707 52.41 -21.63 6.96
CA LEU B 707 52.68 -22.98 7.44
C LEU B 707 53.91 -23.02 8.33
N GLN B 708 54.95 -22.30 7.98
CA GLN B 708 56.19 -22.27 8.75
C GLN B 708 56.24 -20.99 9.58
N THR B 709 56.37 -21.14 10.89
CA THR B 709 56.47 -19.99 11.78
C THR B 709 57.86 -19.38 11.69
N ARG B 710 57.92 -18.06 11.56
CA ARG B 710 59.19 -17.36 11.47
C ARG B 710 59.75 -17.13 12.86
N SER B 711 60.82 -16.35 12.95
CA SER B 711 61.45 -16.05 14.24
C SER B 711 60.60 -15.08 15.06
N LEU B 719 62.10 -7.26 8.11
CA LEU B 719 61.10 -6.98 9.14
C LEU B 719 61.14 -5.51 9.55
N ASN B 720 60.18 -5.12 10.39
CA ASN B 720 60.09 -3.76 10.94
C ASN B 720 60.02 -2.71 9.84
N ASP B 721 59.22 -2.99 8.80
CA ASP B 721 59.04 -2.09 7.68
C ASP B 721 57.64 -1.49 7.74
N THR B 722 57.57 -0.16 7.63
CA THR B 722 56.30 0.55 7.72
C THR B 722 55.50 0.52 6.42
N ALA B 723 56.12 0.16 5.29
CA ALA B 723 55.41 0.18 4.02
C ALA B 723 54.42 -0.98 3.91
N LYS B 724 54.81 -2.16 4.36
CA LYS B 724 53.97 -3.34 4.21
C LYS B 724 52.86 -3.36 5.27
N ARG B 725 51.86 -4.18 5.02
CA ARG B 725 50.74 -4.33 5.94
C ARG B 725 51.14 -5.21 7.12
N ILE B 726 50.26 -5.28 8.11
CA ILE B 726 50.52 -6.01 9.34
C ILE B 726 49.71 -7.30 9.31
N LYS B 727 50.40 -8.44 9.38
CA LYS B 727 49.76 -9.74 9.43
C LYS B 727 49.26 -10.02 10.85
N PRO B 728 48.28 -10.92 10.99
CA PRO B 728 47.81 -11.28 12.33
C PRO B 728 48.92 -11.87 13.18
N GLU B 729 48.86 -11.57 14.48
CA GLU B 729 49.92 -11.99 15.39
C GLU B 729 50.01 -13.50 15.51
N MET B 730 48.86 -14.17 15.62
CA MET B 730 48.78 -15.62 15.79
C MET B 730 49.58 -16.05 17.03
N SER B 731 49.04 -15.62 18.18
CA SER B 731 49.67 -15.90 19.46
C SER B 731 48.71 -16.51 20.47
N THR B 732 47.49 -16.87 20.05
CA THR B 732 46.55 -17.51 20.97
C THR B 732 47.02 -18.92 21.34
N SER B 733 47.59 -19.64 20.38
CA SER B 733 48.11 -20.98 20.61
C SER B 733 49.62 -20.99 20.42
N SER B 734 50.30 -21.83 21.22
CA SER B 734 51.74 -21.96 21.10
C SER B 734 52.14 -22.51 19.74
N HIS B 735 51.37 -23.49 19.24
CA HIS B 735 51.61 -24.07 17.93
C HIS B 735 50.28 -24.29 17.23
N HIS B 736 50.31 -24.29 15.91
CA HIS B 736 49.10 -24.45 15.09
C HIS B 736 49.23 -25.70 14.24
N THR B 737 48.16 -26.50 14.21
CA THR B 737 48.11 -27.73 13.43
C THR B 737 47.19 -27.48 12.24
N PHE B 738 47.74 -26.95 11.16
CA PHE B 738 46.97 -26.67 9.97
C PHE B 738 46.65 -27.96 9.21
N THR B 739 45.44 -28.04 8.67
CA THR B 739 45.03 -29.17 7.87
C THR B 739 44.89 -28.85 6.38
N HIS B 740 44.67 -27.58 6.04
CA HIS B 740 44.54 -27.17 4.65
C HIS B 740 45.13 -25.79 4.48
N CYS B 741 45.44 -25.44 3.23
CA CYS B 741 45.96 -24.13 2.89
C CYS B 741 45.21 -23.59 1.69
N GLU B 742 44.90 -22.29 1.74
CA GLU B 742 44.20 -21.66 0.63
C GLU B 742 45.09 -21.59 -0.59
N ILE B 743 44.51 -21.86 -1.77
CA ILE B 743 45.27 -21.75 -3.00
C ILE B 743 45.67 -20.32 -3.26
N HIS B 744 44.72 -19.39 -3.16
CA HIS B 744 44.99 -17.96 -3.21
C HIS B 744 43.78 -17.20 -2.67
N PRO B 745 44.00 -16.26 -1.75
CA PRO B 745 42.85 -15.51 -1.19
C PRO B 745 42.07 -14.73 -2.23
N SER B 746 42.74 -14.23 -3.28
CA SER B 746 42.05 -13.45 -4.30
C SER B 746 40.98 -14.23 -5.03
N MET B 747 40.94 -15.55 -4.85
CA MET B 747 39.90 -16.39 -5.45
C MET B 747 38.58 -16.33 -4.70
N ILE B 748 38.51 -15.63 -3.56
CA ILE B 748 37.23 -15.48 -2.89
C ILE B 748 36.29 -14.51 -3.59
N LEU B 749 36.79 -13.77 -4.58
CA LEU B 749 35.99 -12.79 -5.29
C LEU B 749 35.28 -13.45 -6.48
N GLY B 750 34.27 -12.74 -6.99
CA GLY B 750 33.52 -13.19 -8.14
C GLY B 750 34.13 -12.70 -9.44
N VAL B 751 33.36 -12.88 -10.52
CA VAL B 751 33.82 -12.44 -11.84
C VAL B 751 33.84 -10.93 -11.92
N ALA B 752 32.78 -10.27 -11.44
CA ALA B 752 32.71 -8.82 -11.51
C ALA B 752 33.77 -8.17 -10.65
N ALA B 753 33.99 -8.68 -9.43
CA ALA B 753 34.96 -8.09 -8.53
C ALA B 753 36.39 -8.35 -8.95
N SER B 754 36.63 -9.35 -9.80
CA SER B 754 37.97 -9.65 -10.25
C SER B 754 38.53 -8.59 -11.20
N ILE B 755 37.70 -7.68 -11.70
CA ILE B 755 38.18 -6.63 -12.58
C ILE B 755 38.75 -5.45 -11.82
N ILE B 756 38.36 -5.27 -10.56
CA ILE B 756 38.79 -4.13 -9.78
C ILE B 756 40.27 -4.26 -9.44
N PRO B 757 41.10 -3.28 -9.81
CA PRO B 757 42.52 -3.31 -9.40
C PRO B 757 42.64 -2.84 -7.96
N PHE B 758 43.42 -3.59 -7.17
CA PHE B 758 43.62 -3.33 -5.75
C PHE B 758 42.31 -3.15 -4.99
N PRO B 759 41.42 -4.16 -4.98
CA PRO B 759 40.17 -4.03 -4.22
C PRO B 759 40.39 -3.94 -2.72
N ASP B 760 41.55 -4.34 -2.22
CA ASP B 760 41.84 -4.29 -0.79
C ASP B 760 42.21 -2.89 -0.31
N HIS B 761 42.34 -1.92 -1.22
CA HIS B 761 42.64 -0.55 -0.85
C HIS B 761 41.42 0.36 -0.95
N ASN B 762 40.22 -0.21 -1.04
CA ASN B 762 39.01 0.56 -1.23
C ASN B 762 38.02 0.29 -0.11
N GLN B 763 37.05 1.19 0.03
CA GLN B 763 35.90 0.95 0.87
C GLN B 763 34.95 -0.03 0.18
N SER B 764 34.37 -0.93 0.96
CA SER B 764 33.51 -1.97 0.38
C SER B 764 32.30 -1.42 -0.40
N PRO B 765 31.59 -0.38 0.03
CA PRO B 765 30.51 0.14 -0.82
C PRO B 765 30.99 0.59 -2.20
N ARG B 766 32.21 1.11 -2.30
CA ARG B 766 32.74 1.48 -3.60
C ARG B 766 32.93 0.25 -4.48
N ASN B 767 33.42 -0.84 -3.89
CA ASN B 767 33.55 -2.09 -4.64
C ASN B 767 32.19 -2.59 -5.12
N THR B 768 31.19 -2.52 -4.25
CA THR B 768 29.84 -2.93 -4.64
C THR B 768 29.30 -2.07 -5.77
N TYR B 769 29.50 -0.74 -5.68
CA TYR B 769 29.03 0.15 -6.72
C TYR B 769 29.73 -0.13 -8.06
N GLN B 770 31.04 -0.38 -8.02
CA GLN B 770 31.77 -0.69 -9.24
C GLN B 770 31.28 -2.01 -9.84
N SER B 771 31.04 -3.02 -8.98
CA SER B 771 30.53 -4.29 -9.48
C SER B 771 29.17 -4.12 -10.13
N ALA B 772 28.31 -3.30 -9.54
CA ALA B 772 26.99 -3.04 -10.13
C ALA B 772 27.12 -2.30 -11.46
N MET B 773 28.00 -1.31 -11.54
CA MET B 773 28.13 -0.51 -12.75
C MET B 773 28.93 -1.21 -13.84
N GLY B 774 29.64 -2.29 -13.52
CA GLY B 774 30.45 -2.96 -14.52
C GLY B 774 29.64 -3.53 -15.68
N LYS B 775 28.43 -4.01 -15.41
CA LYS B 775 27.62 -4.61 -16.46
C LYS B 775 27.11 -3.58 -17.46
N GLN B 776 27.14 -2.30 -17.11
CA GLN B 776 26.69 -1.25 -18.01
C GLN B 776 27.81 -0.71 -18.89
N ALA B 777 28.99 -1.32 -18.84
CA ALA B 777 30.12 -0.82 -19.62
C ALA B 777 29.93 -1.11 -21.10
N MET B 778 30.85 -0.59 -21.90
CA MET B 778 30.83 -0.76 -23.36
C MET B 778 32.09 -1.51 -23.78
N GLY B 779 31.91 -2.53 -24.62
CA GLY B 779 33.05 -3.28 -25.09
C GLY B 779 32.63 -4.25 -26.16
N VAL B 780 33.59 -5.10 -26.57
CA VAL B 780 33.36 -6.10 -27.59
C VAL B 780 32.89 -7.36 -26.89
N PHE B 781 31.58 -7.61 -26.93
CA PHE B 781 31.03 -8.77 -26.23
C PHE B 781 31.42 -10.07 -26.91
N LEU B 782 31.48 -10.08 -28.24
CA LEU B 782 31.86 -11.26 -28.98
C LEU B 782 32.54 -10.84 -30.27
N THR B 783 33.32 -11.76 -30.85
CA THR B 783 34.02 -11.48 -32.09
C THR B 783 33.13 -11.65 -33.32
N ASN B 784 31.96 -12.27 -33.18
CA ASN B 784 31.03 -12.45 -34.30
C ASN B 784 29.86 -11.50 -34.20
N TYR B 785 30.08 -10.28 -33.70
CA TYR B 785 29.00 -9.31 -33.59
C TYR B 785 28.46 -8.92 -34.95
N ASN B 786 29.26 -9.03 -36.00
CA ASN B 786 28.82 -8.63 -37.33
C ASN B 786 27.74 -9.56 -37.86
N VAL B 787 27.85 -10.85 -37.58
CA VAL B 787 26.90 -11.82 -38.13
C VAL B 787 25.66 -11.98 -37.26
N ARG B 788 25.69 -11.54 -36.00
CA ARG B 788 24.54 -11.65 -35.14
C ARG B 788 23.56 -10.51 -35.39
N MET B 789 22.32 -10.70 -34.93
CA MET B 789 21.26 -9.69 -35.02
C MET B 789 20.59 -9.61 -33.66
N ASP B 790 21.11 -8.74 -32.80
CA ASP B 790 20.56 -8.53 -31.47
C ASP B 790 19.72 -7.26 -31.45
N THR B 791 18.85 -7.15 -30.45
CA THR B 791 17.98 -5.98 -30.33
C THR B 791 18.80 -4.71 -30.12
N MET B 792 19.81 -4.78 -29.27
CA MET B 792 20.70 -3.65 -29.04
C MET B 792 22.12 -4.16 -28.83
N ALA B 793 23.08 -3.52 -29.50
CA ALA B 793 24.48 -3.89 -29.37
C ALA B 793 25.34 -2.65 -29.41
N ASN B 794 26.34 -2.58 -28.53
CA ASN B 794 27.26 -1.47 -28.45
C ASN B 794 28.68 -2.00 -28.59
N ILE B 795 29.45 -1.43 -29.53
CA ILE B 795 30.80 -1.90 -29.82
C ILE B 795 31.75 -0.72 -29.81
N LEU B 796 32.74 -0.77 -28.93
CA LEU B 796 33.76 0.28 -28.89
C LEU B 796 34.73 0.11 -30.05
N TYR B 797 35.15 1.22 -30.66
CA TYR B 797 36.09 1.15 -31.77
C TYR B 797 37.42 0.53 -31.35
N TYR B 798 38.11 1.16 -30.40
CA TYR B 798 39.49 0.82 -30.08
C TYR B 798 39.56 0.43 -28.61
N PRO B 799 39.19 -0.80 -28.28
CA PRO B 799 39.39 -1.27 -26.91
C PRO B 799 40.87 -1.43 -26.61
N GLN B 800 41.23 -1.21 -25.36
CA GLN B 800 42.61 -1.34 -24.91
C GLN B 800 42.64 -2.17 -23.63
N LYS B 801 43.61 -3.08 -23.54
CA LYS B 801 43.75 -3.84 -22.32
C LYS B 801 44.22 -2.93 -21.20
N PRO B 802 43.75 -3.15 -19.97
CA PRO B 802 44.11 -2.25 -18.87
C PRO B 802 45.61 -2.29 -18.58
N LEU B 803 46.15 -1.14 -18.20
CA LEU B 803 47.55 -1.06 -17.83
C LEU B 803 47.81 -1.65 -16.46
N ALA B 804 46.82 -1.64 -15.58
CA ALA B 804 46.90 -2.26 -14.27
C ALA B 804 45.92 -3.42 -14.25
N LYS B 805 46.45 -4.63 -14.42
CA LYS B 805 45.64 -5.83 -14.52
C LYS B 805 45.83 -6.68 -13.27
N THR B 806 44.94 -7.66 -13.12
CA THR B 806 45.04 -8.67 -12.07
C THR B 806 45.26 -10.04 -12.71
N GLN B 807 45.64 -11.01 -11.88
CA GLN B 807 45.91 -12.35 -12.39
C GLN B 807 44.65 -12.98 -12.95
N ALA B 808 43.51 -12.80 -12.29
CA ALA B 808 42.26 -13.42 -12.73
C ALA B 808 41.86 -12.96 -14.12
N MET B 809 42.30 -11.77 -14.53
CA MET B 809 42.01 -11.29 -15.88
C MET B 809 42.55 -12.22 -16.96
N GLU B 810 43.54 -13.04 -16.62
CA GLU B 810 44.02 -14.03 -17.59
C GLU B 810 42.93 -15.03 -17.94
N TYR B 811 42.14 -15.44 -16.96
CA TYR B 811 41.13 -16.46 -17.16
C TYR B 811 39.76 -15.90 -17.52
N LEU B 812 39.58 -14.59 -17.51
CA LEU B 812 38.34 -13.97 -17.95
C LEU B 812 38.43 -13.44 -19.37
N LYS B 813 39.55 -13.67 -20.06
CA LYS B 813 39.78 -13.19 -21.43
C LYS B 813 39.64 -11.67 -21.52
N PHE B 814 39.93 -10.97 -20.43
CA PHE B 814 39.78 -9.52 -20.44
C PHE B 814 40.83 -8.86 -21.32
N ARG B 815 42.06 -9.38 -21.31
CA ARG B 815 43.11 -8.80 -22.14
C ARG B 815 42.91 -9.08 -23.62
N GLU B 816 41.97 -9.95 -23.98
CA GLU B 816 41.65 -10.21 -25.37
C GLU B 816 40.32 -9.61 -25.81
N LEU B 817 39.39 -9.39 -24.89
CA LEU B 817 38.14 -8.69 -25.17
C LEU B 817 37.92 -7.61 -24.13
N PRO B 818 38.72 -6.56 -24.15
CA PRO B 818 38.61 -5.52 -23.12
C PRO B 818 37.39 -4.63 -23.33
N ALA B 819 37.03 -3.91 -22.27
CA ALA B 819 35.82 -3.11 -22.22
C ALA B 819 36.11 -1.71 -21.70
N GLY B 820 37.13 -1.07 -22.26
CA GLY B 820 37.46 0.28 -21.84
C GLY B 820 38.71 0.76 -22.53
N GLN B 821 39.18 1.93 -22.11
CA GLN B 821 40.35 2.55 -22.70
C GLN B 821 41.19 3.21 -21.61
N ASN B 822 42.48 3.30 -21.86
CA ASN B 822 43.42 3.97 -20.95
C ASN B 822 43.48 5.43 -21.31
N ALA B 823 42.93 6.28 -20.46
CA ALA B 823 42.89 7.72 -20.68
C ALA B 823 43.83 8.42 -19.71
N ILE B 824 44.48 9.48 -20.20
CA ILE B 824 45.36 10.28 -19.35
C ILE B 824 44.48 11.19 -18.50
N VAL B 825 44.50 10.97 -17.19
CA VAL B 825 43.62 11.67 -16.25
C VAL B 825 44.48 12.57 -15.38
N ALA B 826 44.01 13.81 -15.21
CA ALA B 826 44.57 14.76 -14.26
C ALA B 826 43.51 15.04 -13.20
N ILE B 827 43.94 15.03 -11.95
CA ILE B 827 43.04 15.32 -10.83
C ILE B 827 43.29 16.76 -10.42
N ALA B 828 42.40 17.66 -10.83
CA ALA B 828 42.59 19.08 -10.56
C ALA B 828 41.26 19.80 -10.59
N CYS B 829 41.21 20.93 -9.88
CA CYS B 829 40.09 21.87 -9.97
C CYS B 829 40.48 22.91 -11.02
N TYR B 830 40.14 22.67 -12.28
CA TYR B 830 40.60 23.54 -13.35
C TYR B 830 39.73 24.80 -13.46
N SER B 831 38.46 24.63 -13.81
CA SER B 831 37.61 25.78 -14.06
C SER B 831 36.26 25.69 -13.35
N GLY B 832 36.09 24.73 -12.44
CA GLY B 832 34.85 24.58 -11.73
C GLY B 832 33.76 23.90 -12.52
N TYR B 833 34.03 23.48 -13.75
CA TYR B 833 33.05 22.79 -14.57
C TYR B 833 33.03 21.30 -14.34
N ASN B 834 33.88 20.79 -13.45
CA ASN B 834 33.93 19.37 -13.13
C ASN B 834 33.55 19.09 -11.68
N GLN B 835 32.76 19.96 -11.07
CA GLN B 835 32.39 19.77 -9.68
C GLN B 835 31.20 18.82 -9.55
N GLU B 836 31.12 18.15 -8.40
CA GLU B 836 29.99 17.31 -8.02
C GLU B 836 29.75 16.20 -9.04
N ASP B 837 30.75 15.32 -9.16
CA ASP B 837 30.68 14.13 -10.01
C ASP B 837 30.45 14.50 -11.48
N SER B 838 31.39 15.26 -12.03
CA SER B 838 31.41 15.55 -13.45
C SER B 838 32.85 15.73 -13.89
N MET B 839 33.09 15.57 -15.19
CA MET B 839 34.45 15.58 -15.70
C MET B 839 34.52 16.42 -16.96
N ILE B 840 35.74 16.87 -17.26
CA ILE B 840 36.03 17.62 -18.48
C ILE B 840 36.78 16.69 -19.42
N MET B 841 36.24 16.52 -20.63
CA MET B 841 36.84 15.67 -21.63
C MET B 841 37.59 16.53 -22.65
N ASN B 842 38.76 16.05 -23.06
CA ASN B 842 39.51 16.72 -24.11
C ASN B 842 38.75 16.59 -25.43
N GLN B 843 38.38 17.74 -26.02
CA GLN B 843 37.64 17.71 -27.27
C GLN B 843 38.49 17.15 -28.40
N SER B 844 39.77 17.49 -28.43
CA SER B 844 40.65 16.98 -29.48
C SER B 844 40.80 15.47 -29.37
N SER B 845 40.81 14.93 -28.16
CA SER B 845 40.85 13.49 -27.98
C SER B 845 39.58 12.84 -28.54
N ILE B 846 38.43 13.47 -28.33
CA ILE B 846 37.19 12.97 -28.92
C ILE B 846 37.30 12.98 -30.44
N ASP B 847 37.84 14.07 -31.00
CA ASP B 847 37.98 14.17 -32.45
C ASP B 847 38.93 13.12 -33.01
N ARG B 848 39.80 12.56 -32.17
CA ARG B 848 40.75 11.55 -32.62
C ARG B 848 40.26 10.12 -32.39
N GLY B 849 39.03 9.95 -31.91
CA GLY B 849 38.43 8.63 -31.78
C GLY B 849 38.32 8.08 -30.38
N LEU B 850 38.55 8.89 -29.35
CA LEU B 850 38.48 8.38 -27.99
C LEU B 850 37.03 8.09 -27.61
N PHE B 851 36.78 6.86 -27.14
CA PHE B 851 35.50 6.42 -26.61
C PHE B 851 34.37 6.47 -27.63
N ARG B 852 34.70 6.52 -28.92
CA ARG B 852 33.68 6.46 -29.97
C ARG B 852 33.18 5.03 -30.13
N SER B 853 31.88 4.88 -30.41
CA SER B 853 31.31 3.55 -30.45
C SER B 853 30.28 3.41 -31.56
N LEU B 854 30.00 2.15 -31.92
CA LEU B 854 28.94 1.77 -32.84
C LEU B 854 27.74 1.27 -32.05
N PHE B 855 26.55 1.58 -32.55
CA PHE B 855 25.29 1.14 -31.96
C PHE B 855 24.49 0.42 -33.03
N PHE B 856 24.11 -0.83 -32.76
CA PHE B 856 23.32 -1.65 -33.66
C PHE B 856 21.96 -1.93 -33.04
N ARG B 857 20.90 -1.74 -33.82
CA ARG B 857 19.54 -2.03 -33.35
C ARG B 857 18.79 -2.78 -34.43
N SER B 858 18.13 -3.88 -34.07
CA SER B 858 17.46 -4.75 -35.03
C SER B 858 15.95 -4.71 -34.83
N TYR B 859 15.23 -4.55 -35.93
CA TYR B 859 13.78 -4.66 -35.96
C TYR B 859 13.37 -5.92 -36.70
N MET B 860 12.23 -6.48 -36.31
CA MET B 860 11.74 -7.73 -36.83
C MET B 860 10.31 -7.57 -37.34
N ASP B 861 9.96 -8.36 -38.36
CA ASP B 861 8.59 -8.39 -38.84
C ASP B 861 8.32 -9.71 -39.56
N GLN B 862 7.16 -10.29 -39.29
CA GLN B 862 6.78 -11.53 -39.94
C GLN B 862 5.33 -11.47 -40.37
N GLU B 863 5.01 -12.15 -41.45
CA GLU B 863 3.64 -12.29 -41.89
C GLU B 863 2.91 -13.28 -41.00
N LYS B 864 1.60 -13.08 -40.86
CA LYS B 864 0.76 -13.98 -40.08
C LYS B 864 -0.42 -14.44 -40.91
N ARG B 865 -0.91 -15.64 -40.60
CA ARG B 865 -1.97 -16.29 -41.36
C ARG B 865 -3.27 -16.21 -40.58
N PHE B 866 -4.34 -15.77 -41.24
CA PHE B 866 -5.64 -15.64 -40.60
C PHE B 866 -6.61 -16.75 -40.98
N GLY B 867 -6.34 -17.49 -42.06
CA GLY B 867 -7.25 -18.53 -42.49
C GLY B 867 -6.68 -19.40 -43.59
N ILE B 868 -7.50 -19.74 -44.57
CA ILE B 868 -7.06 -20.60 -45.66
C ILE B 868 -6.00 -19.89 -46.51
N SER B 869 -6.28 -18.63 -46.89
CA SER B 869 -5.34 -17.86 -47.70
C SER B 869 -5.24 -16.41 -47.25
N ILE B 870 -5.89 -16.03 -46.15
CA ILE B 870 -5.85 -14.65 -45.68
C ILE B 870 -4.52 -14.42 -44.96
N VAL B 871 -3.53 -13.91 -45.68
CA VAL B 871 -2.21 -13.65 -45.13
C VAL B 871 -1.78 -12.25 -45.55
N GLU B 872 -0.82 -11.71 -44.80
CA GLU B 872 -0.23 -10.43 -45.14
C GLU B 872 0.91 -10.63 -46.13
N GLU B 873 1.47 -9.51 -46.59
CA GLU B 873 2.56 -9.56 -47.56
C GLU B 873 3.46 -8.35 -47.37
N PHE B 874 4.75 -8.55 -47.58
CA PHE B 874 5.71 -7.46 -47.56
C PHE B 874 5.71 -6.80 -48.93
N GLU B 875 5.22 -5.55 -48.99
CA GLU B 875 5.08 -4.86 -50.24
C GLU B 875 5.13 -3.36 -49.99
N LYS B 876 5.40 -2.61 -51.04
CA LYS B 876 5.35 -1.16 -50.95
C LYS B 876 3.90 -0.70 -51.06
N PRO B 877 3.34 -0.08 -50.02
CA PRO B 877 1.94 0.35 -50.09
C PRO B 877 1.76 1.46 -51.12
N THR B 878 0.59 1.46 -51.74
CA THR B 878 0.21 2.47 -52.72
C THR B 878 -0.57 3.60 -52.06
N ARG B 879 -0.62 4.74 -52.74
CA ARG B 879 -1.36 5.88 -52.20
C ARG B 879 -2.87 5.69 -52.35
N ALA B 880 -3.30 5.08 -53.45
CA ALA B 880 -4.73 4.93 -53.74
C ALA B 880 -5.27 3.59 -53.27
N THR B 881 -4.71 2.48 -53.79
CA THR B 881 -5.24 1.16 -53.48
C THR B 881 -4.97 0.76 -52.02
N THR B 882 -4.01 1.40 -51.37
CA THR B 882 -3.68 1.12 -49.97
C THR B 882 -3.92 2.37 -49.15
N LEU B 883 -4.60 2.21 -48.03
CA LEU B 883 -4.99 3.32 -47.16
C LEU B 883 -4.27 3.19 -45.82
N ARG B 884 -4.59 4.12 -44.91
CA ARG B 884 -3.94 4.22 -43.60
C ARG B 884 -2.42 4.40 -43.75
N LEU B 885 -2.06 5.45 -44.48
CA LEU B 885 -0.65 5.73 -44.74
C LEU B 885 -0.08 6.63 -43.65
N LYS B 886 1.01 6.17 -43.03
CA LYS B 886 1.70 6.98 -42.03
C LYS B 886 2.34 8.20 -42.69
N HIS B 887 2.50 9.26 -41.90
CA HIS B 887 3.09 10.49 -42.41
C HIS B 887 4.56 10.34 -42.79
N GLY B 888 5.21 9.25 -42.37
CA GLY B 888 6.58 9.02 -42.75
C GLY B 888 6.71 8.71 -44.23
N THR B 889 7.93 8.88 -44.74
CA THR B 889 8.18 8.66 -46.15
C THR B 889 8.14 7.17 -46.48
N TYR B 890 7.81 6.87 -47.75
CA TYR B 890 7.76 5.51 -48.23
C TYR B 890 8.66 5.26 -49.44
N GLU B 891 9.27 6.30 -50.01
CA GLU B 891 10.07 6.15 -51.21
C GLU B 891 11.34 5.34 -50.96
N LYS B 892 11.78 5.20 -49.71
CA LYS B 892 12.98 4.43 -49.43
C LYS B 892 12.76 2.94 -49.57
N LEU B 893 11.52 2.47 -49.49
CA LEU B 893 11.24 1.06 -49.68
C LEU B 893 11.41 0.65 -51.13
N ASP B 894 11.70 -0.63 -51.34
CA ASP B 894 11.83 -1.18 -52.68
C ASP B 894 10.48 -1.73 -53.14
N GLU B 895 10.49 -2.48 -54.25
CA GLU B 895 9.25 -3.05 -54.75
C GLU B 895 8.70 -4.12 -53.81
N ASP B 896 9.56 -4.80 -53.07
CA ASP B 896 9.15 -5.84 -52.14
C ASP B 896 8.92 -5.31 -50.73
N GLY B 897 8.99 -4.00 -50.53
CA GLY B 897 8.75 -3.42 -49.22
C GLY B 897 9.92 -3.47 -48.27
N LEU B 898 11.10 -3.86 -48.74
CA LEU B 898 12.29 -3.95 -47.90
C LEU B 898 13.33 -2.94 -48.38
N ILE B 899 13.82 -2.13 -47.46
CA ILE B 899 14.81 -1.11 -47.80
C ILE B 899 16.16 -1.78 -48.01
N ALA B 900 16.90 -1.31 -49.01
CA ALA B 900 18.22 -1.88 -49.30
C ALA B 900 19.22 -1.43 -48.23
N PRO B 901 20.22 -2.26 -47.94
CA PRO B 901 21.26 -1.85 -46.99
C PRO B 901 22.11 -0.72 -47.53
N GLY B 902 22.62 0.10 -46.62
CA GLY B 902 23.43 1.24 -47.01
C GLY B 902 22.65 2.48 -47.39
N VAL B 903 21.50 2.71 -46.76
CA VAL B 903 20.65 3.85 -47.06
C VAL B 903 20.48 4.67 -45.79
N ARG B 904 20.81 5.95 -45.87
CA ARG B 904 20.60 6.85 -44.74
C ARG B 904 19.11 7.13 -44.56
N VAL B 905 18.63 6.94 -43.33
CA VAL B 905 17.24 7.24 -42.99
C VAL B 905 17.22 8.01 -41.67
N SER B 906 16.09 8.67 -41.42
CA SER B 906 15.87 9.43 -40.20
C SER B 906 14.69 8.82 -39.45
N GLY B 907 14.33 9.45 -38.33
CA GLY B 907 13.27 8.92 -37.49
C GLY B 907 11.93 8.91 -38.19
N ASP B 908 11.08 7.97 -37.78
CA ASP B 908 9.73 7.72 -38.27
C ASP B 908 9.69 7.24 -39.72
N ASP B 909 10.84 7.06 -40.35
CA ASP B 909 10.85 6.56 -41.73
C ASP B 909 10.46 5.08 -41.75
N ILE B 910 9.73 4.70 -42.79
CA ILE B 910 9.27 3.32 -42.94
C ILE B 910 10.42 2.46 -43.45
N ILE B 911 10.71 1.37 -42.75
CA ILE B 911 11.80 0.48 -43.14
C ILE B 911 11.24 -0.88 -43.55
N ILE B 912 10.10 -1.25 -43.00
CA ILE B 912 9.38 -2.46 -43.41
C ILE B 912 7.95 -2.07 -43.76
N GLY B 913 7.51 -2.46 -44.94
CA GLY B 913 6.15 -2.20 -45.37
C GLY B 913 5.31 -3.45 -45.50
N LYS B 914 4.32 -3.60 -44.63
CA LYS B 914 3.47 -4.77 -44.61
C LYS B 914 2.00 -4.36 -44.71
N THR B 915 1.24 -5.07 -45.53
CA THR B 915 -0.17 -4.80 -45.74
C THR B 915 -0.99 -6.03 -45.38
N THR B 916 -2.15 -5.80 -44.78
CA THR B 916 -3.04 -6.85 -44.31
C THR B 916 -4.40 -6.70 -44.98
N PRO B 917 -4.93 -7.75 -45.62
CA PRO B 917 -6.25 -7.65 -46.24
C PRO B 917 -7.34 -7.48 -45.19
N ILE B 918 -8.39 -6.74 -45.59
CA ILE B 918 -9.55 -6.52 -44.73
C ILE B 918 -10.48 -7.74 -44.84
N PRO B 919 -10.80 -8.40 -43.73
CA PRO B 919 -11.76 -9.50 -43.79
C PRO B 919 -13.15 -8.97 -44.13
N PRO B 920 -13.97 -9.77 -44.82
CA PRO B 920 -15.31 -9.34 -45.21
C PRO B 920 -16.27 -9.26 -44.01
N TYR B 931 -9.47 -3.12 -53.30
CA TYR B 931 -9.17 -1.71 -53.51
C TYR B 931 -9.52 -0.90 -52.26
N HIS B 932 -8.52 -0.15 -51.76
CA HIS B 932 -8.70 0.73 -50.61
C HIS B 932 -9.17 -0.04 -49.37
N THR B 933 -8.79 -1.31 -49.27
CA THR B 933 -9.20 -2.18 -48.17
C THR B 933 -8.00 -2.98 -47.68
N LYS B 934 -6.88 -2.30 -47.46
CA LYS B 934 -5.66 -2.95 -46.98
C LYS B 934 -5.09 -2.15 -45.81
N ARG B 935 -5.12 -2.76 -44.62
CA ARG B 935 -4.48 -2.16 -43.46
C ARG B 935 -2.97 -2.06 -43.69
N ASP B 936 -2.39 -0.94 -43.28
CA ASP B 936 -0.95 -0.73 -43.40
C ASP B 936 -0.31 -1.03 -42.05
N ALA B 937 0.36 -2.18 -41.96
CA ALA B 937 1.08 -2.59 -40.75
C ALA B 937 2.57 -2.31 -40.86
N SER B 938 2.93 -1.21 -41.52
CA SER B 938 4.33 -0.88 -41.71
C SER B 938 5.00 -0.53 -40.39
N THR B 939 6.26 -0.95 -40.25
CA THR B 939 7.03 -0.68 -39.05
C THR B 939 7.95 0.50 -39.30
N PRO B 940 7.76 1.64 -38.66
CA PRO B 940 8.64 2.79 -38.87
C PRO B 940 9.85 2.75 -37.94
N LEU B 941 10.87 3.51 -38.33
CA LEU B 941 12.04 3.65 -37.48
C LEU B 941 11.67 4.43 -36.23
N ARG B 942 12.42 4.19 -35.15
CA ARG B 942 12.22 4.93 -33.91
C ARG B 942 12.45 6.42 -34.17
N SER B 943 11.53 7.26 -33.67
CA SER B 943 11.56 8.68 -33.99
C SER B 943 12.78 9.36 -33.39
N THR B 944 13.36 8.82 -32.32
CA THR B 944 14.50 9.42 -31.66
C THR B 944 15.83 8.86 -32.14
N GLU B 945 15.82 7.98 -33.14
CA GLU B 945 17.03 7.31 -33.59
C GLU B 945 17.21 7.49 -35.09
N ASN B 946 18.48 7.56 -35.50
CA ASN B 946 18.84 7.64 -36.91
C ASN B 946 19.85 6.55 -37.23
N GLY B 947 20.45 6.59 -38.41
CA GLY B 947 21.50 5.67 -38.75
C GLY B 947 21.37 5.19 -40.18
N ILE B 948 22.16 4.18 -40.50
CA ILE B 948 22.22 3.61 -41.85
C ILE B 948 21.79 2.15 -41.76
N VAL B 949 21.19 1.65 -42.84
CA VAL B 949 20.75 0.27 -42.87
C VAL B 949 21.95 -0.64 -42.99
N ASP B 950 22.36 -1.24 -41.86
CA ASP B 950 23.56 -2.07 -41.86
C ASP B 950 23.31 -3.39 -42.58
N GLN B 951 22.19 -4.05 -42.29
CA GLN B 951 21.96 -5.37 -42.87
C GLN B 951 20.46 -5.65 -42.96
N VAL B 952 20.10 -6.45 -43.96
CA VAL B 952 18.72 -6.89 -44.18
C VAL B 952 18.72 -8.40 -44.32
N LEU B 953 17.86 -9.08 -43.56
CA LEU B 953 17.75 -10.52 -43.56
C LEU B 953 16.33 -10.92 -43.95
N LEU B 954 16.22 -11.78 -44.95
CA LEU B 954 14.94 -12.33 -45.39
C LEU B 954 15.01 -13.85 -45.30
N THR B 955 14.00 -14.45 -44.70
CA THR B 955 13.98 -15.89 -44.47
C THR B 955 12.55 -16.33 -44.21
N THR B 956 12.39 -17.59 -43.80
CA THR B 956 11.09 -18.14 -43.46
C THR B 956 11.10 -18.62 -42.02
N ASN B 957 9.96 -18.49 -41.36
CA ASN B 957 9.83 -18.90 -39.96
C ASN B 957 9.63 -20.41 -39.89
N GLN B 958 9.23 -20.91 -38.72
CA GLN B 958 9.04 -22.34 -38.55
C GLN B 958 7.92 -22.87 -39.44
N GLU B 959 6.82 -22.13 -39.55
CA GLU B 959 5.67 -22.56 -40.33
C GLU B 959 5.78 -22.20 -41.80
N GLY B 960 6.82 -21.48 -42.21
CA GLY B 960 7.05 -21.20 -43.61
C GLY B 960 6.64 -19.82 -44.08
N LEU B 961 6.12 -18.97 -43.21
CA LEU B 961 5.78 -17.62 -43.61
C LEU B 961 7.02 -16.74 -43.67
N LYS B 962 6.88 -15.59 -44.32
CA LYS B 962 8.02 -14.70 -44.52
C LYS B 962 8.48 -14.10 -43.20
N PHE B 963 9.75 -13.67 -43.18
CA PHE B 963 10.39 -13.22 -41.96
C PHE B 963 11.51 -12.26 -42.35
N VAL B 964 11.48 -11.04 -41.83
CA VAL B 964 12.47 -10.04 -42.16
C VAL B 964 13.04 -9.43 -40.89
N LYS B 965 14.35 -9.22 -40.90
CA LYS B 965 15.07 -8.59 -39.79
C LYS B 965 16.00 -7.53 -40.36
N VAL B 966 15.82 -6.29 -39.91
CA VAL B 966 16.62 -5.17 -40.41
C VAL B 966 17.47 -4.65 -39.26
N ARG B 967 18.80 -4.65 -39.46
CA ARG B 967 19.74 -4.16 -38.46
C ARG B 967 20.27 -2.81 -38.91
N MET B 968 20.10 -1.81 -38.06
CA MET B 968 20.51 -0.44 -38.28
C MET B 968 21.78 -0.15 -37.49
N ARG B 969 22.71 0.55 -38.11
CA ARG B 969 23.99 0.91 -37.49
C ARG B 969 24.12 2.42 -37.42
N THR B 970 24.51 2.93 -36.25
CA THR B 970 24.78 4.35 -36.07
C THR B 970 26.04 4.52 -35.24
N THR B 971 26.54 5.74 -35.18
CA THR B 971 27.76 6.06 -34.46
C THR B 971 27.44 6.98 -33.29
N LYS B 972 27.89 6.60 -32.10
CA LYS B 972 27.75 7.45 -30.93
C LYS B 972 29.13 8.00 -30.57
N VAL B 973 29.22 9.33 -30.52
CA VAL B 973 30.45 10.05 -30.24
C VAL B 973 30.28 10.71 -28.87
N PRO B 974 31.27 10.66 -27.99
CA PRO B 974 31.11 11.27 -26.67
C PRO B 974 30.82 12.76 -26.77
N GLN B 975 29.95 13.23 -25.89
CA GLN B 975 29.53 14.63 -25.88
C GLN B 975 29.08 14.98 -24.47
N ILE B 976 28.53 16.17 -24.30
CA ILE B 976 28.08 16.61 -22.98
C ILE B 976 26.90 15.77 -22.55
N GLY B 977 26.96 15.26 -21.32
CA GLY B 977 25.92 14.43 -20.75
C GLY B 977 26.21 12.95 -20.77
N ASP B 978 27.16 12.50 -21.58
CA ASP B 978 27.51 11.09 -21.63
C ASP B 978 28.24 10.68 -20.35
N LYS B 979 28.02 9.44 -19.93
CA LYS B 979 28.53 8.93 -18.67
C LYS B 979 29.78 8.09 -18.89
N PHE B 980 30.68 8.16 -17.92
CA PHE B 980 31.91 7.36 -17.91
C PHE B 980 32.19 6.95 -16.48
N ALA B 981 33.02 5.92 -16.31
CA ALA B 981 33.32 5.46 -14.97
C ALA B 981 34.67 4.77 -14.94
N SER B 982 35.35 4.91 -13.80
CA SER B 982 36.58 4.16 -13.57
C SER B 982 36.20 2.79 -13.02
N ARG B 983 37.20 1.99 -12.64
CA ARG B 983 36.96 0.67 -12.08
C ARG B 983 36.78 0.70 -10.57
N HIS B 984 36.37 1.83 -10.00
CA HIS B 984 36.20 1.94 -8.56
C HIS B 984 34.91 2.66 -8.18
N GLY B 985 33.93 2.73 -9.09
CA GLY B 985 32.69 3.40 -8.79
C GLY B 985 32.73 4.91 -8.89
N GLN B 986 33.69 5.46 -9.62
CA GLN B 986 33.80 6.92 -9.79
C GLN B 986 33.10 7.35 -11.09
N LYS B 987 31.79 7.14 -11.12
CA LYS B 987 31.02 7.52 -12.30
C LYS B 987 30.87 9.03 -12.39
N GLY B 988 30.74 9.53 -13.61
CA GLY B 988 30.56 10.94 -13.83
C GLY B 988 30.23 11.24 -15.27
N THR B 989 29.56 12.36 -15.48
CA THR B 989 29.15 12.79 -16.81
C THR B 989 30.05 13.93 -17.29
N ILE B 990 30.06 14.11 -18.61
CA ILE B 990 30.84 15.19 -19.21
C ILE B 990 30.13 16.51 -18.97
N GLY B 991 30.85 17.47 -18.40
CA GLY B 991 30.29 18.79 -18.17
C GLY B 991 30.57 19.74 -19.31
N VAL B 992 31.80 19.72 -19.82
CA VAL B 992 32.21 20.59 -20.90
C VAL B 992 33.44 19.97 -21.54
N THR B 993 33.67 20.30 -22.81
CA THR B 993 34.81 19.79 -23.55
C THR B 993 35.73 20.93 -23.96
N TYR B 994 37.00 20.81 -23.65
CA TYR B 994 38.01 21.78 -24.03
C TYR B 994 38.88 21.23 -25.14
N ARG B 995 39.38 22.13 -25.99
CA ARG B 995 40.23 21.74 -27.10
C ARG B 995 41.64 21.44 -26.59
N HIS B 996 42.53 21.11 -27.52
CA HIS B 996 43.90 20.75 -27.16
C HIS B 996 44.64 21.93 -26.54
N GLU B 997 44.48 23.12 -27.10
CA GLU B 997 45.25 24.27 -26.65
C GLU B 997 44.75 24.85 -25.33
N ASP B 998 43.51 24.55 -24.94
CA ASP B 998 42.95 25.11 -23.72
C ASP B 998 43.19 24.22 -22.50
N MET B 999 43.69 23.01 -22.68
CA MET B 999 43.94 22.14 -21.56
C MET B 999 45.27 22.46 -20.91
N PRO B 1000 45.42 22.19 -19.61
CA PRO B 1000 46.72 22.32 -18.97
C PRO B 1000 47.70 21.32 -19.54
N PHE B 1001 48.97 21.71 -19.63
CA PHE B 1001 49.98 20.88 -20.24
C PHE B 1001 51.22 20.84 -19.35
N SER B 1002 51.86 19.68 -19.31
CA SER B 1002 53.09 19.50 -18.54
C SER B 1002 54.26 20.07 -19.34
N ALA B 1003 55.47 19.89 -18.82
CA ALA B 1003 56.65 20.42 -19.50
C ALA B 1003 56.95 19.69 -20.79
N GLU B 1004 56.41 18.49 -20.99
CA GLU B 1004 56.63 17.71 -22.19
C GLU B 1004 55.53 17.91 -23.22
N GLY B 1005 54.54 18.76 -22.95
CA GLY B 1005 53.45 18.97 -23.87
C GLY B 1005 52.32 17.97 -23.76
N ILE B 1006 52.32 17.13 -22.74
CA ILE B 1006 51.27 16.13 -22.57
C ILE B 1006 50.06 16.81 -21.95
N VAL B 1007 48.90 16.65 -22.59
CA VAL B 1007 47.65 17.21 -22.08
C VAL B 1007 46.74 16.07 -21.64
N PRO B 1008 45.96 16.24 -20.58
CA PRO B 1008 45.11 15.14 -20.12
C PRO B 1008 43.94 14.89 -21.06
N ASP B 1009 43.53 13.63 -21.13
CA ASP B 1009 42.26 13.30 -21.76
C ASP B 1009 41.08 13.62 -20.85
N LEU B 1010 41.28 13.49 -19.53
CA LEU B 1010 40.24 13.76 -18.56
C LEU B 1010 40.79 14.64 -17.45
N ILE B 1011 39.92 15.49 -16.91
CA ILE B 1011 40.19 16.25 -15.70
C ILE B 1011 39.07 15.96 -14.72
N ILE B 1012 39.41 15.41 -13.56
CA ILE B 1012 38.40 15.03 -12.58
C ILE B 1012 38.61 15.85 -11.31
N ASN B 1013 37.53 15.98 -10.55
CA ASN B 1013 37.56 16.83 -9.36
C ASN B 1013 38.23 16.10 -8.21
N PRO B 1014 39.17 16.74 -7.51
CA PRO B 1014 39.79 16.09 -6.34
C PRO B 1014 38.82 15.76 -5.24
N HIS B 1015 37.72 16.52 -5.10
CA HIS B 1015 36.79 16.31 -3.99
C HIS B 1015 36.14 14.94 -4.03
N ALA B 1016 36.17 14.25 -5.17
CA ALA B 1016 35.64 12.90 -5.24
C ALA B 1016 36.47 11.90 -4.47
N ILE B 1017 37.74 12.20 -4.21
CA ILE B 1017 38.64 11.25 -3.57
C ILE B 1017 38.41 11.12 -2.06
N PRO B 1018 38.52 12.19 -1.26
CA PRO B 1018 38.56 11.98 0.19
C PRO B 1018 37.26 11.45 0.78
N SER B 1019 36.10 11.80 0.21
CA SER B 1019 34.84 11.34 0.76
C SER B 1019 34.68 9.84 0.60
N ARG B 1020 34.93 9.33 -0.60
CA ARG B 1020 34.75 7.93 -0.89
C ARG B 1020 35.95 7.06 -0.52
N MET B 1021 37.10 7.67 -0.25
CA MET B 1021 38.31 6.96 0.17
C MET B 1021 38.70 5.88 -0.83
N THR B 1022 38.77 6.26 -2.10
CA THR B 1022 39.20 5.35 -3.16
C THR B 1022 40.68 5.52 -3.43
N VAL B 1023 41.47 5.02 -2.47
CA VAL B 1023 42.92 5.06 -2.61
C VAL B 1023 43.38 4.18 -3.77
N ALA B 1024 42.63 3.11 -4.06
CA ALA B 1024 43.00 2.21 -5.14
C ALA B 1024 43.02 2.93 -6.48
N HIS B 1025 42.20 3.98 -6.64
CA HIS B 1025 42.26 4.78 -7.86
C HIS B 1025 43.62 5.42 -8.04
N LEU B 1026 44.13 6.05 -6.98
CA LEU B 1026 45.44 6.69 -7.05
C LEU B 1026 46.54 5.67 -7.24
N ILE B 1027 46.45 4.52 -6.55
CA ILE B 1027 47.48 3.50 -6.69
C ILE B 1027 47.48 2.93 -8.10
N GLU B 1028 46.29 2.73 -8.68
CA GLU B 1028 46.20 2.25 -10.05
C GLU B 1028 46.77 3.26 -11.03
N CYS B 1029 46.51 4.55 -10.79
CA CYS B 1029 47.08 5.58 -11.66
C CYS B 1029 48.61 5.55 -11.60
N LEU B 1030 49.18 5.44 -10.40
CA LEU B 1030 50.63 5.39 -10.25
C LEU B 1030 51.21 4.16 -10.94
N LEU B 1031 50.59 3.00 -10.72
CA LEU B 1031 51.08 1.77 -11.32
C LEU B 1031 50.97 1.80 -12.83
N SER B 1032 49.88 2.37 -13.36
CA SER B 1032 49.72 2.49 -14.80
C SER B 1032 50.77 3.40 -15.39
N LYS B 1033 51.08 4.51 -14.70
CA LYS B 1033 52.13 5.40 -15.18
C LYS B 1033 53.47 4.68 -15.23
N VAL B 1034 53.79 3.94 -14.16
CA VAL B 1034 55.05 3.21 -14.13
C VAL B 1034 55.10 2.17 -15.24
N GLY B 1035 54.02 1.42 -15.43
CA GLY B 1035 54.00 0.39 -16.45
C GLY B 1035 54.11 0.96 -17.86
N SER B 1036 53.44 2.07 -18.11
CA SER B 1036 53.53 2.69 -19.43
C SER B 1036 54.91 3.26 -19.70
N ILE B 1037 55.56 3.80 -18.66
CA ILE B 1037 56.92 4.31 -18.84
C ILE B 1037 57.89 3.16 -19.11
N ARG B 1038 57.82 2.10 -18.30
CA ARG B 1038 58.77 1.00 -18.42
C ARG B 1038 58.38 -0.01 -19.49
N GLY B 1039 57.15 0.01 -19.97
CA GLY B 1039 56.75 -0.86 -21.06
C GLY B 1039 56.26 -2.23 -20.66
N TYR B 1040 55.36 -2.29 -19.68
CA TYR B 1040 54.73 -3.54 -19.29
C TYR B 1040 53.43 -3.23 -18.55
N GLU B 1041 52.67 -4.28 -18.25
CA GLU B 1041 51.40 -4.15 -17.55
C GLU B 1041 51.59 -4.52 -16.08
N GLY B 1042 51.20 -3.60 -15.20
CA GLY B 1042 51.38 -3.84 -13.78
C GLY B 1042 50.43 -4.90 -13.24
N ASP B 1043 50.84 -5.49 -12.12
CA ASP B 1043 50.06 -6.54 -11.46
C ASP B 1043 49.36 -5.93 -10.25
N ALA B 1044 48.05 -5.73 -10.36
CA ALA B 1044 47.24 -5.16 -9.30
C ALA B 1044 46.45 -6.22 -8.55
N THR B 1045 46.98 -7.43 -8.45
CA THR B 1045 46.29 -8.51 -7.75
C THR B 1045 46.20 -8.18 -6.26
N PRO B 1046 45.02 -8.34 -5.65
CA PRO B 1046 44.91 -8.08 -4.21
C PRO B 1046 45.67 -9.11 -3.39
N PHE B 1047 45.97 -8.70 -2.15
CA PHE B 1047 46.63 -9.56 -1.16
C PHE B 1047 48.00 -10.06 -1.67
N THR B 1048 48.77 -9.13 -2.21
CA THR B 1048 50.14 -9.39 -2.62
C THR B 1048 51.09 -8.62 -1.72
N ASP B 1049 52.38 -8.72 -2.02
CA ASP B 1049 53.41 -8.02 -1.27
C ASP B 1049 53.75 -6.66 -1.85
N LEU B 1050 53.07 -6.25 -2.91
CA LEU B 1050 53.35 -4.96 -3.52
C LEU B 1050 52.97 -3.82 -2.58
N THR B 1051 53.85 -2.82 -2.49
CA THR B 1051 53.63 -1.66 -1.65
C THR B 1051 53.75 -0.40 -2.49
N VAL B 1052 53.20 0.69 -1.97
CA VAL B 1052 53.25 1.97 -2.69
C VAL B 1052 54.68 2.46 -2.79
N ASP B 1053 55.51 2.19 -1.77
CA ASP B 1053 56.89 2.68 -1.79
C ASP B 1053 57.69 2.04 -2.91
N ALA B 1054 57.46 0.76 -3.21
CA ALA B 1054 58.15 0.11 -4.31
C ALA B 1054 57.80 0.76 -5.65
N VAL B 1055 56.51 1.04 -5.86
CA VAL B 1055 56.10 1.70 -7.09
C VAL B 1055 56.67 3.11 -7.16
N SER B 1056 56.75 3.80 -6.02
CA SER B 1056 57.33 5.13 -6.00
C SER B 1056 58.81 5.09 -6.36
N ASN B 1057 59.53 4.10 -5.85
CA ASN B 1057 60.95 3.96 -6.20
C ASN B 1057 61.11 3.65 -7.68
N LEU B 1058 60.24 2.78 -8.22
CA LEU B 1058 60.31 2.48 -9.64
C LEU B 1058 60.05 3.72 -10.48
N LEU B 1059 59.07 4.54 -10.08
CA LEU B 1059 58.77 5.76 -10.81
C LEU B 1059 59.92 6.76 -10.71
N ARG B 1060 60.51 6.90 -9.52
CA ARG B 1060 61.60 7.84 -9.35
C ARG B 1060 62.84 7.43 -10.12
N ASP B 1061 63.06 6.12 -10.30
CA ASP B 1061 64.17 5.66 -11.11
C ASP B 1061 64.01 6.01 -12.59
N ASN B 1062 62.81 6.42 -13.02
CA ASN B 1062 62.55 6.75 -14.41
C ASN B 1062 62.54 8.24 -14.68
N GLY B 1063 63.03 9.05 -13.74
CA GLY B 1063 63.14 10.47 -13.95
C GLY B 1063 61.91 11.28 -13.66
N TYR B 1064 60.89 10.70 -13.03
CA TYR B 1064 59.69 11.40 -12.66
C TYR B 1064 59.61 11.53 -11.15
N GLN B 1065 58.67 12.36 -10.69
CA GLN B 1065 58.44 12.52 -9.26
C GLN B 1065 57.88 11.22 -8.68
N SER B 1066 58.31 10.91 -7.45
CA SER B 1066 58.00 9.61 -6.88
C SER B 1066 56.51 9.43 -6.61
N ARG B 1067 55.81 10.50 -6.24
CA ARG B 1067 54.39 10.40 -5.92
C ARG B 1067 53.49 10.69 -7.10
N GLY B 1068 54.04 10.91 -8.29
CA GLY B 1068 53.25 11.11 -9.49
C GLY B 1068 52.87 12.55 -9.78
N PHE B 1069 53.19 13.49 -8.88
CA PHE B 1069 52.89 14.89 -9.14
C PHE B 1069 53.74 15.41 -10.29
N GLU B 1070 53.15 16.35 -11.05
CA GLU B 1070 53.85 16.97 -12.16
C GLU B 1070 53.60 18.47 -12.12
N VAL B 1071 54.56 19.23 -12.66
CA VAL B 1071 54.42 20.66 -12.80
C VAL B 1071 53.63 20.94 -14.08
N MET B 1072 52.50 21.64 -13.95
CA MET B 1072 51.61 21.87 -15.07
C MET B 1072 51.49 23.37 -15.32
N TYR B 1073 51.23 23.71 -16.58
CA TYR B 1073 51.13 25.09 -17.02
C TYR B 1073 49.69 25.38 -17.41
N ASN B 1074 49.22 26.59 -17.08
CA ASN B 1074 47.87 26.98 -17.43
C ASN B 1074 47.72 27.11 -18.94
N GLY B 1075 46.62 26.58 -19.47
CA GLY B 1075 46.42 26.61 -20.91
C GLY B 1075 46.19 28.00 -21.46
N HIS B 1076 45.42 28.82 -20.73
CA HIS B 1076 45.03 30.13 -21.25
C HIS B 1076 46.23 31.07 -21.31
N THR B 1077 47.01 31.15 -20.22
CA THR B 1077 48.07 32.14 -20.12
C THR B 1077 49.47 31.57 -20.27
N GLY B 1078 49.66 30.26 -20.09
CA GLY B 1078 50.98 29.70 -20.11
C GLY B 1078 51.75 29.83 -18.81
N LYS B 1079 51.16 30.47 -17.80
CA LYS B 1079 51.82 30.61 -16.51
C LYS B 1079 51.77 29.31 -15.74
N LYS B 1080 52.83 29.04 -14.98
CA LYS B 1080 52.88 27.85 -14.15
C LYS B 1080 51.76 27.87 -13.11
N LEU B 1081 51.16 26.72 -12.88
CA LEU B 1081 50.21 26.58 -11.78
C LEU B 1081 50.94 26.48 -10.46
N MET B 1082 50.40 27.14 -9.43
CA MET B 1082 51.07 27.14 -8.13
C MET B 1082 51.10 25.75 -7.53
N ALA B 1083 50.03 24.98 -7.68
CA ALA B 1083 49.94 23.65 -7.11
C ALA B 1083 50.17 22.60 -8.20
N GLN B 1084 50.98 21.60 -7.88
CA GLN B 1084 51.25 20.52 -8.82
C GLN B 1084 50.03 19.60 -8.91
N VAL B 1085 49.92 18.91 -10.05
CA VAL B 1085 48.71 18.18 -10.41
C VAL B 1085 49.04 16.70 -10.49
N PHE B 1086 48.22 15.88 -9.84
CA PHE B 1086 48.29 14.44 -10.03
C PHE B 1086 47.89 14.10 -11.46
N PHE B 1087 48.74 13.33 -12.13
CA PHE B 1087 48.68 13.20 -13.59
C PHE B 1087 49.15 11.81 -13.98
N GLY B 1088 48.31 11.06 -14.71
CA GLY B 1088 48.72 9.75 -15.16
C GLY B 1088 47.63 8.98 -15.88
N PRO B 1089 48.00 7.87 -16.51
CA PRO B 1089 46.98 7.05 -17.18
C PRO B 1089 46.11 6.31 -16.19
N THR B 1090 44.86 6.08 -16.59
CA THR B 1090 43.90 5.33 -15.79
C THR B 1090 42.89 4.69 -16.73
N TYR B 1091 42.40 3.51 -16.34
CA TYR B 1091 41.46 2.77 -17.17
C TYR B 1091 40.04 3.28 -16.91
N TYR B 1092 39.39 3.75 -17.97
CA TYR B 1092 38.03 4.26 -17.90
C TYR B 1092 37.16 3.55 -18.91
N GLN B 1093 35.89 3.38 -18.57
CA GLN B 1093 34.93 2.70 -19.43
C GLN B 1093 33.69 3.55 -19.62
N ARG B 1094 33.15 3.53 -20.84
CA ARG B 1094 31.97 4.30 -21.18
C ARG B 1094 30.72 3.53 -20.80
N LEU B 1095 29.84 4.17 -20.03
CA LEU B 1095 28.61 3.53 -19.61
C LEU B 1095 27.60 3.51 -20.75
N ARG B 1096 26.63 2.60 -20.64
CA ARG B 1096 25.75 2.30 -21.75
C ARG B 1096 24.61 3.32 -21.85
N HIS B 1097 23.91 3.57 -20.74
CA HIS B 1097 22.70 4.37 -20.78
C HIS B 1097 22.98 5.81 -21.20
N MET B 1098 22.54 6.16 -22.41
CA MET B 1098 22.79 7.48 -22.98
C MET B 1098 21.59 8.39 -22.78
N ARG B 1129 6.53 13.45 -13.85
CA ARG B 1129 5.14 13.29 -13.46
C ARG B 1129 4.78 14.20 -12.29
N PHE B 1130 3.57 14.76 -12.33
CA PHE B 1130 3.08 15.64 -11.26
C PHE B 1130 2.31 14.78 -10.28
N GLY B 1131 3.00 14.26 -9.27
CA GLY B 1131 2.42 13.37 -8.30
C GLY B 1131 1.90 14.08 -7.07
N GLU B 1132 1.76 13.30 -5.99
CA GLU B 1132 1.20 13.86 -4.76
C GLU B 1132 2.19 14.76 -4.04
N MET B 1133 3.47 14.38 -4.01
CA MET B 1133 4.46 15.15 -3.28
C MET B 1133 4.67 16.53 -3.89
N GLU B 1134 4.62 16.62 -5.22
CA GLU B 1134 4.67 17.92 -5.88
C GLU B 1134 3.47 18.76 -5.49
N ARG B 1135 2.30 18.14 -5.40
CA ARG B 1135 1.10 18.86 -4.95
C ARG B 1135 1.28 19.39 -3.55
N ASP B 1136 1.86 18.58 -2.65
CA ASP B 1136 2.09 19.06 -1.28
C ASP B 1136 3.11 20.20 -1.26
N CYS B 1137 4.14 20.12 -2.10
CA CYS B 1137 5.12 21.19 -2.15
C CYS B 1137 4.47 22.50 -2.61
N MET B 1138 3.65 22.44 -3.66
CA MET B 1138 2.99 23.64 -4.14
C MET B 1138 1.92 24.13 -3.16
N ILE B 1139 1.33 23.23 -2.38
CA ILE B 1139 0.44 23.65 -1.31
C ILE B 1139 1.22 24.42 -0.25
N ALA B 1140 2.41 23.92 0.10
CA ALA B 1140 3.25 24.63 1.06
C ALA B 1140 3.65 26.00 0.53
N HIS B 1141 3.95 26.10 -0.76
CA HIS B 1141 4.24 27.41 -1.34
C HIS B 1141 3.00 28.30 -1.39
N GLY B 1142 1.81 27.73 -1.33
CA GLY B 1142 0.59 28.50 -1.27
C GLY B 1142 0.15 29.13 -2.58
N ALA B 1143 0.58 28.59 -3.72
CA ALA B 1143 0.21 29.13 -5.02
C ALA B 1143 -1.00 28.38 -5.53
N ALA B 1144 -2.19 28.85 -5.13
CA ALA B 1144 -3.43 28.15 -5.48
C ALA B 1144 -3.70 28.19 -6.98
N GLY B 1145 -3.29 29.25 -7.66
CA GLY B 1145 -3.52 29.33 -9.10
C GLY B 1145 -2.81 28.23 -9.85
N PHE B 1146 -1.59 27.90 -9.45
CA PHE B 1146 -0.87 26.81 -10.10
C PHE B 1146 -1.53 25.47 -9.83
N LEU B 1147 -2.08 25.28 -8.62
CA LEU B 1147 -2.84 24.06 -8.34
C LEU B 1147 -4.06 23.96 -9.25
N LYS B 1148 -4.77 25.08 -9.43
CA LYS B 1148 -5.92 25.07 -10.33
C LYS B 1148 -5.50 24.75 -11.76
N GLU B 1149 -4.40 25.34 -12.21
CA GLU B 1149 -3.92 25.07 -13.56
C GLU B 1149 -3.53 23.61 -13.75
N ARG B 1150 -2.83 23.03 -12.76
CA ARG B 1150 -2.47 21.62 -12.84
C ARG B 1150 -3.72 20.73 -12.83
N LEU B 1151 -4.69 21.06 -11.98
CA LEU B 1151 -5.90 20.27 -11.88
C LEU B 1151 -6.77 20.39 -13.13
N MET B 1152 -6.61 21.47 -13.90
CA MET B 1152 -7.38 21.64 -15.14
C MET B 1152 -6.57 21.29 -16.37
N GLU B 1153 -5.45 21.98 -16.59
CA GLU B 1153 -4.71 21.84 -17.85
C GLU B 1153 -4.06 20.48 -17.97
N ALA B 1154 -3.57 19.93 -16.85
CA ALA B 1154 -3.03 18.58 -16.83
C ALA B 1154 -4.09 17.53 -16.57
N SER B 1155 -5.34 17.82 -16.91
CA SER B 1155 -6.44 16.90 -16.72
C SER B 1155 -7.42 17.13 -17.87
N ASP B 1156 -8.64 16.65 -17.70
CA ASP B 1156 -9.64 16.58 -18.78
C ASP B 1156 -10.64 17.73 -18.72
N ALA B 1157 -10.23 18.93 -18.33
CA ALA B 1157 -11.15 20.05 -18.19
C ALA B 1157 -11.71 20.49 -19.55
N PHE B 1158 -12.97 20.92 -19.52
CA PHE B 1158 -13.67 21.36 -20.72
C PHE B 1158 -14.86 22.22 -20.30
N ARG B 1159 -15.14 23.26 -21.09
CA ARG B 1159 -16.21 24.19 -20.77
C ARG B 1159 -17.55 23.66 -21.29
N VAL B 1160 -18.57 23.75 -20.44
CA VAL B 1160 -19.91 23.25 -20.77
C VAL B 1160 -20.94 24.29 -20.33
N HIS B 1161 -21.88 24.61 -21.22
CA HIS B 1161 -22.94 25.55 -20.91
C HIS B 1161 -24.20 24.80 -20.48
N VAL B 1162 -24.78 25.21 -19.36
CA VAL B 1162 -25.91 24.52 -18.76
C VAL B 1162 -27.02 25.53 -18.47
N CYS B 1163 -28.25 25.17 -18.82
CA CYS B 1163 -29.40 26.00 -18.47
C CYS B 1163 -29.56 26.08 -16.96
N GLY B 1164 -29.87 27.27 -16.46
CA GLY B 1164 -30.09 27.46 -15.04
C GLY B 1164 -31.44 27.01 -14.55
N ILE B 1165 -32.35 26.64 -15.45
CA ILE B 1165 -33.69 26.17 -15.09
C ILE B 1165 -33.82 24.66 -15.29
N CYS B 1166 -33.67 24.19 -16.53
CA CYS B 1166 -33.77 22.77 -16.79
C CYS B 1166 -32.56 22.02 -16.26
N GLY B 1167 -31.36 22.55 -16.49
CA GLY B 1167 -30.15 21.85 -16.11
C GLY B 1167 -29.77 20.72 -17.03
N LEU B 1168 -30.25 20.73 -18.28
CA LEU B 1168 -29.97 19.69 -19.24
C LEU B 1168 -28.96 20.18 -20.27
N MET B 1169 -28.70 19.33 -21.27
CA MET B 1169 -27.78 19.65 -22.36
C MET B 1169 -28.59 20.12 -23.56
N SER B 1170 -29.01 21.39 -23.51
CA SER B 1170 -29.87 21.95 -24.55
C SER B 1170 -29.48 23.39 -24.87
N VAL B 1171 -28.21 23.74 -24.72
CA VAL B 1171 -27.77 25.13 -24.84
C VAL B 1171 -27.05 25.33 -26.17
N ILE B 1172 -27.51 26.31 -26.93
CA ILE B 1172 -26.84 26.76 -28.15
C ILE B 1172 -26.30 28.16 -27.85
N ALA B 1173 -24.99 28.33 -28.05
CA ALA B 1173 -24.31 29.56 -27.69
C ALA B 1173 -23.56 30.10 -28.90
N ASN B 1174 -23.76 31.40 -29.19
CA ASN B 1174 -23.03 32.10 -30.24
C ASN B 1174 -22.21 33.20 -29.58
N LEU B 1175 -20.89 33.00 -29.54
CA LEU B 1175 -20.01 33.96 -28.87
C LEU B 1175 -19.92 35.26 -29.65
N LYS B 1176 -19.78 35.17 -30.98
CA LYS B 1176 -19.75 36.38 -31.80
C LYS B 1176 -21.06 37.13 -31.71
N LYS B 1177 -22.18 36.42 -31.71
CA LYS B 1177 -23.48 37.05 -31.50
C LYS B 1177 -23.79 37.25 -30.03
N ASN B 1178 -22.99 36.66 -29.12
CA ASN B 1178 -23.14 36.83 -27.68
C ASN B 1178 -24.54 36.46 -27.21
N GLN B 1179 -25.07 35.36 -27.75
CA GLN B 1179 -26.42 34.94 -27.44
C GLN B 1179 -26.44 33.49 -26.98
N PHE B 1180 -27.42 33.17 -26.13
CA PHE B 1180 -27.60 31.83 -25.60
C PHE B 1180 -29.07 31.44 -25.74
N GLU B 1181 -29.30 30.15 -25.97
CA GLU B 1181 -30.66 29.66 -26.14
C GLU B 1181 -30.77 28.24 -25.59
N CYS B 1182 -31.71 28.02 -24.67
CA CYS B 1182 -32.00 26.69 -24.15
C CYS B 1182 -33.21 26.15 -24.90
N ARG B 1183 -32.99 25.16 -25.77
CA ARG B 1183 -34.09 24.60 -26.54
C ARG B 1183 -35.01 23.73 -25.70
N SER B 1184 -34.55 23.28 -24.53
CA SER B 1184 -35.42 22.50 -23.66
C SER B 1184 -36.49 23.37 -23.01
N CYS B 1185 -36.10 24.53 -22.48
CA CYS B 1185 -37.00 25.40 -21.75
C CYS B 1185 -37.44 26.62 -22.56
N LYS B 1186 -36.99 26.74 -23.81
CA LYS B 1186 -37.20 27.95 -24.62
C LYS B 1186 -36.69 29.18 -23.88
N ASN B 1187 -35.55 29.02 -23.22
CA ASN B 1187 -34.98 30.07 -22.38
C ASN B 1187 -33.76 30.66 -23.06
N LYS B 1188 -33.70 32.00 -23.12
CA LYS B 1188 -32.57 32.72 -23.66
C LYS B 1188 -32.08 33.79 -22.70
N THR B 1189 -32.50 33.73 -21.44
CA THR B 1189 -32.19 34.77 -20.46
C THR B 1189 -30.97 34.44 -19.60
N ASN B 1190 -31.01 33.32 -18.90
CA ASN B 1190 -29.95 32.94 -17.97
C ASN B 1190 -29.44 31.53 -18.27
N ILE B 1191 -28.19 31.44 -18.69
CA ILE B 1191 -27.52 30.16 -18.90
C ILE B 1191 -26.11 30.26 -18.32
N TYR B 1192 -25.75 29.31 -17.47
CA TYR B 1192 -24.49 29.35 -16.77
C TYR B 1192 -23.44 28.51 -17.51
N GLN B 1193 -22.19 28.66 -17.11
CA GLN B 1193 -21.10 27.88 -17.69
C GLN B 1193 -20.32 27.21 -16.57
N LEU B 1194 -19.81 26.02 -16.86
CA LEU B 1194 -19.13 25.17 -15.90
C LEU B 1194 -17.87 24.61 -16.54
N HIS B 1195 -16.93 24.20 -15.70
CA HIS B 1195 -15.74 23.50 -16.16
C HIS B 1195 -15.80 22.07 -15.62
N ILE B 1196 -15.89 21.11 -16.54
CA ILE B 1196 -16.14 19.71 -16.17
C ILE B 1196 -15.15 18.84 -16.90
N PRO B 1197 -14.77 17.71 -16.30
CA PRO B 1197 -14.03 16.70 -17.06
C PRO B 1197 -14.83 16.24 -18.26
N TYR B 1198 -14.17 16.14 -19.42
CA TYR B 1198 -14.92 15.74 -20.61
C TYR B 1198 -15.17 14.23 -20.63
N ALA B 1199 -14.44 13.46 -19.83
CA ALA B 1199 -14.85 12.09 -19.58
C ALA B 1199 -16.21 12.06 -18.89
N ALA B 1200 -16.40 12.94 -17.91
CA ALA B 1200 -17.72 13.12 -17.32
C ALA B 1200 -18.72 13.67 -18.33
N LYS B 1201 -18.25 14.44 -19.32
CA LYS B 1201 -19.16 14.91 -20.36
C LYS B 1201 -19.65 13.77 -21.23
N LEU B 1202 -18.75 12.87 -21.65
CA LEU B 1202 -19.16 11.70 -22.40
C LEU B 1202 -20.07 10.80 -21.56
N LEU B 1203 -19.76 10.66 -20.27
CA LEU B 1203 -20.61 9.91 -19.37
C LEU B 1203 -22.00 10.53 -19.30
N PHE B 1204 -22.08 11.86 -19.23
CA PHE B 1204 -23.36 12.53 -19.17
C PHE B 1204 -24.13 12.36 -20.47
N GLN B 1205 -23.43 12.37 -21.61
CA GLN B 1205 -24.12 12.19 -22.88
C GLN B 1205 -24.69 10.79 -23.01
N GLU B 1206 -23.88 9.76 -22.70
CA GLU B 1206 -24.42 8.40 -22.71
C GLU B 1206 -25.44 8.18 -21.60
N LEU B 1207 -25.44 9.04 -20.57
CA LEU B 1207 -26.45 8.98 -19.53
C LEU B 1207 -27.76 9.59 -20.00
N MET B 1208 -27.67 10.59 -20.89
CA MET B 1208 -28.85 10.99 -21.65
C MET B 1208 -29.33 9.84 -22.53
N ALA B 1209 -28.40 9.12 -23.13
CA ALA B 1209 -28.77 7.91 -23.87
C ALA B 1209 -29.37 6.85 -22.96
N MET B 1210 -29.11 6.92 -21.65
CA MET B 1210 -29.77 6.04 -20.68
C MET B 1210 -31.24 6.37 -20.49
N ASN B 1211 -31.72 7.48 -21.04
CA ASN B 1211 -33.08 7.99 -20.86
C ASN B 1211 -33.39 8.32 -19.40
N ILE B 1212 -32.36 8.61 -18.60
CA ILE B 1212 -32.51 9.15 -17.25
C ILE B 1212 -31.64 10.38 -17.14
N ALA B 1213 -32.21 11.48 -16.64
CA ALA B 1213 -31.65 12.81 -16.83
C ALA B 1213 -30.93 13.32 -15.59
N PRO B 1214 -29.62 13.52 -15.62
CA PRO B 1214 -28.96 14.28 -14.56
C PRO B 1214 -29.24 15.76 -14.68
N ARG B 1215 -30.05 16.30 -13.77
CA ARG B 1215 -30.39 17.72 -13.80
C ARG B 1215 -29.38 18.48 -12.95
N LEU B 1216 -28.55 19.29 -13.59
CA LEU B 1216 -27.45 19.99 -12.91
C LEU B 1216 -28.00 21.27 -12.30
N TYR B 1217 -27.89 21.40 -10.98
CA TYR B 1217 -28.30 22.60 -10.27
C TYR B 1217 -27.10 23.17 -9.53
N THR B 1218 -26.82 24.45 -9.77
CA THR B 1218 -25.72 25.15 -9.11
C THR B 1218 -26.10 25.68 -7.74
N GLU B 1219 -27.34 25.47 -7.30
CA GLU B 1219 -27.80 25.91 -6.00
C GLU B 1219 -28.40 24.73 -5.25
N ARG B 1220 -28.08 24.63 -3.96
CA ARG B 1220 -28.59 23.54 -3.14
C ARG B 1220 -30.06 23.74 -2.81
N SER B 1221 -30.69 22.67 -2.34
CA SER B 1221 -32.09 22.71 -1.92
C SER B 1221 -32.30 22.45 -0.44
N GLY B 1222 -31.32 21.88 0.26
CA GLY B 1222 -31.45 21.59 1.67
C GLY B 1222 -32.37 20.40 1.96
N GLU C 4 64.50 43.74 -30.61
CA GLU C 4 64.63 43.29 -29.22
C GLU C 4 64.50 41.77 -29.04
N PRO C 5 63.46 41.12 -29.60
CA PRO C 5 63.34 39.68 -29.44
C PRO C 5 64.48 38.93 -30.09
N LYS C 6 64.87 37.81 -29.47
CA LYS C 6 65.95 36.98 -29.97
C LYS C 6 65.51 35.52 -29.99
N VAL C 7 66.00 34.78 -30.98
CA VAL C 7 65.68 33.38 -31.16
C VAL C 7 66.98 32.58 -31.21
N ASN C 8 67.03 31.49 -30.46
CA ASN C 8 68.16 30.57 -30.48
C ASN C 8 67.64 29.17 -30.75
N ILE C 9 68.11 28.58 -31.86
CA ILE C 9 67.68 27.24 -32.25
C ILE C 9 68.66 26.24 -31.66
N ILE C 10 68.15 25.34 -30.81
CA ILE C 10 69.01 24.34 -30.18
C ILE C 10 69.19 23.13 -31.10
N ASN C 11 68.09 22.48 -31.45
CA ASN C 11 68.11 21.34 -32.34
C ASN C 11 67.11 21.54 -33.46
N ALA C 12 67.52 21.21 -34.68
CA ALA C 12 66.68 21.43 -35.86
C ALA C 12 66.77 20.21 -36.77
N GLN C 13 65.62 19.60 -37.05
CA GLN C 13 65.52 18.54 -38.03
C GLN C 13 64.23 18.72 -38.80
N ASP C 14 63.90 17.75 -39.65
CA ASP C 14 62.77 17.90 -40.56
C ASP C 14 61.44 17.96 -39.81
N ASP C 15 61.27 17.12 -38.79
CA ASP C 15 59.95 16.97 -38.16
C ASP C 15 59.80 17.77 -36.87
N GLU C 16 60.88 17.97 -36.11
CA GLU C 16 60.78 18.70 -34.85
C GLU C 16 61.91 19.69 -34.72
N VAL C 17 61.64 20.78 -34.00
CA VAL C 17 62.62 21.82 -33.72
C VAL C 17 62.52 22.21 -32.26
N GLU C 18 63.64 22.17 -31.56
CA GLU C 18 63.74 22.60 -30.16
C GLU C 18 64.54 23.89 -30.11
N LEU C 19 63.96 24.92 -29.51
CA LEU C 19 64.57 26.25 -29.55
C LEU C 19 64.32 26.97 -28.24
N MET C 20 65.05 28.08 -28.07
CA MET C 20 64.92 28.97 -26.93
C MET C 20 64.48 30.34 -27.43
N LEU C 21 63.50 30.92 -26.76
CA LEU C 21 62.88 32.17 -27.17
C LEU C 21 63.06 33.17 -26.04
N SER C 22 63.70 34.30 -26.33
CA SER C 22 64.09 35.24 -25.29
C SER C 22 63.65 36.66 -25.66
N ASP C 23 63.66 37.52 -24.63
CA ASP C 23 63.29 38.94 -24.77
C ASP C 23 61.88 39.13 -25.31
N VAL C 24 60.96 38.24 -24.92
CA VAL C 24 59.57 38.36 -25.28
C VAL C 24 58.72 38.14 -24.03
N ASN C 25 57.50 38.64 -24.08
CA ASN C 25 56.57 38.46 -22.98
C ASN C 25 56.02 37.03 -22.96
N LEU C 26 55.58 36.60 -21.77
CA LEU C 26 55.07 35.25 -21.62
C LEU C 26 53.80 35.04 -22.44
N SER C 27 52.90 36.03 -22.45
CA SER C 27 51.65 35.89 -23.19
C SER C 27 51.90 35.77 -24.68
N LEU C 28 52.92 36.45 -25.20
CA LEU C 28 53.23 36.32 -26.62
C LEU C 28 53.65 34.89 -26.96
N ALA C 29 54.51 34.29 -26.12
CA ALA C 29 54.94 32.91 -26.37
C ALA C 29 53.78 31.94 -26.25
N ASN C 30 52.92 32.13 -25.24
CA ASN C 30 51.77 31.24 -25.08
C ASN C 30 50.80 31.38 -26.25
N SER C 31 50.56 32.60 -26.72
CA SER C 31 49.68 32.81 -27.86
C SER C 31 50.28 32.21 -29.12
N LEU C 32 51.60 32.30 -29.27
CA LEU C 32 52.26 31.70 -30.43
C LEU C 32 52.12 30.19 -30.41
N ARG C 33 52.28 29.59 -29.23
CA ARG C 33 52.09 28.15 -29.09
C ARG C 33 50.66 27.75 -29.42
N ARG C 34 49.69 28.49 -28.90
CA ARG C 34 48.29 28.20 -29.21
C ARG C 34 48.00 28.36 -30.70
N THR C 35 48.65 29.35 -31.33
CA THR C 35 48.46 29.55 -32.77
C THR C 35 49.00 28.36 -33.55
N MET C 36 50.16 27.84 -33.17
CA MET C 36 50.64 26.61 -33.82
C MET C 36 49.67 25.47 -33.58
N LEU C 37 49.15 25.35 -32.36
CA LEU C 37 48.33 24.19 -32.03
C LEU C 37 46.98 24.20 -32.75
N ALA C 38 46.39 25.37 -32.95
CA ALA C 38 44.99 25.42 -33.37
C ALA C 38 44.76 26.11 -34.69
N GLU C 39 45.40 27.24 -34.95
CA GLU C 39 44.99 28.13 -36.04
C GLU C 39 45.99 28.18 -37.20
N VAL C 40 46.59 27.04 -37.53
CA VAL C 40 47.44 26.93 -38.71
C VAL C 40 46.69 26.10 -39.74
N PRO C 41 46.32 26.66 -40.89
CA PRO C 41 45.52 25.91 -41.87
C PRO C 41 46.33 24.79 -42.50
N THR C 42 45.70 23.63 -42.64
CA THR C 42 46.28 22.48 -43.32
C THR C 42 45.23 21.86 -44.23
N LEU C 43 45.61 20.76 -44.88
CA LEU C 43 44.75 20.05 -45.81
C LEU C 43 44.42 18.68 -45.23
N ALA C 44 43.14 18.37 -45.14
CA ALA C 44 42.71 17.09 -44.60
C ALA C 44 41.47 16.62 -45.34
N ILE C 45 41.27 15.29 -45.33
CA ILE C 45 40.12 14.71 -46.01
C ILE C 45 38.86 15.04 -45.22
N ASP C 46 37.87 15.63 -45.90
CA ASP C 46 36.64 16.05 -45.25
C ASP C 46 35.38 15.44 -45.85
N LEU C 47 35.44 14.89 -47.06
CA LEU C 47 34.30 14.23 -47.68
C LEU C 47 34.74 12.88 -48.22
N VAL C 48 34.02 11.84 -47.86
CA VAL C 48 34.33 10.48 -48.27
C VAL C 48 33.10 9.89 -48.94
N GLU C 49 33.26 9.48 -50.21
CA GLU C 49 32.20 8.82 -50.96
C GLU C 49 32.61 7.38 -51.17
N ILE C 50 31.89 6.46 -50.54
CA ILE C 50 32.21 5.03 -50.58
C ILE C 50 31.40 4.41 -51.70
N LYS C 51 32.08 4.02 -52.78
CA LYS C 51 31.39 3.41 -53.90
C LYS C 51 30.99 1.97 -53.59
N MET C 52 31.88 1.23 -52.93
CA MET C 52 31.61 -0.18 -52.62
C MET C 52 32.57 -0.63 -51.54
N ASN C 53 32.02 -1.16 -50.45
CA ASN C 53 32.81 -1.57 -49.28
C ASN C 53 32.35 -2.96 -48.88
N THR C 54 33.29 -3.91 -48.84
CA THR C 54 33.00 -5.28 -48.42
C THR C 54 33.84 -5.70 -47.22
N SER C 55 34.63 -4.80 -46.65
CA SER C 55 35.49 -5.16 -45.55
C SER C 55 34.68 -5.34 -44.26
N VAL C 56 35.37 -5.81 -43.22
CA VAL C 56 34.73 -6.01 -41.92
C VAL C 56 34.58 -4.73 -41.13
N LEU C 57 35.19 -3.63 -41.58
CA LEU C 57 35.10 -2.36 -40.90
C LEU C 57 33.88 -1.60 -41.36
N ALA C 58 33.30 -0.82 -40.45
CA ALA C 58 32.14 -0.02 -40.79
C ALA C 58 32.54 1.12 -41.73
N ASP C 59 31.54 1.63 -42.47
CA ASP C 59 31.80 2.71 -43.42
C ASP C 59 32.28 3.97 -42.70
N GLU C 60 31.60 4.34 -41.61
CA GLU C 60 32.05 5.50 -40.85
C GLU C 60 33.39 5.24 -40.19
N PHE C 61 33.67 3.98 -39.81
CA PHE C 61 34.96 3.64 -39.22
C PHE C 61 36.10 3.94 -40.18
N ILE C 62 36.01 3.41 -41.41
CA ILE C 62 37.09 3.63 -42.38
C ILE C 62 37.12 5.09 -42.82
N SER C 63 35.96 5.74 -42.91
CA SER C 63 35.96 7.16 -43.27
C SER C 63 36.68 8.00 -42.20
N HIS C 64 36.39 7.73 -40.93
CA HIS C 64 37.05 8.46 -39.85
C HIS C 64 38.54 8.18 -39.83
N ARG C 65 38.94 6.92 -40.08
CA ARG C 65 40.36 6.62 -40.16
C ARG C 65 41.01 7.37 -41.32
N LEU C 66 40.32 7.49 -42.44
CA LEU C 66 40.82 8.26 -43.57
C LEU C 66 40.95 9.73 -43.24
N GLY C 67 40.07 10.24 -42.38
CA GLY C 67 40.12 11.65 -42.02
C GLY C 67 41.41 12.03 -41.31
N LEU C 68 41.96 11.12 -40.52
CA LEU C 68 43.15 11.41 -39.71
C LEU C 68 44.45 11.23 -40.48
N ILE C 69 44.40 10.84 -41.75
CA ILE C 69 45.64 10.68 -42.52
C ILE C 69 46.24 12.05 -42.80
N PRO C 70 47.49 12.30 -42.44
CA PRO C 70 48.11 13.58 -42.80
C PRO C 70 48.34 13.69 -44.30
N LEU C 71 48.24 14.92 -44.80
CA LEU C 71 48.44 15.21 -46.21
C LEU C 71 49.46 16.33 -46.36
N VAL C 72 50.21 16.31 -47.45
CA VAL C 72 51.19 17.35 -47.71
C VAL C 72 50.46 18.67 -47.94
N SER C 73 50.74 19.65 -47.09
CA SER C 73 50.05 20.94 -47.13
C SER C 73 51.04 22.08 -47.26
N GLU C 74 52.09 21.89 -48.06
CA GLU C 74 53.11 22.92 -48.21
C GLU C 74 52.53 24.16 -48.90
N ASP C 75 51.73 23.97 -49.94
CA ASP C 75 51.16 25.07 -50.71
C ASP C 75 49.68 25.30 -50.36
N VAL C 76 49.29 24.99 -49.13
CA VAL C 76 47.89 25.08 -48.75
C VAL C 76 47.43 26.54 -48.68
N GLU C 77 48.36 27.49 -48.61
CA GLU C 77 47.98 28.90 -48.51
C GLU C 77 47.28 29.37 -49.77
N GLU C 78 47.76 28.94 -50.94
CA GLU C 78 47.19 29.42 -52.20
C GLU C 78 45.78 28.90 -52.43
N MET C 79 45.39 27.80 -51.79
CA MET C 79 44.03 27.31 -51.92
C MET C 79 43.07 28.20 -51.14
N LYS C 80 41.78 28.06 -51.44
CA LYS C 80 40.74 28.85 -50.82
C LYS C 80 39.80 27.94 -50.05
N TYR C 81 39.09 28.53 -49.09
CA TYR C 81 38.10 27.78 -48.33
C TYR C 81 36.91 27.42 -49.22
N SER C 82 36.14 26.43 -48.76
CA SER C 82 34.96 26.03 -49.52
C SER C 82 33.94 27.15 -49.60
N ARG C 83 33.75 27.89 -48.50
CA ARG C 83 32.80 29.01 -48.51
C ARG C 83 33.35 30.22 -49.25
N ASP C 84 34.64 30.24 -49.55
CA ASP C 84 35.24 31.33 -50.32
C ASP C 84 35.18 31.09 -51.82
N CYS C 85 34.70 29.94 -52.26
CA CYS C 85 34.66 29.58 -53.67
C CYS C 85 33.22 29.64 -54.16
N THR C 86 33.01 30.34 -55.27
CA THR C 86 31.67 30.51 -55.83
C THR C 86 31.20 29.29 -56.61
N CYS C 87 32.06 28.30 -56.84
CA CYS C 87 31.68 27.10 -57.56
C CYS C 87 30.65 26.30 -56.75
N GLU C 88 29.75 25.64 -57.47
CA GLU C 88 28.79 24.76 -56.81
C GLU C 88 29.52 23.55 -56.24
N ASP C 89 29.10 23.14 -55.04
CA ASP C 89 29.72 22.04 -54.31
C ASP C 89 31.22 22.30 -54.13
N TYR C 90 32.05 21.55 -54.85
CA TYR C 90 33.49 21.73 -54.81
C TYR C 90 34.04 21.72 -56.23
N CYS C 91 35.14 22.44 -56.43
CA CYS C 91 35.78 22.48 -57.74
C CYS C 91 37.25 22.11 -57.62
N ASP C 92 38.01 22.29 -58.70
CA ASP C 92 39.43 21.95 -58.70
C ASP C 92 40.27 22.97 -57.96
N GLU C 93 39.74 24.18 -57.73
CA GLU C 93 40.49 25.24 -57.07
C GLU C 93 40.28 25.31 -55.57
N CYS C 94 39.44 24.43 -55.02
CA CYS C 94 39.17 24.47 -53.58
C CYS C 94 39.15 23.10 -52.94
N SER C 95 39.59 22.05 -53.65
CA SER C 95 39.58 20.70 -53.09
C SER C 95 40.56 19.83 -53.87
N VAL C 96 40.93 18.71 -53.26
CA VAL C 96 41.80 17.72 -53.88
C VAL C 96 41.07 16.39 -53.89
N VAL C 97 40.99 15.76 -55.06
CA VAL C 97 40.26 14.51 -55.23
C VAL C 97 41.27 13.36 -55.25
N LEU C 98 41.14 12.46 -54.28
CA LEU C 98 41.96 11.26 -54.20
C LEU C 98 41.07 10.03 -54.33
N GLU C 99 41.68 8.91 -54.70
CA GLU C 99 40.93 7.68 -54.88
C GLU C 99 41.74 6.51 -54.32
N LEU C 100 41.03 5.51 -53.81
CA LEU C 100 41.62 4.29 -53.29
C LEU C 100 40.83 3.11 -53.81
N SER C 101 41.55 2.10 -54.33
CA SER C 101 40.92 0.89 -54.84
C SER C 101 41.82 -0.28 -54.45
N ALA C 102 41.32 -1.13 -53.56
CA ALA C 102 42.09 -2.27 -53.07
C ALA C 102 41.25 -3.53 -53.11
N ARG C 103 41.92 -4.65 -53.34
CA ARG C 103 41.25 -5.94 -53.38
C ARG C 103 42.26 -7.03 -53.05
N HIS C 104 41.74 -8.16 -52.57
CA HIS C 104 42.55 -9.33 -52.29
C HIS C 104 42.12 -10.47 -53.19
N GLU C 105 43.09 -11.14 -53.81
CA GLU C 105 42.84 -12.22 -54.74
C GLU C 105 43.46 -13.51 -54.23
N GLY C 106 42.72 -14.61 -54.38
CA GLY C 106 43.16 -15.89 -53.90
C GLY C 106 42.51 -16.27 -52.59
N GLU C 107 42.49 -17.57 -52.31
CA GLU C 107 41.85 -18.10 -51.12
C GLU C 107 42.76 -18.03 -49.89
N GLU C 108 43.98 -17.55 -50.03
CA GLU C 108 44.94 -17.53 -48.94
C GLU C 108 45.50 -16.12 -48.76
N GLY C 109 45.98 -15.85 -47.55
CA GLY C 109 46.64 -14.59 -47.26
C GLY C 109 45.67 -13.47 -46.97
N THR C 110 46.22 -12.37 -46.46
CA THR C 110 45.47 -11.17 -46.13
C THR C 110 46.19 -9.97 -46.72
N THR C 111 45.44 -9.10 -47.40
CA THR C 111 46.02 -7.93 -48.03
C THR C 111 45.90 -6.72 -47.11
N ASP C 112 47.01 -6.06 -46.86
CA ASP C 112 47.04 -4.87 -46.01
C ASP C 112 46.97 -3.63 -46.89
N VAL C 113 45.93 -2.82 -46.69
CA VAL C 113 45.75 -1.58 -47.42
C VAL C 113 46.33 -0.46 -46.58
N TYR C 114 47.36 0.20 -47.11
CA TYR C 114 48.07 1.27 -46.44
C TYR C 114 47.67 2.62 -47.04
N SER C 115 48.25 3.68 -46.49
CA SER C 115 47.98 5.03 -47.00
C SER C 115 48.69 5.30 -48.31
N SER C 116 49.73 4.53 -48.65
CA SER C 116 50.41 4.72 -49.93
C SER C 116 49.53 4.36 -51.11
N SER C 117 48.51 3.52 -50.91
CA SER C 117 47.60 3.18 -51.99
C SER C 117 46.77 4.38 -52.43
N LEU C 118 46.63 5.39 -51.58
CA LEU C 118 45.91 6.60 -51.96
C LEU C 118 46.65 7.31 -53.08
N ILE C 119 45.92 7.68 -54.13
CA ILE C 119 46.51 8.33 -55.30
C ILE C 119 45.76 9.64 -55.55
N LYS C 120 46.52 10.70 -55.79
CA LYS C 120 45.95 12.03 -56.01
C LYS C 120 45.41 12.08 -57.43
N VAL C 121 44.11 11.89 -57.58
CA VAL C 121 43.50 11.92 -58.90
C VAL C 121 43.54 13.31 -59.49
N SER C 122 43.15 14.33 -58.70
CA SER C 122 43.10 15.68 -59.22
C SER C 122 43.34 16.67 -58.10
N GLY C 123 43.81 17.86 -58.49
CA GLY C 123 44.06 18.93 -57.55
C GLY C 123 44.33 20.24 -58.25
N PRO C 124 44.43 21.33 -57.48
CA PRO C 124 44.71 22.63 -58.09
C PRO C 124 46.15 22.76 -58.55
N GLY C 125 46.45 22.21 -59.73
CA GLY C 125 47.80 22.29 -60.25
C GLY C 125 48.20 23.73 -60.55
N ASN C 126 49.50 23.98 -60.44
CA ASN C 126 50.50 22.96 -60.14
C ASN C 126 50.96 23.04 -58.69
N LEU C 127 50.02 23.31 -57.79
CA LEU C 127 50.35 23.40 -56.37
C LEU C 127 50.81 22.05 -55.84
N ASN C 128 51.71 22.10 -54.85
CA ASN C 128 52.29 20.89 -54.26
C ASN C 128 51.53 20.56 -52.98
N VAL C 129 50.32 20.02 -53.15
CA VAL C 129 49.47 19.62 -52.04
C VAL C 129 48.83 18.28 -52.39
N GLY C 130 48.09 17.73 -51.43
CA GLY C 130 47.28 16.55 -51.65
C GLY C 130 47.96 15.22 -51.43
N GLU C 131 49.25 15.12 -51.71
CA GLU C 131 49.95 13.86 -51.57
C GLU C 131 50.01 13.44 -50.11
N PRO C 132 49.68 12.19 -49.79
CA PRO C 132 49.85 11.72 -48.41
C PRO C 132 51.32 11.74 -48.00
N VAL C 133 51.54 12.01 -46.72
CA VAL C 133 52.91 12.17 -46.22
C VAL C 133 53.56 10.80 -46.09
N ARG C 134 54.75 10.66 -46.66
CA ARG C 134 55.53 9.44 -46.58
C ARG C 134 56.86 9.73 -45.90
N ARG C 135 57.22 8.91 -44.91
CA ARG C 135 58.48 9.08 -44.22
C ARG C 135 59.65 8.90 -45.19
N ASP C 136 59.60 7.87 -46.01
CA ASP C 136 60.60 7.60 -47.03
C ASP C 136 59.88 7.23 -48.32
N ASP C 137 60.67 6.91 -49.35
CA ASP C 137 60.06 6.49 -50.61
C ASP C 137 59.51 5.06 -50.53
N TYR C 138 60.13 4.21 -49.73
CA TYR C 138 59.73 2.81 -49.61
C TYR C 138 58.75 2.56 -48.48
N ASP C 139 58.44 3.58 -47.67
CA ASP C 139 57.58 3.37 -46.52
C ASP C 139 56.13 3.20 -46.96
N GLN C 140 55.48 2.14 -46.47
CA GLN C 140 54.08 1.92 -46.81
C GLN C 140 53.18 2.99 -46.20
N GLY C 141 53.46 3.38 -44.96
CA GLY C 141 52.67 4.42 -44.33
C GLY C 141 51.69 3.89 -43.30
N ILE C 142 50.60 4.62 -43.08
CA ILE C 142 49.64 4.26 -42.06
C ILE C 142 48.80 3.09 -42.55
N LEU C 143 48.64 2.08 -41.70
CA LEU C 143 47.80 0.93 -42.03
C LEU C 143 46.33 1.36 -42.01
N LEU C 144 45.69 1.30 -43.17
CA LEU C 144 44.30 1.73 -43.28
C LEU C 144 43.31 0.60 -43.03
N CYS C 145 43.52 -0.55 -43.67
CA CYS C 145 42.56 -1.63 -43.55
C CYS C 145 43.22 -2.97 -43.85
N LYS C 146 42.48 -4.04 -43.62
CA LYS C 146 42.90 -5.39 -43.96
C LYS C 146 41.76 -6.10 -44.68
N LEU C 147 42.11 -6.83 -45.74
CA LEU C 147 41.12 -7.45 -46.62
C LEU C 147 41.42 -8.94 -46.76
N ARG C 148 40.37 -9.75 -46.73
CA ARG C 148 40.43 -11.18 -46.94
C ARG C 148 40.00 -11.49 -48.37
N ASN C 149 39.84 -12.78 -48.67
CA ASN C 149 39.43 -13.19 -50.00
C ASN C 149 38.05 -12.64 -50.34
N HIS C 150 37.90 -12.20 -51.59
CA HIS C 150 36.65 -11.67 -52.13
C HIS C 150 36.15 -10.45 -51.38
N GLN C 151 37.06 -9.70 -50.75
CA GLN C 151 36.74 -8.46 -50.07
C GLN C 151 37.42 -7.31 -50.81
N GLU C 152 36.65 -6.28 -51.14
CA GLU C 152 37.14 -5.19 -51.95
C GLU C 152 36.74 -3.85 -51.34
N LEU C 153 37.53 -2.82 -51.65
CA LEU C 153 37.31 -1.48 -51.14
C LEU C 153 37.51 -0.50 -52.28
N ASN C 154 36.53 0.38 -52.50
CA ASN C 154 36.59 1.36 -53.58
C ASN C 154 36.04 2.67 -53.05
N ILE C 155 36.92 3.61 -52.74
CA ILE C 155 36.55 4.85 -52.06
C ILE C 155 37.10 6.03 -52.85
N ARG C 156 36.32 7.11 -52.90
CA ARG C 156 36.74 8.37 -53.46
C ARG C 156 36.64 9.43 -52.38
N CYS C 157 37.73 10.15 -52.14
CA CYS C 157 37.84 11.07 -51.03
C CYS C 157 38.12 12.49 -51.53
N ILE C 158 37.60 13.47 -50.81
CA ILE C 158 37.80 14.88 -51.11
C ILE C 158 38.50 15.51 -49.91
N ALA C 159 39.61 16.20 -50.18
CA ALA C 159 40.40 16.86 -49.15
C ALA C 159 40.25 18.37 -49.29
N LYS C 160 40.03 19.04 -48.17
CA LYS C 160 39.80 20.48 -48.12
C LYS C 160 40.72 21.11 -47.09
N LYS C 161 40.76 22.44 -47.11
CA LYS C 161 41.59 23.22 -46.20
C LYS C 161 40.81 23.58 -44.94
N GLY C 162 41.43 23.40 -43.79
CA GLY C 162 40.80 23.72 -42.53
C GLY C 162 41.79 24.03 -41.42
N ILE C 163 41.29 24.25 -40.21
CA ILE C 163 42.12 24.53 -39.05
C ILE C 163 41.72 23.59 -37.92
N ALA C 164 42.63 23.43 -36.96
CA ALA C 164 42.41 22.50 -35.86
C ALA C 164 41.26 22.92 -34.96
N LYS C 165 40.83 24.18 -35.03
CA LYS C 165 39.68 24.61 -34.23
C LYS C 165 38.43 23.86 -34.64
N GLU C 166 38.21 23.68 -35.95
CA GLU C 166 37.02 22.99 -36.41
C GLU C 166 37.05 21.52 -36.03
N HIS C 167 38.16 20.84 -36.29
CA HIS C 167 38.35 19.44 -35.96
C HIS C 167 39.84 19.18 -35.82
N ALA C 168 40.20 18.28 -34.92
CA ALA C 168 41.61 18.04 -34.60
C ALA C 168 42.39 17.44 -35.76
N LYS C 169 41.71 16.97 -36.80
CA LYS C 169 42.41 16.34 -37.91
C LYS C 169 43.19 17.32 -38.78
N TRP C 170 42.91 18.62 -38.71
CA TRP C 170 43.74 19.60 -39.40
C TRP C 170 44.89 20.11 -38.55
N SER C 171 45.08 19.59 -37.35
CA SER C 171 46.17 20.06 -36.49
C SER C 171 47.51 19.64 -37.09
N PRO C 172 48.41 20.59 -37.36
CA PRO C 172 49.72 20.22 -37.93
C PRO C 172 50.74 19.80 -36.89
N CYS C 173 50.48 20.01 -35.60
CA CYS C 173 51.41 19.67 -34.54
C CYS C 173 50.81 18.60 -33.65
N SER C 174 51.68 17.74 -33.11
CA SER C 174 51.25 16.71 -32.18
C SER C 174 51.36 17.19 -30.74
N ALA C 175 52.57 17.52 -30.31
CA ALA C 175 52.79 18.02 -28.96
C ALA C 175 53.81 19.14 -29.00
N ILE C 176 53.56 20.19 -28.23
CA ILE C 176 54.46 21.33 -28.15
C ILE C 176 54.98 21.39 -26.72
N ALA C 177 56.22 20.95 -26.51
CA ALA C 177 56.83 21.09 -25.20
C ALA C 177 57.16 22.55 -24.96
N PHE C 178 56.82 23.04 -23.76
CA PHE C 178 56.93 24.46 -23.47
C PHE C 178 57.24 24.61 -21.98
N GLU C 179 58.32 25.31 -21.66
CA GLU C 179 58.66 25.52 -20.26
C GLU C 179 59.52 26.76 -20.11
N TYR C 180 59.64 27.23 -18.87
CA TYR C 180 60.45 28.40 -18.56
C TYR C 180 60.82 28.34 -17.08
N ASP C 181 61.88 29.07 -16.74
CA ASP C 181 62.37 29.20 -15.37
C ASP C 181 62.60 27.83 -14.73
N PRO C 182 63.63 27.10 -15.16
CA PRO C 182 63.84 25.74 -14.63
C PRO C 182 64.11 25.70 -13.13
N HIS C 183 64.76 26.71 -12.57
CA HIS C 183 65.18 26.69 -11.18
C HIS C 183 64.17 27.33 -10.23
N ASN C 184 63.00 27.73 -10.74
CA ASN C 184 61.95 28.33 -9.91
C ASN C 184 62.44 29.57 -9.18
N LYS C 185 63.23 30.39 -9.87
CA LYS C 185 63.71 31.64 -9.28
C LYS C 185 62.56 32.62 -9.04
N LEU C 186 61.60 32.65 -9.96
CA LEU C 186 60.46 33.57 -9.84
C LEU C 186 59.42 33.11 -8.85
N LYS C 187 59.55 31.90 -8.31
CA LYS C 187 58.61 31.34 -7.33
C LYS C 187 57.19 31.29 -7.90
N HIS C 188 57.07 30.96 -9.19
CA HIS C 188 55.76 30.84 -9.81
C HIS C 188 55.02 29.59 -9.37
N THR C 189 55.70 28.63 -8.73
CA THR C 189 55.06 27.43 -8.25
C THR C 189 55.61 27.08 -6.87
N ASP C 190 54.77 26.44 -6.07
CA ASP C 190 55.14 25.97 -4.74
C ASP C 190 55.26 24.45 -4.78
N PHE C 191 56.40 23.94 -4.31
CA PHE C 191 56.75 22.54 -4.51
C PHE C 191 56.23 21.69 -3.36
N TRP C 192 55.36 20.74 -3.68
CA TRP C 192 54.93 19.74 -2.71
C TRP C 192 56.09 18.83 -2.36
N PHE C 193 56.21 18.50 -1.08
CA PHE C 193 57.31 17.66 -0.62
C PHE C 193 56.91 16.98 0.68
N GLU C 194 57.70 15.96 1.04
CA GLU C 194 57.55 15.26 2.31
C GLU C 194 58.66 15.55 3.30
N VAL C 195 59.91 15.58 2.83
CA VAL C 195 61.05 15.86 3.70
C VAL C 195 61.80 17.06 3.17
N ASP C 196 62.29 16.97 1.94
CA ASP C 196 63.05 18.05 1.30
C ASP C 196 62.53 18.23 -0.12
N ALA C 197 62.25 19.48 -0.49
CA ALA C 197 61.71 19.76 -1.82
C ALA C 197 62.75 19.55 -2.90
N LYS C 198 64.00 19.94 -2.63
CA LYS C 198 65.04 19.87 -3.67
C LYS C 198 65.36 18.43 -4.04
N LYS C 199 65.45 17.54 -3.05
CA LYS C 199 65.82 16.16 -3.33
C LYS C 199 64.68 15.36 -3.95
N GLU C 200 63.43 15.73 -3.69
CA GLU C 200 62.28 14.95 -4.11
C GLU C 200 61.75 15.34 -5.48
N TRP C 201 62.35 16.31 -6.15
CA TRP C 201 61.85 16.77 -7.43
C TRP C 201 62.92 16.67 -8.50
N PRO C 202 62.65 15.99 -9.60
CA PRO C 202 63.67 15.84 -10.65
C PRO C 202 64.02 17.17 -11.28
N ASP C 203 65.28 17.29 -11.68
CA ASP C 203 65.74 18.51 -12.35
C ASP C 203 65.19 18.56 -13.77
N SER C 204 64.87 19.77 -14.22
CA SER C 204 64.43 19.96 -15.60
C SER C 204 65.58 19.68 -16.56
N LYS C 205 65.23 19.30 -17.79
CA LYS C 205 66.25 19.02 -18.80
C LYS C 205 67.00 20.27 -19.22
N TYR C 206 66.51 21.46 -18.89
CA TYR C 206 67.19 22.72 -19.18
C TYR C 206 67.78 23.35 -17.93
N ALA C 207 67.96 22.55 -16.86
CA ALA C 207 68.50 23.11 -15.62
C ALA C 207 69.94 23.56 -15.78
N THR C 208 70.68 22.97 -16.71
CA THR C 208 72.07 23.36 -16.93
C THR C 208 72.21 24.61 -17.78
N TRP C 209 71.13 25.07 -18.41
CA TRP C 209 71.18 26.27 -19.22
C TRP C 209 71.11 27.56 -18.41
N GLU C 210 70.72 27.48 -17.14
CA GLU C 210 70.64 28.64 -16.27
C GLU C 210 71.31 28.31 -14.94
N GLU C 211 72.09 29.26 -14.43
CA GLU C 211 72.82 29.03 -13.20
C GLU C 211 71.85 28.90 -12.02
N PRO C 212 72.06 27.92 -11.14
CA PRO C 212 71.18 27.77 -9.99
C PRO C 212 71.36 28.93 -9.03
N PRO C 213 70.33 29.27 -8.26
CA PRO C 213 70.46 30.38 -7.32
C PRO C 213 71.40 30.05 -6.17
N LYS C 214 72.12 31.08 -5.72
CA LYS C 214 73.02 30.92 -4.59
C LYS C 214 72.22 30.85 -3.29
N PRO C 215 72.73 30.15 -2.28
CA PRO C 215 71.98 30.05 -1.01
C PRO C 215 71.75 31.38 -0.32
N GLY C 216 72.67 32.33 -0.45
CA GLY C 216 72.53 33.63 0.17
C GLY C 216 71.78 34.66 -0.64
N GLU C 217 71.25 34.29 -1.81
CA GLU C 217 70.55 35.24 -2.65
C GLU C 217 69.21 35.63 -2.04
N VAL C 218 68.79 36.86 -2.32
CA VAL C 218 67.50 37.36 -1.90
C VAL C 218 66.56 37.30 -3.10
N PHE C 219 65.26 37.30 -2.80
CA PHE C 219 64.26 37.21 -3.86
C PHE C 219 64.25 38.48 -4.70
N ASP C 220 64.20 38.31 -6.02
CA ASP C 220 64.13 39.42 -6.96
C ASP C 220 62.67 39.63 -7.34
N TYR C 221 62.01 40.57 -6.68
CA TYR C 221 60.58 40.77 -6.89
C TYR C 221 60.26 41.44 -8.21
N LYS C 222 61.24 42.11 -8.83
CA LYS C 222 61.00 42.82 -10.08
C LYS C 222 61.31 41.97 -11.31
N ALA C 223 61.67 40.71 -11.13
CA ALA C 223 62.00 39.85 -12.25
C ALA C 223 60.74 39.27 -12.89
N LYS C 224 60.80 39.07 -14.20
CA LYS C 224 59.72 38.49 -14.99
C LYS C 224 60.28 37.39 -15.87
N PRO C 225 59.45 36.41 -16.24
CA PRO C 225 59.93 35.36 -17.14
C PRO C 225 60.40 35.94 -18.46
N ASN C 226 61.56 35.48 -18.92
CA ASN C 226 62.19 36.05 -20.11
C ASN C 226 62.70 35.01 -21.11
N ARG C 227 62.98 33.78 -20.69
CA ARG C 227 63.47 32.74 -21.59
C ARG C 227 62.52 31.56 -21.54
N PHE C 228 62.06 31.13 -22.72
CA PHE C 228 61.13 30.02 -22.83
C PHE C 228 61.71 28.98 -23.77
N TYR C 229 61.87 27.76 -23.28
CA TYR C 229 62.36 26.65 -24.08
C TYR C 229 61.16 25.88 -24.61
N MET C 230 61.08 25.75 -25.94
CA MET C 230 59.94 25.07 -26.55
C MET C 230 60.41 24.18 -27.69
N THR C 231 59.78 23.01 -27.77
CA THR C 231 60.03 22.03 -28.83
C THR C 231 58.73 21.78 -29.57
N VAL C 232 58.78 21.93 -30.89
CA VAL C 232 57.61 21.78 -31.75
C VAL C 232 57.82 20.54 -32.60
N GLU C 233 56.86 19.61 -32.54
CA GLU C 233 56.87 18.41 -33.35
C GLU C 233 55.68 18.43 -34.31
N THR C 234 55.92 18.05 -35.55
CA THR C 234 54.88 18.05 -36.57
C THR C 234 54.55 16.62 -36.99
N THR C 235 53.44 16.48 -37.71
CA THR C 235 52.97 15.19 -38.20
C THR C 235 53.48 14.89 -39.60
N GLY C 236 54.33 15.73 -40.17
CA GLY C 236 54.82 15.55 -41.51
C GLY C 236 54.06 16.31 -42.57
N SER C 237 52.88 16.82 -42.26
CA SER C 237 52.14 17.65 -43.21
C SER C 237 52.90 18.93 -43.52
N LEU C 238 53.49 19.55 -42.51
CA LEU C 238 54.31 20.74 -42.68
C LEU C 238 55.59 20.59 -41.90
N LYS C 239 56.69 21.09 -42.45
CA LYS C 239 57.94 21.10 -41.71
C LYS C 239 57.87 22.09 -40.55
N ALA C 240 58.71 21.87 -39.55
CA ALA C 240 58.62 22.64 -38.31
C ALA C 240 58.87 24.13 -38.54
N ASN C 241 59.85 24.45 -39.39
CA ASN C 241 60.09 25.85 -39.71
C ASN C 241 58.89 26.47 -40.42
N GLN C 242 58.26 25.71 -41.31
CA GLN C 242 57.05 26.19 -41.96
C GLN C 242 55.93 26.42 -40.96
N VAL C 243 55.80 25.51 -39.98
CA VAL C 243 54.77 25.67 -38.96
C VAL C 243 55.01 26.94 -38.15
N PHE C 244 56.26 27.17 -37.74
CA PHE C 244 56.58 28.36 -36.96
C PHE C 244 56.29 29.63 -37.75
N SER C 245 56.77 29.69 -39.00
CA SER C 245 56.56 30.87 -39.82
C SER C 245 55.07 31.11 -40.08
N ARG C 246 54.32 30.05 -40.34
CA ARG C 246 52.91 30.22 -40.63
C ARG C 246 52.12 30.59 -39.39
N GLY C 247 52.53 30.11 -38.21
CA GLY C 247 51.89 30.57 -36.99
C GLY C 247 52.13 32.05 -36.73
N ILE C 248 53.36 32.51 -36.95
CA ILE C 248 53.65 33.94 -36.81
C ILE C 248 52.83 34.73 -37.82
N LYS C 249 52.75 34.25 -39.06
CA LYS C 249 51.99 34.95 -40.08
C LYS C 249 50.50 34.99 -39.75
N THR C 250 49.97 33.89 -39.22
CA THR C 250 48.56 33.85 -38.85
C THR C 250 48.25 34.84 -37.73
N LEU C 251 49.11 34.90 -36.71
CA LEU C 251 48.90 35.86 -35.64
C LEU C 251 48.98 37.29 -36.16
N GLN C 252 49.94 37.55 -37.04
CA GLN C 252 50.06 38.88 -37.65
C GLN C 252 48.80 39.24 -38.44
N GLU C 253 48.28 38.28 -39.20
CA GLU C 253 47.08 38.54 -40.00
C GLU C 253 45.88 38.81 -39.11
N LYS C 254 45.76 38.07 -38.01
CA LYS C 254 44.65 38.32 -37.08
C LYS C 254 44.73 39.72 -36.48
N LEU C 255 45.94 40.12 -36.05
CA LEU C 255 46.10 41.46 -35.49
C LEU C 255 45.83 42.53 -36.55
N ALA C 256 46.27 42.29 -37.78
CA ALA C 256 46.02 43.25 -38.86
C ALA C 256 44.53 43.38 -39.16
N ASN C 257 43.81 42.26 -39.11
CA ASN C 257 42.37 42.31 -39.31
C ASN C 257 41.68 43.11 -38.21
N VAL C 258 42.12 42.92 -36.96
CA VAL C 258 41.56 43.71 -35.86
C VAL C 258 41.86 45.19 -36.07
N LEU C 259 43.08 45.51 -36.48
CA LEU C 259 43.46 46.90 -36.74
C LEU C 259 42.61 47.51 -37.84
N PHE C 260 42.38 46.75 -38.92
CA PHE C 260 41.57 47.25 -40.02
C PHE C 260 40.12 47.47 -39.57
N GLU C 261 39.58 46.56 -38.76
CA GLU C 261 38.23 46.74 -38.25
C GLU C 261 38.14 47.99 -37.38
N LEU C 262 39.15 48.23 -36.55
CA LEU C 262 39.16 49.44 -35.73
C LEU C 262 39.21 50.69 -36.59
N GLU C 263 40.05 50.69 -37.62
CA GLU C 263 40.14 51.85 -38.50
C GLU C 263 38.83 52.09 -39.25
N ASN C 264 38.19 51.02 -39.72
CA ASN C 264 36.94 51.15 -40.45
C ASN C 264 35.77 51.51 -39.55
N SER C 265 35.88 51.25 -38.25
CA SER C 265 34.79 51.55 -37.33
C SER C 265 34.53 53.05 -37.21
N ARG C 266 35.49 53.89 -37.56
CA ARG C 266 35.31 55.34 -37.49
C ARG C 266 34.37 55.83 -38.58
N ILE D 49 -45.48 43.85 -4.09
CA ILE D 49 -46.22 44.97 -3.54
C ILE D 49 -47.52 45.18 -4.31
N ALA D 50 -48.65 45.01 -3.63
CA ALA D 50 -49.95 45.26 -4.24
C ALA D 50 -50.05 46.73 -4.62
N LEU D 51 -50.52 46.99 -5.84
CA LEU D 51 -50.55 48.34 -6.38
C LEU D 51 -51.87 48.58 -7.10
N SER D 52 -52.52 49.71 -6.82
CA SER D 52 -53.70 50.11 -7.55
C SER D 52 -53.28 50.89 -8.79
N LEU D 53 -54.26 51.35 -9.56
CA LEU D 53 -53.98 52.04 -10.82
C LEU D 53 -53.52 53.48 -10.60
N SER D 54 -54.02 54.15 -9.56
CA SER D 54 -53.77 55.58 -9.39
C SER D 54 -52.30 55.85 -9.10
N GLU D 55 -51.78 55.32 -8.00
CA GLU D 55 -50.37 55.56 -7.70
C GLU D 55 -49.46 54.83 -8.68
N SER D 56 -49.98 53.84 -9.41
CA SER D 56 -49.22 53.29 -10.53
C SER D 56 -49.01 54.34 -11.61
N ARG D 57 -50.07 55.10 -11.94
CA ARG D 57 -49.91 56.19 -12.90
C ARG D 57 -48.97 57.25 -12.37
N LEU D 58 -49.08 57.57 -11.08
CA LEU D 58 -48.15 58.53 -10.48
C LEU D 58 -46.71 58.05 -10.61
N LEU D 59 -46.47 56.76 -10.32
CA LEU D 59 -45.12 56.21 -10.38
C LEU D 59 -44.58 56.22 -11.80
N ILE D 60 -45.38 55.81 -12.78
CA ILE D 60 -44.87 55.77 -14.15
C ILE D 60 -44.64 57.19 -14.67
N ARG D 61 -45.51 58.13 -14.30
CA ARG D 61 -45.32 59.52 -14.73
C ARG D 61 -44.04 60.10 -14.15
N GLU D 62 -43.81 59.89 -12.85
CA GLU D 62 -42.61 60.45 -12.24
C GLU D 62 -41.35 59.74 -12.74
N ALA D 63 -41.42 58.44 -13.02
CA ALA D 63 -40.28 57.74 -13.62
C ALA D 63 -39.98 58.27 -15.01
N LEU D 64 -41.02 58.52 -15.80
CA LEU D 64 -40.82 59.05 -17.14
C LEU D 64 -40.21 60.44 -17.10
N LYS D 65 -40.69 61.31 -16.21
CA LYS D 65 -40.11 62.64 -16.15
C LYS D 65 -38.69 62.60 -15.61
N ALA D 66 -38.41 61.70 -14.66
CA ALA D 66 -37.05 61.57 -14.14
C ALA D 66 -36.09 61.08 -15.20
N ARG D 67 -36.50 60.10 -16.01
CA ARG D 67 -35.62 59.61 -17.06
C ARG D 67 -35.51 60.61 -18.21
N SER D 68 -36.54 61.42 -18.44
CA SER D 68 -36.42 62.50 -19.41
C SER D 68 -35.41 63.54 -18.94
N ARG D 69 -35.43 63.86 -17.64
CA ARG D 69 -34.45 64.80 -17.11
C ARG D 69 -33.03 64.22 -17.14
N ALA D 70 -32.89 62.93 -16.81
CA ALA D 70 -31.57 62.31 -16.66
C ALA D 70 -31.09 61.60 -17.93
N ARG D 71 -31.84 60.60 -18.39
CA ARG D 71 -31.37 59.80 -19.52
C ARG D 71 -31.32 60.61 -20.80
N ASN D 72 -32.35 61.40 -21.07
CA ASN D 72 -32.36 62.23 -22.28
C ASN D 72 -31.42 63.42 -22.13
N GLY D 73 -31.40 64.04 -20.95
CA GLY D 73 -30.53 65.17 -20.70
C GLY D 73 -30.92 66.41 -21.47
N GLY D 74 -32.09 66.97 -21.14
CA GLY D 74 -32.55 68.18 -21.80
C GLY D 74 -33.90 68.03 -22.49
N VAL D 75 -34.64 67.00 -22.12
CA VAL D 75 -35.96 66.76 -22.70
C VAL D 75 -36.99 66.60 -21.59
N ILE D 84 -44.91 66.30 -23.68
CA ILE D 84 -45.53 66.14 -22.38
C ILE D 84 -46.74 65.21 -22.48
N ASP D 85 -47.20 65.00 -23.71
CA ASP D 85 -48.34 64.12 -23.95
C ASP D 85 -47.89 62.66 -23.91
N ASP D 86 -48.84 61.75 -24.15
CA ASP D 86 -48.55 60.33 -24.03
C ASP D 86 -47.73 59.81 -25.21
N ASP D 87 -48.11 60.20 -26.43
CA ASP D 87 -47.57 59.54 -27.62
C ASP D 87 -46.08 59.83 -27.81
N GLU D 88 -45.69 61.11 -27.78
CA GLU D 88 -44.29 61.42 -28.03
C GLU D 88 -43.41 61.00 -26.86
N LEU D 89 -43.95 61.06 -25.63
CA LEU D 89 -43.20 60.57 -24.48
C LEU D 89 -42.95 59.07 -24.60
N ALA D 90 -43.94 58.32 -25.10
CA ALA D 90 -43.71 56.92 -25.41
C ALA D 90 -42.65 56.76 -26.50
N LYS D 91 -42.69 57.63 -27.51
CA LYS D 91 -41.74 57.57 -28.60
C LYS D 91 -40.33 58.02 -28.21
N VAL D 92 -40.16 58.60 -27.02
CA VAL D 92 -38.82 59.01 -26.58
C VAL D 92 -37.89 57.82 -26.48
N THR D 93 -38.39 56.68 -26.01
CA THR D 93 -37.56 55.52 -25.76
C THR D 93 -36.94 54.97 -27.06
N SER D 94 -36.05 54.00 -26.91
CA SER D 94 -35.39 53.35 -28.01
C SER D 94 -35.53 51.83 -27.89
N GLY D 95 -35.41 51.15 -29.02
CA GLY D 95 -35.58 49.71 -29.06
C GLY D 95 -36.96 49.30 -29.51
N ALA D 96 -37.05 48.56 -30.63
CA ALA D 96 -38.34 48.30 -31.27
C ALA D 96 -39.30 47.59 -30.34
N VAL D 97 -38.85 46.48 -29.73
CA VAL D 97 -39.70 45.78 -28.76
C VAL D 97 -39.96 46.67 -27.55
N ALA D 98 -38.92 47.37 -27.08
CA ALA D 98 -39.09 48.29 -25.96
C ALA D 98 -40.04 49.43 -26.32
N ASN D 99 -39.90 49.98 -27.53
CA ASN D 99 -40.81 51.04 -27.97
C ASN D 99 -42.25 50.55 -28.00
N GLY D 100 -42.47 49.35 -28.54
CA GLY D 100 -43.83 48.82 -28.60
C GLY D 100 -44.41 48.60 -27.22
N VAL D 101 -43.63 48.00 -26.32
CA VAL D 101 -44.13 47.75 -24.97
C VAL D 101 -44.44 49.07 -24.26
N VAL D 102 -43.54 50.04 -24.38
CA VAL D 102 -43.72 51.33 -23.69
C VAL D 102 -44.95 52.05 -24.22
N LYS D 103 -45.08 52.11 -25.56
CA LYS D 103 -46.22 52.84 -26.13
C LYS D 103 -47.53 52.14 -25.81
N LYS D 104 -47.55 50.80 -25.83
CA LYS D 104 -48.78 50.07 -25.49
C LYS D 104 -49.17 50.33 -24.04
N THR D 105 -48.20 50.25 -23.13
CA THR D 105 -48.49 50.49 -21.72
C THR D 105 -48.99 51.91 -21.49
N LEU D 106 -48.35 52.90 -22.13
CA LEU D 106 -48.73 54.28 -21.90
C LEU D 106 -50.09 54.61 -22.50
N ASP D 107 -50.40 54.08 -23.68
CA ASP D 107 -51.72 54.34 -24.25
C ASP D 107 -52.80 53.62 -23.44
N TYR D 108 -52.51 52.43 -22.92
CA TYR D 108 -53.46 51.74 -22.06
C TYR D 108 -53.72 52.53 -20.79
N LEU D 109 -52.67 53.10 -20.19
CA LEU D 109 -52.85 53.89 -18.97
C LEU D 109 -53.58 55.20 -19.26
N ASN D 110 -53.28 55.84 -20.40
CA ASN D 110 -53.91 57.11 -20.72
C ASN D 110 -55.39 56.94 -21.05
N THR D 111 -55.73 55.86 -21.77
CA THR D 111 -57.13 55.60 -22.10
C THR D 111 -57.94 55.12 -20.91
N PHE D 112 -57.28 54.73 -19.81
CA PHE D 112 -57.96 54.26 -18.61
C PHE D 112 -57.66 55.15 -17.41
N ALA D 113 -57.48 56.45 -17.63
CA ALA D 113 -57.05 57.36 -16.57
C ALA D 113 -58.13 57.48 -15.51
N ARG D 114 -57.81 57.04 -14.29
CA ARG D 114 -58.73 57.11 -13.15
C ARG D 114 -58.44 58.32 -12.27
N PHE D 115 -57.23 58.42 -11.74
CA PHE D 115 -56.81 59.52 -10.88
C PHE D 115 -55.75 60.33 -11.60
N LYS D 116 -55.97 61.64 -11.71
CA LYS D 116 -55.02 62.54 -12.36
C LYS D 116 -54.53 63.65 -11.45
N ASP D 117 -54.83 63.57 -10.15
CA ASP D 117 -54.43 64.59 -9.19
C ASP D 117 -53.53 63.96 -8.13
N GLU D 118 -52.57 64.75 -7.65
CA GLU D 118 -51.61 64.24 -6.67
C GLU D 118 -52.12 64.38 -5.24
N GLU D 119 -52.61 65.58 -4.89
CA GLU D 119 -53.11 65.79 -3.53
C GLU D 119 -54.36 64.98 -3.26
N THR D 120 -55.17 64.71 -4.28
CA THR D 120 -56.31 63.83 -4.09
C THR D 120 -55.86 62.40 -3.80
N CYS D 121 -54.81 61.94 -4.49
CA CYS D 121 -54.25 60.63 -4.16
C CYS D 121 -53.71 60.60 -2.75
N THR D 122 -53.08 61.69 -2.31
CA THR D 122 -52.59 61.78 -0.95
C THR D 122 -53.75 61.72 0.05
N ALA D 123 -54.85 62.39 -0.25
CA ALA D 123 -56.02 62.36 0.63
C ALA D 123 -56.62 60.96 0.69
N VAL D 124 -56.69 60.27 -0.45
CA VAL D 124 -57.19 58.90 -0.46
C VAL D 124 -56.30 57.99 0.37
N ASP D 125 -54.98 58.17 0.24
CA ASP D 125 -54.05 57.37 1.04
C ASP D 125 -54.21 57.66 2.52
N GLN D 126 -54.39 58.93 2.89
CA GLN D 126 -54.59 59.29 4.29
C GLN D 126 -55.86 58.67 4.83
N LEU D 127 -56.94 58.69 4.04
CA LEU D 127 -58.19 58.10 4.49
C LEU D 127 -58.09 56.58 4.63
N LEU D 128 -57.38 55.94 3.70
CA LEU D 128 -57.28 54.48 3.70
C LEU D 128 -56.15 53.98 4.59
N HIS D 129 -54.92 54.42 4.32
CA HIS D 129 -53.77 54.00 5.11
C HIS D 129 -53.76 54.70 6.45
N LEU D 137 -58.27 45.92 6.13
CA LEU D 137 -57.92 46.59 4.89
C LEU D 137 -56.76 45.88 4.18
N HIS D 138 -57.10 44.84 3.41
CA HIS D 138 -56.09 44.09 2.70
C HIS D 138 -55.46 44.95 1.61
N PRO D 139 -54.14 44.86 1.41
CA PRO D 139 -53.51 45.60 0.30
C PRO D 139 -54.08 45.23 -1.06
N PHE D 140 -54.40 43.95 -1.26
CA PHE D 140 -55.09 43.55 -2.49
C PHE D 140 -56.48 44.18 -2.56
N GLU D 141 -57.18 44.22 -1.42
CA GLU D 141 -58.48 44.89 -1.37
C GLU D 141 -58.34 46.38 -1.64
N ILE D 142 -57.29 47.00 -1.10
CA ILE D 142 -57.04 48.41 -1.34
C ILE D 142 -56.80 48.68 -2.82
N ALA D 143 -56.00 47.83 -3.47
CA ALA D 143 -55.75 47.99 -4.89
C ALA D 143 -57.02 47.78 -5.71
N GLN D 144 -57.83 46.77 -5.34
CA GLN D 144 -59.04 46.48 -6.10
C GLN D 144 -60.10 47.55 -5.92
N LEU D 145 -60.12 48.22 -4.77
CA LEU D 145 -61.10 49.28 -4.55
C LEU D 145 -60.92 50.43 -5.53
N SER D 146 -59.67 50.81 -5.79
CA SER D 146 -59.40 51.91 -6.70
C SER D 146 -59.29 51.47 -8.16
N SER D 147 -58.88 50.23 -8.40
CA SER D 147 -58.72 49.77 -9.79
C SER D 147 -60.06 49.68 -10.51
N LEU D 148 -61.09 49.18 -9.84
CA LEU D 148 -62.41 48.99 -10.44
C LEU D 148 -63.43 49.87 -9.73
N GLY D 149 -64.21 50.61 -10.51
CA GLY D 149 -65.25 51.43 -9.93
C GLY D 149 -66.43 50.61 -9.47
N CYS D 150 -67.16 51.14 -8.49
CA CYS D 150 -68.32 50.47 -7.94
C CYS D 150 -69.43 51.49 -7.72
N GLU D 151 -70.67 51.00 -7.69
CA GLU D 151 -71.84 51.84 -7.47
C GLU D 151 -72.68 51.39 -6.29
N ASP D 152 -72.80 50.09 -6.05
CA ASP D 152 -73.55 49.58 -4.91
C ASP D 152 -72.92 48.28 -4.45
N VAL D 153 -73.37 47.81 -3.27
CA VAL D 153 -72.79 46.63 -2.66
C VAL D 153 -73.08 45.37 -3.47
N ASP D 154 -74.24 45.30 -4.13
CA ASP D 154 -74.68 44.06 -4.76
C ASP D 154 -73.71 43.59 -5.85
N GLU D 155 -73.22 44.52 -6.66
CA GLU D 155 -72.23 44.16 -7.67
C GLU D 155 -70.80 44.30 -7.16
N ALA D 156 -70.57 45.09 -6.13
CA ALA D 156 -69.23 45.19 -5.55
C ALA D 156 -68.81 43.87 -4.94
N ILE D 157 -69.72 43.19 -4.24
CA ILE D 157 -69.41 41.86 -3.72
C ILE D 157 -69.33 40.83 -4.83
N THR D 158 -69.95 41.10 -5.99
CA THR D 158 -69.84 40.20 -7.12
C THR D 158 -68.46 40.29 -7.76
N LEU D 159 -67.97 41.52 -7.98
CA LEU D 159 -66.63 41.69 -8.54
C LEU D 159 -65.56 41.36 -7.50
N ILE D 160 -65.73 41.83 -6.28
CA ILE D 160 -64.79 41.59 -5.19
C ILE D 160 -65.52 40.81 -4.10
N PRO D 161 -65.35 39.49 -4.05
CA PRO D 161 -66.09 38.69 -3.04
C PRO D 161 -65.64 38.93 -1.62
N SER D 162 -64.47 39.55 -1.41
CA SER D 162 -63.97 39.75 -0.05
C SER D 162 -64.77 40.78 0.74
N LEU D 163 -65.57 41.61 0.07
CA LEU D 163 -66.36 42.60 0.78
C LEU D 163 -67.48 41.99 1.61
N ALA D 164 -67.92 40.78 1.27
CA ALA D 164 -69.02 40.16 2.02
C ALA D 164 -68.58 39.70 3.40
N ALA D 165 -67.40 39.06 3.48
CA ALA D 165 -66.92 38.51 4.74
C ALA D 165 -65.94 39.49 5.40
N LYS D 166 -66.49 40.61 5.86
CA LYS D 166 -65.69 41.62 6.54
C LYS D 166 -66.31 42.01 7.87
N LYS D 167 -67.63 41.98 7.96
CA LYS D 167 -68.46 42.35 9.10
C LYS D 167 -68.41 43.85 9.40
N GLU D 168 -67.62 44.63 8.67
CA GLU D 168 -67.60 46.09 8.76
C GLU D 168 -67.59 46.60 7.32
N VAL D 169 -68.78 46.78 6.75
CA VAL D 169 -68.91 47.06 5.33
C VAL D 169 -68.52 48.49 5.03
N ASN D 170 -69.28 49.45 5.57
CA ASN D 170 -69.02 50.88 5.41
C ASN D 170 -68.89 51.28 3.94
N LEU D 171 -69.55 50.53 3.04
CA LEU D 171 -69.36 50.77 1.61
C LEU D 171 -70.10 52.00 1.12
N GLN D 172 -71.18 52.41 1.80
CA GLN D 172 -71.91 53.61 1.38
C GLN D 172 -71.01 54.84 1.46
N ARG D 173 -70.43 55.07 2.64
CA ARG D 173 -69.51 56.19 2.79
C ARG D 173 -68.29 56.05 1.89
N ILE D 174 -67.72 54.85 1.82
CA ILE D 174 -66.48 54.63 1.07
C ILE D 174 -66.69 54.98 -0.40
N LEU D 175 -67.80 54.49 -0.97
CA LEU D 175 -68.15 54.87 -2.33
C LEU D 175 -68.41 56.38 -2.43
N ASP D 176 -68.94 56.99 -1.36
CA ASP D 176 -69.17 58.42 -1.39
C ASP D 176 -67.86 59.19 -1.58
N GLU D 177 -66.81 58.87 -0.82
CA GLU D 177 -65.59 59.64 -1.08
C GLU D 177 -64.88 59.16 -2.34
N LEU D 178 -65.11 57.91 -2.76
CA LEU D 178 -64.48 57.44 -3.97
C LEU D 178 -65.00 58.19 -5.19
N ASN D 179 -66.30 58.44 -5.24
CA ASN D 179 -66.93 59.16 -6.35
C ASN D 179 -67.18 60.64 -6.04
N ARG D 180 -66.67 61.14 -4.91
CA ARG D 180 -66.92 62.51 -4.49
C ARG D 180 -65.69 63.41 -4.53
N LEU D 181 -64.49 62.88 -4.23
CA LEU D 181 -63.31 63.72 -4.13
C LEU D 181 -62.95 64.34 -5.47
N GLU D 182 -62.85 63.52 -6.51
CA GLU D 182 -62.55 63.98 -7.86
C GLU D 182 -63.84 64.17 -8.65
N ASP D 183 -63.69 64.37 -9.95
CA ASP D 183 -64.84 64.47 -10.84
C ASP D 183 -65.67 63.19 -10.75
N PRO D 184 -66.98 63.29 -10.50
CA PRO D 184 -67.79 62.09 -10.34
C PRO D 184 -67.75 61.21 -11.58
N TYR D 185 -67.73 59.90 -11.34
CA TYR D 185 -67.67 58.91 -12.42
C TYR D 185 -69.05 58.64 -12.99
N GLU E 2 5.18 2.14 61.83
CA GLU E 2 4.60 0.91 61.30
C GLU E 2 3.65 1.22 60.14
N ASP E 3 2.88 0.20 59.72
CA ASP E 3 1.94 0.39 58.63
C ASP E 3 0.80 1.33 59.03
N ASN E 4 0.42 1.34 60.30
CA ASN E 4 -0.64 2.24 60.75
C ASN E 4 -0.24 3.69 60.56
N ASN E 5 1.01 4.04 60.86
CA ASN E 5 1.48 5.40 60.66
C ASN E 5 1.43 5.79 59.19
N ARG E 6 1.84 4.88 58.31
CA ARG E 6 1.80 5.16 56.87
C ARG E 6 0.35 5.34 56.40
N ILE E 7 -0.55 4.51 56.90
CA ILE E 7 -1.97 4.63 56.53
C ILE E 7 -2.53 5.96 56.98
N ILE E 8 -2.22 6.37 58.21
CA ILE E 8 -2.71 7.64 58.72
C ILE E 8 -2.12 8.80 57.93
N SER E 9 -0.84 8.70 57.57
CA SER E 9 -0.22 9.75 56.76
C SER E 9 -0.89 9.87 55.40
N ARG E 10 -1.18 8.74 54.76
CA ARG E 10 -1.84 8.78 53.46
C ARG E 10 -3.26 9.33 53.57
N LEU E 11 -3.97 8.97 54.65
CA LEU E 11 -5.31 9.51 54.86
C LEU E 11 -5.25 11.02 55.07
N TRP E 12 -4.26 11.49 55.83
CA TRP E 12 -4.11 12.93 56.04
C TRP E 12 -3.78 13.65 54.73
N ARG E 13 -2.94 13.03 53.90
CA ARG E 13 -2.65 13.62 52.59
C ARG E 13 -3.89 13.70 51.73
N SER E 14 -4.73 12.65 51.76
CA SER E 14 -5.98 12.67 51.00
C SER E 14 -6.91 13.76 51.52
N PHE E 15 -6.99 13.92 52.84
CA PHE E 15 -7.82 14.98 53.42
C PHE E 15 -7.31 16.36 53.00
N ARG E 16 -6.00 16.54 53.00
CA ARG E 16 -5.42 17.82 52.57
C ARG E 16 -5.73 18.09 51.10
N THR E 17 -5.64 17.06 50.26
CA THR E 17 -5.97 17.22 48.85
C THR E 17 -7.44 17.57 48.65
N VAL E 18 -8.32 16.95 49.43
CA VAL E 18 -9.75 17.26 49.36
C VAL E 18 -10.00 18.71 49.75
N LYS E 19 -9.33 19.16 50.82
CA LYS E 19 -9.47 20.54 51.24
C LYS E 19 -8.95 21.50 50.18
N GLU E 20 -7.83 21.16 49.54
CA GLU E 20 -7.30 21.99 48.46
C GLU E 20 -8.28 22.07 47.31
N MET E 21 -8.89 20.94 46.94
CA MET E 21 -9.87 20.94 45.86
C MET E 21 -11.08 21.79 46.22
N ALA E 22 -11.55 21.69 47.46
CA ALA E 22 -12.70 22.50 47.88
C ALA E 22 -12.36 23.98 47.85
N ALA E 23 -11.15 24.35 48.29
CA ALA E 23 -10.74 25.74 48.22
C ALA E 23 -10.65 26.23 46.78
N ASP E 24 -10.09 25.40 45.89
CA ASP E 24 -9.98 25.78 44.49
C ASP E 24 -11.33 25.84 43.80
N ARG E 25 -12.35 25.17 44.34
CA ARG E 25 -13.68 25.20 43.77
C ARG E 25 -14.51 26.39 44.26
N GLY E 26 -13.85 27.44 44.75
CA GLY E 26 -14.56 28.64 45.16
C GLY E 26 -15.18 28.61 46.53
N TYR E 27 -14.96 27.54 47.29
CA TYR E 27 -15.53 27.45 48.63
C TYR E 27 -14.57 28.04 49.66
N PHE E 28 -15.10 28.30 50.85
CA PHE E 28 -14.34 28.92 51.93
C PHE E 28 -13.91 27.87 52.94
N ILE E 29 -12.61 27.80 53.20
CA ILE E 29 -12.04 26.91 54.20
C ILE E 29 -11.11 27.73 55.08
N SER E 30 -11.25 27.59 56.40
CA SER E 30 -10.46 28.36 57.34
C SER E 30 -8.98 27.99 57.21
N GLN E 31 -8.12 28.95 57.56
CA GLN E 31 -6.68 28.72 57.50
C GLN E 31 -6.25 27.61 58.45
N GLU E 32 -6.88 27.54 59.63
CA GLU E 32 -6.56 26.47 60.56
C GLU E 32 -6.92 25.11 59.98
N GLU E 33 -8.06 25.01 59.30
CA GLU E 33 -8.43 23.76 58.65
C GLU E 33 -7.44 23.39 57.56
N MET E 34 -6.99 24.38 56.80
CA MET E 34 -5.96 24.15 55.78
C MET E 34 -4.65 23.70 56.41
N ASP E 35 -4.23 24.35 57.49
CA ASP E 35 -2.94 24.11 58.11
C ASP E 35 -2.98 23.02 59.18
N GLN E 36 -3.94 22.10 59.11
CA GLN E 36 -4.02 21.01 60.05
C GLN E 36 -2.84 20.07 59.84
N SER E 37 -1.90 20.06 60.78
CA SER E 37 -0.71 19.23 60.63
C SER E 37 -1.05 17.76 60.83
N LEU E 38 -0.07 16.91 60.49
CA LEU E 38 -0.27 15.47 60.62
C LEU E 38 -0.49 15.07 62.07
N GLU E 39 0.27 15.66 62.99
CA GLU E 39 0.11 15.32 64.41
C GLU E 39 -1.27 15.74 64.93
N GLU E 40 -1.73 16.93 64.56
CA GLU E 40 -3.05 17.37 64.97
C GLU E 40 -4.14 16.49 64.39
N PHE E 41 -3.99 16.11 63.11
CA PHE E 41 -4.95 15.22 62.47
C PHE E 41 -4.99 13.87 63.19
N ARG E 42 -3.82 13.33 63.53
CA ARG E 42 -3.76 12.06 64.25
C ARG E 42 -4.42 12.18 65.63
N SER E 43 -4.15 13.28 66.33
CA SER E 43 -4.73 13.47 67.66
C SER E 43 -6.25 13.60 67.59
N LYS E 44 -6.77 14.31 66.59
CA LYS E 44 -8.20 14.58 66.51
C LYS E 44 -8.97 13.49 65.78
N ILE E 45 -8.29 12.53 65.14
CA ILE E 45 -8.99 11.51 64.38
C ILE E 45 -8.70 10.12 64.95
N CYS E 46 -7.42 9.77 65.05
CA CYS E 46 -7.04 8.44 65.52
C CYS E 46 -7.38 8.28 67.00
N ASP E 47 -7.82 7.07 67.36
CA ASP E 47 -8.18 6.74 68.73
C ASP E 47 -6.94 6.21 69.46
N SER E 48 -7.16 5.61 70.62
CA SER E 48 -6.05 5.08 71.42
C SER E 48 -5.29 4.00 70.65
N MET E 49 -6.01 3.11 69.96
CA MET E 49 -5.38 2.10 69.13
C MET E 49 -5.05 2.60 67.73
N GLY E 50 -5.35 3.87 67.43
CA GLY E 50 -4.88 4.51 66.22
C GLY E 50 -5.78 4.37 65.00
N ASN E 51 -6.92 3.69 65.12
CA ASN E 51 -7.80 3.55 63.97
C ASN E 51 -8.42 4.90 63.62
N PRO E 52 -8.62 5.18 62.34
CA PRO E 52 -9.24 6.45 61.95
C PRO E 52 -10.76 6.36 61.94
N GLN E 53 -11.39 7.54 61.99
CA GLN E 53 -12.84 7.67 61.97
C GLN E 53 -13.23 8.44 60.71
N ARG E 54 -13.67 7.71 59.68
CA ARG E 54 -13.97 8.35 58.39
C ARG E 54 -15.17 9.27 58.47
N LYS E 55 -16.08 9.05 59.42
CA LYS E 55 -17.23 9.93 59.58
C LYS E 55 -16.81 11.30 60.09
N LEU E 56 -15.69 11.41 60.78
CA LEU E 56 -15.28 12.69 61.36
C LEU E 56 -14.83 13.67 60.27
N MET E 57 -14.17 13.19 59.22
CA MET E 57 -13.72 14.09 58.18
C MET E 57 -14.85 14.63 57.32
N SER E 58 -16.06 14.10 57.44
CA SER E 58 -17.20 14.66 56.73
C SER E 58 -17.44 16.09 57.19
N PHE E 59 -17.64 17.00 56.23
CA PHE E 59 -17.78 18.40 56.58
C PHE E 59 -18.61 19.14 55.53
N LEU E 60 -19.07 20.32 55.94
CA LEU E 60 -19.88 21.19 55.10
C LEU E 60 -19.09 22.45 54.75
N ALA E 61 -19.15 22.85 53.48
CA ALA E 61 -18.48 24.04 53.01
C ALA E 61 -19.44 24.87 52.17
N ASN E 62 -19.28 26.19 52.27
CA ASN E 62 -20.09 27.16 51.56
C ASN E 62 -19.20 28.05 50.69
N PRO E 63 -19.71 28.49 49.54
CA PRO E 63 -18.89 29.31 48.64
C PRO E 63 -18.56 30.66 49.25
N THR E 64 -17.39 31.18 48.88
CA THR E 64 -17.02 32.53 49.27
C THR E 64 -17.90 33.54 48.54
N PRO E 65 -18.15 34.70 49.15
CA PRO E 65 -18.98 35.71 48.47
C PRO E 65 -18.43 36.16 47.13
N GLU E 66 -17.12 36.23 46.99
CA GLU E 66 -16.52 36.62 45.72
C GLU E 66 -16.77 35.55 44.65
N ALA E 67 -16.58 34.28 45.01
CA ALA E 67 -16.84 33.19 44.07
C ALA E 67 -18.33 33.11 43.75
N LEU E 68 -19.19 33.34 44.75
CA LEU E 68 -20.62 33.34 44.50
C LEU E 68 -21.02 34.45 43.55
N GLU E 69 -20.36 35.62 43.67
CA GLU E 69 -20.58 36.69 42.71
C GLU E 69 -20.11 36.29 41.33
N LYS E 70 -18.94 35.65 41.24
CA LYS E 70 -18.43 35.23 39.94
C LYS E 70 -19.26 34.10 39.35
N TYR E 71 -19.55 33.07 40.16
CA TYR E 71 -20.34 31.92 39.73
C TYR E 71 -21.63 31.90 40.55
N SER E 72 -22.76 32.18 39.90
CA SER E 72 -24.04 32.23 40.59
C SER E 72 -24.58 30.86 40.94
N ASP E 73 -24.07 29.81 40.31
CA ASP E 73 -24.57 28.46 40.50
C ASP E 73 -23.87 27.69 41.63
N LEU E 74 -22.95 28.33 42.34
CA LEU E 74 -22.19 27.65 43.38
C LEU E 74 -23.01 27.59 44.66
N GLY E 75 -23.52 26.40 44.98
CA GLY E 75 -24.30 26.19 46.18
C GLY E 75 -23.49 25.59 47.31
N THR E 76 -24.18 24.90 48.21
CA THR E 76 -23.54 24.27 49.35
C THR E 76 -22.90 22.95 48.95
N LEU E 77 -21.80 22.61 49.63
CA LEU E 77 -21.06 21.40 49.33
C LEU E 77 -20.87 20.58 50.60
N TRP E 78 -21.04 19.27 50.50
CA TRP E 78 -20.82 18.37 51.62
C TRP E 78 -19.86 17.27 51.19
N VAL E 79 -18.94 16.91 52.08
CA VAL E 79 -17.93 15.90 51.81
C VAL E 79 -18.05 14.81 52.87
N GLU E 80 -18.14 13.56 52.43
CA GLU E 80 -18.28 12.42 53.32
C GLU E 80 -17.33 11.32 52.91
N PHE E 81 -16.74 10.65 53.91
CA PHE E 81 -15.86 9.51 53.70
C PHE E 81 -16.50 8.27 54.29
N CYS E 82 -16.53 7.18 53.52
CA CYS E 82 -17.15 5.96 53.97
C CYS E 82 -16.29 5.27 55.03
N ASP E 83 -16.92 4.84 56.12
CA ASP E 83 -16.20 4.11 57.15
C ASP E 83 -15.70 2.76 56.64
N GLU E 84 -16.53 2.05 55.89
CA GLU E 84 -16.16 0.72 55.43
C GLU E 84 -15.15 0.81 54.28
N PRO E 85 -14.17 -0.11 54.23
CA PRO E 85 -13.28 -0.17 53.07
C PRO E 85 -14.05 -0.53 51.79
N SER E 86 -14.75 -1.65 51.83
CA SER E 86 -15.70 -1.99 50.78
C SER E 86 -17.03 -1.35 51.14
N VAL E 87 -17.48 -0.40 50.33
CA VAL E 87 -18.54 0.50 50.74
C VAL E 87 -19.87 -0.25 50.78
N GLY E 88 -20.56 -0.14 51.92
CA GLY E 88 -21.94 -0.58 51.99
C GLY E 88 -22.88 0.46 51.41
N ILE E 89 -23.97 0.01 50.80
CA ILE E 89 -24.78 0.94 50.04
C ILE E 89 -25.68 1.76 50.96
N LYS E 90 -25.85 1.35 52.22
CA LYS E 90 -26.55 2.20 53.18
C LYS E 90 -25.81 3.52 53.40
N THR E 91 -24.50 3.53 53.16
CA THR E 91 -23.74 4.77 53.35
C THR E 91 -24.20 5.86 52.38
N MET E 92 -24.22 5.56 51.08
CA MET E 92 -24.72 6.59 50.20
C MET E 92 -26.24 6.62 50.12
N ARG E 93 -26.94 5.62 50.63
CA ARG E 93 -28.38 5.79 50.85
C ARG E 93 -28.64 6.90 51.87
N ASN E 94 -27.90 6.86 52.98
CA ASN E 94 -27.95 7.95 53.96
C ASN E 94 -27.49 9.26 53.34
N PHE E 95 -26.43 9.20 52.53
CA PHE E 95 -25.96 10.37 51.80
C PHE E 95 -27.09 11.00 50.98
N CYS E 96 -27.78 10.19 50.17
CA CYS E 96 -28.83 10.71 49.29
C CYS E 96 -29.99 11.27 50.09
N LEU E 97 -30.44 10.55 51.13
CA LEU E 97 -31.57 11.05 51.91
C LEU E 97 -31.20 12.32 52.65
N ARG E 98 -29.95 12.42 53.13
CA ARG E 98 -29.50 13.64 53.79
C ARG E 98 -29.47 14.81 52.82
N ILE E 99 -28.90 14.59 51.63
CA ILE E 99 -28.83 15.65 50.62
C ILE E 99 -30.24 16.12 50.26
N GLN E 100 -31.17 15.18 50.14
CA GLN E 100 -32.56 15.56 49.86
C GLN E 100 -33.17 16.33 51.01
N GLU E 101 -32.89 15.92 52.25
CA GLU E 101 -33.59 16.50 53.39
C GLU E 101 -33.08 17.89 53.77
N LYS E 102 -31.78 18.16 53.62
CA LYS E 102 -31.27 19.49 53.92
C LYS E 102 -30.85 20.26 52.67
N ASN E 103 -31.16 19.74 51.49
CA ASN E 103 -31.07 20.47 50.23
C ASN E 103 -29.66 21.02 49.98
N PHE E 104 -28.71 20.10 49.83
CA PHE E 104 -27.36 20.47 49.45
C PHE E 104 -27.21 20.43 47.94
N SER E 105 -26.44 21.37 47.39
CA SER E 105 -26.29 21.48 45.95
C SER E 105 -25.47 20.33 45.40
N THR E 106 -24.21 20.22 45.83
CA THR E 106 -23.31 19.18 45.34
C THR E 106 -22.76 18.40 46.52
N GLY E 107 -22.78 17.07 46.40
CA GLY E 107 -22.20 16.21 47.42
C GLY E 107 -21.13 15.31 46.85
N ILE E 108 -19.97 15.27 47.50
CA ILE E 108 -18.83 14.49 47.04
C ILE E 108 -18.66 13.31 47.98
N PHE E 109 -18.68 12.11 47.42
CA PHE E 109 -18.51 10.87 48.17
C PHE E 109 -17.16 10.27 47.83
N ILE E 110 -16.42 9.86 48.86
CA ILE E 110 -15.09 9.28 48.69
C ILE E 110 -15.14 7.85 49.21
N TYR E 111 -14.76 6.91 48.35
CA TYR E 111 -14.71 5.49 48.71
C TYR E 111 -13.26 5.06 48.84
N GLN E 112 -13.07 3.89 49.44
CA GLN E 112 -11.74 3.37 49.75
C GLN E 112 -11.21 2.42 48.69
N ASN E 113 -11.98 1.41 48.32
CA ASN E 113 -11.53 0.43 47.33
C ASN E 113 -12.36 0.43 46.06
N ASN E 114 -13.69 0.31 46.18
CA ASN E 114 -14.57 0.25 45.01
C ASN E 114 -16.00 0.50 45.46
N ILE E 115 -16.86 0.78 44.47
CA ILE E 115 -18.28 0.97 44.70
C ILE E 115 -19.05 0.02 43.78
N THR E 116 -20.07 -0.62 44.33
CA THR E 116 -20.90 -1.51 43.54
C THR E 116 -21.61 -0.72 42.44
N PRO E 117 -21.78 -1.30 41.25
CA PRO E 117 -22.46 -0.57 40.16
C PRO E 117 -23.88 -0.18 40.49
N SER E 118 -24.54 -0.88 41.42
CA SER E 118 -25.89 -0.49 41.83
C SER E 118 -25.90 0.92 42.39
N ALA E 119 -25.01 1.21 43.34
CA ALA E 119 -24.91 2.58 43.85
C ALA E 119 -24.43 3.54 42.78
N ASN E 120 -23.56 3.09 41.88
CA ASN E 120 -23.02 3.95 40.84
C ASN E 120 -24.13 4.45 39.91
N LYS E 121 -25.08 3.59 39.58
CA LYS E 121 -26.22 4.02 38.76
C LYS E 121 -27.39 4.53 39.58
N MET E 122 -27.34 4.38 40.91
CA MET E 122 -28.38 4.95 41.77
C MET E 122 -28.10 6.41 42.12
N ILE E 123 -26.83 6.79 42.26
CA ILE E 123 -26.49 8.15 42.66
C ILE E 123 -26.87 9.24 41.66
N PRO E 124 -27.00 8.98 40.34
CA PRO E 124 -27.55 10.03 39.48
C PRO E 124 -28.99 10.42 39.79
N THR E 125 -29.73 9.57 40.49
CA THR E 125 -31.13 9.87 40.82
C THR E 125 -31.23 10.70 42.08
N VAL E 126 -30.48 11.80 42.14
CA VAL E 126 -30.50 12.72 43.27
C VAL E 126 -30.73 14.10 42.65
N SER E 127 -31.44 14.11 41.53
CA SER E 127 -31.68 15.37 40.82
C SER E 127 -32.49 16.31 41.70
N PRO E 128 -32.22 17.63 41.65
CA PRO E 128 -31.23 18.26 40.77
C PRO E 128 -29.81 18.32 41.34
N ALA E 129 -29.61 17.74 42.53
CA ALA E 129 -28.29 17.73 43.13
C ALA E 129 -27.33 16.83 42.35
N ILE E 130 -26.07 17.23 42.33
CA ILE E 130 -25.03 16.51 41.60
C ILE E 130 -24.13 15.79 42.60
N ILE E 131 -23.90 14.51 42.38
CA ILE E 131 -23.07 13.68 43.25
C ILE E 131 -21.86 13.22 42.46
N GLU E 132 -20.67 13.47 43.01
CA GLU E 132 -19.41 13.08 42.39
C GLU E 132 -18.67 12.13 43.32
N THR E 133 -18.04 11.11 42.73
CA THR E 133 -17.33 10.09 43.47
C THR E 133 -15.83 10.18 43.20
N PHE E 134 -15.04 9.86 44.22
CA PHE E 134 -13.59 9.89 44.14
C PHE E 134 -13.00 8.74 44.93
N GLN E 135 -11.95 8.13 44.41
CA GLN E 135 -11.25 7.09 45.12
C GLN E 135 -10.24 7.71 46.07
N GLU E 136 -10.17 7.18 47.29
CA GLU E 136 -9.23 7.71 48.28
C GLU E 136 -7.78 7.55 47.83
N SER E 137 -7.48 6.48 47.09
CA SER E 137 -6.12 6.28 46.59
C SER E 137 -5.73 7.37 45.60
N ASP E 138 -6.67 7.78 44.75
CA ASP E 138 -6.37 8.80 43.75
C ASP E 138 -6.13 10.17 44.36
N LEU E 139 -6.55 10.39 45.61
CA LEU E 139 -6.43 11.68 46.26
C LEU E 139 -5.20 11.82 47.13
N VAL E 140 -4.28 10.85 47.06
CA VAL E 140 -3.05 10.94 47.85
C VAL E 140 -2.19 12.11 47.38
N VAL E 141 -2.07 12.28 46.07
CA VAL E 141 -1.22 13.31 45.48
C VAL E 141 -2.09 14.33 44.76
N ASN E 142 -1.90 15.60 45.08
CA ASN E 142 -2.61 16.69 44.41
C ASN E 142 -1.92 16.93 43.07
N ILE E 143 -2.52 16.44 41.99
CA ILE E 143 -1.90 16.55 40.68
C ILE E 143 -1.85 17.98 40.17
N THR E 144 -2.65 18.88 40.74
CA THR E 144 -2.66 20.27 40.28
C THR E 144 -1.35 20.99 40.61
N HIS E 145 -0.56 20.47 41.54
CA HIS E 145 0.71 21.07 41.91
C HIS E 145 1.86 20.56 41.04
N HIS E 146 1.59 19.65 40.12
CA HIS E 146 2.65 19.10 39.27
C HIS E 146 3.20 20.17 38.33
N GLU E 147 4.46 20.00 37.96
CA GLU E 147 5.11 20.96 37.05
C GLU E 147 4.47 20.93 35.67
N LEU E 148 4.08 19.75 35.19
CA LEU E 148 3.54 19.61 33.85
C LEU E 148 2.09 20.02 33.73
N VAL E 149 1.42 20.34 34.83
CA VAL E 149 -0.01 20.67 34.82
C VAL E 149 -0.13 22.19 34.99
N PRO E 150 -0.49 22.93 33.95
CA PRO E 150 -0.75 24.35 34.12
C PRO E 150 -2.07 24.59 34.85
N LYS E 151 -2.23 25.82 35.35
CA LYS E 151 -3.42 26.15 36.11
C LYS E 151 -4.64 26.24 35.20
N HIS E 152 -5.77 25.75 35.70
CA HIS E 152 -7.04 25.81 35.00
C HIS E 152 -8.00 26.68 35.79
N ILE E 153 -8.65 27.63 35.11
CA ILE E 153 -9.62 28.52 35.74
C ILE E 153 -10.94 28.39 35.00
N ARG E 154 -12.00 28.03 35.72
CA ARG E 154 -13.30 27.88 35.09
C ARG E 154 -13.85 29.24 34.70
N LEU E 155 -14.27 29.36 33.45
CA LEU E 155 -14.81 30.62 32.94
C LEU E 155 -16.29 30.76 33.30
N SER E 156 -16.69 31.98 33.66
CA SER E 156 -18.09 32.26 33.91
C SER E 156 -18.86 32.31 32.59
N ASP E 157 -20.19 32.33 32.71
CA ASP E 157 -21.04 32.35 31.52
C ASP E 157 -20.82 33.60 30.69
N GLY E 158 -20.74 34.76 31.34
CA GLY E 158 -20.48 35.99 30.61
C GLY E 158 -19.13 35.99 29.94
N GLU E 159 -18.11 35.47 30.63
CA GLU E 159 -16.78 35.38 30.03
C GLU E 159 -16.78 34.44 28.84
N LYS E 160 -17.50 33.32 28.94
CA LYS E 160 -17.58 32.38 27.83
C LYS E 160 -18.28 33.02 26.63
N SER E 161 -19.38 33.74 26.86
CA SER E 161 -20.07 34.42 25.77
C SER E 161 -19.19 35.48 25.14
N GLN E 162 -18.45 36.23 25.95
CA GLN E 162 -17.54 37.24 25.42
C GLN E 162 -16.43 36.61 24.59
N LEU E 163 -15.90 35.46 25.05
CA LEU E 163 -14.90 34.74 24.28
C LEU E 163 -15.45 34.29 22.93
N LEU E 164 -16.64 33.71 22.93
CA LEU E 164 -17.23 33.23 21.69
C LEU E 164 -17.50 34.37 20.72
N GLN E 165 -17.97 35.51 21.24
CA GLN E 165 -18.19 36.67 20.39
C GLN E 165 -16.88 37.21 19.84
N ARG E 166 -15.83 37.26 20.67
CA ARG E 166 -14.55 37.79 20.23
C ARG E 166 -13.93 36.93 19.14
N TYR E 167 -13.96 35.61 19.30
CA TYR E 167 -13.34 34.73 18.32
C TYR E 167 -14.30 34.33 17.20
N LYS E 168 -15.57 34.70 17.29
CA LYS E 168 -16.58 34.35 16.29
C LYS E 168 -16.63 32.84 16.06
N LEU E 169 -16.98 32.13 17.12
CA LEU E 169 -16.91 30.68 17.15
C LEU E 169 -18.26 30.08 17.52
N LYS E 170 -18.44 28.82 17.12
CA LYS E 170 -19.47 27.97 17.68
C LYS E 170 -18.89 27.20 18.87
N GLU E 171 -19.77 26.60 19.66
CA GLU E 171 -19.32 25.84 20.82
C GLU E 171 -18.49 24.62 20.44
N SER E 172 -18.68 24.09 19.23
CA SER E 172 -17.99 22.88 18.81
C SER E 172 -16.64 23.15 18.16
N GLN E 173 -16.28 24.40 17.91
CA GLN E 173 -15.03 24.72 17.25
C GLN E 173 -13.87 24.93 18.23
N LEU E 174 -14.13 24.91 19.53
CA LEU E 174 -13.09 25.06 20.52
C LEU E 174 -12.38 23.73 20.76
N PRO E 175 -11.13 23.77 21.22
CA PRO E 175 -10.48 22.54 21.67
C PRO E 175 -11.24 21.93 22.84
N ARG E 176 -11.25 20.60 22.89
CA ARG E 176 -12.12 19.88 23.80
C ARG E 176 -11.31 19.23 24.92
N ILE E 177 -11.97 19.03 26.05
CA ILE E 177 -11.42 18.29 27.19
C ILE E 177 -12.50 17.34 27.70
N GLN E 178 -12.11 16.10 27.97
CA GLN E 178 -13.06 15.10 28.39
C GLN E 178 -13.53 15.34 29.82
N ARG E 179 -14.75 14.89 30.12
CA ARG E 179 -15.28 15.05 31.48
C ARG E 179 -14.56 14.14 32.47
N GLU E 180 -14.05 13.01 32.00
CA GLU E 180 -13.32 12.08 32.86
C GLU E 180 -11.85 12.46 33.02
N ASP E 181 -11.41 13.55 32.40
CA ASP E 181 -10.05 14.02 32.57
C ASP E 181 -9.81 14.36 34.04
N PRO E 182 -8.65 13.98 34.61
CA PRO E 182 -8.43 14.21 36.04
C PRO E 182 -8.56 15.66 36.46
N VAL E 183 -8.11 16.59 35.62
CA VAL E 183 -8.28 18.01 35.94
C VAL E 183 -9.76 18.38 35.92
N ALA E 184 -10.51 17.86 34.95
CA ALA E 184 -11.94 18.13 34.90
C ALA E 184 -12.66 17.58 36.12
N ARG E 185 -12.29 16.37 36.56
CA ARG E 185 -12.86 15.83 37.79
C ARG E 185 -12.49 16.68 38.99
N TYR E 186 -11.25 17.16 39.03
CA TYR E 186 -10.81 18.01 40.14
C TYR E 186 -11.63 19.29 40.20
N LEU E 187 -11.87 19.91 39.05
CA LEU E 187 -12.60 21.18 39.01
C LEU E 187 -14.12 20.99 39.02
N GLY E 188 -14.61 19.77 38.89
CA GLY E 188 -16.05 19.54 38.85
C GLY E 188 -16.71 20.18 37.66
N LEU E 189 -16.14 19.99 36.48
CA LEU E 189 -16.68 20.60 35.27
C LEU E 189 -18.00 19.96 34.88
N LYS E 190 -18.73 20.65 34.02
CA LYS E 190 -19.96 20.15 33.42
C LYS E 190 -19.90 20.40 31.92
N ARG E 191 -20.81 19.76 31.20
CA ARG E 191 -20.84 19.88 29.75
C ARG E 191 -21.10 21.31 29.33
N GLY E 192 -20.30 21.80 28.38
CA GLY E 192 -20.43 23.13 27.86
C GLY E 192 -19.57 24.18 28.55
N GLN E 193 -19.09 23.90 29.76
CA GLN E 193 -18.25 24.85 30.46
C GLN E 193 -16.85 24.87 29.86
N VAL E 194 -16.20 26.02 29.96
CA VAL E 194 -14.90 26.26 29.34
C VAL E 194 -13.92 26.67 30.41
N VAL E 195 -12.71 26.09 30.35
CA VAL E 195 -11.63 26.42 31.28
C VAL E 195 -10.55 27.16 30.51
N LYS E 196 -10.02 28.21 31.12
CA LYS E 196 -8.89 28.95 30.61
C LYS E 196 -7.60 28.42 31.23
N ILE E 197 -6.58 28.26 30.41
CA ILE E 197 -5.31 27.68 30.80
C ILE E 197 -4.22 28.71 30.48
N ILE E 198 -3.46 29.09 31.51
CA ILE E 198 -2.31 29.97 31.35
C ILE E 198 -1.06 29.11 31.38
N ARG E 199 -0.29 29.15 30.31
CA ARG E 199 0.78 28.19 30.08
C ARG E 199 2.09 28.90 29.79
N ARG E 200 3.17 28.39 30.36
CA ARG E 200 4.51 28.87 30.05
C ARG E 200 4.83 28.54 28.59
N SER E 201 5.36 29.53 27.87
CA SER E 201 5.72 29.38 26.47
C SER E 201 7.11 29.93 26.24
N GLU E 202 7.91 29.20 25.46
CA GLU E 202 9.29 29.58 25.21
C GLU E 202 9.43 30.59 24.08
N THR E 203 8.33 30.98 23.43
CA THR E 203 8.37 31.99 22.38
C THR E 203 7.71 33.29 22.76
N SER E 204 6.85 33.29 23.79
CA SER E 204 6.17 34.52 24.20
C SER E 204 6.08 34.67 25.71
N GLY E 205 6.69 33.77 26.48
CA GLY E 205 6.60 33.85 27.92
C GLY E 205 5.30 33.27 28.45
N ARG E 206 4.20 33.98 28.25
CA ARG E 206 2.89 33.54 28.70
C ARG E 206 1.99 33.29 27.50
N TYR E 207 1.18 32.23 27.58
CA TYR E 207 0.23 31.90 26.54
C TYR E 207 -1.11 31.56 27.17
N ALA E 208 -2.19 31.93 26.48
CA ALA E 208 -3.53 31.69 26.96
C ALA E 208 -4.24 30.73 26.03
N SER E 209 -4.92 29.73 26.59
CA SER E 209 -5.68 28.77 25.82
C SER E 209 -7.02 28.52 26.51
N TYR E 210 -7.94 27.94 25.76
CA TYR E 210 -9.26 27.62 26.30
C TYR E 210 -9.67 26.23 25.84
N ARG E 211 -10.31 25.48 26.74
CA ARG E 211 -10.79 24.15 26.43
C ARG E 211 -12.20 23.98 26.97
N ILE E 212 -13.10 23.45 26.13
CA ILE E 212 -14.50 23.27 26.50
C ILE E 212 -14.72 21.81 26.86
N CYS E 213 -15.40 21.58 27.98
CA CYS E 213 -15.70 20.22 28.39
C CYS E 213 -16.67 19.56 27.42
N LEU E 214 -16.47 18.28 27.17
CA LEU E 214 -17.34 17.52 26.27
C LEU E 214 -18.74 17.37 26.84
N GLU F 71 -24.96 43.00 5.86
CA GLU F 71 -25.33 42.19 7.01
C GLU F 71 -24.12 41.45 7.56
N LEU F 72 -23.08 41.29 6.74
CA LEU F 72 -21.86 40.64 7.14
C LEU F 72 -20.61 41.49 6.95
N ALA F 73 -20.70 42.58 6.18
CA ALA F 73 -19.54 43.45 5.99
C ALA F 73 -19.18 44.15 7.28
N ILE F 74 -17.89 44.29 7.53
CA ILE F 74 -17.38 44.97 8.72
C ILE F 74 -17.20 46.44 8.39
N LEU F 75 -17.54 47.30 9.35
CA LEU F 75 -17.39 48.73 9.17
C LEU F 75 -15.93 49.11 8.97
N LYS F 76 -15.70 50.17 8.20
CA LYS F 76 -14.34 50.58 7.87
C LYS F 76 -13.55 50.96 9.11
N GLU F 77 -14.18 51.71 10.03
CA GLU F 77 -13.51 52.07 11.27
C GLU F 77 -13.34 50.88 12.21
N GLU F 78 -14.11 49.81 12.02
CA GLU F 78 -14.03 48.63 12.86
C GLU F 78 -13.11 47.56 12.30
N ARG F 79 -12.42 47.85 11.20
CA ARG F 79 -11.51 46.87 10.61
C ARG F 79 -10.35 46.59 11.56
N THR F 80 -10.01 45.31 11.73
CA THR F 80 -8.99 44.90 12.66
C THR F 80 -7.84 44.13 12.03
N THR F 81 -7.93 43.79 10.75
CA THR F 81 -6.86 43.04 10.11
C THR F 81 -5.63 43.92 9.90
N THR F 82 -4.55 43.29 9.45
CA THR F 82 -3.31 44.01 9.27
C THR F 82 -3.44 45.04 8.14
N PRO F 83 -2.82 46.21 8.29
CA PRO F 83 -2.87 47.22 7.23
C PRO F 83 -1.81 47.05 6.15
N TYR F 84 -0.99 46.02 6.22
CA TYR F 84 0.06 45.77 5.24
C TYR F 84 -0.44 44.78 4.18
N LEU F 85 0.16 44.85 3.00
CA LEU F 85 -0.19 43.96 1.90
C LEU F 85 0.62 42.67 2.04
N THR F 86 -0.07 41.57 2.28
CA THR F 86 0.60 40.29 2.40
C THR F 86 1.16 39.83 1.06
N LYS F 87 2.12 38.92 1.11
CA LYS F 87 2.78 38.48 -0.11
C LYS F 87 1.82 37.75 -1.04
N TYR F 88 0.90 36.98 -0.48
CA TYR F 88 -0.11 36.32 -1.31
C TYR F 88 -1.01 37.34 -2.00
N GLU F 89 -1.44 38.36 -1.25
CA GLU F 89 -2.24 39.42 -1.85
C GLU F 89 -1.47 40.16 -2.93
N ARG F 90 -0.18 40.43 -2.68
CA ARG F 90 0.63 41.10 -3.68
C ARG F 90 0.75 40.27 -4.94
N ALA F 91 0.99 38.97 -4.79
CA ALA F 91 1.12 38.09 -5.95
C ALA F 91 -0.18 38.03 -6.74
N ARG F 92 -1.31 37.88 -6.06
CA ARG F 92 -2.58 37.80 -6.76
C ARG F 92 -2.92 39.11 -7.46
N ILE F 93 -2.66 40.25 -6.80
CA ILE F 93 -2.92 41.55 -7.43
C ILE F 93 -2.06 41.73 -8.67
N LEU F 94 -0.77 41.39 -8.56
CA LEU F 94 0.11 41.53 -9.72
C LEU F 94 -0.34 40.63 -10.86
N GLY F 95 -0.71 39.39 -10.56
CA GLY F 95 -1.16 38.48 -11.61
C GLY F 95 -2.43 38.96 -12.28
N THR F 96 -3.41 39.38 -11.49
CA THR F 96 -4.68 39.84 -12.06
C THR F 96 -4.47 41.10 -12.89
N ARG F 97 -3.67 42.05 -12.40
CA ARG F 97 -3.41 43.26 -13.16
C ARG F 97 -2.67 42.96 -14.45
N ALA F 98 -1.70 42.04 -14.40
CA ALA F 98 -0.99 41.65 -15.61
C ALA F 98 -1.92 41.01 -16.62
N LEU F 99 -2.84 40.16 -16.16
CA LEU F 99 -3.82 39.57 -17.07
C LEU F 99 -4.68 40.66 -17.71
N GLN F 100 -5.18 41.59 -16.90
CA GLN F 100 -6.05 42.62 -17.43
C GLN F 100 -5.33 43.49 -18.45
N ILE F 101 -4.09 43.88 -18.15
CA ILE F 101 -3.32 44.69 -19.09
C ILE F 101 -3.03 43.90 -20.35
N SER F 102 -2.79 42.60 -20.22
CA SER F 102 -2.48 41.77 -21.40
C SER F 102 -3.66 41.71 -22.35
N MET F 103 -4.89 41.79 -21.84
CA MET F 103 -6.08 41.78 -22.68
C MET F 103 -6.64 43.18 -22.90
N ASN F 104 -5.73 44.16 -23.06
CA ASN F 104 -6.07 45.49 -23.59
C ASN F 104 -6.96 46.28 -22.64
N ALA F 105 -6.67 46.23 -21.34
CA ALA F 105 -7.31 47.15 -20.43
C ALA F 105 -6.56 48.48 -20.43
N PRO F 106 -7.24 49.58 -20.10
CA PRO F 106 -6.55 50.87 -20.01
C PRO F 106 -5.46 50.83 -18.93
N VAL F 107 -4.36 51.53 -19.22
CA VAL F 107 -3.19 51.55 -18.34
C VAL F 107 -3.23 52.85 -17.56
N LEU F 108 -3.13 52.74 -16.23
CA LEU F 108 -3.25 53.89 -15.35
C LEU F 108 -1.95 54.67 -15.19
N VAL F 109 -0.82 54.11 -15.63
CA VAL F 109 0.48 54.73 -15.48
C VAL F 109 1.15 54.78 -16.85
N ASP F 110 1.87 55.87 -17.12
CA ASP F 110 2.53 56.03 -18.40
C ASP F 110 3.54 54.91 -18.65
N ILE F 111 3.74 54.61 -19.94
CA ILE F 111 4.60 53.52 -20.37
C ILE F 111 5.82 54.14 -21.04
N GLU F 112 6.99 53.98 -20.41
CA GLU F 112 8.21 54.60 -20.95
C GLU F 112 8.80 53.76 -22.07
N GLY F 113 9.22 52.54 -21.75
CA GLY F 113 9.77 51.63 -22.75
C GLY F 113 9.41 50.19 -22.50
N GLU F 114 8.76 49.92 -21.37
CA GLU F 114 8.46 48.56 -20.97
C GLU F 114 7.30 47.99 -21.79
N THR F 115 7.37 46.68 -22.03
CA THR F 115 6.30 45.97 -22.72
C THR F 115 5.76 44.80 -21.92
N ASP F 116 6.43 44.37 -20.86
CA ASP F 116 5.98 43.23 -20.08
C ASP F 116 4.81 43.65 -19.21
N PRO F 117 3.68 42.95 -19.26
CA PRO F 117 2.54 43.31 -18.40
C PRO F 117 2.84 43.25 -16.91
N LEU F 118 3.68 42.30 -16.48
CA LEU F 118 3.99 42.20 -15.06
C LEU F 118 4.79 43.42 -14.58
N GLN F 119 5.71 43.91 -15.42
CA GLN F 119 6.44 45.11 -15.06
C GLN F 119 5.51 46.31 -14.92
N ILE F 120 4.54 46.43 -15.82
CA ILE F 120 3.57 47.52 -15.73
C ILE F 120 2.73 47.38 -14.47
N ALA F 121 2.33 46.15 -14.14
CA ALA F 121 1.55 45.92 -12.92
C ALA F 121 2.36 46.31 -11.68
N MET F 122 3.63 45.95 -11.64
CA MET F 122 4.47 46.34 -10.52
C MET F 122 4.65 47.84 -10.44
N LYS F 123 4.79 48.50 -11.60
CA LYS F 123 4.88 49.95 -11.61
C LYS F 123 3.61 50.60 -11.08
N GLU F 124 2.45 50.06 -11.46
CA GLU F 124 1.18 50.57 -10.94
C GLU F 124 1.08 50.35 -9.43
N LEU F 125 1.53 49.18 -8.96
CA LEU F 125 1.47 48.89 -7.53
C LEU F 125 2.38 49.82 -6.74
N SER F 126 3.55 50.14 -7.28
CA SER F 126 4.49 51.01 -6.57
C SER F 126 3.92 52.41 -6.40
N GLN F 127 3.04 52.84 -7.30
CA GLN F 127 2.42 54.17 -7.23
C GLN F 127 1.01 54.13 -6.66
N ARG F 128 0.59 52.97 -6.12
CA ARG F 128 -0.74 52.81 -5.54
C ARG F 128 -1.83 53.16 -6.55
N LYS F 129 -1.68 52.65 -7.76
CA LYS F 129 -2.62 52.88 -8.86
C LYS F 129 -3.28 51.59 -9.29
N ILE F 130 -3.64 50.74 -8.34
CA ILE F 130 -4.30 49.47 -8.61
C ILE F 130 -5.79 49.64 -8.29
N PRO F 131 -6.68 49.58 -9.28
CA PRO F 131 -8.12 49.74 -9.02
C PRO F 131 -8.79 48.44 -8.61
N LEU F 132 -8.29 47.84 -7.53
CA LEU F 132 -8.80 46.57 -7.04
C LEU F 132 -9.01 46.65 -5.54
N VAL F 133 -9.92 45.81 -5.04
CA VAL F 133 -10.29 45.78 -3.64
C VAL F 133 -10.14 44.35 -3.13
N ILE F 134 -9.39 44.18 -2.05
CA ILE F 134 -9.24 42.88 -1.41
C ILE F 134 -10.39 42.66 -0.45
N ARG F 135 -11.00 41.49 -0.52
CA ARG F 135 -12.04 41.08 0.42
C ARG F 135 -11.44 39.98 1.30
N ARG F 136 -10.98 40.37 2.48
CA ARG F 136 -10.39 39.42 3.42
C ARG F 136 -11.51 38.75 4.20
N TYR F 137 -11.60 37.42 4.10
CA TYR F 137 -12.71 36.67 4.67
C TYR F 137 -12.33 36.20 6.07
N LEU F 138 -13.12 36.61 7.06
CA LEU F 138 -12.95 36.12 8.41
C LEU F 138 -13.43 34.67 8.51
N PRO F 139 -12.95 33.92 9.49
CA PRO F 139 -13.34 32.49 9.58
C PRO F 139 -14.84 32.28 9.73
N ASP F 140 -15.55 33.17 10.41
CA ASP F 140 -16.97 32.97 10.61
C ASP F 140 -17.76 33.13 9.32
N GLY F 141 -17.31 34.02 8.43
CA GLY F 141 -18.02 34.28 7.21
C GLY F 141 -18.04 35.75 6.85
N SER F 142 -17.84 36.61 7.85
CA SER F 142 -17.77 38.04 7.62
C SER F 142 -16.50 38.38 6.85
N TYR F 143 -16.47 39.60 6.30
CA TYR F 143 -15.38 40.01 5.44
C TYR F 143 -15.04 41.47 5.69
N GLU F 144 -13.81 41.84 5.35
CA GLU F 144 -13.34 43.21 5.40
C GLU F 144 -12.88 43.62 4.01
N ASP F 145 -13.28 44.81 3.59
CA ASP F 145 -12.90 45.35 2.28
C ASP F 145 -11.76 46.33 2.46
N TRP F 146 -10.65 46.08 1.77
CA TRP F 146 -9.48 46.94 1.83
C TRP F 146 -9.10 47.36 0.43
N GLY F 147 -9.00 48.67 0.20
CA GLY F 147 -8.51 49.15 -1.07
C GLY F 147 -7.01 48.98 -1.19
N CYS F 148 -6.55 48.70 -2.41
CA CYS F 148 -5.11 48.56 -2.63
C CYS F 148 -4.37 49.88 -2.46
N ASP F 149 -5.09 51.00 -2.48
CA ASP F 149 -4.47 52.29 -2.22
C ASP F 149 -4.17 52.51 -0.73
N GLU F 150 -5.01 51.98 0.15
CA GLU F 150 -4.87 52.19 1.58
C GLU F 150 -4.07 51.11 2.28
N LEU F 151 -3.52 50.15 1.53
CA LEU F 151 -2.71 49.09 2.11
C LEU F 151 -1.23 49.45 1.98
N ILE F 152 -0.49 49.29 3.08
CA ILE F 152 0.91 49.66 3.08
C ILE F 152 1.72 48.62 2.31
N VAL F 153 2.55 49.09 1.38
CA VAL F 153 3.39 48.23 0.56
C VAL F 153 4.85 48.50 0.93
N ASP F 154 5.56 47.43 1.28
CA ASP F 154 6.97 47.55 1.67
C ASP F 154 7.83 47.92 0.48
N MET G 1 -52.11 43.34 -13.74
CA MET G 1 -52.06 44.05 -12.47
C MET G 1 -50.65 44.58 -12.22
N PHE G 2 -50.56 45.82 -11.75
CA PHE G 2 -49.28 46.47 -11.52
C PHE G 2 -48.72 46.10 -10.15
N PHE G 3 -47.40 46.00 -10.08
CA PHE G 3 -46.71 45.69 -8.83
C PHE G 3 -45.36 46.38 -8.82
N LEU G 4 -44.83 46.58 -7.62
CA LEU G 4 -43.46 47.05 -7.41
C LEU G 4 -42.65 45.89 -6.86
N LYS G 5 -41.60 45.49 -7.58
CA LYS G 5 -40.86 44.30 -7.23
C LYS G 5 -39.36 44.57 -7.20
N ASP G 6 -38.68 43.88 -6.29
CA ASP G 6 -37.23 43.98 -6.16
C ASP G 6 -36.58 42.92 -7.03
N LEU G 7 -35.70 43.33 -7.94
CA LEU G 7 -35.08 42.44 -8.89
C LEU G 7 -33.57 42.48 -8.76
N SER G 8 -32.93 41.38 -9.16
CA SER G 8 -31.48 41.25 -9.17
C SER G 8 -31.05 40.58 -10.46
N LEU G 9 -29.86 40.95 -10.93
CA LEU G 9 -29.35 40.46 -12.21
C LEU G 9 -27.85 40.19 -12.10
N ILE G 10 -27.39 39.25 -12.92
CA ILE G 10 -25.98 38.91 -13.05
C ILE G 10 -25.45 39.58 -14.31
N LEU G 11 -24.38 40.35 -14.18
CA LEU G 11 -23.73 40.98 -15.31
C LEU G 11 -22.28 40.53 -15.41
N THR G 12 -21.78 40.42 -16.64
CA THR G 12 -20.39 40.06 -16.89
C THR G 12 -19.75 41.14 -17.72
N LEU G 13 -18.64 41.69 -17.24
CA LEU G 13 -17.93 42.77 -17.89
C LEU G 13 -16.55 42.31 -18.33
N HIS G 14 -16.24 42.52 -19.60
CA HIS G 14 -14.91 42.21 -20.10
C HIS G 14 -13.89 43.19 -19.53
N PRO G 15 -12.67 42.74 -19.24
CA PRO G 15 -11.66 43.66 -18.69
C PRO G 15 -11.27 44.79 -19.64
N SER G 16 -11.50 44.64 -20.94
CA SER G 16 -11.21 45.71 -21.88
C SER G 16 -12.12 46.92 -21.68
N TYR G 17 -13.21 46.77 -20.94
CA TYR G 17 -14.14 47.85 -20.65
C TYR G 17 -13.82 48.58 -19.35
N PHE G 18 -12.72 48.23 -18.69
CA PHE G 18 -12.40 48.77 -17.37
C PHE G 18 -11.87 50.19 -17.52
N GLY G 19 -12.80 51.15 -17.56
CA GLY G 19 -12.45 52.54 -17.67
C GLY G 19 -13.39 53.45 -16.90
N PRO G 20 -13.69 54.62 -17.46
CA PRO G 20 -14.59 55.57 -16.79
C PRO G 20 -16.06 55.25 -17.02
N GLN G 21 -16.35 54.03 -17.46
CA GLN G 21 -17.71 53.65 -17.81
C GLN G 21 -18.21 52.51 -16.92
N MET G 22 -18.00 52.64 -15.61
CA MET G 22 -18.44 51.59 -14.68
C MET G 22 -19.94 51.67 -14.42
N ASN G 23 -20.43 52.83 -13.98
CA ASN G 23 -21.79 52.91 -13.49
C ASN G 23 -22.79 53.02 -14.63
N GLN G 24 -22.70 54.10 -15.42
CA GLN G 24 -23.73 54.38 -16.41
C GLN G 24 -23.75 53.35 -17.54
N TYR G 25 -22.60 52.79 -17.89
CA TYR G 25 -22.54 51.86 -19.02
C TYR G 25 -23.14 50.51 -18.63
N LEU G 26 -22.80 50.02 -17.44
CA LEU G 26 -23.48 48.84 -16.91
C LEU G 26 -24.97 49.09 -16.74
N ARG G 27 -25.32 50.30 -16.29
CA ARG G 27 -26.74 50.64 -16.12
C ARG G 27 -27.48 50.62 -17.45
N GLU G 28 -26.85 51.08 -18.53
CA GLU G 28 -27.55 51.08 -19.81
C GLU G 28 -27.64 49.67 -20.39
N LYS G 29 -26.64 48.80 -20.15
CA LYS G 29 -26.88 47.40 -20.51
C LYS G 29 -28.05 46.83 -19.72
N LEU G 30 -28.14 47.16 -18.43
CA LEU G 30 -29.24 46.68 -17.60
C LEU G 30 -30.58 47.15 -18.14
N LEU G 31 -30.65 48.42 -18.55
CA LEU G 31 -31.89 48.95 -19.10
C LEU G 31 -32.25 48.27 -20.42
N THR G 32 -31.25 48.03 -21.27
CA THR G 32 -31.54 47.36 -22.55
C THR G 32 -32.01 45.93 -22.34
N ASP G 33 -31.43 45.22 -21.37
CA ASP G 33 -31.73 43.81 -21.18
C ASP G 33 -32.86 43.57 -20.19
N VAL G 34 -33.39 44.61 -19.53
CA VAL G 34 -34.41 44.46 -18.50
C VAL G 34 -35.66 45.28 -18.82
N GLU G 35 -35.48 46.58 -19.08
CA GLU G 35 -36.63 47.44 -19.35
C GLU G 35 -37.27 47.05 -20.67
N GLY G 36 -38.59 46.88 -20.64
CA GLY G 36 -39.29 46.40 -21.82
C GLY G 36 -39.08 44.94 -22.14
N THR G 37 -38.84 44.11 -21.12
CA THR G 37 -38.58 42.70 -21.31
C THR G 37 -39.46 41.89 -20.36
N CYS G 38 -39.86 40.71 -20.80
CA CYS G 38 -40.74 39.84 -20.03
C CYS G 38 -39.98 38.67 -19.42
N THR G 39 -40.38 38.29 -18.22
CA THR G 39 -39.90 37.09 -17.55
C THR G 39 -41.10 36.34 -17.00
N GLY G 40 -40.96 35.01 -16.92
CA GLY G 40 -42.05 34.18 -16.44
C GLY G 40 -42.40 34.43 -14.98
N GLN G 41 -41.41 34.75 -14.16
CA GLN G 41 -41.64 34.87 -12.72
C GLN G 41 -42.40 36.15 -12.39
N PHE G 42 -42.07 37.27 -13.03
CA PHE G 42 -42.60 38.57 -12.63
C PHE G 42 -43.13 39.38 -13.81
N GLY G 43 -43.57 38.71 -14.88
CA GLY G 43 -44.25 39.41 -15.96
C GLY G 43 -43.36 40.37 -16.71
N TYR G 44 -43.95 41.50 -17.12
CA TYR G 44 -43.27 42.48 -17.96
C TYR G 44 -42.63 43.55 -17.07
N ILE G 45 -41.32 43.74 -17.22
CA ILE G 45 -40.63 44.85 -16.56
C ILE G 45 -40.66 46.01 -17.55
N VAL G 46 -41.74 46.81 -17.50
CA VAL G 46 -41.92 47.87 -18.47
C VAL G 46 -40.87 48.97 -18.29
N THR G 47 -40.63 49.38 -17.04
CA THR G 47 -39.61 50.37 -16.71
C THR G 47 -38.98 49.98 -15.39
N VAL G 48 -38.05 50.83 -14.92
CA VAL G 48 -37.39 50.65 -13.64
C VAL G 48 -37.57 51.92 -12.82
N LEU G 49 -37.45 51.77 -11.51
CA LEU G 49 -37.59 52.88 -10.57
C LEU G 49 -36.21 53.39 -10.20
N ASP G 50 -35.97 54.69 -10.42
CA ASP G 50 -34.69 55.33 -10.15
C ASP G 50 -33.56 54.63 -10.90
N GLY G 51 -33.66 54.67 -12.23
CA GLY G 51 -32.72 53.93 -13.07
C GLY G 51 -31.29 54.40 -12.92
N MET G 52 -31.08 55.72 -12.93
CA MET G 52 -29.72 56.26 -12.86
C MET G 52 -29.09 56.07 -11.50
N ASN G 53 -29.89 55.85 -10.45
CA ASN G 53 -29.38 55.66 -9.09
C ASN G 53 -29.43 54.20 -8.65
N ILE G 54 -29.21 53.27 -9.57
CA ILE G 54 -29.18 51.85 -9.26
C ILE G 54 -27.75 51.49 -8.87
N ASP G 55 -27.60 50.91 -7.67
CA ASP G 55 -26.28 50.56 -7.16
C ASP G 55 -25.80 49.28 -7.82
N VAL G 56 -24.72 49.37 -8.59
CA VAL G 56 -24.15 48.19 -9.22
C VAL G 56 -23.31 47.38 -8.25
N GLY G 57 -22.92 47.95 -7.11
CA GLY G 57 -22.12 47.22 -6.15
C GLY G 57 -20.67 47.07 -6.62
N LYS G 58 -19.99 46.11 -6.01
CA LYS G 58 -18.61 45.80 -6.34
C LYS G 58 -18.57 44.54 -7.20
N GLY G 59 -17.78 44.60 -8.28
CA GLY G 59 -17.70 43.48 -9.20
C GLY G 59 -16.65 42.46 -8.85
N ARG G 60 -17.07 41.22 -8.62
CA ARG G 60 -16.14 40.15 -8.30
C ARG G 60 -15.34 39.75 -9.54
N ILE G 61 -14.03 39.63 -9.38
CA ILE G 61 -13.15 39.20 -10.46
C ILE G 61 -13.06 37.68 -10.42
N ILE G 62 -13.53 37.03 -11.48
CA ILE G 62 -13.48 35.57 -11.57
C ILE G 62 -12.04 35.15 -11.79
N PRO G 63 -11.49 34.29 -10.94
CA PRO G 63 -10.07 33.92 -11.07
C PRO G 63 -9.80 33.18 -12.37
N GLY G 64 -8.67 33.50 -12.99
CA GLY G 64 -8.24 32.85 -14.21
C GLY G 64 -8.91 33.34 -15.47
N SER G 65 -9.81 34.31 -15.37
CA SER G 65 -10.49 34.83 -16.55
C SER G 65 -10.40 36.34 -16.67
N GLY G 66 -10.45 37.06 -15.55
CA GLY G 66 -10.38 38.51 -15.57
C GLY G 66 -11.71 39.20 -15.75
N SER G 67 -12.76 38.49 -16.17
CA SER G 67 -14.07 39.10 -16.32
C SER G 67 -14.65 39.44 -14.95
N ALA G 68 -15.33 40.58 -14.87
CA ALA G 68 -15.91 41.05 -13.62
C ALA G 68 -17.38 40.65 -13.56
N GLU G 69 -17.78 40.06 -12.45
CA GLU G 69 -19.15 39.62 -12.23
C GLU G 69 -19.83 40.61 -11.31
N PHE G 70 -20.95 41.17 -11.75
CA PHE G 70 -21.68 42.21 -11.03
C PHE G 70 -23.05 41.70 -10.61
N GLU G 71 -23.41 41.95 -9.36
CA GLU G 71 -24.74 41.66 -8.81
C GLU G 71 -25.51 42.98 -8.80
N VAL G 72 -26.30 43.20 -9.84
CA VAL G 72 -27.04 44.46 -9.98
C VAL G 72 -28.39 44.28 -9.30
N LYS G 73 -28.61 45.03 -8.23
CA LYS G 73 -29.84 44.95 -7.44
C LYS G 73 -30.61 46.26 -7.58
N TYR G 74 -31.91 46.16 -7.80
CA TYR G 74 -32.73 47.35 -8.05
C TYR G 74 -34.18 47.03 -7.71
N ARG G 75 -35.02 48.07 -7.78
CA ARG G 75 -36.47 47.94 -7.61
C ARG G 75 -37.14 48.53 -8.84
N ALA G 76 -38.09 47.79 -9.41
CA ALA G 76 -38.73 48.20 -10.65
C ALA G 76 -40.22 47.96 -10.54
N VAL G 77 -40.94 48.31 -11.62
CA VAL G 77 -42.38 48.12 -11.72
C VAL G 77 -42.65 47.05 -12.76
N VAL G 78 -43.60 46.17 -12.44
CA VAL G 78 -43.96 45.05 -13.31
C VAL G 78 -45.47 45.01 -13.48
N TRP G 79 -45.90 44.32 -14.53
CA TRP G 79 -47.31 44.10 -14.81
C TRP G 79 -47.55 42.60 -14.90
N LYS G 80 -48.54 42.11 -14.16
CA LYS G 80 -48.84 40.69 -14.13
C LYS G 80 -50.34 40.42 -14.25
N PRO G 81 -50.75 39.55 -15.17
CA PRO G 81 -52.13 39.05 -15.17
C PRO G 81 -52.29 37.88 -14.21
N PHE G 82 -53.53 37.67 -13.78
CA PHE G 82 -53.84 36.63 -12.83
C PHE G 82 -55.02 35.80 -13.33
N LYS G 83 -55.06 34.54 -12.93
CA LYS G 83 -56.18 33.67 -13.27
C LYS G 83 -57.42 34.12 -12.50
N GLY G 84 -58.53 34.29 -13.23
CA GLY G 84 -59.75 34.78 -12.64
C GLY G 84 -59.82 36.28 -12.48
N GLU G 85 -58.81 37.02 -12.93
CA GLU G 85 -58.81 38.47 -12.81
C GLU G 85 -59.78 39.09 -13.80
N VAL G 86 -60.59 40.03 -13.32
CA VAL G 86 -61.58 40.72 -14.14
C VAL G 86 -61.01 42.07 -14.55
N VAL G 87 -60.81 42.28 -15.85
CA VAL G 87 -60.22 43.50 -16.36
C VAL G 87 -61.04 44.01 -17.53
N ASP G 88 -60.92 45.31 -17.78
CA ASP G 88 -61.59 45.96 -18.90
C ASP G 88 -60.58 46.11 -20.03
N ALA G 89 -60.93 45.59 -21.21
CA ALA G 89 -60.05 45.51 -22.35
C ALA G 89 -60.54 46.42 -23.47
N ILE G 90 -59.59 47.06 -24.15
CA ILE G 90 -59.87 47.80 -25.37
C ILE G 90 -59.66 46.83 -26.53
N VAL G 91 -60.76 46.40 -27.16
CA VAL G 91 -60.67 45.45 -28.25
C VAL G 91 -60.07 46.14 -29.47
N SER G 92 -59.10 45.48 -30.10
CA SER G 92 -58.36 46.05 -31.22
C SER G 92 -58.77 45.47 -32.56
N ASN G 93 -58.97 44.15 -32.64
CA ASN G 93 -59.34 43.50 -33.89
C ASN G 93 -60.48 42.54 -33.65
N VAL G 94 -61.33 42.37 -34.66
CA VAL G 94 -62.46 41.45 -34.61
C VAL G 94 -62.37 40.52 -35.82
N SER G 95 -62.44 39.22 -35.57
CA SER G 95 -62.37 38.19 -36.59
C SER G 95 -63.54 37.23 -36.40
N PRO G 96 -63.92 36.50 -37.45
CA PRO G 96 -65.06 35.57 -37.30
C PRO G 96 -64.88 34.51 -36.23
N ILE G 97 -63.67 34.32 -35.69
CA ILE G 97 -63.45 33.30 -34.67
C ILE G 97 -62.94 34.01 -33.43
N GLY G 98 -63.42 35.24 -33.20
CA GLY G 98 -63.12 35.91 -31.95
C GLY G 98 -62.66 37.35 -32.05
N PHE G 99 -61.86 37.80 -31.08
CA PHE G 99 -61.36 39.16 -31.12
C PHE G 99 -60.07 39.30 -30.31
N PHE G 100 -59.20 40.18 -30.80
CA PHE G 100 -57.95 40.53 -30.16
C PHE G 100 -58.14 41.84 -29.42
N ALA G 101 -57.86 41.85 -28.12
CA ALA G 101 -57.98 43.05 -27.29
C ALA G 101 -56.64 43.34 -26.64
N ASP G 102 -56.20 44.59 -26.72
CA ASP G 102 -54.92 45.00 -26.19
C ASP G 102 -55.09 45.48 -24.74
N VAL G 103 -54.45 44.79 -23.81
CA VAL G 103 -54.42 45.19 -22.40
C VAL G 103 -52.97 45.40 -22.00
N GLY G 104 -52.70 46.57 -21.41
CA GLY G 104 -51.35 46.93 -21.04
C GLY G 104 -50.41 46.89 -22.22
N PRO G 105 -49.30 46.18 -22.07
CA PRO G 105 -48.38 45.96 -23.20
C PRO G 105 -48.61 44.68 -23.99
N LEU G 106 -49.66 43.91 -23.69
CA LEU G 106 -49.89 42.63 -24.32
C LEU G 106 -51.26 42.58 -24.98
N ASN G 107 -51.53 41.46 -25.65
CA ASN G 107 -52.77 41.24 -26.36
C ASN G 107 -53.39 39.92 -25.91
N VAL G 108 -54.72 39.91 -25.77
CA VAL G 108 -55.46 38.74 -25.35
C VAL G 108 -56.45 38.38 -26.46
N PHE G 109 -56.46 37.11 -26.85
CA PHE G 109 -57.41 36.59 -27.83
C PHE G 109 -58.56 35.93 -27.09
N VAL G 110 -59.78 36.34 -27.42
CA VAL G 110 -60.98 35.76 -26.85
C VAL G 110 -61.83 35.20 -27.98
N SER G 111 -62.14 33.91 -27.91
CA SER G 111 -62.79 33.20 -29.00
C SER G 111 -64.29 33.54 -29.04
N THR G 112 -64.96 33.00 -30.05
CA THR G 112 -66.39 33.23 -30.24
C THR G 112 -67.25 32.18 -29.53
N ARG G 113 -66.69 31.00 -29.28
CA ARG G 113 -67.47 29.92 -28.66
C ARG G 113 -67.97 30.32 -27.28
N LEU G 114 -67.12 30.97 -26.49
CA LEU G 114 -67.53 31.38 -25.15
C LEU G 114 -68.51 32.54 -25.17
N ILE G 115 -68.57 33.29 -26.26
CA ILE G 115 -69.49 34.43 -26.36
C ILE G 115 -70.93 33.92 -26.32
N PRO G 116 -71.82 34.53 -25.53
CA PRO G 116 -73.20 34.03 -25.45
C PRO G 116 -73.92 34.13 -26.78
N ASP G 117 -74.85 33.21 -26.99
CA ASP G 117 -75.54 33.08 -28.27
C ASP G 117 -76.49 34.23 -28.57
N ASN G 118 -76.83 35.06 -27.58
CA ASN G 118 -77.66 36.23 -27.86
C ASN G 118 -76.93 37.21 -28.76
N LEU G 119 -75.63 37.39 -28.53
CA LEU G 119 -74.85 38.35 -29.30
C LEU G 119 -74.39 37.67 -30.60
N VAL G 120 -74.75 38.24 -31.74
CA VAL G 120 -74.52 37.60 -33.04
C VAL G 120 -73.53 38.43 -33.83
N TYR G 121 -72.59 37.74 -34.49
CA TYR G 121 -71.55 38.40 -35.27
C TYR G 121 -72.02 38.65 -36.70
N ASN G 122 -71.56 39.75 -37.27
CA ASN G 122 -71.87 40.08 -38.65
C ASN G 122 -70.63 40.63 -39.36
N PRO G 123 -70.14 39.95 -40.39
CA PRO G 123 -69.09 40.53 -41.25
C PRO G 123 -69.67 41.47 -42.29
N SER G 124 -70.88 41.16 -42.77
CA SER G 124 -71.53 42.00 -43.78
C SER G 124 -71.82 43.39 -43.24
N ASN G 125 -72.23 43.48 -41.99
CA ASN G 125 -72.44 44.78 -41.37
C ASN G 125 -71.12 45.56 -41.29
N SER G 126 -71.23 46.88 -41.40
CA SER G 126 -70.06 47.75 -41.37
C SER G 126 -70.05 48.53 -40.07
N PRO G 127 -69.07 48.32 -39.18
CA PRO G 127 -67.97 47.36 -39.31
C PRO G 127 -68.37 45.95 -38.89
N PRO G 128 -67.63 44.94 -39.34
CA PRO G 128 -67.88 43.57 -38.86
C PRO G 128 -67.77 43.51 -37.35
N ALA G 129 -68.90 43.21 -36.70
CA ALA G 129 -68.99 43.41 -35.26
C ALA G 129 -69.97 42.41 -34.66
N TYR G 130 -69.93 42.30 -33.33
CA TYR G 130 -70.83 41.44 -32.58
C TYR G 130 -71.97 42.31 -32.07
N MET G 131 -73.12 42.27 -32.76
CA MET G 131 -74.25 43.10 -32.36
C MET G 131 -75.45 42.23 -32.00
N SER G 132 -76.42 42.88 -31.36
CA SER G 132 -77.73 42.33 -31.01
C SER G 132 -78.56 43.48 -30.47
N ASN G 133 -79.77 43.14 -30.02
CA ASN G 133 -80.70 44.15 -29.51
C ASN G 133 -80.10 44.91 -28.33
N ASP G 134 -79.81 46.20 -28.55
CA ASP G 134 -79.20 47.08 -27.54
C ASP G 134 -77.85 46.56 -27.08
N GLU G 135 -77.16 45.81 -27.95
CA GLU G 135 -75.82 45.30 -27.64
C GLU G 135 -74.93 45.48 -28.85
N LEU G 136 -73.72 45.98 -28.63
CA LEU G 136 -72.78 46.18 -29.73
C LEU G 136 -71.36 46.08 -29.21
N ILE G 137 -70.55 45.26 -29.89
CA ILE G 137 -69.13 45.08 -29.59
C ILE G 137 -68.37 45.24 -30.90
N THR G 138 -67.50 46.24 -30.96
CA THR G 138 -66.68 46.51 -32.13
C THR G 138 -65.40 47.18 -31.67
N LYS G 139 -64.48 47.37 -32.61
CA LYS G 139 -63.17 47.93 -32.30
C LYS G 139 -63.31 49.31 -31.67
N GLY G 140 -62.57 49.53 -30.58
CA GLY G 140 -62.63 50.77 -29.84
C GLY G 140 -63.56 50.78 -28.65
N SER G 141 -64.03 49.62 -28.21
CA SER G 141 -64.97 49.52 -27.10
C SER G 141 -64.31 48.87 -25.89
N LYS G 142 -64.83 49.21 -24.71
CA LYS G 142 -64.34 48.65 -23.46
C LYS G 142 -65.19 47.44 -23.09
N VAL G 143 -64.57 46.26 -23.03
CA VAL G 143 -65.27 45.02 -22.73
C VAL G 143 -64.70 44.45 -21.43
N ARG G 144 -65.57 44.16 -20.48
CA ARG G 144 -65.16 43.62 -19.18
C ARG G 144 -65.11 42.10 -19.28
N LEU G 145 -63.91 41.53 -19.14
CA LEU G 145 -63.70 40.10 -19.29
C LEU G 145 -62.87 39.56 -18.14
N LYS G 146 -63.11 38.30 -17.80
CA LYS G 146 -62.39 37.60 -16.75
C LYS G 146 -61.38 36.65 -17.38
N VAL G 147 -60.14 36.70 -16.90
CA VAL G 147 -59.07 35.89 -17.47
C VAL G 147 -59.23 34.44 -17.00
N VAL G 148 -59.30 33.52 -17.95
CA VAL G 148 -59.43 32.10 -17.62
C VAL G 148 -58.08 31.46 -17.37
N GLY G 149 -57.10 31.74 -18.23
CA GLY G 149 -55.77 31.17 -18.06
C GLY G 149 -54.74 32.05 -18.71
N THR G 150 -53.52 32.01 -18.16
CA THR G 150 -52.40 32.78 -18.67
C THR G 150 -51.31 31.81 -19.13
N ARG G 151 -50.80 32.02 -20.34
CA ARG G 151 -49.75 31.18 -20.90
C ARG G 151 -48.40 31.85 -20.71
N THR G 152 -47.47 31.11 -20.11
CA THR G 152 -46.13 31.62 -19.83
C THR G 152 -45.26 31.43 -21.06
N ASP G 153 -45.25 32.43 -21.93
CA ASP G 153 -44.46 32.39 -23.15
C ASP G 153 -43.05 32.94 -22.97
N VAL G 154 -42.68 33.35 -21.75
CA VAL G 154 -41.35 33.83 -21.40
C VAL G 154 -41.02 35.13 -22.13
N ASN G 155 -40.91 35.06 -23.45
CA ASN G 155 -40.56 36.25 -24.23
C ASN G 155 -41.68 37.27 -24.21
N GLU G 156 -42.91 36.83 -24.46
CA GLU G 156 -44.09 37.70 -24.43
C GLU G 156 -45.28 36.83 -24.01
N ILE G 157 -45.58 36.82 -22.72
CA ILE G 157 -46.63 35.95 -22.19
C ILE G 157 -47.99 36.43 -22.67
N TYR G 158 -48.89 35.48 -22.89
CA TYR G 158 -50.25 35.76 -23.36
C TYR G 158 -51.26 35.24 -22.34
N ALA G 159 -52.53 35.52 -22.63
CA ALA G 159 -53.63 35.10 -21.76
C ALA G 159 -54.90 35.04 -22.59
N ILE G 160 -55.92 34.40 -22.03
CA ILE G 160 -57.23 34.27 -22.66
C ILE G 160 -58.30 34.74 -21.68
N GLY G 161 -59.27 35.49 -22.17
CA GLY G 161 -60.37 35.98 -21.37
C GLY G 161 -61.70 35.38 -21.79
N SER G 162 -62.71 35.67 -20.98
CA SER G 162 -64.06 35.16 -21.24
C SER G 162 -65.08 36.12 -20.66
N ILE G 163 -66.29 36.05 -21.21
CA ILE G 163 -67.42 36.86 -20.74
C ILE G 163 -68.61 35.95 -20.49
N LYS G 164 -68.35 34.67 -20.24
CA LYS G 164 -69.39 33.67 -20.01
C LYS G 164 -69.78 33.55 -18.54
N GLU G 165 -69.58 34.60 -17.76
CA GLU G 165 -69.91 34.60 -16.34
C GLU G 165 -70.87 35.75 -16.03
N ASP G 166 -71.56 35.62 -14.91
CA ASP G 166 -72.55 36.62 -14.52
C ASP G 166 -71.89 37.93 -14.14
N PHE G 167 -72.64 39.03 -14.32
CA PHE G 167 -72.18 40.38 -14.01
C PHE G 167 -70.89 40.73 -14.74
N LEU G 168 -70.79 40.30 -16.00
CA LEU G 168 -69.64 40.59 -16.84
C LEU G 168 -70.09 41.47 -18.00
N GLY G 169 -69.45 42.62 -18.16
CA GLY G 169 -69.80 43.55 -19.21
C GLY G 169 -69.55 44.97 -18.75
N ALA G 170 -69.85 45.90 -19.65
CA ALA G 170 -69.65 47.32 -19.36
C ALA G 170 -70.59 47.76 -18.24
N ILE G 171 -70.04 48.47 -17.26
CA ILE G 171 -70.82 48.95 -16.13
C ILE G 171 -70.74 50.47 -16.04
N SER H 3 50.57 66.00 7.60
CA SER H 3 51.85 65.41 7.23
C SER H 3 51.99 64.01 7.83
N ALA H 4 52.87 63.88 8.82
CA ALA H 4 53.12 62.62 9.50
C ALA H 4 52.50 62.68 10.88
N LEU H 5 51.58 61.74 11.15
CA LEU H 5 50.89 61.74 12.43
C LEU H 5 51.78 61.18 13.55
N PHE H 6 52.61 60.21 13.24
CA PHE H 6 53.44 59.56 14.25
C PHE H 6 54.77 59.17 13.64
N ASP H 7 55.82 59.18 14.47
CA ASP H 7 57.15 58.80 14.02
C ASP H 7 57.95 58.27 15.19
N ASP H 8 58.69 57.20 14.96
CA ASP H 8 59.51 56.60 16.02
C ASP H 8 60.55 55.69 15.40
N ILE H 9 61.43 55.17 16.26
CA ILE H 9 62.44 54.19 15.89
C ILE H 9 62.30 53.00 16.80
N PHE H 10 62.21 51.80 16.22
CA PHE H 10 61.94 50.59 16.97
C PHE H 10 63.07 49.59 16.83
N THR H 11 63.31 48.85 17.91
CA THR H 11 64.22 47.71 17.93
C THR H 11 63.39 46.44 17.99
N VAL H 12 63.70 45.48 17.12
CA VAL H 12 62.92 44.26 17.03
C VAL H 12 63.36 43.30 18.12
N GLN H 13 62.41 42.87 18.94
CA GLN H 13 62.70 41.88 19.98
C GLN H 13 62.72 40.47 19.40
N THR H 14 61.61 40.04 18.79
CA THR H 14 61.49 38.72 18.22
C THR H 14 60.89 38.82 16.82
N VAL H 15 61.27 37.86 15.98
CA VAL H 15 60.68 37.70 14.65
C VAL H 15 60.07 36.32 14.58
N ASP H 16 58.77 36.27 14.32
CA ASP H 16 58.01 35.01 14.32
C ASP H 16 57.56 34.71 12.89
N ASN H 17 58.24 33.75 12.26
CA ASN H 17 57.80 33.30 10.95
C ASN H 17 56.43 32.64 11.02
N GLY H 18 56.15 31.91 12.10
CA GLY H 18 54.86 31.29 12.28
C GLY H 18 54.59 30.20 11.26
N ARG H 19 53.32 30.07 10.90
CA ARG H 19 52.87 29.04 9.97
C ARG H 19 52.97 29.46 8.52
N TYR H 20 53.37 30.69 8.25
CA TYR H 20 53.41 31.23 6.89
C TYR H 20 54.84 31.32 6.39
N ASN H 21 55.00 31.20 5.07
CA ASN H 21 56.30 31.30 4.44
C ASN H 21 56.61 32.70 3.94
N LYS H 22 55.60 33.53 3.70
CA LYS H 22 55.79 34.86 3.15
C LYS H 22 55.52 35.98 4.15
N VAL H 23 54.97 35.67 5.32
CA VAL H 23 54.54 36.67 6.29
C VAL H 23 55.21 36.39 7.62
N SER H 24 55.79 37.42 8.22
CA SER H 24 56.40 37.34 9.53
C SER H 24 55.76 38.35 10.47
N ARG H 25 55.44 37.90 11.69
CA ARG H 25 54.89 38.77 12.72
C ARG H 25 56.03 39.20 13.65
N ILE H 26 56.33 40.49 13.66
CA ILE H 26 57.44 41.02 14.42
C ILE H 26 56.90 41.87 15.57
N ILE H 27 57.69 41.92 16.64
CA ILE H 27 57.40 42.73 17.82
C ILE H 27 58.57 43.68 18.03
N GLY H 28 58.26 44.95 18.26
CA GLY H 28 59.29 45.96 18.38
C GLY H 28 59.00 46.89 19.54
N ILE H 29 60.07 47.36 20.15
CA ILE H 29 60.02 48.29 21.27
C ILE H 29 60.71 49.59 20.83
N SER H 30 60.03 50.72 21.05
CA SER H 30 60.60 52.00 20.68
C SER H 30 61.85 52.28 21.52
N THR H 31 62.91 52.73 20.85
CA THR H 31 64.17 53.00 21.55
C THR H 31 64.06 54.27 22.39
N THR H 32 63.42 55.31 21.85
CA THR H 32 63.35 56.59 22.56
C THR H 32 62.49 56.51 23.81
N ASN H 33 61.50 55.62 23.83
CA ASN H 33 60.60 55.52 24.97
C ASN H 33 60.06 54.10 25.05
N SER H 34 59.97 53.59 26.28
CA SER H 34 59.35 52.29 26.51
C SER H 34 57.83 52.47 26.53
N ALA H 35 57.11 51.41 26.89
CA ALA H 35 55.65 51.37 26.96
C ALA H 35 54.99 51.66 25.63
N ILE H 36 55.74 51.65 24.54
CA ILE H 36 55.21 51.83 23.19
C ILE H 36 55.64 50.60 22.39
N LYS H 37 54.72 49.67 22.19
CA LYS H 37 55.04 48.40 21.57
C LYS H 37 54.35 48.28 20.22
N LEU H 38 55.03 47.65 19.26
CA LEU H 38 54.52 47.51 17.90
C LEU H 38 54.50 46.04 17.53
N THR H 39 53.31 45.48 17.31
CA THR H 39 53.17 44.10 16.84
C THR H 39 52.62 44.16 15.43
N LEU H 40 53.46 43.84 14.44
CA LEU H 40 53.11 44.09 13.05
C LEU H 40 53.42 42.88 12.20
N ASP H 41 52.50 42.55 11.29
CA ASP H 41 52.73 41.49 10.31
C ASP H 41 53.22 42.11 9.01
N ILE H 42 54.37 41.61 8.51
CA ILE H 42 54.98 42.13 7.30
C ILE H 42 55.26 40.98 6.34
N ASN H 43 55.65 41.34 5.13
CA ASN H 43 55.97 40.39 4.07
C ASN H 43 57.47 40.10 4.08
N ASN H 44 57.82 38.82 4.04
CA ASN H 44 59.22 38.42 4.10
C ASN H 44 59.97 38.81 2.83
N GLU H 45 59.40 38.48 1.66
CA GLU H 45 60.11 38.72 0.40
C GLU H 45 60.28 40.20 0.12
N MET H 46 59.26 41.01 0.41
CA MET H 46 59.34 42.43 0.13
C MET H 46 60.30 43.13 1.07
N PHE H 47 60.18 42.86 2.37
CA PHE H 47 60.97 43.53 3.40
C PHE H 47 61.47 42.50 4.40
N PRO H 48 62.56 41.80 4.08
CA PRO H 48 63.12 40.86 5.04
C PRO H 48 63.71 41.57 6.24
N VAL H 49 63.44 41.03 7.43
CA VAL H 49 63.92 41.60 8.68
C VAL H 49 64.55 40.50 9.51
N SER H 50 65.37 40.92 10.48
CA SER H 50 66.05 40.00 11.37
C SER H 50 65.86 40.46 12.81
N GLN H 51 66.29 39.61 13.74
CA GLN H 51 66.21 39.96 15.15
C GLN H 51 67.18 41.08 15.49
N ASP H 52 66.77 41.95 16.40
CA ASP H 52 67.57 43.08 16.87
C ASP H 52 67.96 44.00 15.71
N ASP H 53 66.93 44.50 15.02
CA ASP H 53 67.09 45.43 13.92
C ASP H 53 66.46 46.77 14.27
N SER H 54 66.99 47.83 13.69
CA SER H 54 66.48 49.18 13.90
C SER H 54 65.63 49.58 12.71
N LEU H 55 64.38 49.98 12.99
CA LEU H 55 63.41 50.31 11.96
C LEU H 55 62.88 51.71 12.23
N THR H 56 62.85 52.56 11.19
CA THR H 56 62.25 53.88 11.31
C THR H 56 60.80 53.77 10.86
N VAL H 57 59.87 53.95 11.79
CA VAL H 57 58.45 53.73 11.55
C VAL H 57 57.73 55.07 11.56
N THR H 58 56.93 55.33 10.53
CA THR H 58 56.14 56.53 10.42
C THR H 58 54.71 56.18 10.07
N LEU H 59 53.76 56.83 10.72
CA LEU H 59 52.34 56.65 10.44
C LEU H 59 51.77 57.98 9.98
N ALA H 60 51.12 57.97 8.81
CA ALA H 60 50.55 59.18 8.23
C ALA H 60 49.15 58.88 7.74
N ASN H 61 48.42 59.93 7.37
CA ASN H 61 47.09 59.79 6.82
C ASN H 61 47.03 60.06 5.33
N SER H 62 48.06 60.67 4.74
CA SER H 62 48.12 60.91 3.32
C SER H 62 49.58 61.02 2.90
N LEU H 63 49.85 60.58 1.67
CA LEU H 63 51.21 60.61 1.13
C LEU H 63 51.52 61.88 0.36
N SER H 64 50.56 62.80 0.25
CA SER H 64 50.81 64.06 -0.45
C SER H 64 51.78 64.92 0.35
N LEU H 65 52.62 65.66 -0.37
CA LEU H 65 53.61 66.53 0.26
C LEU H 65 52.97 67.84 0.70
N LYS H 76 39.09 58.65 -6.55
CA LYS H 76 39.56 57.74 -5.51
C LYS H 76 40.13 56.46 -6.10
N SER H 77 39.94 56.28 -7.41
CA SER H 77 40.45 55.09 -8.07
C SER H 77 41.96 55.07 -8.09
N TRP H 78 42.53 53.91 -7.78
CA TRP H 78 43.98 53.78 -7.75
C TRP H 78 44.55 53.73 -9.17
N ARG H 79 45.76 54.24 -9.33
CA ARG H 79 46.48 54.21 -10.58
C ARG H 79 47.93 53.88 -10.32
N PRO H 80 48.62 53.28 -11.29
CA PRO H 80 50.07 53.11 -11.16
C PRO H 80 50.76 54.46 -11.18
N PRO H 81 51.54 54.78 -10.15
CA PRO H 81 52.13 56.13 -10.06
C PRO H 81 53.16 56.34 -11.16
N LYS H 82 53.07 57.49 -11.81
CA LYS H 82 54.04 57.85 -12.83
C LYS H 82 55.37 58.19 -12.17
N PRO H 83 56.49 57.93 -12.86
CA PRO H 83 57.80 58.29 -12.28
C PRO H 83 57.99 59.78 -12.07
N THR H 84 57.24 60.62 -12.79
CA THR H 84 57.38 62.07 -12.62
C THR H 84 56.90 62.52 -11.25
N ASP H 85 55.74 62.03 -10.82
CA ASP H 85 55.19 62.45 -9.54
C ASP H 85 55.99 61.86 -8.37
N LYS H 86 55.89 62.53 -7.23
CA LYS H 86 56.62 62.12 -6.03
C LYS H 86 55.70 62.22 -4.84
N SER H 87 56.05 61.49 -3.79
CA SER H 87 55.27 61.48 -2.56
C SER H 87 56.20 61.19 -1.40
N LEU H 88 55.62 60.99 -0.21
CA LEU H 88 56.43 60.68 0.97
C LEU H 88 57.11 59.33 0.86
N ALA H 89 56.51 58.40 0.09
CA ALA H 89 57.04 57.05 0.00
C ALA H 89 58.45 57.01 -0.57
N ASP H 90 58.88 58.07 -1.25
CA ASP H 90 60.25 58.12 -1.76
C ASP H 90 61.29 58.12 -0.65
N ASP H 91 60.91 58.50 0.56
CA ASP H 91 61.86 58.57 1.67
C ASP H 91 61.91 57.29 2.50
N TYR H 92 61.17 56.26 2.11
CA TYR H 92 61.07 55.03 2.89
C TYR H 92 61.22 53.82 1.96
N ASP H 93 61.33 52.64 2.58
CA ASP H 93 61.58 51.42 1.85
C ASP H 93 60.39 50.46 1.83
N TYR H 94 59.45 50.58 2.76
CA TYR H 94 58.33 49.65 2.85
C TYR H 94 57.09 50.43 3.22
N VAL H 95 56.17 50.60 2.28
CA VAL H 95 54.96 51.40 2.48
C VAL H 95 53.75 50.49 2.39
N MET H 96 52.86 50.59 3.37
CA MET H 96 51.63 49.82 3.40
C MET H 96 50.47 50.75 3.74
N PHE H 97 49.27 50.37 3.29
CA PHE H 97 48.06 51.15 3.52
C PHE H 97 47.02 50.25 4.16
N GLY H 98 46.30 50.77 5.14
CA GLY H 98 45.32 49.94 5.82
C GLY H 98 44.26 50.75 6.50
N THR H 99 43.32 50.02 7.12
CA THR H 99 42.15 50.61 7.75
C THR H 99 42.22 50.41 9.27
N VAL H 100 42.07 51.50 10.02
CA VAL H 100 42.03 51.41 11.46
C VAL H 100 40.69 50.80 11.87
N TYR H 101 40.73 49.67 12.56
CA TYR H 101 39.51 49.00 12.96
C TYR H 101 39.30 48.96 14.47
N LYS H 102 40.24 49.44 15.27
CA LYS H 102 39.95 49.56 16.70
C LYS H 102 40.82 50.64 17.33
N PHE H 103 40.22 51.42 18.22
CA PHE H 103 40.91 52.44 19.00
C PHE H 103 40.53 52.22 20.46
N GLU H 104 41.26 51.34 21.14
CA GLU H 104 40.97 50.99 22.52
C GLU H 104 41.56 52.05 23.44
N GLU H 105 40.70 52.85 24.06
CA GLU H 105 41.10 53.78 25.11
C GLU H 105 40.91 53.07 26.43
N GLY H 106 41.96 52.38 26.88
CA GLY H 106 41.88 51.55 28.07
C GLY H 106 42.10 52.32 29.34
N ASP H 107 42.51 51.59 30.38
CA ASP H 107 42.75 52.20 31.68
C ASP H 107 43.92 53.17 31.61
N GLU H 108 43.76 54.32 32.29
CA GLU H 108 44.71 55.43 32.30
C GLU H 108 45.37 55.65 30.94
N ASP H 109 46.70 55.70 30.88
CA ASP H 109 47.40 56.04 29.65
C ASP H 109 47.77 54.81 28.81
N LYS H 110 46.98 53.75 28.86
CA LYS H 110 47.15 52.59 28.00
C LYS H 110 46.17 52.70 26.83
N ILE H 111 46.71 52.96 25.65
CA ILE H 111 45.90 53.13 24.44
C ILE H 111 46.41 52.16 23.38
N LYS H 112 45.48 51.42 22.78
CA LYS H 112 45.77 50.44 21.75
C LYS H 112 45.18 50.90 20.42
N VAL H 113 45.94 50.74 19.35
CA VAL H 113 45.47 51.01 18.00
C VAL H 113 45.58 49.71 17.21
N TYR H 114 44.46 49.23 16.69
CA TYR H 114 44.40 48.01 15.88
C TYR H 114 44.07 48.39 14.45
N VAL H 115 45.01 48.11 13.54
CA VAL H 115 44.90 48.45 12.13
C VAL H 115 45.08 47.18 11.32
N SER H 116 44.33 47.07 10.22
CA SER H 116 44.38 45.89 9.35
C SER H 116 44.70 46.33 7.93
N PHE H 117 45.95 46.11 7.51
CA PHE H 117 46.36 46.35 6.12
C PHE H 117 46.01 45.10 5.32
N GLY H 118 44.77 45.06 4.83
CA GLY H 118 44.32 43.99 3.95
C GLY H 118 44.44 42.61 4.56
N GLY H 119 44.31 42.50 5.88
CA GLY H 119 44.48 41.23 6.55
C GLY H 119 45.79 41.09 7.31
N LEU H 120 46.76 41.95 7.06
CA LEU H 120 47.99 41.97 7.83
C LEU H 120 47.81 42.92 9.00
N LEU H 121 47.96 42.42 10.23
CA LEU H 121 47.51 43.13 11.40
C LEU H 121 48.64 43.87 12.08
N MET H 122 48.29 45.02 12.66
CA MET H 122 49.21 45.84 13.45
C MET H 122 48.52 46.31 14.70
N CYS H 123 49.17 46.12 15.85
CA CYS H 123 48.72 46.60 17.13
C CYS H 123 49.77 47.52 17.72
N LEU H 124 49.36 48.73 18.08
CA LEU H 124 50.26 49.72 18.64
C LEU H 124 49.83 50.03 20.07
N GLU H 125 50.77 49.91 21.01
CA GLU H 125 50.54 50.16 22.42
C GLU H 125 51.27 51.44 22.81
N GLY H 126 50.55 52.40 23.37
CA GLY H 126 51.22 53.63 23.76
C GLY H 126 50.31 54.55 24.54
N GLY H 127 50.90 55.66 24.99
CA GLY H 127 50.19 56.66 25.74
C GLY H 127 49.35 57.56 24.86
N TYR H 128 48.56 58.41 25.52
CA TYR H 128 47.62 59.26 24.78
C TYR H 128 48.34 60.37 24.01
N LYS H 129 49.44 60.89 24.56
CA LYS H 129 50.15 61.97 23.88
C LYS H 129 50.69 61.52 22.54
N SER H 130 51.22 60.30 22.47
CA SER H 130 51.78 59.80 21.22
C SER H 130 50.70 59.41 20.22
N LEU H 131 49.59 58.84 20.70
CA LEU H 131 48.59 58.24 19.84
C LEU H 131 47.34 59.10 19.68
N ALA H 132 47.37 60.36 20.13
CA ALA H 132 46.19 61.20 20.04
C ALA H 132 45.78 61.48 18.60
N SER H 133 46.76 61.72 17.74
CA SER H 133 46.48 62.08 16.34
C SER H 133 46.14 60.87 15.48
N LEU H 134 46.20 59.66 16.01
CA LEU H 134 45.98 58.46 15.22
C LEU H 134 44.52 58.07 15.13
N LYS H 135 43.61 58.87 15.68
CA LYS H 135 42.19 58.55 15.60
C LYS H 135 41.67 58.86 14.20
N GLN H 136 42.05 58.04 13.23
CA GLN H 136 41.68 58.22 11.84
C GLN H 136 40.92 56.98 11.36
N ASP H 137 40.61 56.94 10.07
CA ASP H 137 39.96 55.80 9.44
C ASP H 137 40.96 54.92 8.69
N ASN H 138 41.82 55.53 7.88
CA ASN H 138 42.83 54.80 7.13
C ASN H 138 44.20 55.41 7.41
N LEU H 139 45.22 54.56 7.40
CA LEU H 139 46.57 54.96 7.74
C LEU H 139 47.58 54.34 6.79
N TYR H 140 48.60 55.12 6.46
CA TYR H 140 49.78 54.63 5.75
C TYR H 140 50.90 54.43 6.76
N ILE H 141 51.53 53.27 6.71
CA ILE H 141 52.69 52.96 7.53
C ILE H 141 53.91 52.86 6.63
N LEU H 142 54.96 53.58 7.00
CA LEU H 142 56.18 53.67 6.19
C LEU H 142 57.34 53.23 7.06
N ILE H 143 58.09 52.24 6.58
CA ILE H 143 59.20 51.65 7.32
C ILE H 143 60.47 51.86 6.53
N ARG H 144 61.48 52.43 7.17
CA ARG H 144 62.79 52.67 6.59
C ARG H 144 63.81 51.80 7.29
N ARG H 145 64.62 51.10 6.51
CA ARG H 145 65.64 50.18 7.01
C ARG H 145 65.08 49.19 8.03
N SER I 3 15.24 -39.36 41.32
CA SER I 3 14.50 -39.15 40.08
C SER I 3 13.17 -39.89 40.08
N PHE I 4 13.13 -41.00 39.35
CA PHE I 4 11.89 -41.76 39.17
C PHE I 4 12.21 -43.16 38.67
N ARG I 5 11.29 -44.07 38.93
CA ARG I 5 11.44 -45.49 38.63
C ARG I 5 10.43 -45.94 37.59
N PHE I 6 10.69 -47.08 36.99
CA PHE I 6 9.79 -47.72 36.04
C PHE I 6 9.08 -48.90 36.69
N CYS I 7 7.94 -49.27 36.09
CA CYS I 7 7.22 -50.44 36.54
C CYS I 7 8.00 -51.72 36.25
N LEU I 8 7.96 -52.65 37.19
CA LEU I 8 8.79 -53.86 37.08
C LEU I 8 8.30 -54.82 36.03
N GLU I 9 7.02 -54.77 35.66
CA GLU I 9 6.50 -55.69 34.66
C GLU I 9 5.73 -54.95 33.58
N CYS I 10 5.17 -53.79 33.92
CA CYS I 10 4.47 -52.97 32.94
C CYS I 10 5.42 -52.21 32.02
N ASN I 11 6.66 -51.98 32.46
CA ASN I 11 7.59 -51.07 31.77
C ASN I 11 6.92 -49.72 31.54
N ASN I 12 6.22 -49.24 32.57
CA ASN I 12 5.41 -48.02 32.49
C ASN I 12 5.87 -47.04 33.56
N MET I 13 5.20 -45.89 33.58
CA MET I 13 5.59 -44.78 34.44
C MET I 13 4.98 -44.95 35.83
N LEU I 14 5.82 -44.84 36.86
CA LEU I 14 5.42 -44.96 38.25
C LEU I 14 5.12 -43.59 38.84
N TYR I 15 4.06 -43.51 39.65
CA TYR I 15 3.64 -42.28 40.29
C TYR I 15 3.52 -42.48 41.79
N PRO I 16 3.84 -41.47 42.59
CA PRO I 16 3.70 -41.60 44.04
C PRO I 16 2.26 -41.52 44.50
N LYS I 17 1.97 -42.24 45.59
CA LYS I 17 0.66 -42.17 46.23
C LYS I 17 0.83 -42.61 47.68
N GLU I 18 -0.26 -42.45 48.44
CA GLU I 18 -0.26 -42.73 49.86
C GLU I 18 -1.18 -43.90 50.16
N ASP I 19 -0.79 -44.76 51.09
CA ASP I 19 -1.71 -45.70 51.71
C ASP I 19 -1.95 -45.27 53.16
N LYS I 20 -3.22 -45.04 53.48
CA LYS I 20 -3.61 -44.52 54.79
C LYS I 20 -3.87 -45.62 55.81
N GLU I 21 -4.12 -46.85 55.36
CA GLU I 21 -4.20 -47.97 56.30
C GLU I 21 -2.85 -48.26 56.95
N ASN I 22 -1.76 -47.82 56.33
CA ASN I 22 -0.42 -47.97 56.88
C ASN I 22 0.23 -46.62 57.13
N GLN I 23 -0.33 -45.53 56.59
CA GLN I 23 0.25 -44.19 56.66
C GLN I 23 1.66 -44.18 56.07
N ARG I 24 1.74 -44.49 54.77
CA ARG I 24 3.03 -44.58 54.11
C ARG I 24 2.92 -44.08 52.67
N LEU I 25 4.09 -43.84 52.08
CA LEU I 25 4.23 -43.39 50.71
C LEU I 25 4.76 -44.54 49.86
N LEU I 26 4.09 -44.80 48.74
CA LEU I 26 4.49 -45.87 47.82
C LEU I 26 4.48 -45.35 46.40
N TYR I 27 5.03 -46.15 45.49
CA TYR I 27 5.01 -45.86 44.06
C TYR I 27 4.15 -46.90 43.36
N SER I 28 3.19 -46.43 42.57
CA SER I 28 2.18 -47.28 41.95
C SER I 28 2.06 -46.98 40.47
N CYS I 29 1.60 -47.99 39.73
CA CYS I 29 1.37 -47.90 38.29
C CYS I 29 -0.08 -48.26 38.02
N ARG I 30 -0.84 -47.33 37.42
CA ARG I 30 -2.20 -47.65 37.00
C ARG I 30 -2.28 -48.25 35.60
N ASN I 31 -1.15 -48.45 34.92
CA ASN I 31 -1.16 -49.40 33.82
C ASN I 31 -1.17 -50.84 34.31
N CYS I 32 -1.02 -51.04 35.62
CA CYS I 32 -1.00 -52.35 36.24
C CYS I 32 -1.68 -52.23 37.60
N ASP I 33 -1.45 -53.21 38.48
CA ASP I 33 -1.88 -53.14 39.87
C ASP I 33 -0.71 -53.22 40.84
N TYR I 34 0.53 -53.26 40.34
CA TYR I 34 1.69 -53.39 41.21
C TYR I 34 1.98 -52.08 41.94
N THR I 35 2.44 -52.20 43.18
CA THR I 35 2.83 -51.06 44.01
C THR I 35 4.03 -51.46 44.84
N GLU I 36 4.97 -50.55 45.01
CA GLU I 36 6.21 -50.86 45.72
C GLU I 36 6.53 -49.76 46.74
N LEU I 37 7.31 -50.15 47.74
CA LEU I 37 7.62 -49.27 48.87
C LEU I 37 8.53 -48.14 48.44
N ALA I 38 8.05 -46.90 48.59
CA ALA I 38 8.90 -45.74 48.36
C ALA I 38 9.75 -45.47 49.59
N GLU I 39 11.07 -45.40 49.41
CA GLU I 39 12.01 -45.22 50.49
C GLU I 39 12.41 -43.78 50.71
N ASP I 40 11.82 -42.84 49.98
CA ASP I 40 12.19 -41.44 50.09
C ASP I 40 10.94 -40.57 50.08
N PRO I 41 10.69 -39.80 51.14
CA PRO I 41 9.52 -38.90 51.14
C PRO I 41 9.64 -37.74 50.16
N LYS I 42 10.82 -37.51 49.58
CA LYS I 42 10.99 -36.47 48.58
C LYS I 42 10.14 -36.76 47.35
N VAL I 43 9.42 -35.75 46.86
CA VAL I 43 8.53 -35.94 45.72
C VAL I 43 8.92 -35.01 44.57
N TYR I 44 9.49 -33.85 44.89
CA TYR I 44 9.71 -32.85 43.85
C TYR I 44 10.87 -31.95 44.22
N ARG I 45 11.67 -31.57 43.22
CA ARG I 45 12.80 -30.66 43.40
C ARG I 45 12.70 -29.53 42.40
N HIS I 46 13.09 -28.33 42.85
CA HIS I 46 13.18 -27.17 41.95
C HIS I 46 14.08 -26.14 42.59
N GLU I 47 15.21 -25.87 41.95
CA GLU I 47 16.16 -24.86 42.40
C GLU I 47 16.38 -23.85 41.28
N LEU I 48 16.24 -22.57 41.61
CA LEU I 48 16.31 -21.53 40.60
C LEU I 48 17.74 -21.24 40.13
N ILE I 49 18.75 -21.56 40.93
CA ILE I 49 20.14 -21.32 40.57
C ILE I 49 20.74 -22.63 40.10
N THR I 50 21.22 -22.66 38.85
CA THR I 50 21.77 -23.86 38.24
C THR I 50 23.13 -23.56 37.64
N ASN I 51 24.04 -24.53 37.75
CA ASN I 51 25.40 -24.39 37.23
C ASN I 51 25.83 -25.59 36.40
N ILE I 52 25.21 -26.76 36.61
CA ILE I 52 25.64 -27.99 35.93
C ILE I 52 25.51 -27.84 34.42
N GLY I 53 26.50 -28.32 33.69
CA GLY I 53 26.55 -28.18 32.25
C GLY I 53 27.79 -27.43 31.80
N GLU I 54 28.84 -27.50 32.62
CA GLU I 54 30.05 -26.73 32.35
C GLU I 54 30.94 -27.43 31.33
N THR I 55 31.43 -28.63 31.67
CA THR I 55 32.26 -29.38 30.73
C THR I 55 31.41 -30.00 29.62
N ALA I 56 30.24 -30.51 29.97
CA ALA I 56 29.25 -31.08 29.04
C ALA I 56 29.89 -32.26 28.32
N GLY I 57 29.61 -32.46 27.04
CA GLY I 57 30.01 -33.67 26.34
C GLY I 57 31.47 -33.72 25.92
N ILE I 58 32.37 -33.84 26.89
CA ILE I 58 33.78 -34.07 26.57
C ILE I 58 33.95 -35.53 26.14
N VAL I 59 34.88 -35.75 25.21
CA VAL I 59 35.12 -37.06 24.65
C VAL I 59 36.62 -37.34 24.73
N ASP I 60 36.98 -38.63 24.77
CA ASP I 60 38.38 -39.01 24.74
C ASP I 60 39.04 -38.69 23.41
N ASP I 61 38.26 -38.43 22.37
CA ASP I 61 38.77 -38.09 21.05
C ASP I 61 38.93 -36.59 20.86
N ILE I 62 38.76 -35.79 21.91
CA ILE I 62 38.88 -34.34 21.78
C ILE I 62 40.31 -33.94 21.49
N GLY I 63 41.29 -34.82 21.77
CA GLY I 63 42.68 -34.47 21.57
C GLY I 63 43.03 -34.25 20.11
N GLN I 64 42.44 -35.03 19.20
CA GLN I 64 42.75 -34.92 17.79
C GLN I 64 41.91 -33.86 17.08
N ASP I 65 41.24 -32.99 17.82
CA ASP I 65 40.51 -31.88 17.20
C ASP I 65 41.50 -30.80 16.79
N PRO I 66 41.60 -30.45 15.51
CA PRO I 66 42.61 -29.47 15.09
C PRO I 66 42.18 -28.03 15.31
N THR I 67 40.88 -27.74 15.42
CA THR I 67 40.43 -26.37 15.55
C THR I 67 40.63 -25.82 16.96
N LEU I 68 40.77 -26.67 17.96
CA LEU I 68 40.94 -26.19 19.32
C LEU I 68 42.35 -25.62 19.51
N PRO I 69 42.47 -24.48 20.19
CA PRO I 69 43.80 -23.96 20.51
C PRO I 69 44.53 -24.86 21.48
N ARG I 70 45.86 -24.90 21.35
CA ARG I 70 46.70 -25.73 22.19
C ARG I 70 47.57 -24.84 23.07
N SER I 71 47.50 -25.07 24.38
CA SER I 71 48.21 -24.26 25.35
C SER I 71 49.50 -24.96 25.80
N ASP I 72 50.23 -24.30 26.70
CA ASP I 72 51.47 -24.84 27.24
C ASP I 72 51.37 -25.01 28.76
N LYS I 73 50.16 -25.14 29.28
CA LYS I 73 49.98 -25.26 30.72
C LYS I 73 50.50 -26.60 31.23
N GLU I 74 51.08 -26.57 32.42
CA GLU I 74 51.61 -27.79 33.05
C GLU I 74 50.46 -28.58 33.66
N CYS I 75 50.31 -29.83 33.22
CA CYS I 75 49.24 -30.67 33.72
C CYS I 75 49.50 -31.03 35.19
N PRO I 76 48.45 -31.11 36.02
CA PRO I 76 48.66 -31.34 37.46
C PRO I 76 49.41 -32.63 37.80
N GLU I 77 48.90 -33.79 37.40
CA GLU I 77 49.44 -35.04 37.89
C GLU I 77 50.48 -35.68 36.97
N CYS I 78 50.32 -35.55 35.65
CA CYS I 78 51.30 -36.12 34.73
C CYS I 78 52.39 -35.14 34.32
N HIS I 79 52.25 -33.88 34.70
CA HIS I 79 53.28 -32.86 34.49
C HIS I 79 53.68 -32.74 33.02
N SER I 80 52.68 -32.80 32.14
CA SER I 80 52.90 -32.58 30.72
C SER I 80 52.74 -31.10 30.39
N ARG I 81 53.41 -30.67 29.33
CA ARG I 81 53.39 -29.28 28.89
C ARG I 81 52.70 -29.14 27.54
N ASP I 82 51.57 -29.84 27.39
CA ASP I 82 50.82 -29.81 26.13
C ASP I 82 49.36 -30.11 26.45
N CYS I 83 48.48 -29.13 26.24
CA CYS I 83 47.07 -29.30 26.52
C CYS I 83 46.26 -28.33 25.67
N VAL I 84 44.99 -28.68 25.47
CA VAL I 84 44.05 -27.81 24.78
C VAL I 84 43.17 -27.15 25.83
N PHE I 85 42.50 -26.07 25.44
CA PHE I 85 41.61 -25.38 26.36
C PHE I 85 40.39 -24.86 25.61
N PHE I 86 39.28 -24.76 26.34
CA PHE I 86 38.04 -24.26 25.75
C PHE I 86 37.14 -23.74 26.86
N GLN I 87 36.30 -22.77 26.52
CA GLN I 87 35.41 -22.20 27.52
C GLN I 87 34.24 -23.16 27.79
N SER I 88 33.34 -22.73 28.68
CA SER I 88 32.23 -23.58 29.08
C SER I 88 31.28 -23.80 27.92
N GLN I 89 30.75 -25.03 27.82
CA GLN I 89 29.83 -25.38 26.75
C GLN I 89 28.41 -24.89 27.01
N GLN I 90 28.09 -24.48 28.23
CA GLN I 90 26.78 -23.94 28.52
C GLN I 90 26.63 -22.57 27.87
N ARG I 91 25.52 -22.36 27.18
CA ARG I 91 25.25 -21.11 26.49
C ARG I 91 24.26 -20.22 27.24
N ARG I 92 24.20 -20.37 28.56
CA ARG I 92 23.39 -19.47 29.37
C ARG I 92 24.00 -18.08 29.37
N LYS I 93 23.13 -17.06 29.49
CA LYS I 93 23.55 -15.67 29.31
C LYS I 93 24.62 -15.25 30.31
N ASP I 94 24.59 -15.78 31.54
CA ASP I 94 25.54 -15.39 32.56
C ASP I 94 26.63 -16.43 32.79
N THR I 95 26.91 -17.26 31.78
CA THR I 95 27.95 -18.27 31.91
C THR I 95 29.32 -17.60 32.03
N ASN I 96 30.13 -18.11 32.96
CA ASN I 96 31.46 -17.58 33.17
C ASN I 96 32.37 -17.89 31.97
N MET I 97 33.40 -17.07 31.81
CA MET I 97 34.37 -17.24 30.74
C MET I 97 35.58 -18.08 31.16
N THR I 98 35.56 -18.65 32.36
CA THR I 98 36.66 -19.48 32.80
C THR I 98 36.78 -20.71 31.90
N LEU I 99 38.02 -21.15 31.67
CA LEU I 99 38.31 -22.18 30.70
C LEU I 99 38.56 -23.54 31.36
N PHE I 100 38.40 -24.59 30.56
CA PHE I 100 38.76 -25.94 30.94
C PHE I 100 39.92 -26.39 30.07
N TYR I 101 40.91 -27.01 30.69
CA TYR I 101 42.11 -27.48 30.02
C TYR I 101 42.11 -29.00 30.02
N VAL I 102 42.23 -29.60 28.85
CA VAL I 102 42.28 -31.05 28.67
C VAL I 102 43.68 -31.41 28.20
N CYS I 103 44.35 -32.27 28.95
CA CYS I 103 45.70 -32.70 28.59
C CYS I 103 45.67 -33.77 27.51
N LEU I 104 46.62 -33.69 26.59
CA LEU I 104 46.73 -34.66 25.51
C LEU I 104 47.51 -35.91 25.90
N ASN I 105 48.12 -35.93 27.09
CA ASN I 105 48.88 -37.10 27.53
C ASN I 105 48.05 -38.04 28.39
N CYS I 106 47.51 -37.53 29.50
CA CYS I 106 46.77 -38.37 30.44
C CYS I 106 45.28 -38.45 30.14
N LYS I 107 44.78 -37.67 29.17
CA LYS I 107 43.38 -37.70 28.75
C LYS I 107 42.43 -37.39 29.91
N LYS I 108 42.58 -36.19 30.46
CA LYS I 108 41.66 -35.72 31.49
C LYS I 108 41.63 -34.20 31.48
N THR I 109 40.61 -33.64 32.10
CA THR I 109 40.39 -32.20 32.14
C THR I 109 40.73 -31.65 33.52
N PHE I 110 41.13 -30.38 33.55
CA PHE I 110 41.40 -29.69 34.79
C PHE I 110 41.13 -28.20 34.61
N ARG I 111 40.91 -27.52 35.73
CA ARG I 111 40.56 -26.11 35.72
C ARG I 111 41.81 -25.25 35.90
N ASP I 112 41.61 -23.96 36.09
CA ASP I 112 42.69 -22.98 36.22
C ASP I 112 42.74 -22.43 37.65
N GLU I 113 42.66 -23.31 38.63
CA GLU I 113 42.69 -22.91 40.03
C GLU I 113 44.01 -23.32 40.67
N MET J 1 40.38 -2.83 -32.11
CA MET J 1 40.02 -3.44 -33.38
C MET J 1 41.20 -3.41 -34.33
N ILE J 2 41.64 -2.20 -34.69
CA ILE J 2 42.83 -1.98 -35.49
C ILE J 2 43.60 -0.83 -34.86
N ILE J 3 44.88 -0.73 -35.19
CA ILE J 3 45.73 0.29 -34.56
C ILE J 3 45.20 1.67 -34.90
N PRO J 4 45.04 2.56 -33.94
CA PRO J 4 44.54 3.91 -34.25
C PRO J 4 45.56 4.69 -35.06
N VAL J 5 45.05 5.63 -35.87
CA VAL J 5 45.91 6.42 -36.73
C VAL J 5 46.80 7.34 -35.91
N ARG J 6 46.24 8.00 -34.89
CA ARG J 6 46.96 9.00 -34.13
C ARG J 6 46.79 8.74 -32.64
N CYS J 7 47.76 9.21 -31.87
CA CYS J 7 47.68 9.15 -30.42
C CYS J 7 46.50 9.99 -29.93
N PHE J 8 45.74 9.45 -28.98
CA PHE J 8 44.53 10.12 -28.52
C PHE J 8 44.85 11.44 -27.85
N SER J 9 45.89 11.47 -27.00
CA SER J 9 46.16 12.65 -26.20
C SER J 9 46.92 13.71 -27.00
N CYS J 10 48.13 13.36 -27.46
CA CYS J 10 48.94 14.35 -28.16
C CYS J 10 48.54 14.47 -29.62
N GLY J 11 48.58 13.37 -30.36
CA GLY J 11 48.18 13.40 -31.76
C GLY J 11 49.28 12.94 -32.70
N LYS J 12 50.33 12.35 -32.15
CA LYS J 12 51.41 11.83 -32.97
C LYS J 12 50.90 10.65 -33.80
N VAL J 13 51.35 10.58 -35.05
CA VAL J 13 50.94 9.50 -35.94
C VAL J 13 51.63 8.22 -35.49
N VAL J 14 50.85 7.26 -35.00
CA VAL J 14 51.37 5.99 -34.52
C VAL J 14 50.82 4.80 -35.30
N GLY J 15 49.99 5.03 -36.31
CA GLY J 15 49.41 3.93 -37.05
C GLY J 15 50.35 3.22 -37.99
N ASP J 16 51.50 3.80 -38.26
CA ASP J 16 52.47 3.21 -39.19
C ASP J 16 53.54 2.39 -38.48
N LYS J 17 53.49 2.27 -37.16
CA LYS J 17 54.52 1.60 -36.40
C LYS J 17 54.07 0.27 -35.82
N TRP J 18 52.87 -0.20 -36.17
CA TRP J 18 52.38 -1.46 -35.61
C TRP J 18 53.16 -2.65 -36.14
N ASP J 19 53.36 -2.70 -37.46
CA ASP J 19 54.11 -3.81 -38.04
C ASP J 19 55.55 -3.81 -37.56
N ALA J 20 56.16 -2.63 -37.48
CA ALA J 20 57.52 -2.52 -36.95
C ALA J 20 57.58 -2.97 -35.50
N TYR J 21 56.58 -2.61 -34.70
CA TYR J 21 56.55 -3.03 -33.30
C TYR J 21 56.44 -4.54 -33.19
N LEU J 22 55.58 -5.17 -33.99
CA LEU J 22 55.45 -6.61 -33.95
C LEU J 22 56.73 -7.30 -34.40
N ARG J 23 57.35 -6.79 -35.46
CA ARG J 23 58.60 -7.37 -35.93
C ARG J 23 59.70 -7.24 -34.89
N LEU J 24 59.77 -6.09 -34.20
CA LEU J 24 60.74 -5.92 -33.14
C LEU J 24 60.49 -6.88 -31.99
N LEU J 25 59.21 -7.10 -31.65
CA LEU J 25 58.89 -8.08 -30.63
C LEU J 25 59.21 -9.50 -31.08
N GLU J 26 59.28 -9.74 -32.39
CA GLU J 26 59.61 -11.07 -32.88
C GLU J 26 61.02 -11.49 -32.48
N GLU J 27 61.98 -10.57 -32.55
CA GLU J 27 63.36 -10.89 -32.20
C GLU J 27 63.59 -11.00 -30.70
N GLY J 28 62.54 -11.01 -29.89
CA GLY J 28 62.70 -11.17 -28.46
C GLY J 28 63.05 -9.90 -27.71
N LYS J 29 63.07 -8.76 -28.38
CA LYS J 29 63.32 -7.49 -27.69
C LYS J 29 62.20 -7.23 -26.69
N GLN J 30 62.57 -6.62 -25.56
CA GLN J 30 61.58 -6.26 -24.56
C GLN J 30 60.66 -5.17 -25.11
N GLU J 31 59.46 -5.10 -24.53
CA GLU J 31 58.47 -4.14 -25.01
C GLU J 31 58.95 -2.71 -24.82
N GLY J 32 59.58 -2.41 -23.69
CA GLY J 32 60.12 -1.07 -23.48
C GLY J 32 61.20 -0.73 -24.49
N ASP J 33 62.10 -1.67 -24.78
CA ASP J 33 63.14 -1.43 -25.76
C ASP J 33 62.55 -1.23 -27.16
N ALA J 34 61.54 -2.03 -27.50
CA ALA J 34 60.89 -1.89 -28.80
C ALA J 34 60.21 -0.53 -28.92
N LEU J 35 59.55 -0.07 -27.86
CA LEU J 35 58.94 1.25 -27.88
C LEU J 35 59.99 2.34 -27.99
N ASP J 36 61.13 2.16 -27.31
CA ASP J 36 62.21 3.15 -27.40
C ASP J 36 62.78 3.22 -28.82
N GLU J 37 62.93 2.07 -29.48
CA GLU J 37 63.48 2.06 -30.83
C GLU J 37 62.53 2.68 -31.84
N LEU J 38 61.25 2.81 -31.50
CA LEU J 38 60.27 3.50 -32.34
C LEU J 38 60.18 4.98 -32.03
N LYS J 39 61.03 5.49 -31.14
CA LYS J 39 61.07 6.90 -30.78
C LYS J 39 59.74 7.38 -30.20
N LEU J 40 59.14 6.55 -29.36
CA LEU J 40 57.92 6.91 -28.64
C LEU J 40 58.32 7.37 -27.25
N LYS J 41 58.54 8.67 -27.11
CA LYS J 41 59.06 9.22 -25.86
C LYS J 41 57.95 9.44 -24.84
N ARG J 42 56.94 10.23 -25.18
CA ARG J 42 55.85 10.49 -24.26
C ARG J 42 55.05 9.23 -24.01
N TYR J 43 54.63 9.02 -22.76
CA TYR J 43 53.97 7.77 -22.42
C TYR J 43 52.55 7.69 -22.95
N CYS J 44 52.00 8.78 -23.49
CA CYS J 44 50.70 8.70 -24.16
C CYS J 44 50.79 7.80 -25.38
N CYS J 45 51.80 8.02 -26.23
CA CYS J 45 52.00 7.14 -27.37
C CYS J 45 52.39 5.74 -26.92
N ARG J 46 53.13 5.62 -25.82
CA ARG J 46 53.51 4.31 -25.32
C ARG J 46 52.29 3.49 -24.91
N ARG J 47 51.32 4.11 -24.23
CA ARG J 47 50.12 3.36 -23.89
C ARG J 47 49.22 3.17 -25.10
N MET J 48 49.30 4.07 -26.08
CA MET J 48 48.53 3.87 -27.32
C MET J 48 49.00 2.62 -28.06
N VAL J 49 50.31 2.43 -28.17
CA VAL J 49 50.83 1.28 -28.91
C VAL J 49 50.80 0.01 -28.07
N LEU J 50 51.16 0.13 -26.78
CA LEU J 50 51.36 -1.05 -25.95
C LEU J 50 50.05 -1.76 -25.66
N THR J 51 48.99 -1.02 -25.36
CA THR J 51 47.75 -1.61 -24.88
C THR J 51 46.76 -1.94 -25.99
N HIS J 52 47.12 -1.73 -27.24
CA HIS J 52 46.20 -2.01 -28.33
C HIS J 52 45.95 -3.51 -28.48
N VAL J 53 44.71 -3.85 -28.81
CA VAL J 53 44.32 -5.23 -29.07
C VAL J 53 43.93 -5.33 -30.54
N ASP J 54 44.57 -6.26 -31.25
CA ASP J 54 44.34 -6.42 -32.69
C ASP J 54 43.18 -7.41 -32.89
N LEU J 55 41.97 -6.89 -32.69
CA LEU J 55 40.78 -7.72 -32.80
C LEU J 55 40.42 -8.04 -34.24
N ILE J 56 40.91 -7.25 -35.20
CA ILE J 56 40.53 -7.45 -36.60
C ILE J 56 41.01 -8.81 -37.09
N GLU J 57 42.09 -9.33 -36.52
CA GLU J 57 42.58 -10.65 -36.90
C GLU J 57 41.54 -11.73 -36.61
N LYS J 58 40.70 -11.53 -35.61
CA LYS J 58 39.58 -12.43 -35.39
C LYS J 58 38.50 -12.22 -36.45
N PHE J 59 38.20 -10.94 -36.77
CA PHE J 59 37.11 -10.65 -37.68
C PHE J 59 37.37 -11.19 -39.07
N LEU J 60 38.65 -11.34 -39.45
CA LEU J 60 38.99 -11.87 -40.76
C LEU J 60 38.90 -13.39 -40.81
N ARG J 61 38.67 -14.06 -39.68
CA ARG J 61 38.56 -15.51 -39.71
C ARG J 61 37.25 -15.95 -40.34
N TYR J 62 36.17 -15.21 -40.10
CA TYR J 62 34.87 -15.58 -40.63
C TYR J 62 34.85 -15.44 -42.14
N ASN J 63 34.18 -16.39 -42.80
CA ASN J 63 34.10 -16.36 -44.25
C ASN J 63 33.25 -15.16 -44.71
N PRO J 64 33.67 -14.48 -45.77
CA PRO J 64 32.90 -13.32 -46.24
C PRO J 64 31.54 -13.73 -46.77
N LEU J 65 30.59 -12.81 -46.65
CA LEU J 65 29.23 -13.04 -47.12
C LEU J 65 29.09 -12.86 -48.63
N GLU J 66 30.12 -12.38 -49.30
CA GLU J 66 30.09 -12.21 -50.76
C GLU J 66 31.48 -12.46 -51.34
N MET K 1 22.36 18.37 -33.39
CA MET K 1 20.99 18.61 -32.92
C MET K 1 20.93 19.89 -32.10
N ASN K 2 21.54 19.88 -30.92
CA ASN K 2 21.71 21.11 -30.15
C ASN K 2 23.11 21.70 -30.28
N ALA K 3 24.08 20.89 -30.68
CA ALA K 3 25.45 21.37 -30.83
C ALA K 3 25.57 22.22 -32.10
N PRO K 4 26.05 23.45 -32.01
CA PRO K 4 26.22 24.26 -33.22
C PRO K 4 27.38 23.76 -34.06
N ASP K 5 27.40 24.23 -35.30
CA ASP K 5 28.45 23.84 -36.24
C ASP K 5 29.81 24.33 -35.77
N ARG K 6 30.84 23.52 -36.03
CA ARG K 6 32.18 23.85 -35.54
C ARG K 6 32.75 25.07 -36.25
N PHE K 7 32.51 25.20 -37.55
CA PHE K 7 33.12 26.30 -38.30
C PHE K 7 32.60 27.66 -37.85
N GLU K 8 31.44 27.72 -37.19
CA GLU K 8 30.95 28.96 -36.63
C GLU K 8 31.79 29.46 -35.46
N LEU K 9 32.69 28.62 -34.93
CA LEU K 9 33.58 29.08 -33.87
C LEU K 9 34.54 30.16 -34.36
N PHE K 10 34.92 30.11 -35.64
CA PHE K 10 35.85 31.08 -36.20
C PHE K 10 35.29 31.85 -37.40
N ILE K 11 34.34 31.28 -38.14
CA ILE K 11 33.73 31.99 -39.27
C ILE K 11 32.67 32.94 -38.73
N LEU K 12 32.83 34.23 -39.02
CA LEU K 12 31.95 35.25 -38.48
C LEU K 12 30.77 35.48 -39.42
N PRO K 13 29.53 35.35 -38.94
CA PRO K 13 28.40 35.76 -39.77
C PRO K 13 28.46 37.24 -40.12
N ASP K 14 27.99 37.57 -41.33
CA ASP K 14 28.11 38.94 -41.83
C ASP K 14 27.25 39.92 -41.05
N ASP K 15 26.07 39.48 -40.60
CA ASP K 15 25.17 40.40 -39.89
C ASP K 15 25.77 40.88 -38.58
N VAL K 16 26.39 39.98 -37.83
CA VAL K 16 26.99 40.34 -36.54
C VAL K 16 28.37 40.96 -36.77
N PRO K 17 28.64 42.13 -36.21
CA PRO K 17 29.96 42.75 -36.41
C PRO K 17 31.05 42.00 -35.69
N LYS K 18 32.26 42.09 -36.25
CA LYS K 18 33.42 41.47 -35.63
C LYS K 18 33.75 42.11 -34.28
N LEU K 19 33.67 43.44 -34.22
CA LEU K 19 34.13 44.20 -33.08
C LEU K 19 33.08 45.23 -32.72
N LYS K 20 32.66 45.24 -31.45
CA LYS K 20 31.66 46.18 -30.98
C LYS K 20 32.25 47.03 -29.86
N ILE K 21 31.96 48.33 -29.88
CA ILE K 21 32.53 49.27 -28.92
C ILE K 21 31.39 50.02 -28.23
N THR K 22 31.43 50.09 -26.90
CA THR K 22 30.51 50.90 -26.13
C THR K 22 31.30 51.70 -25.10
N PRO K 23 30.76 52.83 -24.66
CA PRO K 23 31.41 53.58 -23.58
C PRO K 23 30.96 53.10 -22.20
N ASP K 24 31.75 53.48 -21.19
CA ASP K 24 31.43 53.21 -19.80
C ASP K 24 31.41 54.54 -19.06
N SER K 25 30.22 54.99 -18.67
CA SER K 25 30.05 56.30 -18.07
C SER K 25 30.34 56.32 -16.57
N ARG K 26 30.58 55.16 -15.96
CA ARG K 26 30.87 55.13 -14.53
C ARG K 26 32.18 55.86 -14.21
N VAL K 27 33.20 55.67 -15.04
CA VAL K 27 34.48 56.35 -14.86
C VAL K 27 34.85 57.03 -16.16
N PRO K 28 35.61 58.12 -16.14
CA PRO K 28 35.92 58.83 -17.38
C PRO K 28 36.88 58.04 -18.26
N ASN K 29 36.68 58.18 -19.57
CA ASN K 29 37.62 57.68 -20.58
C ASN K 29 37.79 56.17 -20.49
N CYS K 30 36.68 55.45 -20.48
CA CYS K 30 36.68 53.99 -20.38
C CYS K 30 35.73 53.41 -21.41
N ILE K 31 36.16 52.35 -22.09
CA ILE K 31 35.36 51.71 -23.11
C ILE K 31 35.34 50.20 -22.90
N ILE K 32 34.30 49.58 -23.45
CA ILE K 32 34.07 48.14 -23.38
C ILE K 32 34.01 47.63 -24.82
N ILE K 33 34.81 46.63 -25.13
CA ILE K 33 34.92 46.12 -26.49
C ILE K 33 34.52 44.65 -26.49
N LYS K 34 33.59 44.30 -27.36
CA LYS K 34 33.15 42.92 -27.54
C LYS K 34 33.79 42.37 -28.80
N PHE K 35 34.59 41.31 -28.64
CA PHE K 35 35.20 40.60 -29.75
C PHE K 35 34.43 39.30 -29.99
N GLU K 36 34.10 39.05 -31.26
CA GLU K 36 33.41 37.84 -31.66
C GLU K 36 34.35 36.92 -32.42
N ARG K 37 34.10 35.61 -32.31
CA ARG K 37 34.92 34.57 -32.94
C ARG K 37 36.38 34.68 -32.52
N GLU K 38 36.61 35.00 -31.25
CA GLU K 38 37.95 35.12 -30.70
C GLU K 38 38.00 34.44 -29.35
N ASP K 39 39.23 34.24 -28.86
CA ASP K 39 39.45 33.54 -27.59
C ASP K 39 40.71 34.11 -26.95
N HIS K 40 41.26 33.36 -25.99
CA HIS K 40 42.39 33.86 -25.20
C HIS K 40 43.63 34.12 -26.05
N THR K 41 43.74 33.51 -27.22
CA THR K 41 44.96 33.63 -28.02
C THR K 41 45.25 35.08 -28.36
N LEU K 42 44.22 35.82 -28.80
CA LEU K 42 44.35 37.24 -29.03
C LEU K 42 44.15 38.06 -27.76
N ALA K 43 43.25 37.60 -26.89
CA ALA K 43 42.85 38.39 -25.74
C ALA K 43 43.99 38.61 -24.76
N ASN K 44 44.66 37.53 -24.36
CA ASN K 44 45.74 37.66 -23.38
C ASN K 44 46.90 38.47 -23.96
N LEU K 45 47.22 38.23 -25.23
CA LEU K 45 48.29 38.97 -25.89
C LEU K 45 48.01 40.47 -25.88
N LEU K 46 46.81 40.87 -26.32
CA LEU K 46 46.47 42.28 -26.33
C LEU K 46 46.43 42.86 -24.93
N ARG K 47 45.88 42.11 -23.97
CA ARG K 47 45.74 42.62 -22.61
C ARG K 47 47.11 42.90 -21.98
N GLU K 48 48.00 41.91 -22.02
CA GLU K 48 49.28 42.10 -21.33
C GLU K 48 50.21 42.99 -22.14
N GLU K 49 50.00 43.13 -23.46
CA GLU K 49 50.72 44.17 -24.19
C GLU K 49 50.27 45.56 -23.75
N LEU K 50 48.97 45.75 -23.59
CA LEU K 50 48.46 47.06 -23.19
C LEU K 50 48.81 47.41 -21.76
N ALA K 51 48.92 46.39 -20.89
CA ALA K 51 49.15 46.64 -19.48
C ALA K 51 50.50 47.30 -19.20
N LEU K 52 51.44 47.25 -20.13
CA LEU K 52 52.76 47.84 -19.93
C LEU K 52 52.84 49.30 -20.35
N TYR K 53 51.81 49.83 -20.98
CA TYR K 53 51.88 51.20 -21.46
C TYR K 53 51.75 52.19 -20.30
N PRO K 54 52.54 53.26 -20.29
CA PRO K 54 52.44 54.24 -19.20
C PRO K 54 51.10 54.94 -19.13
N ASP K 55 50.44 55.17 -20.26
CA ASP K 55 49.21 55.94 -20.31
C ASP K 55 47.96 55.08 -20.15
N VAL K 56 48.11 53.78 -19.94
CA VAL K 56 46.98 52.88 -19.73
C VAL K 56 46.80 52.70 -18.24
N THR K 57 45.62 53.02 -17.72
CA THR K 57 45.34 52.92 -16.30
C THR K 57 44.60 51.66 -15.92
N PHE K 58 43.82 51.07 -16.83
CA PHE K 58 43.09 49.84 -16.54
C PHE K 58 42.90 49.07 -17.82
N VAL K 59 43.22 47.78 -17.78
CA VAL K 59 42.96 46.89 -18.91
C VAL K 59 42.64 45.51 -18.37
N ALA K 60 41.56 44.91 -18.88
CA ALA K 60 41.17 43.59 -18.45
C ALA K 60 40.32 42.94 -19.52
N TYR K 61 40.18 41.62 -19.44
CA TYR K 61 39.35 40.89 -20.38
C TYR K 61 38.73 39.70 -19.66
N LYS K 62 37.64 39.20 -20.24
CA LYS K 62 37.00 38.01 -19.70
C LYS K 62 36.17 37.34 -20.78
N VAL K 63 36.03 36.02 -20.63
CA VAL K 63 35.13 35.21 -21.43
C VAL K 63 34.00 34.75 -20.50
N GLU K 64 32.78 35.20 -20.78
CA GLU K 64 31.68 34.94 -19.86
C GLU K 64 31.40 33.45 -19.72
N HIS K 65 31.35 32.73 -20.84
CA HIS K 65 30.98 31.33 -20.79
C HIS K 65 31.73 30.61 -21.91
N PRO K 66 32.39 29.49 -21.61
CA PRO K 66 33.26 28.85 -22.62
C PRO K 66 32.54 28.34 -23.85
N LEU K 67 31.23 28.10 -23.78
CA LEU K 67 30.52 27.55 -24.93
C LEU K 67 30.30 28.59 -26.03
N PHE K 68 30.57 29.86 -25.76
CA PHE K 68 30.41 30.92 -26.76
C PHE K 68 31.78 31.48 -27.13
N ALA K 69 32.06 31.49 -28.43
CA ALA K 69 33.37 31.93 -28.93
C ALA K 69 33.39 33.44 -29.08
N ASN K 70 33.44 34.12 -27.93
CA ASN K 70 33.55 35.57 -27.90
C ASN K 70 34.09 35.98 -26.55
N PHE K 71 34.65 37.18 -26.48
CA PHE K 71 35.12 37.70 -25.20
C PHE K 71 34.91 39.20 -25.16
N VAL K 72 35.17 39.78 -23.99
CA VAL K 72 34.96 41.20 -23.79
C VAL K 72 36.18 41.77 -23.07
N MET K 73 36.47 43.04 -23.33
CA MET K 73 37.63 43.69 -22.77
C MET K 73 37.28 45.10 -22.31
N ARG K 74 37.69 45.44 -21.10
CA ARG K 74 37.50 46.76 -20.53
C ARG K 74 38.83 47.51 -20.57
N LEU K 75 38.82 48.71 -21.14
CA LEU K 75 40.05 49.48 -21.30
C LEU K 75 39.80 50.93 -20.94
N GLN K 76 40.65 51.48 -20.07
CA GLN K 76 40.55 52.87 -19.64
C GLN K 76 41.94 53.46 -19.55
N THR K 77 42.17 54.53 -20.31
CA THR K 77 43.44 55.25 -20.29
C THR K 77 43.27 56.55 -19.50
N GLU K 78 44.34 57.35 -19.48
CA GLU K 78 44.31 58.61 -18.77
C GLU K 78 43.64 59.68 -19.64
N GLU K 79 43.65 60.93 -19.18
CA GLU K 79 42.97 62.00 -19.90
C GLU K 79 43.74 62.42 -21.15
N GLY K 80 45.05 62.26 -21.16
CA GLY K 80 45.85 62.74 -22.27
C GLY K 80 45.52 62.07 -23.59
N THR K 81 45.26 60.76 -23.55
CA THR K 81 45.01 59.99 -24.76
C THR K 81 43.61 59.40 -24.72
N ARG K 82 43.31 58.55 -25.70
CA ARG K 82 42.04 57.85 -25.80
C ARG K 82 42.31 56.36 -25.95
N PRO K 83 41.41 55.52 -25.43
CA PRO K 83 41.68 54.07 -25.45
C PRO K 83 41.85 53.50 -26.85
N LYS K 84 41.13 54.02 -27.84
CA LYS K 84 41.23 53.49 -29.19
C LYS K 84 42.65 53.62 -29.71
N GLN K 85 43.22 54.82 -29.64
CA GLN K 85 44.57 55.05 -30.16
C GLN K 85 45.59 54.15 -29.49
N ALA K 86 45.41 53.92 -28.18
CA ALA K 86 46.25 52.96 -27.49
C ALA K 86 46.07 51.57 -28.07
N LEU K 87 44.85 51.22 -28.48
CA LEU K 87 44.62 49.89 -29.06
C LEU K 87 45.35 49.73 -30.39
N GLU K 88 45.27 50.73 -31.29
CA GLU K 88 46.05 50.61 -32.53
C GLU K 88 47.55 50.63 -32.25
N ARG K 89 48.00 51.41 -31.25
CA ARG K 89 49.43 51.40 -30.94
C ARG K 89 49.88 50.03 -30.48
N ALA K 90 49.09 49.37 -29.63
CA ALA K 90 49.43 48.03 -29.17
C ALA K 90 49.44 47.04 -30.33
N CYS K 91 48.45 47.13 -31.22
CA CYS K 91 48.42 46.21 -32.36
C CYS K 91 49.65 46.39 -33.24
N ALA K 92 50.02 47.64 -33.52
CA ALA K 92 51.20 47.89 -34.35
C ALA K 92 52.47 47.40 -33.67
N SER K 93 52.57 47.61 -32.34
CA SER K 93 53.76 47.15 -31.62
C SER K 93 53.89 45.64 -31.68
N ILE K 94 52.78 44.92 -31.49
CA ILE K 94 52.85 43.46 -31.55
C ILE K 94 53.18 43.00 -32.97
N ILE K 95 52.66 43.69 -33.99
CA ILE K 95 52.99 43.34 -35.36
C ILE K 95 54.49 43.48 -35.60
N ASN K 96 55.07 44.59 -35.14
CA ASN K 96 56.50 44.80 -35.34
C ASN K 96 57.32 43.75 -34.58
N LYS K 97 56.90 43.42 -33.36
CA LYS K 97 57.62 42.40 -32.59
C LYS K 97 57.59 41.05 -33.31
N LEU K 98 56.42 40.67 -33.83
CA LEU K 98 56.30 39.40 -34.54
C LEU K 98 57.14 39.40 -35.82
N LYS K 99 57.17 40.53 -36.52
CA LYS K 99 57.99 40.60 -37.74
C LYS K 99 59.47 40.43 -37.42
N THR K 100 59.95 41.11 -36.37
CA THR K 100 61.34 40.95 -35.96
C THR K 100 61.63 39.53 -35.55
N LEU K 101 60.69 38.90 -34.81
CA LEU K 101 60.89 37.53 -34.38
C LEU K 101 60.99 36.57 -35.56
N ASP K 102 60.11 36.75 -36.55
CA ASP K 102 60.15 35.90 -37.74
C ASP K 102 61.46 36.08 -38.50
N HIS K 103 61.92 37.32 -38.64
CA HIS K 103 63.17 37.56 -39.34
C HIS K 103 64.35 36.89 -38.63
N LYS K 104 64.40 37.01 -37.30
CA LYS K 104 65.49 36.39 -36.55
C LYS K 104 65.42 34.87 -36.64
N PHE K 105 64.21 34.30 -36.57
CA PHE K 105 64.08 32.85 -36.69
C PHE K 105 64.52 32.37 -38.06
N ASN K 106 64.17 33.11 -39.12
CA ASN K 106 64.59 32.73 -40.46
C ASN K 106 66.10 32.78 -40.59
N GLU K 107 66.74 33.82 -40.04
CA GLU K 107 68.20 33.90 -40.09
C GLU K 107 68.84 32.73 -39.35
N GLU K 108 68.33 32.40 -38.16
CA GLU K 108 68.90 31.31 -37.39
C GLU K 108 68.72 29.98 -38.10
N TRP K 109 67.55 29.75 -38.69
CA TRP K 109 67.32 28.51 -39.42
C TRP K 109 68.21 28.40 -40.65
N ASN K 110 68.41 29.52 -41.36
CA ASN K 110 69.32 29.50 -42.49
C ASN K 110 70.75 29.19 -42.06
N ILE K 111 71.17 29.73 -40.92
CA ILE K 111 72.49 29.41 -40.39
C ILE K 111 72.59 27.92 -40.05
N LYS K 112 71.56 27.39 -39.39
CA LYS K 112 71.57 25.98 -38.99
C LYS K 112 71.34 25.03 -40.16
N ASN K 113 70.97 25.55 -41.34
CA ASN K 113 70.72 24.70 -42.49
C ASN K 113 72.01 24.06 -42.99
N GLY L 28 14.14 -9.62 -60.05
CA GLY L 28 13.65 -8.30 -59.68
C GLY L 28 14.56 -7.56 -58.72
N VAL L 29 14.86 -8.20 -57.59
CA VAL L 29 15.73 -7.64 -56.56
C VAL L 29 16.88 -8.61 -56.33
N LYS L 30 18.09 -8.09 -56.27
CA LYS L 30 19.26 -8.92 -56.04
C LYS L 30 19.29 -9.43 -54.61
N TYR L 31 19.82 -10.64 -54.44
CA TYR L 31 19.93 -11.28 -53.14
C TYR L 31 21.21 -12.11 -53.12
N THR L 32 21.67 -12.40 -51.90
CA THR L 32 22.85 -13.22 -51.69
C THR L 32 22.53 -14.34 -50.71
N CYS L 33 23.05 -15.53 -50.97
CA CYS L 33 22.83 -16.64 -50.07
C CYS L 33 23.63 -16.47 -48.79
N GLY L 34 23.06 -16.95 -47.69
CA GLY L 34 23.72 -16.86 -46.40
C GLY L 34 24.73 -17.94 -46.12
N ALA L 35 24.79 -18.98 -46.93
CA ALA L 35 25.71 -20.09 -46.73
C ALA L 35 26.76 -20.18 -47.82
N CYS L 36 26.34 -20.30 -49.07
CA CYS L 36 27.27 -20.41 -50.19
C CYS L 36 27.61 -19.07 -50.82
N ALA L 37 27.00 -17.98 -50.34
CA ALA L 37 27.34 -16.61 -50.75
C ALA L 37 27.22 -16.42 -52.26
N HIS L 38 26.20 -17.04 -52.85
CA HIS L 38 25.96 -16.89 -54.29
C HIS L 38 24.90 -15.81 -54.53
N ASN L 39 25.20 -14.92 -55.46
CA ASN L 39 24.30 -13.82 -55.79
C ASN L 39 23.31 -14.26 -56.86
N PHE L 40 22.03 -13.97 -56.63
CA PHE L 40 20.97 -14.25 -57.59
C PHE L 40 19.95 -13.13 -57.51
N SER L 41 18.78 -13.35 -58.12
CA SER L 41 17.72 -12.37 -58.09
C SER L 41 16.40 -13.06 -57.81
N LEU L 42 15.46 -12.30 -57.23
CA LEU L 42 14.13 -12.80 -56.93
C LEU L 42 13.09 -11.86 -57.52
N ASN L 43 11.91 -12.42 -57.80
CA ASN L 43 10.81 -11.70 -58.44
C ASN L 43 9.51 -11.90 -57.67
N LYS L 44 9.60 -11.86 -56.34
CA LYS L 44 8.46 -11.90 -55.41
C LYS L 44 7.50 -13.08 -55.66
N SER L 45 7.96 -14.09 -56.39
CA SER L 45 7.13 -15.26 -56.67
C SER L 45 7.84 -16.54 -56.28
N ASP L 46 9.18 -16.53 -56.39
CA ASP L 46 9.96 -17.69 -56.02
C ASP L 46 9.92 -17.91 -54.51
N PRO L 47 10.01 -19.16 -54.05
CA PRO L 47 10.12 -19.41 -52.61
C PRO L 47 11.44 -18.87 -52.06
N VAL L 48 11.42 -18.53 -50.77
CA VAL L 48 12.58 -17.93 -50.12
C VAL L 48 13.59 -19.05 -49.86
N ARG L 49 14.55 -19.21 -50.78
CA ARG L 49 15.58 -20.21 -50.67
C ARG L 49 16.69 -19.87 -51.67
N CYS L 50 17.90 -20.34 -51.37
CA CYS L 50 19.01 -20.15 -52.28
C CYS L 50 18.83 -21.03 -53.52
N LYS L 51 19.07 -20.44 -54.69
CA LYS L 51 18.93 -21.19 -55.92
C LYS L 51 19.96 -22.30 -56.02
N GLU L 52 21.20 -22.04 -55.58
CA GLU L 52 22.28 -23.00 -55.78
C GLU L 52 22.27 -24.09 -54.71
N CYS L 53 22.46 -23.72 -53.45
CA CYS L 53 22.63 -24.69 -52.37
C CYS L 53 21.36 -24.89 -51.55
N GLY L 54 20.27 -24.20 -51.88
CA GLY L 54 19.02 -24.41 -51.18
C GLY L 54 18.98 -23.92 -49.76
N HIS L 55 19.85 -22.98 -49.40
CA HIS L 55 19.84 -22.42 -48.05
C HIS L 55 18.59 -21.59 -47.83
N ARG L 56 18.09 -21.61 -46.60
CA ARG L 56 16.86 -20.92 -46.24
C ARG L 56 17.09 -19.51 -45.71
N VAL L 57 18.35 -19.04 -45.69
CA VAL L 57 18.69 -17.73 -45.18
C VAL L 57 19.36 -16.95 -46.29
N ILE L 58 18.79 -15.79 -46.64
CA ILE L 58 19.33 -14.93 -47.68
C ILE L 58 19.35 -13.50 -47.17
N TYR L 59 20.22 -12.69 -47.78
CA TYR L 59 20.38 -11.29 -47.44
C TYR L 59 20.16 -10.43 -48.68
N LYS L 60 19.73 -9.20 -48.47
CA LYS L 60 19.59 -8.25 -49.55
C LYS L 60 20.96 -7.72 -49.96
N ALA L 61 21.16 -7.60 -51.26
CA ALA L 61 22.43 -7.07 -51.75
C ALA L 61 22.55 -5.58 -51.47
N ARG L 62 23.79 -5.11 -51.39
CA ARG L 62 24.04 -3.70 -51.12
C ARG L 62 23.56 -2.84 -52.27
N THR L 63 22.94 -1.71 -51.94
CA THR L 63 22.45 -0.80 -52.97
C THR L 63 23.62 -0.19 -53.73
N LYS L 64 23.36 0.19 -54.99
CA LYS L 64 24.38 0.75 -55.85
C LYS L 64 24.56 2.25 -55.64
N ARG L 65 23.64 2.89 -54.92
CA ARG L 65 23.72 4.33 -54.71
C ARG L 65 24.96 4.71 -53.92
N MET L 66 25.50 5.88 -54.24
CA MET L 66 26.63 6.41 -53.49
C MET L 66 26.19 6.80 -52.07
N ILE L 67 27.14 6.73 -51.14
CA ILE L 67 26.92 7.15 -49.76
C ILE L 67 28.06 8.08 -49.37
N GLN L 68 27.73 9.18 -48.71
CA GLN L 68 28.68 10.22 -48.37
C GLN L 68 28.87 10.30 -46.87
N PHE L 69 30.11 10.56 -46.46
CA PHE L 69 30.46 10.74 -45.05
C PHE L 69 31.34 11.96 -44.90
N ASP L 70 31.27 12.57 -43.72
CA ASP L 70 32.04 13.79 -43.43
C ASP L 70 33.41 13.52 -42.86
N ALA L 71 33.76 12.25 -42.62
CA ALA L 71 35.08 11.86 -42.12
C ALA L 71 35.45 12.61 -40.84
N ARG L 72 34.47 12.74 -39.95
CA ARG L 72 34.68 13.46 -38.70
C ARG L 72 34.36 12.57 -37.51
N MET M 1 -41.81 -36.29 41.14
CA MET M 1 -41.37 -37.62 40.74
C MET M 1 -40.23 -37.54 39.74
N GLY M 2 -40.34 -36.60 38.80
CA GLY M 2 -39.27 -36.38 37.86
C GLY M 2 -38.02 -35.85 38.54
N VAL M 3 -36.87 -36.17 37.96
CA VAL M 3 -35.58 -35.89 38.56
C VAL M 3 -34.88 -34.79 37.77
N PRO M 4 -34.52 -33.67 38.40
CA PRO M 4 -33.56 -32.75 37.77
C PRO M 4 -32.15 -33.32 37.73
N ALA M 5 -31.90 -34.43 38.42
CA ALA M 5 -30.62 -35.12 38.29
C ALA M 5 -30.37 -35.54 36.84
N LEU M 6 -31.44 -35.83 36.10
CA LEU M 6 -31.31 -36.05 34.67
C LEU M 6 -30.74 -34.81 33.99
N PHE M 7 -31.25 -33.63 34.37
CA PHE M 7 -30.64 -32.39 33.91
C PHE M 7 -29.22 -32.27 34.44
N ARG M 8 -29.00 -32.65 35.70
CA ARG M 8 -27.65 -32.68 36.25
C ARG M 8 -26.77 -33.64 35.46
N TRP M 9 -27.31 -34.81 35.12
CA TRP M 9 -26.56 -35.80 34.36
C TRP M 9 -26.17 -35.27 32.98
N LEU M 10 -27.11 -34.61 32.31
CA LEU M 10 -26.81 -34.00 31.02
C LEU M 10 -25.77 -32.90 31.15
N SER M 11 -25.87 -32.08 32.20
CA SER M 11 -24.90 -31.01 32.40
C SER M 11 -23.50 -31.57 32.64
N ARG M 12 -23.39 -32.61 33.45
CA ARG M 12 -22.07 -33.17 33.76
C ARG M 12 -21.56 -34.10 32.68
N LYS M 13 -22.40 -34.51 31.74
CA LYS M 13 -21.98 -35.37 30.63
C LYS M 13 -21.92 -34.63 29.30
N TYR M 14 -22.89 -33.76 29.03
CA TYR M 14 -22.96 -33.00 27.78
C TYR M 14 -23.17 -31.54 28.13
N PRO M 15 -22.14 -30.85 28.62
CA PRO M 15 -22.34 -29.47 29.11
C PRO M 15 -22.57 -28.45 28.02
N LYS M 16 -22.37 -28.80 26.74
CA LYS M 16 -22.45 -27.80 25.68
C LYS M 16 -23.87 -27.55 25.19
N ILE M 17 -24.87 -28.23 25.76
CA ILE M 17 -26.25 -27.95 25.38
C ILE M 17 -26.87 -26.79 26.15
N ILE M 18 -26.14 -26.20 27.08
CA ILE M 18 -26.67 -25.19 27.97
C ILE M 18 -26.37 -23.81 27.42
N SER M 19 -27.37 -22.94 27.40
CA SER M 19 -27.20 -21.52 27.12
C SER M 19 -27.97 -20.72 28.16
N PRO M 20 -27.53 -19.52 28.52
CA PRO M 20 -28.11 -18.84 29.68
C PRO M 20 -29.31 -17.95 29.35
N VAL M 21 -29.72 -17.92 28.09
CA VAL M 21 -30.90 -17.17 27.64
C VAL M 21 -30.73 -15.68 27.88
N ILE M 22 -30.42 -14.93 26.83
CA ILE M 22 -30.26 -13.48 26.95
C ILE M 22 -31.58 -12.87 27.38
N GLN M 23 -31.57 -12.20 28.53
CA GLN M 23 -32.77 -11.57 29.06
C GLN M 23 -33.13 -10.37 28.20
N ASP M 24 -34.39 -10.30 27.78
CA ASP M 24 -34.81 -9.25 26.86
C ASP M 24 -35.06 -7.93 27.58
N GLU M 25 -33.99 -7.21 27.91
CA GLU M 25 -34.13 -5.88 28.47
C GLU M 25 -34.57 -4.89 27.39
N ASP M 26 -35.13 -3.77 27.82
CA ASP M 26 -35.57 -2.74 26.90
C ASP M 26 -34.41 -2.24 26.06
N VAL M 27 -34.62 -2.13 24.76
CA VAL M 27 -33.54 -1.83 23.82
C VAL M 27 -33.25 -0.34 23.86
N ASP M 28 -32.00 0.03 24.13
CA ASP M 28 -31.60 1.42 24.21
C ASP M 28 -31.04 1.83 22.85
N ILE M 29 -31.88 2.46 22.04
CA ILE M 29 -31.49 2.94 20.72
C ILE M 29 -31.51 4.47 20.74
N ASP M 30 -30.35 5.07 20.49
CA ASP M 30 -30.19 6.52 20.44
C ASP M 30 -30.70 7.19 21.72
N GLY M 31 -30.44 6.55 22.86
CA GLY M 31 -30.87 7.06 24.14
C GLY M 31 -32.29 6.73 24.52
N GLU M 32 -33.09 6.20 23.60
CA GLU M 32 -34.47 5.82 23.88
C GLU M 32 -34.49 4.38 24.37
N SER M 33 -34.98 4.17 25.59
CA SER M 33 -35.14 2.84 26.16
C SER M 33 -36.49 2.29 25.71
N ARG M 34 -36.53 1.90 24.43
CA ARG M 34 -37.74 1.35 23.86
C ARG M 34 -38.09 0.04 24.57
N PRO M 35 -39.32 -0.10 25.06
CA PRO M 35 -39.78 -1.43 25.48
C PRO M 35 -39.75 -2.38 24.29
N THR M 36 -39.38 -3.63 24.56
CA THR M 36 -39.14 -4.57 23.48
C THR M 36 -40.43 -4.86 22.72
N ARG M 37 -40.57 -4.27 21.54
CA ARG M 37 -41.71 -4.57 20.70
C ARG M 37 -41.62 -5.99 20.19
N TYR M 38 -42.78 -6.64 20.07
CA TYR M 38 -42.81 -8.03 19.65
C TYR M 38 -42.30 -8.20 18.22
N GLU M 39 -42.35 -7.14 17.40
CA GLU M 39 -41.84 -7.18 16.04
C GLU M 39 -40.33 -7.01 15.96
N ASP M 40 -39.68 -6.57 17.05
CA ASP M 40 -38.25 -6.36 17.02
C ASP M 40 -37.53 -7.71 16.87
N PRO M 41 -36.38 -7.71 16.19
CA PRO M 41 -35.63 -8.97 16.02
C PRO M 41 -35.20 -9.55 17.36
N ASN M 42 -35.28 -10.86 17.47
CA ASN M 42 -34.91 -11.55 18.69
C ASN M 42 -33.40 -11.71 18.77
N PRO M 43 -32.74 -11.22 19.82
CA PRO M 43 -31.31 -11.48 19.99
C PRO M 43 -30.98 -12.90 20.46
N ASN M 44 -31.96 -13.79 20.46
CA ASN M 44 -31.76 -15.18 20.88
C ASN M 44 -32.14 -16.18 19.79
N GLY M 45 -32.14 -15.75 18.53
CA GLY M 45 -32.50 -16.63 17.44
C GLY M 45 -34.01 -16.70 17.25
N GLU M 46 -34.47 -16.55 16.01
CA GLU M 46 -35.90 -16.55 15.74
C GLU M 46 -36.49 -17.94 15.91
N LEU M 47 -37.75 -17.97 16.33
CA LEU M 47 -38.47 -19.20 16.59
C LEU M 47 -39.75 -19.23 15.78
N ASP M 48 -40.05 -20.38 15.19
CA ASP M 48 -41.23 -20.52 14.34
C ASP M 48 -42.45 -20.94 15.17
N ASN M 49 -42.37 -22.09 15.83
CA ASN M 49 -43.48 -22.62 16.60
C ASN M 49 -43.14 -22.61 18.09
N LEU M 50 -44.10 -22.18 18.90
CA LEU M 50 -43.94 -22.12 20.35
C LEU M 50 -45.15 -22.79 20.98
N TYR M 51 -44.93 -23.93 21.62
CA TYR M 51 -45.98 -24.68 22.28
C TYR M 51 -45.87 -24.48 23.79
N LEU M 52 -46.95 -24.04 24.40
CA LEU M 52 -46.97 -23.74 25.83
C LEU M 52 -47.61 -24.89 26.60
N ASP M 53 -46.97 -25.31 27.67
CA ASP M 53 -47.53 -26.27 28.61
C ASP M 53 -48.03 -25.49 29.81
N MET M 54 -49.34 -25.30 29.90
CA MET M 54 -49.92 -24.51 30.98
C MET M 54 -49.70 -25.15 32.34
N ASN M 55 -49.42 -26.45 32.40
CA ASN M 55 -49.06 -27.07 33.66
C ASN M 55 -47.79 -26.48 34.24
N GLY M 56 -46.91 -25.95 33.40
CA GLY M 56 -45.72 -25.28 33.89
C GLY M 56 -45.90 -23.82 34.23
N ILE M 57 -47.02 -23.21 33.85
CA ILE M 57 -47.27 -21.79 34.08
C ILE M 57 -48.34 -21.59 35.15
N VAL M 58 -49.57 -22.04 34.88
CA VAL M 58 -50.67 -21.89 35.83
C VAL M 58 -50.69 -23.14 36.71
N HIS M 59 -49.81 -23.14 37.69
CA HIS M 59 -49.75 -24.23 38.65
C HIS M 59 -48.95 -23.74 39.85
N PRO M 60 -49.58 -23.03 40.79
CA PRO M 60 -48.81 -22.32 41.83
C PRO M 60 -47.95 -23.20 42.71
N CYS M 61 -48.38 -24.43 43.04
CA CYS M 61 -47.60 -25.26 43.96
C CYS M 61 -46.28 -25.71 43.34
N SER M 62 -46.13 -25.61 42.01
CA SER M 62 -44.84 -25.89 41.41
C SER M 62 -43.82 -24.83 41.78
N HIS M 63 -44.26 -23.62 42.11
CA HIS M 63 -43.39 -22.53 42.56
C HIS M 63 -43.93 -21.93 43.84
N PRO M 64 -43.78 -22.62 44.97
CA PRO M 64 -44.23 -22.08 46.25
C PRO M 64 -43.19 -21.27 47.02
N GLU M 65 -42.02 -21.03 46.43
CA GLU M 65 -40.98 -20.28 47.11
C GLU M 65 -41.43 -18.84 47.36
N HIS M 66 -42.11 -18.23 46.41
CA HIS M 66 -42.68 -16.90 46.59
C HIS M 66 -44.09 -17.04 47.17
N LYS M 67 -44.81 -15.93 47.24
CA LYS M 67 -46.17 -15.92 47.79
C LYS M 67 -47.11 -15.26 46.78
N PRO M 68 -47.59 -16.03 45.80
CA PRO M 68 -48.65 -15.50 44.92
C PRO M 68 -49.92 -15.24 45.71
N VAL M 69 -50.42 -16.29 46.36
CA VAL M 69 -51.60 -16.29 47.24
C VAL M 69 -52.69 -15.39 46.71
N PRO M 70 -53.33 -15.71 45.57
CA PRO M 70 -54.44 -14.89 45.08
C PRO M 70 -55.72 -15.22 45.83
N GLU M 71 -56.19 -14.29 46.66
CA GLU M 71 -57.46 -14.47 47.34
C GLU M 71 -58.60 -14.57 46.35
N THR M 72 -58.57 -13.77 45.30
CA THR M 72 -59.53 -13.85 44.21
C THR M 72 -58.87 -14.49 43.00
N GLU M 73 -59.69 -15.21 42.21
CA GLU M 73 -59.18 -15.79 40.97
C GLU M 73 -58.79 -14.73 39.96
N ASP M 74 -59.24 -13.49 40.14
CA ASP M 74 -58.82 -12.41 39.26
C ASP M 74 -57.32 -12.19 39.32
N GLU M 75 -56.76 -12.21 40.53
CA GLU M 75 -55.30 -12.05 40.68
C GLU M 75 -54.57 -13.20 40.02
N MET M 76 -55.07 -14.43 40.18
CA MET M 76 -54.47 -15.59 39.50
C MET M 76 -54.47 -15.38 38.00
N MET M 77 -55.62 -14.97 37.45
CA MET M 77 -55.72 -14.83 36.00
C MET M 77 -54.79 -13.73 35.48
N LEU M 78 -54.74 -12.60 36.17
CA LEU M 78 -53.90 -11.50 35.72
C LEU M 78 -52.41 -11.83 35.86
N ASP M 79 -52.03 -12.51 36.94
CA ASP M 79 -50.64 -12.92 37.09
C ASP M 79 -50.24 -13.93 36.01
N VAL M 80 -51.13 -14.87 35.71
CA VAL M 80 -50.85 -15.83 34.63
C VAL M 80 -50.72 -15.10 33.30
N PHE M 81 -51.59 -14.11 33.07
CA PHE M 81 -51.48 -13.30 31.86
C PHE M 81 -50.12 -12.64 31.77
N ALA M 82 -49.68 -11.99 32.85
CA ALA M 82 -48.40 -11.29 32.85
C ALA M 82 -47.24 -12.26 32.61
N TYR M 83 -47.30 -13.43 33.25
CA TYR M 83 -46.27 -14.44 33.02
C TYR M 83 -46.25 -14.88 31.57
N THR M 84 -47.43 -15.01 30.95
CA THR M 84 -47.47 -15.38 29.55
C THR M 84 -46.85 -14.31 28.66
N GLU M 85 -47.17 -13.03 28.92
CA GLU M 85 -46.53 -12.00 28.10
C GLU M 85 -45.02 -11.99 28.30
N ASN M 86 -44.56 -12.25 29.53
CA ASN M 86 -43.13 -12.31 29.78
C ASN M 86 -42.47 -13.42 28.97
N VAL M 87 -43.05 -14.62 29.01
CA VAL M 87 -42.41 -15.76 28.35
C VAL M 87 -42.47 -15.60 26.83
N ILE M 88 -43.57 -15.09 26.30
CA ILE M 88 -43.65 -14.91 24.85
C ILE M 88 -42.80 -13.72 24.40
N MET M 89 -42.55 -12.75 25.29
CA MET M 89 -41.66 -11.65 24.96
C MET M 89 -40.23 -12.14 24.87
N MET M 90 -39.82 -12.97 25.82
CA MET M 90 -38.46 -13.49 25.81
C MET M 90 -38.26 -14.60 24.79
N ALA M 91 -39.32 -15.23 24.32
CA ALA M 91 -39.21 -16.25 23.28
C ALA M 91 -39.43 -15.67 21.90
N ARG M 92 -40.48 -14.85 21.75
CA ARG M 92 -40.86 -14.18 20.51
C ARG M 92 -41.01 -15.17 19.35
N PRO M 93 -42.07 -15.98 19.33
CA PRO M 93 -42.31 -16.85 18.18
C PRO M 93 -42.78 -16.05 16.98
N ARG M 94 -43.04 -16.74 15.86
CA ARG M 94 -43.48 -16.05 14.65
C ARG M 94 -44.67 -16.69 13.96
N LYS M 95 -44.94 -17.98 14.16
CA LYS M 95 -45.99 -18.66 13.42
C LYS M 95 -47.15 -19.13 14.29
N VAL M 96 -46.89 -19.95 15.30
CA VAL M 96 -47.95 -20.63 16.04
C VAL M 96 -47.64 -20.57 17.52
N ILE M 97 -48.63 -20.19 18.32
CA ILE M 97 -48.56 -20.27 19.77
C ILE M 97 -49.61 -21.28 20.21
N TYR M 98 -49.20 -22.53 20.37
CA TYR M 98 -50.13 -23.59 20.77
C TYR M 98 -50.31 -23.55 22.27
N ILE M 99 -51.42 -22.96 22.71
CA ILE M 99 -51.78 -22.95 24.13
C ILE M 99 -52.43 -24.29 24.44
N ALA M 100 -51.71 -25.15 25.15
CA ALA M 100 -52.17 -26.50 25.46
C ALA M 100 -52.47 -26.62 26.95
N VAL M 101 -53.67 -27.11 27.27
CA VAL M 101 -54.08 -27.31 28.65
C VAL M 101 -54.32 -28.81 28.85
N ASP M 102 -53.99 -29.28 30.05
CA ASP M 102 -54.19 -30.69 30.36
C ASP M 102 -55.65 -31.08 30.28
N GLY M 103 -55.91 -32.28 29.77
CA GLY M 103 -57.24 -32.83 29.66
C GLY M 103 -57.30 -34.21 30.30
N VAL M 104 -58.01 -35.10 29.62
CA VAL M 104 -58.14 -36.49 30.07
C VAL M 104 -57.20 -37.35 29.23
N ALA M 105 -56.19 -37.91 29.87
CA ALA M 105 -55.17 -38.74 29.27
C ALA M 105 -55.52 -40.21 29.42
N PRO M 106 -54.81 -41.11 28.74
CA PRO M 106 -55.10 -42.55 28.88
C PRO M 106 -54.96 -43.06 30.30
N ARG M 107 -55.41 -44.31 30.47
CA ARG M 107 -55.65 -44.87 31.80
C ARG M 107 -54.38 -44.96 32.64
N ALA M 108 -53.25 -45.34 32.02
CA ALA M 108 -52.01 -45.43 32.78
C ALA M 108 -51.55 -44.07 33.27
N LYS M 109 -51.63 -43.05 32.42
CA LYS M 109 -51.34 -41.70 32.87
C LYS M 109 -52.35 -41.24 33.91
N MET M 110 -53.59 -41.73 33.82
CA MET M 110 -54.57 -41.49 34.88
C MET M 110 -54.11 -42.08 36.21
N ASN M 111 -53.56 -43.29 36.19
CA ASN M 111 -53.02 -43.86 37.43
C ASN M 111 -51.86 -43.01 37.96
N GLN M 112 -50.98 -42.58 37.06
CA GLN M 112 -49.83 -41.78 37.47
C GLN M 112 -50.27 -40.47 38.14
N GLN M 113 -51.12 -39.70 37.44
CA GLN M 113 -51.57 -38.44 38.02
C GLN M 113 -52.54 -38.65 39.18
N ARG M 114 -53.17 -39.82 39.27
CA ARG M 114 -53.97 -40.15 40.45
C ARG M 114 -53.08 -40.28 41.67
N SER M 115 -51.95 -40.98 41.52
CA SER M 115 -50.97 -41.01 42.60
C SER M 115 -50.45 -39.62 42.91
N ARG M 116 -50.18 -38.82 41.87
CA ARG M 116 -49.67 -37.47 42.06
C ARG M 116 -50.64 -36.61 42.86
N ARG M 117 -51.93 -36.66 42.51
CA ARG M 117 -52.92 -35.85 43.19
C ARG M 117 -53.22 -36.38 44.58
N PHE M 118 -53.17 -37.70 44.77
CA PHE M 118 -53.38 -38.28 46.09
C PHE M 118 -52.29 -37.85 47.06
N ARG M 119 -51.03 -37.86 46.60
CA ARG M 119 -49.94 -37.42 47.46
C ARG M 119 -49.88 -35.91 47.60
N SER M 120 -50.32 -35.17 46.59
CA SER M 120 -50.37 -33.71 46.69
C SER M 120 -51.40 -33.26 47.70
N ALA M 121 -52.57 -33.90 47.72
CA ALA M 121 -53.62 -33.53 48.65
C ALA M 121 -53.65 -34.48 49.85
N ASP M 156 -56.41 -21.87 45.46
CA ASP M 156 -56.36 -23.30 45.80
C ASP M 156 -55.40 -24.04 44.88
N SER M 157 -54.43 -24.74 45.49
CA SER M 157 -53.46 -25.50 44.72
C SER M 157 -54.12 -26.66 43.99
N ASN M 158 -55.07 -27.33 44.65
CA ASN M 158 -55.75 -28.48 44.06
C ASN M 158 -56.84 -28.10 43.07
N ALA M 159 -57.13 -26.81 42.91
CA ALA M 159 -58.17 -26.37 41.99
C ALA M 159 -57.75 -26.50 40.53
N ILE M 160 -56.50 -26.84 40.24
CA ILE M 160 -56.03 -26.97 38.86
C ILE M 160 -56.20 -28.44 38.49
N THR M 161 -57.36 -28.76 37.92
CA THR M 161 -57.70 -30.11 37.49
C THR M 161 -58.91 -30.03 36.56
N PRO M 162 -58.87 -30.67 35.39
CA PRO M 162 -59.97 -30.55 34.43
C PRO M 162 -61.31 -31.00 35.01
N GLY M 163 -62.37 -30.28 34.64
CA GLY M 163 -63.71 -30.55 35.10
C GLY M 163 -64.18 -29.65 36.22
N THR M 164 -63.27 -29.00 36.93
CA THR M 164 -63.63 -28.10 38.01
C THR M 164 -64.04 -26.73 37.46
N PRO M 165 -64.82 -25.95 38.21
CA PRO M 165 -65.14 -24.59 37.76
C PRO M 165 -63.93 -23.70 37.62
N PHE M 166 -62.83 -23.98 38.33
CA PHE M 166 -61.62 -23.18 38.16
C PHE M 166 -61.08 -23.28 36.73
N MET M 167 -61.02 -24.50 36.19
CA MET M 167 -60.65 -24.66 34.79
C MET M 167 -61.71 -24.09 33.85
N HIS M 168 -62.98 -24.14 34.26
CA HIS M 168 -64.04 -23.56 33.45
C HIS M 168 -63.83 -22.06 33.27
N ARG M 169 -63.46 -21.36 34.34
CA ARG M 169 -63.13 -19.94 34.21
C ARG M 169 -61.79 -19.74 33.51
N LEU M 170 -60.84 -20.67 33.72
CA LEU M 170 -59.53 -20.55 33.10
C LEU M 170 -59.63 -20.58 31.58
N ALA M 171 -60.46 -21.47 31.05
CA ALA M 171 -60.61 -21.56 29.60
C ALA M 171 -61.12 -20.26 29.01
N ASP M 172 -62.16 -19.69 29.64
CA ASP M 172 -62.72 -18.43 29.15
C ASP M 172 -61.71 -17.29 29.30
N SER M 173 -60.95 -17.26 30.40
CA SER M 173 -59.97 -16.21 30.59
C SER M 173 -58.86 -16.30 29.55
N LEU M 174 -58.38 -17.51 29.27
CA LEU M 174 -57.36 -17.67 28.23
C LEU M 174 -57.92 -17.30 26.87
N ARG M 175 -59.18 -17.64 26.61
CA ARG M 175 -59.82 -17.27 25.35
C ARG M 175 -59.84 -15.76 25.19
N TYR M 176 -60.28 -15.03 26.22
CA TYR M 176 -60.34 -13.58 26.14
C TYR M 176 -58.95 -12.97 26.01
N TRP M 177 -57.97 -13.52 26.74
CA TRP M 177 -56.62 -12.99 26.65
C TRP M 177 -56.06 -13.18 25.25
N ALA M 178 -56.29 -14.34 24.65
CA ALA M 178 -55.84 -14.58 23.29
C ALA M 178 -56.51 -13.62 22.32
N ALA M 179 -57.82 -13.42 22.47
CA ALA M 179 -58.52 -12.49 21.59
C ALA M 179 -57.99 -11.07 21.75
N TYR M 180 -57.75 -10.64 23.00
CA TYR M 180 -57.25 -9.30 23.25
C TYR M 180 -55.87 -9.11 22.65
N LYS M 181 -54.98 -10.09 22.82
CA LYS M 181 -53.63 -9.98 22.28
C LYS M 181 -53.65 -9.97 20.75
N LEU M 182 -54.50 -10.81 20.14
CA LEU M 182 -54.59 -10.83 18.69
C LEU M 182 -55.12 -9.51 18.15
N THR M 183 -56.12 -8.93 18.82
CA THR M 183 -56.73 -7.70 18.35
C THR M 183 -55.86 -6.48 18.58
N THR M 184 -55.11 -6.45 19.68
CA THR M 184 -54.41 -5.24 20.10
C THR M 184 -53.00 -5.15 19.53
N ASP M 185 -52.20 -6.19 19.71
CA ASP M 185 -50.79 -6.13 19.34
C ASP M 185 -50.64 -6.06 17.83
N PRO M 186 -49.99 -5.01 17.29
CA PRO M 186 -49.80 -4.94 15.84
C PRO M 186 -48.96 -6.08 15.28
N GLY M 187 -48.06 -6.64 16.08
CA GLY M 187 -47.20 -7.72 15.61
C GLY M 187 -47.85 -9.08 15.59
N TRP M 188 -49.08 -9.20 16.06
CA TRP M 188 -49.79 -10.47 16.14
C TRP M 188 -50.73 -10.69 14.97
N SER M 189 -50.46 -10.02 13.84
CA SER M 189 -51.28 -10.23 12.65
C SER M 189 -51.19 -11.67 12.15
N GLY M 190 -49.98 -12.23 12.14
CA GLY M 190 -49.73 -13.56 11.65
C GLY M 190 -49.72 -14.65 12.70
N ILE M 191 -50.26 -14.41 13.88
CA ILE M 191 -50.26 -15.37 14.97
C ILE M 191 -51.65 -15.99 15.09
N GLU M 192 -51.69 -17.32 15.17
CA GLU M 192 -52.94 -18.06 15.35
C GLU M 192 -52.83 -18.86 16.63
N VAL M 193 -53.81 -18.73 17.51
CA VAL M 193 -53.73 -19.38 18.82
C VAL M 193 -54.71 -20.54 18.84
N ILE M 194 -54.19 -21.72 19.16
CA ILE M 194 -54.96 -22.95 19.18
C ILE M 194 -55.15 -23.34 20.63
N ILE M 195 -56.39 -23.34 21.08
CA ILE M 195 -56.74 -23.59 22.47
C ILE M 195 -57.32 -24.99 22.58
N SER M 196 -56.73 -25.78 23.46
CA SER M 196 -57.24 -27.09 23.86
C SER M 196 -57.58 -26.95 25.35
N ASP M 197 -58.81 -26.56 25.64
CA ASP M 197 -59.22 -26.34 27.01
C ASP M 197 -59.26 -27.66 27.78
N ALA M 198 -59.53 -27.55 29.09
CA ALA M 198 -59.54 -28.73 29.95
C ALA M 198 -60.61 -29.73 29.54
N SER M 199 -61.63 -29.30 28.80
CA SER M 199 -62.66 -30.23 28.34
C SER M 199 -62.10 -31.19 27.30
N VAL M 200 -61.20 -30.73 26.46
CA VAL M 200 -60.62 -31.60 25.42
C VAL M 200 -59.74 -32.65 26.09
N PRO M 201 -59.96 -33.94 25.84
CA PRO M 201 -59.15 -34.97 26.49
C PRO M 201 -57.73 -34.98 25.96
N GLY M 202 -56.81 -35.47 26.78
CA GLY M 202 -55.43 -35.62 26.39
C GLY M 202 -54.48 -35.04 27.43
N GLN M 203 -53.33 -35.70 27.59
CA GLN M 203 -52.28 -35.16 28.44
C GLN M 203 -51.67 -33.93 27.80
N GLY M 204 -51.12 -33.05 28.64
CA GLY M 204 -50.59 -31.77 28.20
C GLY M 204 -49.64 -31.87 27.03
N GLN M 205 -48.45 -32.43 27.23
CA GLN M 205 -47.50 -32.60 26.15
C GLN M 205 -47.96 -33.61 25.12
N HIS M 206 -48.89 -34.50 25.48
CA HIS M 206 -49.43 -35.45 24.52
C HIS M 206 -50.19 -34.74 23.41
N LYS M 207 -50.86 -33.63 23.73
CA LYS M 207 -51.55 -32.87 22.69
C LYS M 207 -50.55 -32.25 21.72
N ILE M 208 -49.44 -31.73 22.23
CA ILE M 208 -48.39 -31.24 21.34
C ILE M 208 -47.85 -32.36 20.47
N MET M 209 -47.63 -33.54 21.05
CA MET M 209 -47.14 -34.66 20.27
C MET M 209 -48.12 -35.07 19.18
N SER M 210 -49.41 -35.11 19.51
CA SER M 210 -50.42 -35.44 18.51
C SER M 210 -50.46 -34.40 17.40
N TYR M 211 -50.35 -33.12 17.76
CA TYR M 211 -50.35 -32.07 16.75
C TYR M 211 -49.11 -32.17 15.86
N VAL M 212 -47.96 -32.45 16.45
CA VAL M 212 -46.73 -32.59 15.66
C VAL M 212 -46.86 -33.77 14.70
N ARG M 213 -47.40 -34.90 15.18
CA ARG M 213 -47.60 -36.04 14.30
C ARG M 213 -48.61 -35.72 13.19
N SER M 214 -49.66 -34.96 13.52
CA SER M 214 -50.63 -34.58 12.50
C SER M 214 -50.00 -33.72 11.43
N LEU M 215 -49.15 -32.76 11.83
CA LEU M 215 -48.43 -31.96 10.84
C LEU M 215 -47.50 -32.83 10.02
N ARG M 216 -46.84 -33.79 10.66
CA ARG M 216 -45.95 -34.69 9.93
C ARG M 216 -46.71 -35.51 8.90
N SER M 217 -47.93 -35.94 9.22
CA SER M 217 -48.71 -36.76 8.31
C SER M 217 -49.07 -36.03 7.02
N SER M 218 -49.03 -34.71 7.01
CA SER M 218 -49.27 -33.97 5.78
C SER M 218 -47.99 -33.94 4.95
N PRO M 219 -48.03 -34.39 3.69
CA PRO M 219 -46.81 -34.35 2.86
C PRO M 219 -46.33 -32.95 2.57
N LYS M 220 -47.17 -31.94 2.75
CA LYS M 220 -46.78 -30.56 2.49
C LYS M 220 -46.11 -29.90 3.68
N HIS M 221 -45.83 -30.64 4.74
CA HIS M 221 -45.25 -30.08 5.94
C HIS M 221 -43.83 -29.57 5.68
N ASP M 222 -43.47 -28.50 6.38
CA ASP M 222 -42.12 -27.95 6.31
C ASP M 222 -41.22 -28.70 7.29
N PRO M 223 -40.19 -29.39 6.81
CA PRO M 223 -39.33 -30.15 7.75
C PRO M 223 -38.41 -29.27 8.57
N ASN M 224 -38.19 -28.02 8.18
CA ASN M 224 -37.27 -27.13 8.88
C ASN M 224 -37.95 -26.22 9.88
N THR M 225 -39.24 -26.44 10.14
CA THR M 225 -39.97 -25.62 11.10
C THR M 225 -39.41 -25.85 12.50
N THR M 226 -38.70 -24.87 13.03
CA THR M 226 -38.17 -24.99 14.38
C THR M 226 -39.29 -24.85 15.41
N HIS M 227 -39.18 -25.62 16.48
CA HIS M 227 -40.18 -25.64 17.53
C HIS M 227 -39.53 -25.38 18.88
N CYS M 228 -40.37 -25.08 19.88
CA CYS M 228 -39.92 -24.94 21.24
C CYS M 228 -41.09 -25.15 22.18
N ILE M 229 -40.84 -25.86 23.28
CA ILE M 229 -41.86 -26.12 24.29
C ILE M 229 -41.39 -25.54 25.61
N TYR M 230 -42.24 -24.73 26.23
CA TYR M 230 -41.98 -24.20 27.57
C TYR M 230 -42.47 -25.22 28.58
N GLY M 231 -41.53 -25.98 29.16
CA GLY M 231 -41.89 -27.00 30.12
C GLY M 231 -40.85 -27.13 31.21
N LEU M 232 -41.27 -27.72 32.32
CA LEU M 232 -40.40 -27.95 33.46
C LEU M 232 -39.92 -29.40 33.58
N ASN M 233 -40.69 -30.36 33.08
CA ASN M 233 -40.29 -31.75 33.16
C ASN M 233 -39.09 -32.01 32.25
N ALA M 234 -38.12 -32.77 32.76
CA ALA M 234 -36.95 -33.11 31.97
C ALA M 234 -37.28 -34.12 30.87
N ASN M 235 -38.35 -34.89 31.06
CA ASN M 235 -38.73 -35.91 30.08
C ASN M 235 -38.94 -35.30 28.70
N LEU M 236 -39.30 -34.02 28.65
CA LEU M 236 -39.51 -33.33 27.37
C LEU M 236 -38.32 -33.48 26.44
N ILE M 237 -37.10 -33.57 27.01
CA ILE M 237 -35.91 -33.82 26.19
C ILE M 237 -36.15 -35.00 25.26
N PHE M 238 -36.44 -36.17 25.85
CA PHE M 238 -36.69 -37.35 25.04
C PHE M 238 -37.89 -37.15 24.12
N LEU M 239 -38.88 -36.38 24.58
CA LEU M 239 -40.03 -36.08 23.72
C LEU M 239 -39.58 -35.39 22.44
N GLY M 240 -38.63 -34.47 22.54
CA GLY M 240 -38.06 -33.88 21.34
C GLY M 240 -37.45 -34.93 20.44
N LEU M 241 -36.67 -35.83 21.03
CA LEU M 241 -36.12 -36.95 20.26
C LEU M 241 -37.22 -37.84 19.72
N ALA M 242 -38.38 -37.87 20.35
CA ALA M 242 -39.52 -38.59 19.80
C ALA M 242 -39.98 -37.96 18.49
N THR M 243 -39.96 -36.61 18.43
CA THR M 243 -40.44 -35.94 17.22
C THR M 243 -39.52 -36.16 16.03
N HIS M 244 -38.27 -36.52 16.27
CA HIS M 244 -37.28 -36.65 15.20
C HIS M 244 -37.18 -35.38 14.37
N GLU M 245 -37.29 -34.24 15.06
CA GLU M 245 -37.11 -32.92 14.44
C GLU M 245 -35.92 -32.26 15.10
N PRO M 246 -34.75 -32.25 14.46
CA PRO M 246 -33.55 -31.70 15.10
C PRO M 246 -33.69 -30.23 15.48
N HIS M 247 -34.39 -29.43 14.68
CA HIS M 247 -34.59 -28.02 14.99
C HIS M 247 -35.65 -27.90 16.08
N PHE M 248 -35.26 -28.29 17.28
CA PHE M 248 -36.16 -28.29 18.42
C PHE M 248 -35.37 -27.90 19.65
N LYS M 249 -36.00 -27.09 20.51
CA LYS M 249 -35.33 -26.58 21.70
C LYS M 249 -36.34 -26.50 22.82
N ILE M 250 -35.84 -26.46 24.05
CA ILE M 250 -36.68 -26.44 25.24
C ILE M 250 -36.25 -25.29 26.13
N LEU M 251 -37.21 -24.49 26.58
CA LEU M 251 -36.97 -23.38 27.49
C LEU M 251 -37.28 -23.84 28.91
N ARG M 252 -36.36 -23.58 29.84
CA ARG M 252 -36.51 -24.02 31.21
C ARG M 252 -36.04 -22.93 32.14
N GLU M 253 -36.42 -23.04 33.41
CA GLU M 253 -35.94 -22.11 34.43
C GLU M 253 -34.53 -22.49 34.86
N ASP M 254 -33.71 -21.47 35.11
CA ASP M 254 -32.31 -21.68 35.50
C ASP M 254 -32.28 -22.14 36.95
N VAL M 255 -32.38 -23.46 37.13
CA VAL M 255 -32.43 -24.04 38.48
C VAL M 255 -31.11 -23.83 39.21
N PHE M 256 -29.98 -23.86 38.50
CA PHE M 256 -28.68 -23.81 39.14
C PHE M 256 -28.34 -22.45 39.74
N ALA M 257 -29.12 -21.40 39.44
CA ALA M 257 -28.70 -20.04 39.75
C ALA M 257 -29.65 -19.28 40.68
N GLN M 258 -30.57 -19.96 41.36
CA GLN M 258 -31.43 -19.27 42.32
C GLN M 258 -30.72 -19.15 43.66
N ASP M 259 -30.40 -17.91 44.04
CA ASP M 259 -29.96 -17.60 45.41
C ASP M 259 -31.18 -17.06 46.15
N LYS M 260 -32.07 -17.97 46.51
CA LYS M 260 -33.37 -17.59 47.05
C LYS M 260 -33.24 -16.96 48.43
N LYS M 261 -34.04 -15.92 48.67
CA LYS M 261 -34.09 -15.23 49.94
C LYS M 261 -35.53 -14.98 50.32
N SER M 262 -35.79 -14.90 51.63
CA SER M 262 -37.14 -14.70 52.17
C SER M 262 -37.10 -13.67 53.28
N TYR M 263 -36.36 -12.58 53.05
CA TYR M 263 -36.17 -11.54 54.05
C TYR M 263 -37.27 -10.49 53.87
N SER M 264 -37.17 -9.36 54.57
CA SER M 264 -38.24 -8.36 54.56
C SER M 264 -38.40 -7.73 53.19
N LEU M 265 -39.63 -7.30 52.91
CA LEU M 265 -40.01 -6.79 51.59
C LEU M 265 -39.48 -5.39 51.30
N GLN M 266 -39.05 -4.63 52.31
CA GLN M 266 -38.62 -3.27 52.10
C GLN M 266 -37.11 -3.10 52.00
N ASP M 267 -36.34 -4.01 52.58
CA ASP M 267 -34.88 -3.85 52.60
C ASP M 267 -34.22 -4.25 51.30
N GLN M 268 -34.96 -4.78 50.32
CA GLN M 268 -34.38 -4.99 48.99
C GLN M 268 -34.10 -3.67 48.27
N LEU M 269 -34.55 -2.55 48.83
CA LEU M 269 -34.24 -1.24 48.27
C LEU M 269 -32.75 -0.92 48.34
N ARG M 270 -31.98 -1.66 49.14
CA ARG M 270 -30.54 -1.38 49.25
C ARG M 270 -29.84 -1.59 47.92
N MET M 271 -30.01 -2.76 47.30
CA MET M 271 -29.41 -3.09 46.02
C MET M 271 -30.39 -2.78 44.89
N THR M 272 -29.83 -2.41 43.74
CA THR M 272 -30.62 -2.20 42.53
C THR M 272 -30.17 -3.09 41.38
N ASP M 273 -28.87 -3.32 41.22
CA ASP M 273 -28.34 -4.11 40.11
C ASP M 273 -27.96 -5.52 40.52
N ILE M 274 -27.06 -5.65 41.51
CA ILE M 274 -26.51 -6.96 41.85
C ILE M 274 -27.57 -7.85 42.47
N GLU M 275 -28.31 -7.32 43.44
CA GLU M 275 -29.30 -8.09 44.18
C GLU M 275 -30.67 -7.43 44.03
N ARG M 276 -31.69 -8.24 43.79
CA ARG M 276 -33.07 -7.80 43.83
C ARG M 276 -33.89 -8.92 44.46
N GLN M 277 -35.20 -8.70 44.59
CA GLN M 277 -36.09 -9.78 45.00
C GLN M 277 -36.11 -10.82 43.89
N GLU M 278 -35.46 -11.96 44.13
CA GLU M 278 -35.26 -12.97 43.10
C GLU M 278 -36.57 -13.60 42.62
N LEU M 279 -37.67 -13.40 43.35
CA LEU M 279 -38.94 -13.98 42.99
C LEU M 279 -40.00 -12.97 42.56
N LYS M 280 -39.81 -11.68 42.87
CA LYS M 280 -40.82 -10.67 42.55
C LYS M 280 -40.26 -9.41 41.90
N ASP M 281 -38.99 -9.08 42.09
CA ASP M 281 -38.43 -7.84 41.57
C ASP M 281 -37.19 -8.03 40.70
N LYS M 282 -36.75 -9.26 40.48
CA LYS M 282 -35.60 -9.53 39.64
C LYS M 282 -36.01 -10.42 38.47
N LYS M 283 -35.54 -10.07 37.28
CA LYS M 283 -35.80 -10.87 36.09
C LYS M 283 -35.19 -12.25 36.25
N THR M 284 -36.03 -13.28 36.33
CA THR M 284 -35.55 -14.62 36.58
C THR M 284 -34.78 -15.15 35.37
N PRO M 285 -33.55 -15.63 35.54
CA PRO M 285 -32.81 -16.20 34.41
C PRO M 285 -33.41 -17.52 33.97
N PHE M 286 -33.15 -17.86 32.70
CA PHE M 286 -33.65 -19.08 32.10
C PHE M 286 -32.50 -19.82 31.42
N LEU M 287 -32.79 -21.02 30.94
CA LEU M 287 -31.82 -21.84 30.23
C LEU M 287 -32.51 -22.44 29.01
N TRP M 288 -31.71 -22.73 28.00
CA TRP M 288 -32.20 -23.35 26.77
C TRP M 288 -31.47 -24.65 26.52
N LEU M 289 -32.23 -25.72 26.37
CA LEU M 289 -31.71 -27.04 26.03
C LEU M 289 -31.94 -27.25 24.54
N HIS M 290 -30.85 -27.26 23.77
CA HIS M 290 -30.92 -27.47 22.34
C HIS M 290 -30.70 -28.95 22.06
N LEU M 291 -31.68 -29.60 21.46
CA LEU M 291 -31.65 -31.05 21.29
C LEU M 291 -30.88 -31.49 20.05
N ASN M 292 -30.54 -30.58 19.15
CA ASN M 292 -29.72 -30.96 18.01
C ASN M 292 -28.28 -31.22 18.42
N ILE M 293 -27.76 -30.45 19.39
CA ILE M 293 -26.45 -30.74 19.93
C ILE M 293 -26.44 -32.11 20.62
N LEU M 294 -27.50 -32.40 21.38
CA LEU M 294 -27.61 -33.71 22.00
C LEU M 294 -27.71 -34.81 20.95
N ARG M 295 -28.37 -34.52 19.83
CA ARG M 295 -28.44 -35.48 18.73
C ARG M 295 -27.06 -35.76 18.17
N GLU M 296 -26.25 -34.71 17.98
CA GLU M 296 -24.88 -34.90 17.52
C GLU M 296 -24.07 -35.72 18.51
N TYR M 297 -24.23 -35.44 19.81
CA TYR M 297 -23.61 -36.24 20.84
C TYR M 297 -23.97 -37.72 20.67
N LEU M 298 -25.26 -38.03 20.77
CA LEU M 298 -25.71 -39.42 20.71
C LEU M 298 -25.31 -40.08 19.40
N GLN M 299 -25.13 -39.30 18.34
CA GLN M 299 -24.47 -39.83 17.14
C GLN M 299 -23.03 -40.22 17.45
N ILE M 300 -22.33 -39.40 18.24
CA ILE M 300 -20.93 -39.70 18.52
C ILE M 300 -20.79 -40.95 19.38
N GLU M 301 -21.30 -40.93 20.62
CA GLU M 301 -20.88 -42.03 21.50
C GLU M 301 -21.63 -43.33 21.26
N LEU M 302 -22.70 -43.35 20.47
CA LEU M 302 -23.43 -44.60 20.25
C LEU M 302 -22.98 -45.34 19.00
N ASN M 303 -21.95 -44.87 18.30
CA ASN M 303 -21.42 -45.57 17.13
C ASN M 303 -20.43 -46.62 17.60
N VAL M 304 -20.96 -47.74 18.07
CA VAL M 304 -20.14 -48.84 18.57
C VAL M 304 -19.42 -49.51 17.40
N PRO M 305 -18.22 -50.03 17.59
CA PRO M 305 -17.51 -50.67 16.48
C PRO M 305 -17.91 -52.12 16.31
N GLY M 306 -17.65 -52.63 15.10
CA GLY M 306 -17.87 -54.02 14.80
C GLY M 306 -19.32 -54.46 14.85
N LEU M 307 -20.13 -53.95 13.93
CA LEU M 307 -21.56 -54.25 13.90
C LEU M 307 -21.88 -55.14 12.71
N SER M 308 -22.68 -56.18 12.94
CA SER M 308 -23.12 -57.05 11.85
C SER M 308 -24.08 -56.34 10.89
N PHE M 309 -24.70 -55.26 11.33
CA PHE M 309 -25.63 -54.48 10.53
C PHE M 309 -25.22 -53.02 10.54
N PRO M 310 -25.54 -52.26 9.49
CA PRO M 310 -25.15 -50.85 9.47
C PRO M 310 -25.76 -50.08 10.63
N PHE M 311 -24.98 -49.15 11.18
CA PHE M 311 -25.41 -48.34 12.30
C PHE M 311 -26.23 -47.15 11.80
N ASP M 312 -27.44 -47.01 12.32
CA ASP M 312 -28.33 -45.93 11.94
C ASP M 312 -28.49 -45.00 13.14
N LEU M 313 -28.19 -43.72 12.95
CA LEU M 313 -28.29 -42.76 14.04
C LEU M 313 -29.74 -42.58 14.47
N GLU M 314 -30.68 -42.61 13.51
CA GLU M 314 -32.09 -42.53 13.85
C GLU M 314 -32.50 -43.68 14.76
N LYS M 315 -32.21 -44.90 14.34
CA LYS M 315 -32.62 -46.07 15.11
C LYS M 315 -31.88 -46.11 16.44
N SER M 316 -30.61 -45.74 16.46
CA SER M 316 -29.86 -45.74 17.72
C SER M 316 -30.43 -44.70 18.69
N ILE M 317 -30.83 -43.54 18.18
CA ILE M 317 -31.48 -42.54 19.03
C ILE M 317 -32.80 -43.06 19.58
N ASP M 318 -33.56 -43.75 18.73
CA ASP M 318 -34.81 -44.35 19.20
C ASP M 318 -34.55 -45.38 20.29
N ASP M 319 -33.53 -46.22 20.11
CA ASP M 319 -33.17 -47.18 21.13
C ASP M 319 -32.71 -46.50 22.42
N TRP M 320 -31.98 -45.39 22.30
CA TRP M 320 -31.56 -44.67 23.50
C TRP M 320 -32.75 -44.11 24.26
N VAL M 321 -33.73 -43.56 23.54
CA VAL M 321 -34.95 -43.07 24.17
C VAL M 321 -35.69 -44.23 24.82
N PHE M 322 -35.71 -45.38 24.15
CA PHE M 322 -36.28 -46.60 24.72
C PHE M 322 -35.60 -46.97 26.04
N ILE M 323 -34.26 -46.90 26.06
CA ILE M 323 -33.52 -47.22 27.27
C ILE M 323 -33.84 -46.23 28.39
N CYS M 324 -33.92 -44.94 28.03
CA CYS M 324 -34.27 -43.92 29.02
C CYS M 324 -35.64 -44.18 29.61
N PHE M 325 -36.60 -44.58 28.77
CA PHE M 325 -37.92 -44.94 29.28
C PHE M 325 -37.86 -46.18 30.16
N PHE M 326 -37.04 -47.16 29.78
CA PHE M 326 -36.92 -48.37 30.58
C PHE M 326 -36.33 -48.07 31.96
N CYS M 327 -35.39 -47.14 32.02
CA CYS M 327 -34.77 -46.77 33.29
C CYS M 327 -35.75 -46.15 34.26
N GLY M 328 -36.88 -45.65 33.77
CA GLY M 328 -37.88 -45.04 34.62
C GLY M 328 -38.68 -43.98 33.91
N ASN M 329 -40.00 -44.01 34.09
CA ASN M 329 -40.89 -43.04 33.45
C ASN M 329 -42.15 -42.92 34.30
N ASN M 330 -42.95 -41.91 33.98
CA ASN M 330 -44.19 -41.68 34.72
C ASN M 330 -45.21 -42.79 34.50
N PHE M 331 -45.09 -43.57 33.43
CA PHE M 331 -46.03 -44.66 33.19
C PHE M 331 -45.64 -45.92 33.96
N LEU M 332 -44.47 -46.47 33.67
CA LEU M 332 -44.06 -47.73 34.24
C LEU M 332 -43.51 -47.54 35.66
N PRO M 333 -43.61 -48.56 36.51
CA PRO M 333 -43.08 -48.44 37.87
C PRO M 333 -41.55 -48.48 37.89
N HIS M 334 -41.00 -48.41 39.10
CA HIS M 334 -39.57 -48.33 39.28
C HIS M 334 -38.97 -49.73 39.28
N LEU M 335 -38.01 -49.95 38.40
CA LEU M 335 -37.31 -51.24 38.36
C LEU M 335 -36.40 -51.36 39.59
N PRO M 336 -36.40 -52.50 40.27
CA PRO M 336 -35.59 -52.65 41.49
C PRO M 336 -34.10 -52.83 41.25
N SER M 337 -33.61 -52.61 40.04
CA SER M 337 -32.18 -52.76 39.77
C SER M 337 -31.61 -51.51 39.11
N LEU M 338 -32.44 -50.75 38.41
CA LEU M 338 -32.01 -49.55 37.73
C LEU M 338 -32.31 -48.32 38.58
N ASP M 339 -31.30 -47.48 38.77
CA ASP M 339 -31.43 -46.26 39.55
C ASP M 339 -30.88 -45.09 38.76
N VAL M 340 -31.67 -44.01 38.66
CA VAL M 340 -31.31 -42.89 37.80
C VAL M 340 -30.04 -42.22 38.30
N ARG M 341 -29.98 -41.90 39.59
CA ARG M 341 -28.80 -41.22 40.12
C ARG M 341 -27.63 -42.18 40.35
N ASP M 342 -27.83 -43.48 40.20
CA ASP M 342 -26.72 -44.42 40.16
C ASP M 342 -26.21 -44.67 38.75
N ASN M 343 -26.53 -43.77 37.81
CA ASN M 343 -26.03 -43.83 36.43
C ASN M 343 -26.43 -45.14 35.74
N SER M 344 -27.62 -45.65 36.07
CA SER M 344 -28.13 -46.84 35.38
C SER M 344 -28.33 -46.58 33.91
N ILE M 345 -28.56 -45.32 33.52
CA ILE M 345 -28.60 -44.97 32.11
C ILE M 345 -27.25 -45.26 31.47
N THR M 346 -26.15 -44.90 32.15
CA THR M 346 -24.83 -45.21 31.63
C THR M 346 -24.57 -46.72 31.63
N THR M 347 -25.07 -47.41 32.66
CA THR M 347 -24.92 -48.86 32.72
C THR M 347 -25.58 -49.52 31.52
N LEU M 348 -26.80 -49.08 31.19
CA LEU M 348 -27.50 -49.67 30.06
C LEU M 348 -26.90 -49.24 28.72
N VAL M 349 -26.37 -48.03 28.64
CA VAL M 349 -25.65 -47.63 27.44
C VAL M 349 -24.44 -48.53 27.22
N THR M 350 -23.68 -48.80 28.29
CA THR M 350 -22.55 -49.71 28.17
C THR M 350 -23.01 -51.12 27.79
N ILE M 351 -24.10 -51.59 28.39
CA ILE M 351 -24.64 -52.91 28.07
C ILE M 351 -25.00 -53.00 26.60
N TRP M 352 -25.66 -51.97 26.08
CA TRP M 352 -25.96 -51.90 24.65
C TRP M 352 -24.68 -51.89 23.83
N LYS M 353 -23.64 -51.22 24.35
CA LYS M 353 -22.36 -51.19 23.64
C LYS M 353 -21.76 -52.59 23.51
N GLN M 354 -21.81 -53.38 24.58
CA GLN M 354 -21.27 -54.74 24.46
C GLN M 354 -22.16 -55.60 23.57
N ILE M 355 -23.47 -55.50 23.71
CA ILE M 355 -24.34 -56.53 23.14
C ILE M 355 -24.74 -56.24 21.69
N LEU M 356 -24.71 -54.97 21.27
CA LEU M 356 -25.09 -54.64 19.89
C LEU M 356 -24.26 -55.35 18.82
N PRO M 357 -22.94 -55.51 18.96
CA PRO M 357 -22.21 -56.29 17.94
C PRO M 357 -22.77 -57.68 17.72
N THR M 358 -23.32 -58.31 18.76
CA THR M 358 -23.87 -59.65 18.62
C THR M 358 -25.29 -59.66 18.08
N MET M 359 -26.00 -58.54 18.08
CA MET M 359 -27.32 -58.50 17.47
C MET M 359 -27.25 -58.50 15.95
N LYS M 360 -28.34 -58.93 15.33
CA LYS M 360 -28.55 -58.77 13.91
C LYS M 360 -29.44 -57.58 13.59
N GLY M 361 -30.11 -57.00 14.59
CA GLY M 361 -30.98 -55.86 14.40
C GLY M 361 -31.11 -55.08 15.68
N TYR M 362 -31.83 -53.96 15.59
CA TYR M 362 -32.02 -53.08 16.72
C TYR M 362 -33.03 -53.67 17.71
N LEU M 363 -33.06 -53.08 18.90
CA LEU M 363 -33.99 -53.55 19.93
C LEU M 363 -35.43 -53.22 19.55
N THR M 364 -35.65 -52.07 18.94
CA THR M 364 -36.99 -51.64 18.56
C THR M 364 -36.92 -50.85 17.26
N THR M 365 -38.06 -50.72 16.61
CA THR M 365 -38.12 -50.07 15.30
C THR M 365 -39.47 -49.37 15.13
N ASP M 366 -39.44 -48.04 15.11
CA ASP M 366 -40.58 -47.21 14.71
C ASP M 366 -41.85 -47.56 15.49
N GLY M 367 -41.72 -47.63 16.80
CA GLY M 367 -42.86 -47.85 17.67
C GLY M 367 -43.13 -49.28 18.05
N TYR M 368 -42.39 -50.24 17.50
CA TYR M 368 -42.64 -51.66 17.77
C TYR M 368 -41.35 -52.33 18.23
N LEU M 369 -41.49 -53.36 19.05
CA LEU M 369 -40.36 -54.02 19.68
C LEU M 369 -39.87 -55.20 18.85
N ASN M 370 -38.55 -55.39 18.86
CA ASN M 370 -37.92 -56.60 18.35
C ASN M 370 -37.65 -57.51 19.54
N LEU M 371 -38.46 -58.55 19.68
CA LEU M 371 -38.40 -59.40 20.87
C LEU M 371 -37.05 -60.07 21.11
N PRO M 372 -36.40 -60.69 20.11
CA PRO M 372 -35.12 -61.34 20.41
C PRO M 372 -34.04 -60.39 20.91
N ALA M 373 -33.97 -59.17 20.37
CA ALA M 373 -32.90 -58.26 20.76
C ALA M 373 -33.08 -57.78 22.18
N VAL M 374 -34.28 -57.33 22.54
CA VAL M 374 -34.54 -56.92 23.91
C VAL M 374 -34.41 -58.11 24.86
N GLU M 375 -34.75 -59.32 24.40
CA GLU M 375 -34.56 -60.50 25.21
C GLU M 375 -33.08 -60.72 25.52
N ARG M 376 -32.22 -60.59 24.51
CA ARG M 376 -30.79 -60.77 24.73
C ARG M 376 -30.21 -59.70 25.65
N LEU M 377 -30.64 -58.44 25.46
CA LEU M 377 -30.14 -57.38 26.32
C LEU M 377 -30.58 -57.58 27.77
N LEU M 378 -31.84 -57.96 27.97
CA LEU M 378 -32.31 -58.25 29.32
C LEU M 378 -31.61 -59.46 29.91
N ALA M 379 -31.26 -60.44 29.08
CA ALA M 379 -30.48 -61.58 29.56
C ALA M 379 -29.09 -61.15 30.02
N GLU M 380 -28.44 -60.27 29.25
CA GLU M 380 -27.14 -59.76 29.66
C GLU M 380 -27.24 -59.00 30.98
N LEU M 381 -28.27 -58.17 31.13
CA LEU M 381 -28.46 -57.48 32.40
C LEU M 381 -28.77 -58.47 33.51
N ALA M 382 -29.43 -59.59 33.19
CA ALA M 382 -29.67 -60.63 34.19
C ALA M 382 -28.37 -61.27 34.64
N LYS M 383 -27.43 -61.51 33.71
CA LYS M 383 -26.11 -61.97 34.13
C LYS M 383 -25.42 -60.95 35.01
N LYS M 384 -25.57 -59.67 34.69
CA LYS M 384 -24.95 -58.63 35.51
C LYS M 384 -25.73 -58.32 36.78
N GLU M 385 -26.90 -58.94 36.97
CA GLU M 385 -27.77 -58.61 38.10
C GLU M 385 -27.09 -58.91 39.43
N ASP M 386 -26.46 -60.07 39.55
CA ASP M 386 -25.81 -60.42 40.82
C ASP M 386 -24.67 -59.47 41.15
N TYR M 387 -23.86 -59.14 40.15
CA TYR M 387 -22.77 -58.18 40.34
C TYR M 387 -23.30 -56.82 40.74
N ILE M 388 -24.39 -56.38 40.09
CA ILE M 388 -24.98 -55.08 40.40
C ILE M 388 -25.54 -55.07 41.82
N PHE M 389 -26.22 -56.14 42.23
CA PHE M 389 -26.78 -56.21 43.57
C PHE M 389 -25.68 -56.21 44.63
N ARG M 390 -24.61 -56.97 44.40
CA ARG M 390 -23.49 -56.96 45.33
C ARG M 390 -22.87 -55.58 45.42
N LYS M 391 -22.63 -54.93 44.26
CA LYS M 391 -22.05 -53.59 44.26
C LYS M 391 -22.94 -52.60 44.98
N ARG M 392 -24.26 -52.70 44.79
CA ARG M 392 -25.18 -51.85 45.53
C ARG M 392 -25.09 -52.11 47.02
N TYR M 393 -24.86 -53.37 47.41
CA TYR M 393 -24.71 -53.69 48.83
C TYR M 393 -23.47 -53.01 49.42
N GLU M 394 -22.32 -53.13 48.75
CA GLU M 394 -21.13 -52.47 49.28
C GLU M 394 -21.27 -50.96 49.23
N ASP M 395 -21.93 -50.42 48.20
CA ASP M 395 -22.14 -48.98 48.13
C ASP M 395 -23.02 -48.49 49.28
N GLU M 396 -24.06 -49.25 49.61
CA GLU M 396 -24.92 -48.89 50.74
C GLU M 396 -24.15 -48.92 52.04
N LYS M 397 -23.34 -49.98 52.25
CA LYS M 397 -22.57 -50.06 53.49
C LYS M 397 -21.55 -48.92 53.58
N ARG M 398 -20.91 -48.58 52.46
CA ARG M 398 -19.93 -47.50 52.47
C ARG M 398 -20.60 -46.15 52.69
N SER M 399 -21.77 -45.95 52.10
CA SER M 399 -22.51 -44.70 52.33
C SER M 399 -22.91 -44.56 53.79
N LEU M 400 -23.39 -45.66 54.40
CA LEU M 400 -23.77 -45.61 55.81
C LEU M 400 -22.56 -45.30 56.68
N GLU M 401 -21.41 -45.94 56.39
CA GLU M 401 -20.18 -45.61 57.09
C GLU M 401 -19.83 -44.14 56.90
N ASN M 402 -20.09 -43.59 55.71
CA ASN M 402 -19.77 -42.20 55.45
C ASN M 402 -20.64 -41.26 56.27
N GLN M 403 -21.96 -41.51 56.34
CA GLN M 403 -22.79 -40.65 57.19
C GLN M 403 -22.48 -40.86 58.67
N LYS M 404 -21.91 -42.01 59.05
CA LYS M 404 -21.54 -42.20 60.45
C LYS M 404 -20.47 -41.20 60.89
N ARG M 405 -19.45 -40.99 60.06
CA ARG M 405 -18.43 -39.98 60.40
C ARG M 405 -18.84 -38.58 59.99
N ARG M 406 -19.74 -38.43 59.03
CA ARG M 406 -20.11 -37.09 58.56
C ARG M 406 -20.81 -36.29 59.65
N LYS M 407 -21.69 -36.92 60.41
CA LYS M 407 -22.40 -36.24 61.48
C LYS M 407 -22.10 -36.89 62.83
N LYS M 531 -43.57 -55.99 55.08
CA LYS M 531 -43.34 -54.60 55.47
C LYS M 531 -42.32 -54.49 56.58
N ASN M 532 -41.64 -55.61 56.86
CA ASN M 532 -40.63 -55.68 57.90
C ASN M 532 -39.22 -55.48 57.38
N GLU M 533 -39.08 -55.13 56.10
CA GLU M 533 -37.78 -54.94 55.43
C GLU M 533 -37.02 -56.25 55.51
N GLU M 534 -35.79 -56.28 56.04
CA GLU M 534 -34.99 -57.50 56.27
C GLU M 534 -34.95 -58.42 55.04
N ILE M 535 -35.16 -57.84 53.86
CA ILE M 535 -35.14 -58.64 52.64
C ILE M 535 -33.73 -59.13 52.35
N ARG M 536 -32.73 -58.30 52.62
CA ARG M 536 -31.31 -58.64 52.44
C ARG M 536 -31.02 -59.04 50.99
N LEU M 537 -31.14 -58.03 50.12
CA LEU M 537 -30.93 -58.22 48.69
C LEU M 537 -29.56 -58.82 48.38
N TRP M 538 -28.55 -58.50 49.20
CA TRP M 538 -27.23 -59.10 49.01
C TRP M 538 -27.26 -60.60 49.28
N GLU M 539 -28.03 -61.02 50.28
CA GLU M 539 -28.16 -62.43 50.58
C GLU M 539 -28.93 -63.15 49.48
N PRO M 540 -28.60 -64.42 49.23
CA PRO M 540 -29.31 -65.17 48.19
C PRO M 540 -30.76 -65.44 48.58
N GLY M 541 -31.57 -65.73 47.57
CA GLY M 541 -32.98 -65.95 47.79
C GLY M 541 -33.78 -64.70 48.00
N TYR M 542 -33.28 -63.54 47.52
CA TYR M 542 -33.98 -62.28 47.74
C TYR M 542 -35.28 -62.20 46.96
N ARG M 543 -35.33 -62.81 45.77
CA ARG M 543 -36.54 -62.76 44.96
C ARG M 543 -37.70 -63.49 45.65
N LYS M 544 -37.43 -64.67 46.21
CA LYS M 544 -38.47 -65.44 46.87
C LYS M 544 -38.99 -64.71 48.10
N ARG M 545 -38.09 -64.15 48.91
CA ARG M 545 -38.51 -63.40 50.09
C ARG M 545 -39.29 -62.15 49.70
N TYR M 546 -38.86 -61.48 48.62
CA TYR M 546 -39.59 -60.31 48.14
C TYR M 546 -41.01 -60.68 47.72
N TYR M 547 -41.16 -61.78 46.99
CA TYR M 547 -42.48 -62.20 46.54
C TYR M 547 -43.34 -62.67 47.71
N GLU M 548 -42.74 -63.30 48.73
CA GLU M 548 -43.50 -63.67 49.92
C GLU M 548 -43.97 -62.45 50.68
N THR M 549 -43.12 -61.42 50.78
CA THR M 549 -43.51 -60.22 51.52
C THR M 549 -44.57 -59.42 50.78
N LYS M 550 -44.42 -59.27 49.46
CA LYS M 550 -45.34 -58.42 48.71
C LYS M 550 -46.69 -59.10 48.47
N PHE M 551 -46.69 -60.40 48.17
CA PHE M 551 -47.91 -61.08 47.76
C PHE M 551 -48.48 -62.04 48.80
N HIS M 552 -47.68 -62.45 49.79
CA HIS M 552 -48.12 -63.38 50.84
C HIS M 552 -48.64 -64.69 50.24
N THR M 553 -47.96 -65.18 49.21
CA THR M 553 -48.30 -66.44 48.56
C THR M 553 -47.08 -67.33 48.56
N LYS M 554 -47.21 -68.52 49.16
CA LYS M 554 -46.09 -69.45 49.31
C LYS M 554 -45.98 -70.45 48.19
N ASP M 555 -46.84 -70.39 47.18
CA ASP M 555 -46.82 -71.36 46.10
C ASP M 555 -45.79 -70.96 45.06
N PRO M 556 -44.73 -71.75 44.84
CA PRO M 556 -43.76 -71.40 43.78
C PRO M 556 -44.37 -71.38 42.39
N GLN M 557 -45.33 -72.25 42.10
CA GLN M 557 -45.99 -72.24 40.80
C GLN M 557 -46.79 -70.94 40.61
N LYS M 558 -47.49 -70.51 41.64
CA LYS M 558 -48.22 -69.25 41.57
C LYS M 558 -47.26 -68.08 41.37
N VAL M 559 -46.11 -68.10 42.06
CA VAL M 559 -45.12 -67.04 41.90
C VAL M 559 -44.59 -67.03 40.47
N LYS M 560 -44.31 -68.20 39.91
CA LYS M 560 -43.78 -68.27 38.55
C LYS M 560 -44.81 -67.78 37.53
N LYS M 561 -46.07 -68.18 37.69
CA LYS M 561 -47.11 -67.71 36.78
C LYS M 561 -47.32 -66.20 36.90
N ILE M 562 -47.28 -65.68 38.13
CA ILE M 562 -47.42 -64.24 38.33
C ILE M 562 -46.25 -63.51 37.71
N ALA M 563 -45.04 -64.08 37.80
CA ALA M 563 -43.86 -63.45 37.19
C ALA M 563 -43.97 -63.46 35.67
N ARG M 564 -44.46 -64.56 35.09
CA ARG M 564 -44.65 -64.60 33.64
C ARG M 564 -45.68 -63.56 33.21
N ASN M 565 -46.76 -63.41 33.97
CA ASN M 565 -47.74 -62.36 33.69
C ASN M 565 -47.13 -60.98 33.85
N MET M 566 -46.24 -60.80 34.84
CA MET M 566 -45.51 -59.55 34.98
C MET M 566 -44.71 -59.25 33.73
N VAL M 567 -44.01 -60.25 33.21
CA VAL M 567 -43.19 -60.04 32.01
C VAL M 567 -44.07 -59.65 30.83
N GLN M 568 -45.18 -60.39 30.63
CA GLN M 568 -46.05 -60.09 29.49
C GLN M 568 -46.67 -58.71 29.62
N LYS M 569 -47.19 -58.37 30.80
CA LYS M 569 -47.81 -57.07 31.00
C LYS M 569 -46.79 -55.95 30.87
N TYR M 570 -45.56 -56.16 31.33
CA TYR M 570 -44.54 -55.13 31.23
C TYR M 570 -44.13 -54.91 29.79
N ILE M 571 -44.00 -55.99 29.01
CA ILE M 571 -43.69 -55.83 27.59
C ILE M 571 -44.82 -55.10 26.89
N GLU M 572 -46.07 -55.48 27.19
CA GLU M 572 -47.21 -54.81 26.60
C GLU M 572 -47.22 -53.33 26.97
N GLY M 573 -46.92 -53.00 28.22
CA GLY M 573 -46.95 -51.62 28.65
C GLY M 573 -45.85 -50.78 28.04
N VAL M 574 -44.64 -51.35 27.92
CA VAL M 574 -43.54 -50.61 27.31
C VAL M 574 -43.83 -50.37 25.84
N SER M 575 -44.35 -51.38 25.14
CA SER M 575 -44.77 -51.18 23.76
C SER M 575 -45.89 -50.14 23.69
N TRP M 576 -46.78 -50.14 24.67
CA TRP M 576 -47.86 -49.15 24.73
C TRP M 576 -47.31 -47.74 24.85
N VAL M 577 -46.34 -47.55 25.74
CA VAL M 577 -45.76 -46.22 25.93
C VAL M 577 -45.02 -45.77 24.68
N LEU M 578 -44.28 -46.69 24.06
CA LEU M 578 -43.54 -46.34 22.85
C LEU M 578 -44.49 -45.95 21.73
N LEU M 579 -45.56 -46.72 21.53
CA LEU M 579 -46.58 -46.35 20.54
C LEU M 579 -47.30 -45.08 20.95
N TYR M 580 -47.45 -44.83 22.24
CA TYR M 580 -48.13 -43.63 22.70
C TYR M 580 -47.32 -42.38 22.39
N TYR M 581 -46.01 -42.47 22.48
CA TYR M 581 -45.17 -41.31 22.22
C TYR M 581 -44.75 -41.19 20.76
N TYR M 582 -44.91 -42.24 19.96
CA TYR M 582 -44.51 -42.17 18.55
C TYR M 582 -45.66 -42.24 17.55
N GLN M 583 -46.84 -42.68 17.97
CA GLN M 583 -47.95 -42.88 17.03
C GLN M 583 -49.28 -42.38 17.58
N GLY M 584 -49.26 -41.49 18.57
CA GLY M 584 -50.49 -41.08 19.23
C GLY M 584 -50.98 -42.14 20.18
N CYS M 585 -52.13 -41.87 20.78
CA CYS M 585 -52.69 -42.78 21.77
C CYS M 585 -53.14 -44.08 21.13
N PRO M 586 -52.62 -45.23 21.54
CA PRO M 586 -53.13 -46.50 21.02
C PRO M 586 -54.23 -47.13 21.87
N SER M 587 -54.42 -46.67 23.10
CA SER M 587 -55.40 -47.27 24.00
C SER M 587 -55.68 -46.30 25.13
N TRP M 588 -56.96 -45.98 25.33
CA TRP M 588 -57.36 -45.11 26.43
C TRP M 588 -57.72 -45.86 27.70
N ASN M 589 -57.76 -47.19 27.65
CA ASN M 589 -58.21 -47.98 28.79
C ASN M 589 -57.12 -48.82 29.44
N TRP M 590 -56.02 -49.10 28.74
CA TRP M 590 -55.00 -49.95 29.34
C TRP M 590 -54.28 -49.22 30.46
N TYR M 591 -53.99 -49.96 31.53
CA TYR M 591 -53.14 -49.48 32.61
C TYR M 591 -52.32 -50.64 33.12
N TYR M 592 -51.20 -50.33 33.77
CA TYR M 592 -50.35 -51.38 34.30
C TYR M 592 -51.02 -52.00 35.51
N PRO M 593 -51.27 -53.31 35.52
CA PRO M 593 -52.11 -53.90 36.57
C PRO M 593 -51.37 -54.30 37.83
N TYR M 594 -50.14 -53.79 38.03
CA TYR M 594 -49.36 -54.14 39.21
C TYR M 594 -48.69 -52.91 39.78
N HIS M 595 -48.22 -53.03 41.02
CA HIS M 595 -47.56 -51.93 41.71
C HIS M 595 -46.04 -51.96 41.57
N TYR M 596 -45.46 -53.02 41.00
CA TYR M 596 -44.02 -53.16 40.95
C TYR M 596 -43.60 -53.69 39.60
N ALA M 597 -42.30 -53.54 39.30
CA ALA M 597 -41.61 -53.99 38.11
C ALA M 597 -40.86 -55.30 38.38
N PRO M 598 -40.79 -56.19 37.40
CA PRO M 598 -40.15 -57.49 37.60
C PRO M 598 -38.64 -57.40 37.39
N PHE M 599 -37.97 -58.51 37.67
CA PHE M 599 -36.53 -58.61 37.45
C PHE M 599 -36.24 -58.99 36.01
N ALA M 600 -35.06 -58.59 35.53
CA ALA M 600 -34.68 -58.88 34.15
C ALA M 600 -34.47 -60.38 33.93
N ALA M 601 -34.11 -61.12 34.99
CA ALA M 601 -33.98 -62.57 34.87
C ALA M 601 -35.30 -63.23 34.54
N ASP M 602 -36.42 -62.59 34.84
CA ASP M 602 -37.73 -63.14 34.49
C ASP M 602 -38.04 -63.00 33.01
N PHE M 603 -37.34 -62.13 32.29
CA PHE M 603 -37.62 -61.88 30.87
C PHE M 603 -36.97 -62.97 30.03
N VAL M 604 -37.70 -64.08 29.88
CA VAL M 604 -37.29 -65.19 29.04
C VAL M 604 -38.47 -65.59 28.16
N ASN M 605 -38.15 -66.13 26.98
CA ASN M 605 -39.14 -66.57 26.00
C ASN M 605 -40.09 -65.42 25.64
N LEU M 606 -39.51 -64.32 25.18
CA LEU M 606 -40.30 -63.13 24.88
C LEU M 606 -41.13 -63.30 23.61
N SER M 607 -40.67 -64.13 22.67
CA SER M 607 -41.40 -64.32 21.42
C SER M 607 -42.74 -65.03 21.65
N GLU M 608 -42.85 -65.81 22.73
CA GLU M 608 -44.08 -66.53 23.00
C GLU M 608 -45.21 -65.58 23.40
N LEU M 609 -44.89 -64.50 24.10
CA LEU M 609 -45.90 -63.59 24.62
C LEU M 609 -46.62 -62.87 23.50
N LYS M 610 -47.88 -62.51 23.77
CA LYS M 610 -48.73 -61.82 22.80
C LYS M 610 -49.05 -60.42 23.29
N ILE M 611 -49.31 -59.52 22.34
CA ILE M 611 -49.55 -58.11 22.62
C ILE M 611 -50.95 -57.77 22.11
N GLU M 612 -51.75 -57.11 22.96
CA GLU M 612 -53.08 -56.67 22.58
C GLU M 612 -53.43 -55.41 23.34
N PHE M 613 -54.36 -54.64 22.78
CA PHE M 613 -54.80 -53.39 23.39
C PHE M 613 -56.26 -53.15 23.06
N VAL M 614 -56.89 -52.31 23.87
CA VAL M 614 -58.27 -51.86 23.63
C VAL M 614 -58.27 -50.35 23.61
N GLU M 615 -58.69 -49.77 22.49
CA GLU M 615 -58.67 -48.31 22.34
C GLU M 615 -59.62 -47.65 23.33
N GLY M 616 -60.91 -47.93 23.22
CA GLY M 616 -61.88 -47.37 24.14
C GLY M 616 -62.14 -45.88 23.90
N THR M 617 -62.69 -45.25 24.92
CA THR M 617 -63.08 -43.84 24.88
C THR M 617 -62.51 -43.12 26.09
N PRO M 618 -62.24 -41.82 25.97
CA PRO M 618 -61.82 -41.05 27.14
C PRO M 618 -62.89 -41.05 28.21
N PHE M 619 -62.45 -41.08 29.47
CA PHE M 619 -63.36 -41.16 30.59
C PHE M 619 -64.12 -39.86 30.79
N ARG M 620 -65.25 -39.96 31.49
CA ARG M 620 -66.06 -38.78 31.77
C ARG M 620 -65.30 -37.85 32.71
N PRO M 621 -65.37 -36.53 32.49
CA PRO M 621 -64.65 -35.61 33.38
C PRO M 621 -65.03 -35.73 34.85
N TYR M 622 -66.31 -35.93 35.18
CA TYR M 622 -66.69 -36.07 36.58
C TYR M 622 -66.29 -37.43 37.13
N GLU M 623 -66.45 -38.49 36.33
CA GLU M 623 -65.97 -39.80 36.74
C GLU M 623 -64.47 -39.77 36.99
N GLN M 624 -63.72 -39.12 36.09
CA GLN M 624 -62.29 -39.01 36.29
C GLN M 624 -61.95 -38.18 37.52
N LEU M 625 -62.70 -37.09 37.74
CA LEU M 625 -62.47 -36.24 38.91
C LEU M 625 -62.65 -37.03 40.19
N MET M 626 -63.74 -37.80 40.29
CA MET M 626 -63.95 -38.58 41.50
C MET M 626 -62.99 -39.75 41.60
N SER M 627 -62.45 -40.22 40.47
CA SER M 627 -61.40 -41.24 40.51
C SER M 627 -60.05 -40.66 40.92
N VAL M 628 -59.86 -39.34 40.80
CA VAL M 628 -58.58 -38.74 41.11
C VAL M 628 -58.63 -37.87 42.37
N LEU M 629 -59.77 -37.33 42.74
CA LEU M 629 -59.84 -36.50 43.94
C LEU M 629 -59.90 -37.38 45.19
N PRO M 630 -59.01 -37.19 46.14
CA PRO M 630 -59.06 -37.94 47.39
C PRO M 630 -60.14 -37.38 48.33
N ALA M 631 -60.29 -38.04 49.47
CA ALA M 631 -61.31 -37.65 50.43
C ALA M 631 -61.02 -36.32 51.10
N ALA M 632 -59.79 -35.83 51.02
CA ALA M 632 -59.40 -34.58 51.68
C ALA M 632 -59.64 -33.35 50.81
N SER M 633 -60.08 -33.53 49.56
CA SER M 633 -60.30 -32.42 48.64
C SER M 633 -61.65 -32.58 47.95
N SER M 634 -62.70 -32.84 48.74
CA SER M 634 -64.03 -33.05 48.19
C SER M 634 -64.69 -31.76 47.71
N HIS M 635 -64.10 -30.60 47.99
CA HIS M 635 -64.72 -29.34 47.58
C HIS M 635 -64.84 -29.23 46.07
N ASN M 636 -63.78 -29.61 45.35
CA ASN M 636 -63.84 -29.58 43.89
C ASN M 636 -64.75 -30.69 43.35
N LEU M 637 -64.81 -31.82 44.04
CA LEU M 637 -65.65 -32.92 43.61
C LEU M 637 -67.13 -32.54 43.75
N PRO M 638 -67.96 -32.89 42.77
CA PRO M 638 -69.38 -32.50 42.84
C PRO M 638 -70.08 -33.11 44.05
N ASP M 639 -71.01 -32.35 44.62
CA ASP M 639 -71.71 -32.80 45.83
C ASP M 639 -72.58 -34.03 45.56
N VAL M 640 -73.02 -34.20 44.31
CA VAL M 640 -73.84 -35.37 43.98
C VAL M 640 -73.03 -36.65 44.13
N PHE M 641 -71.78 -36.65 43.65
CA PHE M 641 -70.92 -37.82 43.75
C PHE M 641 -70.17 -37.91 45.07
N ARG M 642 -70.32 -36.90 45.94
CA ARG M 642 -69.64 -36.94 47.24
C ARG M 642 -70.11 -38.13 48.06
N SER M 643 -71.42 -38.41 48.03
CA SER M 643 -71.93 -39.60 48.71
C SER M 643 -71.36 -40.88 48.12
N LEU M 644 -70.96 -40.84 46.85
CA LEU M 644 -70.30 -41.98 46.22
C LEU M 644 -68.82 -42.05 46.53
N MET M 645 -68.26 -41.03 47.19
CA MET M 645 -66.82 -40.98 47.44
C MET M 645 -66.45 -41.13 48.91
N SER M 646 -67.14 -40.44 49.81
CA SER M 646 -66.76 -40.44 51.22
C SER M 646 -67.77 -41.13 52.13
N ASP M 647 -69.03 -41.23 51.73
CA ASP M 647 -70.03 -41.88 52.57
C ASP M 647 -69.73 -43.37 52.70
N ALA M 648 -69.83 -43.87 53.93
CA ALA M 648 -69.52 -45.27 54.20
C ALA M 648 -70.55 -46.23 53.61
N ASN M 649 -71.74 -45.74 53.26
CA ASN M 649 -72.78 -46.58 52.68
C ASN M 649 -72.67 -46.69 51.17
N SER M 650 -71.69 -46.02 50.56
CA SER M 650 -71.51 -46.11 49.12
C SER M 650 -71.03 -47.51 48.72
N GLU M 651 -71.42 -47.93 47.51
CA GLU M 651 -70.99 -49.21 46.99
C GLU M 651 -69.53 -49.21 46.56
N ILE M 652 -68.90 -48.05 46.50
CA ILE M 652 -67.51 -47.93 46.03
C ILE M 652 -66.69 -47.18 47.06
N ILE M 653 -67.13 -47.23 48.32
CA ILE M 653 -66.40 -46.56 49.39
C ILE M 653 -65.03 -47.19 49.63
N ASP M 654 -64.89 -48.49 49.32
CA ASP M 654 -63.63 -49.19 49.54
C ASP M 654 -62.51 -48.66 48.65
N PHE M 655 -62.84 -47.95 47.57
CA PHE M 655 -61.81 -47.41 46.68
C PHE M 655 -61.06 -46.25 47.30
N TYR M 656 -61.59 -45.63 48.35
CA TYR M 656 -61.00 -44.43 48.94
C TYR M 656 -60.83 -44.62 50.43
N PRO M 657 -59.82 -45.37 50.86
CA PRO M 657 -59.55 -45.49 52.30
C PRO M 657 -58.87 -44.24 52.83
N GLU M 658 -59.25 -43.84 54.04
CA GLU M 658 -58.64 -42.68 54.67
C GLU M 658 -57.15 -42.91 54.95
N GLU M 659 -56.81 -44.11 55.41
CA GLU M 659 -55.43 -44.48 55.67
C GLU M 659 -55.05 -45.63 54.75
N PHE M 660 -53.88 -45.52 54.12
CA PHE M 660 -53.37 -46.51 53.18
C PHE M 660 -51.96 -46.92 53.59
N PRO M 661 -51.56 -48.14 53.28
CA PRO M 661 -50.17 -48.55 53.59
C PRO M 661 -49.17 -47.73 52.80
N LEU M 662 -48.06 -47.39 53.46
CA LEU M 662 -46.95 -46.69 52.83
C LEU M 662 -45.80 -47.66 52.65
N ASP M 663 -45.33 -47.79 51.41
CA ASP M 663 -44.21 -48.68 51.08
C ASP M 663 -43.01 -47.82 50.77
N MET M 664 -41.98 -47.89 51.64
CA MET M 664 -40.76 -47.14 51.40
C MET M 664 -39.94 -47.74 50.26
N ASN M 665 -40.04 -49.06 50.07
CA ASN M 665 -39.32 -49.77 49.00
C ASN M 665 -37.82 -49.53 49.06
N GLY M 666 -37.28 -49.35 50.26
CA GLY M 666 -35.85 -49.11 50.41
C GLY M 666 -35.38 -47.78 49.89
N LYS M 667 -36.26 -46.79 49.78
CA LYS M 667 -35.88 -45.47 49.29
C LYS M 667 -35.29 -44.65 50.44
N LYS M 668 -35.01 -43.38 50.17
CA LYS M 668 -34.46 -42.47 51.15
C LYS M 668 -35.37 -41.32 51.52
N VAL M 669 -36.19 -40.83 50.58
CA VAL M 669 -37.08 -39.70 50.79
C VAL M 669 -38.49 -40.12 50.38
N ILE M 670 -39.49 -39.62 51.12
CA ILE M 670 -40.88 -39.89 50.80
C ILE M 670 -41.31 -39.33 49.46
N TRP M 671 -40.48 -38.50 48.83
CA TRP M 671 -40.80 -37.96 47.52
C TRP M 671 -40.90 -39.07 46.48
N GLN M 672 -40.01 -40.06 46.55
CA GLN M 672 -39.98 -41.17 45.60
C GLN M 672 -40.44 -42.48 46.23
N ALA M 673 -41.33 -42.40 47.21
CA ALA M 673 -41.85 -43.59 47.88
C ALA M 673 -42.86 -44.31 46.98
N ILE M 674 -43.35 -45.45 47.46
CA ILE M 674 -44.32 -46.25 46.73
C ILE M 674 -45.67 -46.09 47.43
N PRO M 675 -46.62 -45.35 46.85
CA PRO M 675 -47.97 -45.22 47.43
C PRO M 675 -48.86 -46.42 47.13
N LEU M 676 -48.72 -47.45 47.97
CA LEU M 676 -49.51 -48.67 47.81
C LEU M 676 -50.99 -48.38 47.98
N LEU M 677 -51.74 -48.47 46.89
CA LEU M 677 -53.17 -48.20 46.87
C LEU M 677 -53.87 -49.25 46.04
N PRO M 678 -55.11 -49.61 46.40
CA PRO M 678 -55.86 -50.58 45.59
C PRO M 678 -56.16 -50.03 44.21
N PHE M 679 -56.15 -50.93 43.23
CA PHE M 679 -56.43 -50.55 41.85
C PHE M 679 -57.94 -50.39 41.65
N ILE M 680 -58.30 -49.41 40.83
CA ILE M 680 -59.70 -49.05 40.63
C ILE M 680 -60.37 -50.08 39.74
N ASP M 681 -61.51 -50.60 40.20
CA ASP M 681 -62.34 -51.51 39.40
C ASP M 681 -63.28 -50.66 38.54
N GLU M 682 -63.09 -50.73 37.22
CA GLU M 682 -63.80 -49.83 36.32
C GLU M 682 -65.30 -50.12 36.27
N ASN M 683 -65.68 -51.40 36.30
CA ASN M 683 -67.07 -51.78 36.06
C ASN M 683 -68.00 -51.20 37.12
N ARG M 684 -67.80 -51.60 38.37
CA ARG M 684 -68.70 -51.14 39.44
C ARG M 684 -68.57 -49.64 39.68
N LEU M 685 -67.38 -49.07 39.49
CA LEU M 685 -67.22 -47.62 39.61
C LEU M 685 -68.07 -46.89 38.59
N LEU M 686 -68.00 -47.33 37.33
CA LEU M 686 -68.80 -46.71 36.28
C LEU M 686 -70.29 -46.90 36.52
N LYS M 687 -70.69 -48.09 36.99
CA LYS M 687 -72.09 -48.31 37.30
C LYS M 687 -72.57 -47.37 38.40
N ALA M 688 -71.76 -47.22 39.45
CA ALA M 688 -72.12 -46.35 40.57
C ALA M 688 -72.22 -44.89 40.13
N VAL M 689 -71.26 -44.42 39.34
CA VAL M 689 -71.30 -43.02 38.93
C VAL M 689 -72.44 -42.76 37.96
N GLN M 690 -72.73 -43.72 37.07
CA GLN M 690 -73.85 -43.55 36.16
C GLN M 690 -75.20 -43.68 36.86
N SER M 691 -75.23 -44.31 38.04
CA SER M 691 -76.47 -44.36 38.82
C SER M 691 -76.90 -42.96 39.24
N LYS M 692 -75.96 -42.12 39.67
CA LYS M 692 -76.26 -40.77 40.15
C LYS M 692 -75.92 -39.70 39.13
N TYR M 693 -75.48 -40.08 37.93
CA TYR M 693 -75.20 -39.10 36.88
C TYR M 693 -76.44 -38.31 36.49
N ASP M 694 -77.63 -38.88 36.67
CA ASP M 694 -78.85 -38.23 36.23
C ASP M 694 -79.27 -37.07 37.12
N GLN M 695 -78.65 -36.89 38.28
CA GLN M 695 -79.01 -35.83 39.21
C GLN M 695 -78.19 -34.56 39.02
N LEU M 696 -77.32 -34.52 38.00
CA LEU M 696 -76.48 -33.36 37.78
C LEU M 696 -77.26 -32.24 37.11
N THR M 697 -76.83 -31.01 37.35
CA THR M 697 -77.45 -29.83 36.75
C THR M 697 -76.94 -29.64 35.31
N GLU M 698 -77.58 -28.71 34.61
CA GLU M 698 -77.21 -28.45 33.22
C GLU M 698 -75.78 -27.90 33.12
N ASP M 699 -75.41 -27.00 34.04
CA ASP M 699 -74.05 -26.48 34.05
C ASP M 699 -73.04 -27.57 34.37
N GLU M 700 -73.38 -28.44 35.32
CA GLU M 700 -72.49 -29.56 35.64
C GLU M 700 -72.35 -30.52 34.47
N LYS M 701 -73.46 -30.80 33.78
CA LYS M 701 -73.39 -31.68 32.61
C LYS M 701 -72.57 -31.05 31.49
N PHE M 702 -72.69 -29.73 31.29
CA PHE M 702 -71.84 -29.06 30.32
C PHE M 702 -70.37 -29.14 30.71
N ARG M 703 -70.08 -28.97 32.01
CA ARG M 703 -68.70 -29.13 32.48
C ARG M 703 -68.25 -30.58 32.50
N ASN M 704 -69.16 -31.53 32.29
CA ASN M 704 -68.84 -32.94 32.20
C ASN M 704 -68.83 -33.45 30.76
N THR M 705 -68.85 -32.53 29.78
CA THR M 705 -68.88 -32.89 28.37
C THR M 705 -67.60 -32.41 27.69
N ASN M 706 -66.89 -33.34 27.06
CA ASN M 706 -65.69 -32.99 26.32
C ASN M 706 -66.07 -32.31 25.00
N ARG M 707 -65.14 -31.50 24.48
CA ARG M 707 -65.40 -30.71 23.28
C ARG M 707 -64.23 -30.78 22.33
N SER M 708 -64.23 -29.94 21.29
CA SER M 708 -63.22 -29.95 20.25
C SER M 708 -62.26 -28.77 20.43
N GLU M 709 -61.24 -28.75 19.58
CA GLU M 709 -60.24 -27.70 19.61
C GLU M 709 -60.85 -26.37 19.17
N ILE M 710 -60.30 -25.27 19.67
CA ILE M 710 -60.70 -23.93 19.24
C ILE M 710 -59.51 -23.29 18.56
N LEU M 711 -59.75 -22.59 17.46
CA LEU M 711 -58.73 -21.78 16.81
C LEU M 711 -59.19 -20.34 16.80
N VAL M 712 -58.30 -19.44 17.23
CA VAL M 712 -58.59 -18.00 17.24
C VAL M 712 -57.59 -17.31 16.34
N LEU M 713 -58.11 -16.46 15.46
CA LEU M 713 -57.39 -15.86 14.35
C LEU M 713 -57.67 -14.37 14.30
N GLY M 714 -56.68 -13.60 13.86
CA GLY M 714 -56.83 -12.17 13.79
C GLY M 714 -57.58 -11.71 12.54
N ARG M 715 -58.21 -10.54 12.68
CA ARG M 715 -58.91 -9.95 11.54
C ARG M 715 -57.95 -9.59 10.41
N SER M 716 -56.80 -9.04 10.76
CA SER M 716 -55.81 -8.62 9.78
C SER M 716 -55.03 -9.77 9.19
N HIS M 717 -55.30 -11.01 9.61
CA HIS M 717 -54.55 -12.15 9.11
C HIS M 717 -54.94 -12.46 7.67
N SER M 718 -54.01 -13.08 6.94
CA SER M 718 -54.24 -13.37 5.53
C SER M 718 -55.28 -14.46 5.32
N HIS M 719 -55.34 -15.43 6.22
CA HIS M 719 -56.28 -16.54 6.10
C HIS M 719 -57.68 -16.16 6.54
N TYR M 720 -57.86 -15.03 7.22
CA TYR M 720 -59.18 -14.62 7.67
C TYR M 720 -60.15 -14.33 6.53
N PRO M 721 -59.81 -13.54 5.50
CA PRO M 721 -60.79 -13.31 4.43
C PRO M 721 -61.20 -14.56 3.69
N THR M 722 -60.29 -15.52 3.50
CA THR M 722 -60.66 -16.76 2.81
C THR M 722 -61.66 -17.56 3.64
N LEU M 723 -61.40 -17.69 4.95
CA LEU M 723 -62.33 -18.40 5.82
C LEU M 723 -63.69 -17.70 5.86
N VAL M 724 -63.69 -16.38 5.88
CA VAL M 724 -64.95 -15.64 5.81
C VAL M 724 -65.68 -15.98 4.51
N LYS M 725 -65.01 -15.78 3.37
CA LYS M 725 -65.61 -15.98 2.07
C LYS M 725 -66.16 -17.38 1.89
N GLU M 726 -65.53 -18.38 2.51
CA GLU M 726 -66.08 -19.73 2.43
C GLU M 726 -67.21 -19.94 3.43
N LEU M 727 -66.90 -19.87 4.73
CA LEU M 727 -67.85 -20.31 5.75
C LEU M 727 -69.05 -19.38 5.84
N TYR M 728 -68.83 -18.07 5.93
CA TYR M 728 -69.93 -17.15 6.21
C TYR M 728 -70.59 -16.62 4.95
N GLU M 729 -70.12 -17.02 3.78
CA GLU M 729 -70.74 -16.62 2.52
C GLU M 729 -71.29 -17.80 1.74
N GLU M 730 -70.49 -18.83 1.50
CA GLU M 730 -70.94 -19.99 0.74
C GLU M 730 -71.71 -20.98 1.58
N GLY M 731 -71.76 -20.80 2.90
CA GLY M 731 -72.52 -21.69 3.76
C GLY M 731 -71.91 -23.04 4.01
N LYS M 732 -70.65 -23.26 3.62
CA LYS M 732 -70.01 -24.54 3.81
C LYS M 732 -69.81 -24.82 5.29
N ASP M 733 -70.22 -26.01 5.74
CA ASP M 733 -70.10 -26.36 7.15
C ASP M 733 -68.68 -26.72 7.54
N SER M 734 -67.92 -27.33 6.64
CA SER M 734 -66.57 -27.77 6.94
C SER M 734 -65.62 -27.34 5.82
N TYR M 735 -64.36 -27.13 6.20
CA TYR M 735 -63.32 -26.76 5.25
C TYR M 735 -62.03 -27.50 5.61
N GLU M 736 -61.21 -27.76 4.60
CA GLU M 736 -59.95 -28.46 4.78
C GLU M 736 -58.78 -27.50 4.61
N PHE M 737 -57.86 -27.52 5.57
CA PHE M 737 -56.68 -26.65 5.51
C PHE M 737 -55.58 -27.22 4.63
N GLN M 738 -55.02 -28.37 5.03
CA GLN M 738 -53.66 -28.75 4.64
C GLN M 738 -52.70 -27.62 5.05
N VAL M 739 -51.57 -27.50 4.36
CA VAL M 739 -50.63 -26.46 4.71
C VAL M 739 -51.23 -25.09 4.38
N ASP M 740 -50.85 -24.08 5.15
CA ASP M 740 -51.22 -22.70 4.88
C ASP M 740 -49.99 -21.83 5.12
N SER M 741 -50.18 -20.52 5.11
CA SER M 741 -49.08 -19.61 5.39
C SER M 741 -48.60 -19.72 6.83
N SER M 742 -49.47 -20.17 7.73
CA SER M 742 -49.14 -20.25 9.14
C SER M 742 -48.65 -21.62 9.59
N GLY M 743 -48.67 -22.61 8.71
CA GLY M 743 -48.25 -23.95 9.07
C GLY M 743 -49.30 -24.78 9.76
N VAL M 744 -50.48 -24.23 10.02
CA VAL M 744 -51.55 -25.01 10.63
C VAL M 744 -52.22 -25.86 9.57
N SER M 745 -52.77 -27.00 9.99
CA SER M 745 -53.47 -27.89 9.08
C SER M 745 -54.53 -28.64 9.87
N GLY M 746 -55.71 -28.78 9.27
CA GLY M 746 -56.78 -29.50 9.92
C GLY M 746 -58.12 -29.21 9.27
N VAL M 747 -59.18 -29.49 10.03
CA VAL M 747 -60.56 -29.34 9.58
C VAL M 747 -61.16 -28.15 10.32
N ALA M 748 -61.76 -27.23 9.56
CA ALA M 748 -62.37 -26.02 10.10
C ALA M 748 -63.88 -26.16 10.07
N ILE M 749 -64.51 -25.88 11.22
CA ILE M 749 -65.95 -25.90 11.36
C ILE M 749 -66.40 -24.49 11.75
N LYS M 750 -67.39 -23.97 11.04
CA LYS M 750 -67.98 -22.69 11.40
C LYS M 750 -68.67 -22.79 12.76
N LEU M 751 -68.39 -21.84 13.63
CA LEU M 751 -68.91 -21.85 14.99
C LEU M 751 -70.18 -21.01 15.07
N GLN M 752 -71.30 -21.67 15.37
CA GLN M 752 -72.57 -20.97 15.47
C GLN M 752 -72.69 -20.18 16.76
N SER M 753 -72.11 -20.67 17.85
CA SER M 753 -72.15 -19.95 19.11
C SER M 753 -71.39 -18.63 19.03
N PHE M 754 -70.37 -18.56 18.19
CA PHE M 754 -69.65 -17.31 17.98
C PHE M 754 -70.54 -16.30 17.28
N ASP M 755 -70.59 -15.08 17.81
CA ASP M 755 -71.40 -14.02 17.24
C ASP M 755 -70.48 -13.08 16.46
N ARG M 756 -70.75 -12.91 15.17
CA ARG M 756 -69.94 -12.03 14.35
C ARG M 756 -70.06 -10.57 14.79
N SER M 757 -71.26 -10.14 15.13
CA SER M 757 -71.51 -8.77 15.54
C SER M 757 -71.47 -8.57 17.06
N GLY M 758 -71.15 -9.62 17.82
CA GLY M 758 -71.13 -9.53 19.26
C GLY M 758 -69.88 -8.82 19.78
N VAL M 759 -69.87 -8.65 21.11
CA VAL M 759 -68.76 -8.02 21.80
C VAL M 759 -68.26 -8.97 22.87
N LEU M 760 -66.96 -9.22 22.90
CA LEU M 760 -66.35 -10.11 23.88
C LEU M 760 -65.84 -9.29 25.05
N ARG M 761 -66.25 -9.66 26.26
CA ARG M 761 -65.92 -8.93 27.47
C ARG M 761 -65.04 -9.78 28.38
N LEU M 762 -64.20 -9.12 29.15
CA LEU M 762 -63.28 -9.80 30.05
C LEU M 762 -64.04 -10.51 31.16
N PRO M 763 -63.87 -11.82 31.33
CA PRO M 763 -64.51 -12.52 32.45
C PRO M 763 -63.84 -12.33 33.80
N VAL M 764 -62.93 -11.36 33.91
CA VAL M 764 -62.17 -11.12 35.13
C VAL M 764 -62.41 -9.68 35.56
N LYS M 765 -62.73 -9.49 36.83
CA LYS M 765 -62.88 -8.15 37.40
C LYS M 765 -61.52 -7.46 37.37
N GLN M 766 -61.41 -6.40 36.57
CA GLN M 766 -60.14 -5.73 36.38
C GLN M 766 -59.69 -5.05 37.66
N LEU M 767 -58.39 -5.14 37.93
CA LEU M 767 -57.78 -4.52 39.10
C LEU M 767 -56.84 -3.41 38.65
N GLU M 768 -56.86 -2.29 39.37
CA GLU M 768 -56.09 -1.11 38.97
C GLU M 768 -54.60 -1.39 39.02
N GLY M 769 -53.87 -0.78 38.08
CA GLY M 769 -52.44 -0.96 37.99
C GLY M 769 -51.99 -2.20 37.25
N TYR M 770 -52.93 -2.95 36.65
CA TYR M 770 -52.62 -4.18 35.94
C TYR M 770 -52.93 -4.09 34.46
N ARG M 771 -52.79 -2.89 33.88
CA ARG M 771 -52.98 -2.67 32.44
C ARG M 771 -54.40 -3.07 32.02
N HIS M 772 -55.35 -2.26 32.50
CA HIS M 772 -56.78 -2.47 32.28
C HIS M 772 -57.10 -2.92 30.87
N TYR M 773 -57.92 -3.97 30.77
CA TYR M 773 -58.25 -4.58 29.49
C TYR M 773 -59.56 -4.01 28.98
N PRO M 774 -59.56 -3.22 27.91
CA PRO M 774 -60.82 -2.71 27.36
C PRO M 774 -61.58 -3.80 26.63
N ASP M 775 -62.91 -3.66 26.64
CA ASP M 775 -63.75 -4.58 25.90
C ASP M 775 -63.57 -4.38 24.40
N ILE M 776 -63.50 -5.49 23.66
CA ILE M 776 -63.29 -5.46 22.22
C ILE M 776 -64.36 -6.30 21.55
N SER M 777 -65.00 -5.73 20.54
CA SER M 777 -66.06 -6.43 19.82
C SER M 777 -65.49 -7.60 19.03
N ASN M 778 -66.37 -8.56 18.72
CA ASN M 778 -65.97 -9.73 17.96
C ASN M 778 -65.68 -9.41 16.50
N ARG M 779 -65.99 -8.19 16.05
CA ARG M 779 -65.75 -7.81 14.66
C ARG M 779 -64.26 -7.79 14.31
N ASP M 780 -63.38 -7.74 15.31
CA ASP M 780 -61.96 -7.54 15.07
C ASP M 780 -61.15 -8.83 15.13
N PHE M 781 -61.81 -9.99 15.15
CA PHE M 781 -61.11 -11.27 15.10
C PHE M 781 -62.11 -12.33 14.68
N LEU M 782 -61.65 -13.59 14.65
CA LEU M 782 -62.50 -14.69 14.23
C LEU M 782 -62.12 -15.94 15.03
N MET M 783 -63.10 -16.84 15.18
CA MET M 783 -62.91 -18.07 15.92
C MET M 783 -63.59 -19.21 15.18
N VAL M 784 -62.92 -20.35 15.10
CA VAL M 784 -63.45 -21.52 14.41
C VAL M 784 -63.21 -22.77 15.24
N GLU M 785 -64.00 -23.80 14.97
CA GLU M 785 -63.77 -25.12 15.57
C GLU M 785 -62.71 -25.87 14.77
N PHE M 786 -61.77 -26.47 15.47
CA PHE M 786 -60.58 -27.02 14.85
C PHE M 786 -60.50 -28.53 15.05
N LYS M 787 -60.07 -29.22 14.00
CA LYS M 787 -59.76 -30.64 14.06
C LYS M 787 -58.43 -30.87 13.34
N GLN M 788 -57.83 -32.01 13.61
CA GLN M 788 -56.56 -32.37 12.99
C GLN M 788 -56.82 -33.31 11.81
N LEU M 789 -55.73 -33.68 11.13
CA LEU M 789 -55.80 -34.69 10.10
C LEU M 789 -56.02 -36.06 10.74
N PRO M 790 -56.55 -37.02 9.99
CA PRO M 790 -56.81 -38.35 10.56
C PRO M 790 -55.53 -39.01 11.04
N LYS M 791 -55.68 -39.82 12.09
CA LYS M 791 -54.55 -40.53 12.68
C LYS M 791 -53.92 -41.48 11.68
N SER M 792 -52.59 -41.55 11.68
CA SER M 792 -51.85 -42.37 10.74
C SER M 792 -50.61 -42.94 11.43
N HIS M 793 -50.06 -43.97 10.81
CA HIS M 793 -48.85 -44.63 11.32
C HIS M 793 -47.63 -43.83 10.86
N ALA M 794 -47.04 -43.07 11.78
CA ALA M 794 -45.97 -42.15 11.46
C ALA M 794 -44.62 -42.79 11.76
N LYS M 795 -43.75 -42.85 10.76
CA LYS M 795 -42.44 -43.45 10.91
C LYS M 795 -41.54 -42.57 11.77
N SER M 796 -40.46 -43.17 12.27
CA SER M 796 -39.48 -42.47 13.10
C SER M 796 -38.21 -42.33 12.26
N MET M 797 -38.16 -41.28 11.44
CA MET M 797 -37.02 -41.02 10.58
C MET M 797 -37.09 -39.58 10.10
N ILE M 798 -35.92 -39.02 9.76
CA ILE M 798 -35.85 -37.62 9.40
C ILE M 798 -36.50 -37.40 8.05
N LEU M 799 -37.17 -36.27 7.89
CA LEU M 799 -37.84 -35.97 6.64
C LEU M 799 -36.84 -35.45 5.62
N SER M 800 -37.24 -35.52 4.34
CA SER M 800 -36.41 -35.01 3.27
C SER M 800 -36.33 -33.49 3.34
N GLY M 801 -35.22 -32.94 2.86
CA GLY M 801 -35.00 -31.51 2.89
C GLY M 801 -34.59 -30.97 4.24
N LEU M 802 -34.23 -31.83 5.19
CA LEU M 802 -33.83 -31.40 6.52
C LEU M 802 -32.42 -30.83 6.47
N ILE M 803 -32.28 -29.55 6.79
CA ILE M 803 -30.99 -28.86 6.77
C ILE M 803 -30.41 -28.91 8.18
N PRO M 804 -29.24 -29.52 8.37
CA PRO M 804 -28.64 -29.55 9.71
C PRO M 804 -28.08 -28.20 10.09
N HIS M 805 -27.80 -28.04 11.38
CA HIS M 805 -27.24 -26.82 11.91
C HIS M 805 -25.71 -26.88 11.87
N LEU M 806 -25.07 -25.88 12.45
CA LEU M 806 -23.61 -25.84 12.49
C LEU M 806 -23.12 -26.59 13.72
N ARG M 807 -22.13 -27.47 13.52
CA ARG M 807 -21.67 -28.34 14.60
C ARG M 807 -21.00 -27.53 15.70
N ARG M 808 -21.48 -27.70 16.93
CA ARG M 808 -20.91 -27.02 18.08
C ARG M 808 -19.59 -27.63 18.54
N LEU M 809 -19.46 -28.95 18.48
CA LEU M 809 -18.26 -29.63 18.94
C LEU M 809 -17.11 -29.38 17.97
N THR M 810 -15.92 -29.11 18.52
CA THR M 810 -14.70 -29.00 17.71
C THR M 810 -13.64 -29.92 18.31
N GLN M 811 -13.73 -31.21 17.98
CA GLN M 811 -12.66 -32.19 18.17
C GLN M 811 -12.21 -32.36 19.62
N GLU M 812 -12.85 -31.67 20.56
CA GLU M 812 -12.49 -31.76 21.97
C GLU M 812 -13.45 -32.65 22.74
N ASP M 813 -14.74 -32.32 22.70
CA ASP M 813 -15.74 -33.15 23.35
C ASP M 813 -15.80 -34.53 22.70
N LYS M 814 -15.58 -34.60 21.39
CA LYS M 814 -15.57 -35.89 20.70
C LYS M 814 -14.49 -36.80 21.25
N ASP M 815 -13.30 -36.26 21.49
CA ASP M 815 -12.22 -37.07 22.07
C ASP M 815 -12.49 -37.37 23.54
N SER M 816 -13.03 -36.41 24.28
CA SER M 816 -13.20 -36.60 25.72
C SER M 816 -14.27 -37.64 26.01
N ILE M 817 -15.34 -37.69 25.22
CA ILE M 817 -16.41 -38.64 25.49
C ILE M 817 -15.94 -40.07 25.21
N LEU M 818 -15.12 -40.25 24.18
CA LEU M 818 -14.61 -41.59 23.87
C LEU M 818 -13.51 -42.02 24.82
N TYR M 819 -12.65 -41.09 25.21
CA TYR M 819 -11.48 -41.39 26.04
C TYR M 819 -11.62 -40.65 27.37
N GLY M 820 -11.86 -41.41 28.43
CA GLY M 820 -12.00 -40.83 29.76
C GLY M 820 -10.71 -40.33 30.35
N ASP M 837 -23.30 -15.84 24.18
CA ASP M 837 -24.44 -15.84 23.27
C ASP M 837 -24.56 -17.15 22.47
N PHE M 838 -23.73 -17.32 21.44
CA PHE M 838 -23.63 -18.56 20.68
C PHE M 838 -24.97 -18.98 20.11
N LYS M 839 -25.65 -18.04 19.46
CA LYS M 839 -26.97 -18.28 18.90
C LYS M 839 -26.94 -18.76 17.46
N GLN M 840 -25.75 -18.96 16.88
CA GLN M 840 -25.65 -19.40 15.51
C GLN M 840 -25.79 -20.91 15.36
N TYR M 841 -25.89 -21.64 16.47
CA TYR M 841 -26.04 -23.09 16.44
C TYR M 841 -27.48 -23.54 16.57
N ILE M 842 -28.43 -22.69 16.16
CA ILE M 842 -29.85 -22.94 16.33
C ILE M 842 -30.53 -23.19 14.99
N GLY M 843 -30.36 -22.27 14.04
CA GLY M 843 -31.04 -22.37 12.77
C GLY M 843 -30.33 -23.31 11.82
N PRO M 844 -30.93 -23.48 10.65
CA PRO M 844 -30.35 -24.35 9.61
C PRO M 844 -29.17 -23.71 8.89
N HIS M 845 -27.99 -23.85 9.49
CA HIS M 845 -26.78 -23.34 8.86
C HIS M 845 -26.53 -24.08 7.55
N GLY M 846 -26.26 -23.31 6.50
CA GLY M 846 -26.15 -23.87 5.17
C GLY M 846 -27.52 -24.05 4.52
N LYS M 847 -27.48 -24.39 3.23
CA LYS M 847 -28.70 -24.59 2.47
C LYS M 847 -28.88 -26.01 1.95
N SER M 848 -27.83 -26.83 1.97
CA SER M 848 -27.93 -28.21 1.50
C SER M 848 -28.30 -29.13 2.67
N GLN M 849 -29.20 -30.08 2.39
CA GLN M 849 -29.57 -31.05 3.40
C GLN M 849 -28.46 -32.07 3.66
N TYR M 850 -27.51 -32.18 2.76
CA TYR M 850 -26.35 -33.05 2.91
C TYR M 850 -25.10 -32.22 3.15
N LEU M 851 -24.03 -32.89 3.54
CA LEU M 851 -22.77 -32.22 3.79
C LEU M 851 -21.66 -32.77 2.90
N PRO M 852 -20.79 -31.92 2.39
CA PRO M 852 -19.71 -32.40 1.51
C PRO M 852 -18.72 -33.26 2.27
N ARG M 853 -18.17 -34.25 1.56
CA ARG M 853 -17.21 -35.17 2.16
C ARG M 853 -16.48 -35.91 1.05
N GLN M 854 -15.37 -36.55 1.42
CA GLN M 854 -14.63 -37.50 0.58
C GLN M 854 -14.26 -36.93 -0.79
N GLY M 855 -15.02 -37.28 -1.81
CA GLY M 855 -14.66 -36.93 -3.17
C GLY M 855 -15.78 -36.28 -3.96
N GLY M 856 -16.66 -35.57 -3.27
CA GLY M 856 -17.71 -34.83 -3.95
C GLY M 856 -17.18 -33.57 -4.59
N TYR M 857 -18.03 -32.98 -5.44
CA TYR M 857 -17.68 -31.71 -6.08
C TYR M 857 -17.49 -30.61 -5.05
N LYS M 858 -18.48 -30.43 -4.17
CA LYS M 858 -18.38 -29.41 -3.14
C LYS M 858 -17.22 -29.70 -2.19
N ALA M 859 -17.05 -30.96 -1.81
CA ALA M 859 -15.96 -31.32 -0.89
C ALA M 859 -14.60 -31.04 -1.51
N PHE M 860 -14.42 -31.42 -2.77
CA PHE M 860 -13.11 -31.20 -3.40
C PHE M 860 -12.86 -29.72 -3.63
N ILE M 861 -13.90 -28.95 -3.94
CA ILE M 861 -13.74 -27.51 -4.10
C ILE M 861 -13.36 -26.88 -2.76
N GLN M 862 -14.02 -27.28 -1.68
CA GLN M 862 -13.77 -26.67 -0.38
C GLN M 862 -12.40 -27.04 0.16
N ILE M 863 -12.00 -28.31 0.05
CA ILE M 863 -10.73 -28.75 0.62
C ILE M 863 -9.57 -28.08 -0.10
N HIS M 864 -9.59 -28.09 -1.42
CA HIS M 864 -8.56 -27.42 -2.23
C HIS M 864 -9.01 -27.27 -3.67
N MET N 4 -35.68 -35.92 -57.47
CA MET N 4 -34.45 -35.99 -56.70
C MET N 4 -34.72 -35.74 -55.22
N SER N 5 -34.06 -36.51 -54.36
CA SER N 5 -34.23 -36.34 -52.92
C SER N 5 -33.67 -34.99 -52.47
N LYS N 6 -34.34 -34.37 -51.51
CA LYS N 6 -33.95 -33.07 -50.99
C LYS N 6 -33.20 -33.24 -49.67
N GLU N 7 -32.02 -32.62 -49.59
CA GLU N 7 -31.18 -32.71 -48.41
C GLU N 7 -30.84 -31.31 -47.93
N LYS N 8 -30.91 -31.11 -46.62
CA LYS N 8 -30.64 -29.81 -46.00
C LYS N 8 -29.48 -29.94 -45.03
N ILE N 9 -28.61 -28.94 -45.00
CA ILE N 9 -27.44 -28.92 -44.13
C ILE N 9 -27.53 -27.70 -43.23
N LEU N 10 -27.45 -27.92 -41.93
CA LEU N 10 -27.49 -26.84 -40.94
C LEU N 10 -26.14 -26.76 -40.24
N PRO N 11 -25.46 -25.62 -40.29
CA PRO N 11 -24.17 -25.50 -39.60
C PRO N 11 -24.31 -25.71 -38.09
N LEU N 12 -23.29 -26.32 -37.50
CA LEU N 12 -23.31 -26.60 -36.07
C LEU N 12 -23.26 -25.32 -35.24
N ALA N 13 -22.72 -24.24 -35.80
CA ALA N 13 -22.61 -22.97 -35.09
C ALA N 13 -23.91 -22.18 -35.05
N ALA N 14 -25.03 -22.80 -35.42
CA ALA N 14 -26.31 -22.09 -35.39
C ALA N 14 -26.74 -21.82 -33.96
N ARG N 15 -27.09 -20.57 -33.68
CA ARG N 15 -27.52 -20.16 -32.34
C ARG N 15 -28.76 -19.28 -32.47
N SER N 16 -29.79 -19.61 -31.68
CA SER N 16 -31.01 -18.80 -31.70
C SER N 16 -30.78 -17.48 -30.97
N LYS N 17 -31.24 -16.40 -31.60
CA LYS N 17 -31.06 -15.07 -31.00
C LYS N 17 -32.00 -14.87 -29.83
N LYS N 18 -33.25 -15.32 -29.95
CA LYS N 18 -34.31 -15.01 -29.00
C LYS N 18 -34.97 -16.28 -28.49
N ALA N 19 -34.15 -17.25 -28.07
CA ALA N 19 -34.66 -18.52 -27.54
C ALA N 19 -35.07 -18.36 -26.07
N MET N 20 -36.03 -17.47 -25.84
CA MET N 20 -36.57 -17.27 -24.51
C MET N 20 -37.53 -18.39 -24.17
N LEU N 21 -37.53 -18.81 -22.90
CA LEU N 21 -38.31 -19.96 -22.46
C LEU N 21 -39.55 -19.47 -21.72
N ARG N 22 -40.72 -19.75 -22.31
CA ARG N 22 -41.96 -19.65 -21.56
C ARG N 22 -41.96 -20.71 -20.47
N GLN N 23 -42.49 -20.35 -19.30
CA GLN N 23 -42.52 -21.30 -18.19
C GLN N 23 -43.38 -22.50 -18.57
N PRO N 24 -42.86 -23.71 -18.51
CA PRO N 24 -43.62 -24.87 -18.96
C PRO N 24 -44.67 -25.28 -17.94
N LYS N 25 -45.79 -25.79 -18.45
CA LYS N 25 -46.91 -26.21 -17.62
C LYS N 25 -47.27 -27.66 -17.95
N GLN N 26 -47.42 -28.48 -16.92
CA GLN N 26 -47.78 -29.88 -17.12
C GLN N 26 -49.25 -29.95 -17.51
N VAL N 27 -49.52 -30.29 -18.77
CA VAL N 27 -50.90 -30.36 -19.24
C VAL N 27 -51.47 -31.78 -19.15
N ALA N 28 -50.61 -32.79 -19.03
CA ALA N 28 -51.06 -34.17 -18.90
C ALA N 28 -49.97 -34.98 -18.24
N TYR N 29 -50.34 -36.17 -17.77
CA TYR N 29 -49.42 -37.08 -17.11
C TYR N 29 -49.79 -38.51 -17.47
N PHE N 30 -48.78 -39.38 -17.47
CA PHE N 30 -48.98 -40.76 -17.87
C PHE N 30 -48.05 -41.66 -17.06
N SER N 31 -48.38 -42.95 -17.03
CA SER N 31 -47.60 -43.95 -16.30
C SER N 31 -47.54 -45.21 -17.16
N ARG N 32 -46.40 -45.41 -17.83
CA ARG N 32 -46.23 -46.60 -18.64
C ARG N 32 -46.11 -47.84 -17.76
N ASP N 33 -46.86 -48.88 -18.09
CA ASP N 33 -46.85 -50.11 -17.30
C ASP N 33 -45.80 -51.07 -17.84
N LEU N 34 -45.82 -52.31 -17.35
CA LEU N 34 -44.88 -53.32 -17.82
C LEU N 34 -45.18 -53.78 -19.23
N ASN N 35 -46.43 -53.63 -19.70
CA ASN N 35 -46.83 -54.08 -21.02
C ASN N 35 -46.90 -52.94 -22.02
N TYR N 36 -46.17 -51.85 -21.76
CA TYR N 36 -46.07 -50.69 -22.64
C TYR N 36 -47.43 -50.01 -22.88
N LYS N 37 -48.40 -50.24 -22.00
CA LYS N 37 -49.69 -49.58 -22.11
C LYS N 37 -49.70 -48.32 -21.25
N THR N 38 -50.32 -47.28 -21.77
CA THR N 38 -50.31 -45.96 -21.15
C THR N 38 -51.66 -45.66 -20.53
N HIS N 39 -51.65 -45.26 -19.27
CA HIS N 39 -52.85 -44.82 -18.57
C HIS N 39 -52.64 -43.42 -18.02
N PRO N 40 -53.59 -42.51 -18.20
CA PRO N 40 -53.42 -41.15 -17.67
C PRO N 40 -53.64 -41.08 -16.17
N ASP N 41 -52.67 -41.59 -15.42
CA ASP N 41 -52.71 -41.56 -13.96
C ASP N 41 -51.29 -41.38 -13.44
N ARG N 42 -51.19 -41.18 -12.13
CA ARG N 42 -49.90 -41.01 -11.46
C ARG N 42 -49.57 -42.23 -10.60
N SER N 43 -49.91 -43.42 -11.09
CA SER N 43 -49.65 -44.64 -10.33
C SER N 43 -48.15 -44.90 -10.22
N ASN N 44 -47.40 -44.62 -11.28
CA ASN N 44 -45.97 -44.90 -11.31
C ASN N 44 -45.12 -43.73 -10.84
N LEU N 45 -45.72 -42.63 -10.42
CA LEU N 45 -44.96 -41.49 -9.92
C LEU N 45 -44.34 -41.85 -8.57
N SER N 46 -43.05 -41.52 -8.42
CA SER N 46 -42.32 -41.81 -7.21
C SER N 46 -42.16 -40.56 -6.36
N TYR N 47 -41.75 -40.76 -5.12
CA TYR N 47 -41.55 -39.68 -4.16
C TYR N 47 -40.14 -39.80 -3.60
N TYR N 48 -39.38 -38.70 -3.66
CA TYR N 48 -37.99 -38.74 -3.25
C TYR N 48 -37.86 -38.86 -1.75
N TYR N 49 -36.88 -39.67 -1.32
CA TYR N 49 -36.53 -39.77 0.09
C TYR N 49 -35.15 -40.39 0.21
N LEU N 50 -34.20 -39.64 0.79
CA LEU N 50 -32.86 -40.15 1.03
C LEU N 50 -32.25 -39.36 2.18
N PRO N 51 -32.24 -39.92 3.38
CA PRO N 51 -31.61 -39.23 4.51
C PRO N 51 -30.10 -39.17 4.35
N ASP N 52 -29.51 -38.21 5.07
CA ASP N 52 -28.05 -38.04 5.03
C ASP N 52 -27.33 -39.26 5.59
N GLY N 53 -27.85 -39.83 6.68
CA GLY N 53 -27.16 -40.92 7.36
C GLY N 53 -27.13 -42.20 6.57
N ASP N 54 -27.95 -42.33 5.54
CA ASP N 54 -27.96 -43.56 4.74
C ASP N 54 -26.65 -43.75 4.00
N ILE N 55 -25.96 -42.64 3.69
CA ILE N 55 -24.68 -42.72 2.98
C ILE N 55 -23.65 -43.48 3.80
N ASP N 56 -23.69 -43.30 5.12
CA ASP N 56 -22.70 -43.89 6.02
C ASP N 56 -22.74 -45.42 6.04
N ASN N 57 -23.81 -46.03 5.55
CA ASN N 57 -23.92 -47.49 5.54
C ASN N 57 -23.01 -48.14 4.51
N SER N 58 -22.37 -47.37 3.64
CA SER N 58 -21.48 -47.89 2.60
C SER N 58 -22.20 -48.90 1.72
N ILE N 59 -23.41 -48.54 1.28
CA ILE N 59 -24.24 -49.46 0.53
C ILE N 59 -23.66 -49.67 -0.86
N ASP N 60 -23.46 -50.93 -1.22
CA ASP N 60 -22.98 -51.28 -2.56
C ASP N 60 -24.12 -51.16 -3.56
N LEU N 61 -23.78 -50.71 -4.76
CA LEU N 61 -24.76 -50.54 -5.83
C LEU N 61 -24.69 -51.66 -6.87
N SER N 62 -24.36 -52.87 -6.43
CA SER N 62 -24.29 -54.02 -7.33
C SER N 62 -25.07 -55.22 -6.81
N VAL N 63 -25.96 -55.03 -5.84
CA VAL N 63 -26.72 -56.13 -5.27
C VAL N 63 -27.89 -56.44 -6.20
N GLY N 64 -27.85 -57.59 -6.85
CA GLY N 64 -28.92 -58.01 -7.72
C GLY N 64 -28.73 -57.69 -9.19
N SER N 65 -27.51 -57.37 -9.62
CA SER N 65 -27.27 -57.06 -11.02
C SER N 65 -27.45 -58.26 -11.93
N LYS N 66 -27.37 -59.48 -11.38
CA LYS N 66 -27.47 -60.67 -12.22
C LYS N 66 -28.88 -60.91 -12.73
N HIS N 67 -29.90 -60.35 -12.10
CA HIS N 67 -31.28 -60.49 -12.52
C HIS N 67 -31.88 -59.15 -12.92
N PHE N 68 -31.07 -58.31 -13.55
CA PHE N 68 -31.56 -57.03 -14.04
C PHE N 68 -32.44 -57.22 -15.26
N LEU N 69 -33.46 -56.37 -15.39
CA LEU N 69 -34.40 -56.43 -16.49
C LEU N 69 -34.22 -55.21 -17.39
N LEU N 70 -34.39 -55.42 -18.70
CA LEU N 70 -34.30 -54.36 -19.68
C LEU N 70 -35.46 -54.46 -20.64
N GLY N 71 -36.16 -53.35 -20.83
CA GLY N 71 -37.27 -53.30 -21.78
C GLY N 71 -36.80 -53.18 -23.21
N ASP N 72 -37.73 -53.40 -24.13
CA ASP N 72 -37.43 -53.27 -25.55
C ASP N 72 -37.23 -51.81 -25.90
N SER N 73 -36.11 -51.51 -26.57
CA SER N 73 -35.83 -50.13 -26.96
C SER N 73 -36.85 -49.62 -27.95
N VAL N 74 -37.26 -50.46 -28.90
CA VAL N 74 -38.23 -50.03 -29.91
C VAL N 74 -39.57 -49.72 -29.26
N GLU N 75 -40.00 -50.56 -28.31
CA GLU N 75 -41.30 -50.35 -27.66
C GLU N 75 -41.31 -49.06 -26.85
N LEU N 76 -40.23 -48.77 -26.13
CA LEU N 76 -40.18 -47.56 -25.32
C LEU N 76 -39.96 -46.31 -26.15
N SER N 77 -39.48 -46.44 -27.38
CA SER N 77 -39.23 -45.28 -28.23
C SER N 77 -40.47 -44.77 -28.93
N LYS N 78 -41.56 -45.53 -28.93
CA LYS N 78 -42.78 -45.11 -29.61
C LYS N 78 -43.43 -43.96 -28.86
N LEU N 79 -44.16 -43.13 -29.62
CA LEU N 79 -44.83 -41.95 -29.07
C LEU N 79 -46.26 -42.24 -28.64
N ASP N 80 -46.56 -43.48 -28.27
CA ASP N 80 -47.93 -43.83 -27.87
C ASP N 80 -48.45 -43.02 -26.68
N PRO N 81 -47.72 -42.85 -25.57
CA PRO N 81 -48.31 -42.09 -24.45
C PRO N 81 -48.64 -40.65 -24.81
N ILE N 82 -47.79 -39.99 -25.60
CA ILE N 82 -48.02 -38.61 -25.96
C ILE N 82 -49.25 -38.50 -26.86
N LEU N 83 -49.42 -39.43 -27.79
CA LEU N 83 -50.59 -39.40 -28.66
C LEU N 83 -51.86 -39.70 -27.88
N LEU N 84 -51.78 -40.59 -26.89
CA LEU N 84 -52.94 -40.86 -26.05
C LEU N 84 -53.34 -39.61 -25.27
N ALA N 85 -52.36 -38.91 -24.69
CA ALA N 85 -52.65 -37.69 -23.96
C ALA N 85 -53.19 -36.61 -24.88
N LEU N 86 -52.65 -36.52 -26.10
CA LEU N 86 -53.13 -35.54 -27.07
C LEU N 86 -54.57 -35.83 -27.47
N LYS N 87 -54.92 -37.10 -27.68
CA LYS N 87 -56.29 -37.45 -27.99
C LYS N 87 -57.22 -37.11 -26.83
N GLU N 88 -56.77 -37.38 -25.60
CA GLU N 88 -57.59 -37.06 -24.43
C GLU N 88 -57.85 -35.55 -24.32
N ILE N 89 -56.80 -34.74 -24.47
CA ILE N 89 -56.97 -33.31 -24.33
C ILE N 89 -57.75 -32.74 -25.50
N GLU N 90 -57.63 -33.33 -26.70
CA GLU N 90 -58.42 -32.89 -27.83
C GLU N 90 -59.90 -33.20 -27.63
N LYS N 91 -60.20 -34.39 -27.11
CA LYS N 91 -61.59 -34.75 -26.83
C LYS N 91 -62.18 -33.85 -25.75
N GLU N 92 -61.40 -33.55 -24.71
CA GLU N 92 -61.89 -32.68 -23.65
C GLU N 92 -62.12 -31.26 -24.16
N SER N 93 -61.14 -30.69 -24.86
CA SER N 93 -61.27 -29.33 -25.35
C SER N 93 -62.23 -29.23 -26.53
N GLY N 94 -62.16 -30.19 -27.45
CA GLY N 94 -62.95 -30.13 -28.66
C GLY N 94 -62.37 -29.28 -29.77
N ALA N 95 -61.18 -28.71 -29.57
CA ALA N 95 -60.52 -27.89 -30.58
C ALA N 95 -59.07 -28.30 -30.72
N LYS N 96 -58.55 -28.15 -31.93
CA LYS N 96 -57.18 -28.56 -32.21
C LYS N 96 -56.18 -27.66 -31.48
N THR N 97 -55.17 -28.27 -30.89
CA THR N 97 -54.16 -27.52 -30.17
C THR N 97 -53.20 -26.83 -31.15
N LYS N 98 -52.56 -25.77 -30.66
CA LYS N 98 -51.61 -25.00 -31.45
C LYS N 98 -50.18 -25.53 -31.34
N ASP N 99 -49.99 -26.65 -30.64
CA ASP N 99 -48.65 -27.21 -30.47
C ASP N 99 -48.08 -27.67 -31.81
N ARG N 100 -46.77 -27.54 -31.95
CA ARG N 100 -46.09 -27.87 -33.20
C ARG N 100 -45.16 -29.07 -33.10
N ILE N 101 -44.40 -29.20 -32.03
CA ILE N 101 -43.36 -30.21 -31.91
C ILE N 101 -43.74 -31.20 -30.81
N ILE N 102 -43.65 -32.49 -31.14
CA ILE N 102 -43.92 -33.57 -30.20
C ILE N 102 -42.67 -34.42 -30.08
N THR N 103 -42.22 -34.68 -28.86
CA THR N 103 -40.94 -35.32 -28.64
C THR N 103 -40.85 -35.86 -27.22
N TRP N 104 -39.74 -36.54 -26.94
CA TRP N 104 -39.38 -37.01 -25.62
C TRP N 104 -38.29 -36.12 -25.02
N ARG N 105 -37.99 -36.36 -23.75
CA ARG N 105 -36.95 -35.58 -23.08
C ARG N 105 -35.56 -35.97 -23.54
N GLY N 106 -35.32 -37.27 -23.72
CA GLY N 106 -33.98 -37.73 -24.09
C GLY N 106 -33.57 -37.27 -25.47
N ILE N 107 -34.50 -37.29 -26.42
CA ILE N 107 -34.20 -36.85 -27.78
C ILE N 107 -33.79 -35.37 -27.77
N MET N 108 -34.54 -34.56 -27.05
CA MET N 108 -34.24 -33.13 -27.04
C MET N 108 -33.00 -32.83 -26.23
N ARG N 109 -32.69 -33.66 -25.22
CA ARG N 109 -31.42 -33.53 -24.51
C ARG N 109 -30.25 -33.85 -25.42
N LYS N 110 -30.39 -34.88 -26.26
CA LYS N 110 -29.36 -35.17 -27.24
C LYS N 110 -29.21 -34.02 -28.22
N LEU N 111 -30.33 -33.43 -28.64
CA LEU N 111 -30.27 -32.30 -29.57
C LEU N 111 -29.72 -31.03 -28.91
N LEU N 112 -29.79 -30.92 -27.58
CA LEU N 112 -29.27 -29.76 -26.88
C LEU N 112 -27.78 -29.93 -26.53
N THR N 113 -27.40 -31.13 -26.09
CA THR N 113 -26.03 -31.40 -25.67
C THR N 113 -25.13 -31.85 -26.81
N LEU N 114 -25.64 -31.86 -28.04
CA LEU N 114 -24.86 -32.35 -29.18
C LEU N 114 -23.52 -31.65 -29.36
N PRO N 115 -23.42 -30.31 -29.35
CA PRO N 115 -22.10 -29.70 -29.56
C PRO N 115 -21.06 -30.06 -28.52
N TYR N 116 -21.44 -30.23 -27.26
CA TYR N 116 -20.49 -30.47 -26.18
C TYR N 116 -20.51 -31.91 -25.67
N ASP N 117 -21.47 -32.73 -26.10
CA ASP N 117 -21.49 -34.16 -25.82
C ASP N 117 -21.56 -34.85 -27.17
N SER N 118 -20.41 -35.06 -27.79
CA SER N 118 -20.29 -35.55 -29.16
C SER N 118 -19.63 -36.92 -29.19
N GLU N 119 -19.98 -37.78 -28.24
CA GLU N 119 -19.42 -39.12 -28.17
C GLU N 119 -20.47 -40.20 -28.44
N GLU N 120 -21.66 -39.82 -28.87
CA GLU N 120 -22.72 -40.77 -29.17
C GLU N 120 -23.34 -40.43 -30.52
N ASP N 121 -23.87 -41.47 -31.18
CA ASP N 121 -24.48 -41.35 -32.50
C ASP N 121 -25.96 -41.66 -32.40
N PHE N 122 -26.78 -40.99 -33.21
CA PHE N 122 -28.21 -41.25 -33.20
C PHE N 122 -28.82 -40.88 -34.54
N VAL N 123 -29.96 -41.51 -34.83
CA VAL N 123 -30.78 -41.23 -36.00
C VAL N 123 -32.23 -41.10 -35.54
N LEU N 124 -32.92 -40.08 -36.04
CA LEU N 124 -34.29 -39.80 -35.64
C LEU N 124 -35.18 -39.66 -36.86
N ASP N 125 -36.44 -40.05 -36.68
CA ASP N 125 -37.45 -39.97 -37.72
C ASP N 125 -38.51 -38.93 -37.32
N VAL N 126 -38.89 -38.08 -38.27
CA VAL N 126 -39.88 -37.04 -38.07
C VAL N 126 -41.04 -37.30 -39.02
N VAL N 127 -42.25 -37.30 -38.49
CA VAL N 127 -43.46 -37.52 -39.26
C VAL N 127 -44.36 -36.30 -39.10
N SER N 128 -44.83 -35.75 -40.22
CA SER N 128 -45.73 -34.61 -40.21
C SER N 128 -47.16 -35.09 -40.43
N PHE N 129 -48.05 -34.72 -39.52
CA PHE N 129 -49.43 -35.15 -39.56
C PHE N 129 -50.30 -34.09 -38.92
N ASP N 130 -51.34 -33.66 -39.66
CA ASP N 130 -52.27 -32.63 -39.20
C ASP N 130 -51.55 -31.35 -38.79
N GLY N 131 -50.49 -31.01 -39.52
CA GLY N 131 -49.72 -29.82 -39.21
C GLY N 131 -48.85 -29.92 -37.99
N GLN N 132 -48.68 -31.11 -37.42
CA GLN N 132 -47.87 -31.30 -36.23
C GLN N 132 -46.77 -32.31 -36.51
N LEU N 133 -45.61 -32.09 -35.89
CA LEU N 133 -44.41 -32.89 -36.14
C LEU N 133 -44.17 -33.81 -34.96
N PHE N 134 -44.09 -35.10 -35.22
CA PHE N 134 -43.79 -36.11 -34.21
C PHE N 134 -42.42 -36.71 -34.52
N ILE N 135 -41.49 -36.61 -33.58
CA ILE N 135 -40.13 -37.09 -33.78
C ILE N 135 -39.86 -38.22 -32.79
N GLN N 136 -39.14 -39.23 -33.25
CA GLN N 136 -38.77 -40.35 -32.39
C GLN N 136 -37.51 -41.00 -32.95
N PHE N 137 -37.13 -42.12 -32.36
CA PHE N 137 -35.93 -42.82 -32.78
C PHE N 137 -36.17 -43.57 -34.09
N ASN N 138 -35.08 -44.00 -34.72
CA ASN N 138 -35.13 -44.73 -35.98
C ASN N 138 -34.98 -46.21 -35.68
N VAL N 139 -35.94 -47.01 -36.14
CA VAL N 139 -36.00 -48.42 -35.77
C VAL N 139 -34.79 -49.22 -36.23
N PRO N 140 -34.37 -49.17 -37.52
CA PRO N 140 -33.18 -49.94 -37.89
C PRO N 140 -31.92 -49.50 -37.17
N TYR N 141 -31.74 -48.19 -36.97
CA TYR N 141 -30.59 -47.74 -36.20
C TYR N 141 -30.70 -48.15 -34.74
N LEU N 142 -31.91 -48.20 -34.20
CA LEU N 142 -32.07 -48.67 -32.83
C LEU N 142 -31.72 -50.14 -32.70
N LYS N 143 -32.08 -50.94 -33.72
CA LYS N 143 -31.67 -52.35 -33.73
C LYS N 143 -30.15 -52.47 -33.84
N SER N 144 -29.52 -51.65 -34.67
CA SER N 144 -28.06 -51.64 -34.74
C SER N 144 -27.45 -51.24 -33.41
N LYS N 145 -28.09 -50.29 -32.71
CA LYS N 145 -27.61 -49.89 -31.39
C LYS N 145 -27.71 -51.04 -30.40
N ASP N 146 -28.80 -51.80 -30.45
CA ASP N 146 -28.91 -52.97 -29.58
C ASP N 146 -27.86 -54.02 -29.94
N VAL N 147 -27.56 -54.17 -31.23
CA VAL N 147 -26.53 -55.08 -31.69
C VAL N 147 -25.17 -54.69 -31.11
N GLN N 148 -24.86 -53.39 -31.15
CA GLN N 148 -23.66 -52.90 -30.49
C GLN N 148 -23.76 -53.05 -28.97
N LYS N 149 -24.98 -53.07 -28.45
CA LYS N 149 -25.18 -53.06 -27.00
C LYS N 149 -24.85 -54.42 -26.39
N GLN N 150 -25.24 -55.52 -27.03
CA GLN N 150 -24.98 -56.79 -26.34
C GLN N 150 -23.49 -57.09 -26.22
N GLY N 151 -22.64 -56.36 -26.94
CA GLY N 151 -21.20 -56.46 -26.75
C GLY N 151 -20.65 -55.65 -25.61
N ASP N 152 -21.50 -54.93 -24.88
CA ASP N 152 -21.06 -54.19 -23.71
C ASP N 152 -20.68 -55.15 -22.59
N THR N 153 -19.59 -54.85 -21.89
CA THR N 153 -19.13 -55.70 -20.80
C THR N 153 -20.11 -55.64 -19.63
N GLU N 154 -19.98 -56.63 -18.74
CA GLU N 154 -20.82 -56.66 -17.55
C GLU N 154 -20.51 -55.52 -16.61
N PHE N 155 -19.35 -54.86 -16.76
CA PHE N 155 -19.06 -53.69 -15.94
C PHE N 155 -20.01 -52.53 -16.28
N HIS N 156 -20.24 -52.30 -17.58
CA HIS N 156 -21.17 -51.25 -17.98
C HIS N 156 -22.60 -51.59 -17.56
N LYS N 157 -22.98 -52.86 -17.69
CA LYS N 157 -24.30 -53.29 -17.22
C LYS N 157 -24.43 -53.08 -15.71
N LYS N 158 -23.36 -53.36 -14.96
CA LYS N 158 -23.37 -53.14 -13.54
C LYS N 158 -23.46 -51.66 -13.20
N LEU N 159 -22.82 -50.80 -14.01
CA LEU N 159 -22.95 -49.36 -13.80
C LEU N 159 -24.38 -48.88 -14.04
N GLN N 160 -25.00 -49.35 -15.11
CA GLN N 160 -26.38 -48.97 -15.39
C GLN N 160 -27.31 -49.49 -14.29
N PHE N 161 -27.11 -50.73 -13.87
CA PHE N 161 -27.90 -51.27 -12.77
C PHE N 161 -27.63 -50.51 -11.48
N SER N 162 -26.41 -50.02 -11.28
CA SER N 162 -26.11 -49.20 -10.11
C SER N 162 -26.89 -47.91 -10.13
N GLY N 163 -26.97 -47.26 -11.29
CA GLY N 163 -27.78 -46.06 -11.41
C GLY N 163 -29.25 -46.33 -11.12
N TYR N 164 -29.78 -47.41 -11.71
CA TYR N 164 -31.18 -47.74 -11.47
C TYR N 164 -31.43 -48.14 -10.02
N LYS N 165 -30.47 -48.81 -9.38
CA LYS N 165 -30.62 -49.20 -7.98
C LYS N 165 -30.56 -47.98 -7.07
N PHE N 166 -29.70 -47.01 -7.42
CA PHE N 166 -29.69 -45.74 -6.69
C PHE N 166 -31.04 -45.05 -6.80
N GLU N 167 -31.62 -45.05 -8.01
CA GLU N 167 -32.94 -44.47 -8.19
C GLU N 167 -33.98 -45.22 -7.34
N LYS N 168 -33.88 -46.55 -7.30
CA LYS N 168 -34.81 -47.33 -6.49
C LYS N 168 -34.68 -46.99 -5.01
N MET N 169 -33.44 -46.86 -4.53
CA MET N 169 -33.21 -46.64 -3.11
C MET N 169 -33.56 -45.22 -2.69
N ALA N 170 -33.44 -44.26 -3.58
CA ALA N 170 -33.69 -42.86 -3.22
C ALA N 170 -35.14 -42.44 -3.42
N THR N 171 -36.02 -43.34 -3.82
CA THR N 171 -37.41 -43.01 -4.09
C THR N 171 -38.34 -43.92 -3.29
N LEU N 172 -39.61 -43.55 -3.28
CA LEU N 172 -40.69 -44.32 -2.70
C LEU N 172 -41.85 -44.38 -3.68
N PRO N 173 -42.60 -45.49 -3.68
CA PRO N 173 -43.75 -45.59 -4.60
C PRO N 173 -44.95 -44.78 -4.16
N LYS N 174 -44.97 -44.26 -2.94
CA LYS N 174 -46.09 -43.51 -2.40
C LYS N 174 -45.57 -42.27 -1.69
N PRO N 175 -46.43 -41.32 -1.30
CA PRO N 175 -45.97 -40.23 -0.44
C PRO N 175 -45.44 -40.79 0.87
N TRP N 176 -44.44 -40.10 1.42
CA TRP N 176 -43.77 -40.55 2.64
C TRP N 176 -44.72 -40.87 3.79
N PRO N 177 -45.70 -40.03 4.13
CA PRO N 177 -46.64 -40.43 5.19
C PRO N 177 -47.44 -41.67 4.88
N GLU N 178 -47.67 -41.96 3.60
CA GLU N 178 -48.48 -43.10 3.20
C GLU N 178 -47.65 -44.35 2.92
N CYS N 179 -46.33 -44.28 3.06
CA CYS N 179 -45.47 -45.44 2.86
C CYS N 179 -45.36 -46.23 4.15
N THR N 180 -45.15 -47.54 4.02
CA THR N 180 -44.91 -48.41 5.16
C THR N 180 -43.43 -48.71 5.27
N ARG N 181 -43.06 -49.34 6.40
CA ARG N 181 -41.66 -49.69 6.63
C ARG N 181 -41.19 -50.74 5.64
N LYS N 182 -42.05 -51.72 5.33
CA LYS N 182 -41.65 -52.79 4.41
C LYS N 182 -41.34 -52.24 3.03
N GLU N 183 -42.12 -51.28 2.56
CA GLU N 183 -41.84 -50.65 1.28
C GLU N 183 -40.56 -49.83 1.29
N ILE N 184 -40.00 -49.55 2.46
CA ILE N 184 -38.80 -48.74 2.59
C ILE N 184 -37.54 -49.60 2.67
N ASP N 185 -37.55 -50.61 3.54
CA ASP N 185 -36.35 -51.41 3.77
C ASP N 185 -36.17 -52.52 2.74
N SER N 186 -37.20 -52.84 1.96
CA SER N 186 -37.12 -53.89 0.94
C SER N 186 -36.63 -53.37 -0.39
N ARG N 187 -36.24 -52.10 -0.47
CA ARG N 187 -35.72 -51.56 -1.73
C ARG N 187 -34.38 -52.17 -2.10
N ALA N 188 -33.67 -52.77 -1.15
CA ALA N 188 -32.41 -53.43 -1.46
C ALA N 188 -32.62 -54.69 -2.28
N LYS N 189 -33.71 -55.42 -2.03
CA LYS N 189 -34.03 -56.63 -2.76
C LYS N 189 -35.01 -56.38 -3.92
N SER N 190 -35.36 -55.13 -4.18
CA SER N 190 -36.33 -54.84 -5.22
C SER N 190 -35.73 -55.08 -6.60
N LYS N 191 -36.48 -55.79 -7.45
CA LYS N 191 -36.06 -56.00 -8.82
C LYS N 191 -36.06 -54.68 -9.58
N CYS N 192 -35.06 -54.49 -10.43
CA CYS N 192 -34.88 -53.26 -11.18
C CYS N 192 -35.20 -53.52 -12.65
N ASN N 193 -36.00 -52.65 -13.24
CA ASN N 193 -36.36 -52.76 -14.64
C ASN N 193 -36.45 -51.38 -15.28
N ASN N 194 -36.27 -51.34 -16.59
CA ASN N 194 -36.38 -50.11 -17.36
C ASN N 194 -37.77 -49.93 -17.97
N ILE N 195 -38.68 -50.89 -17.75
CA ILE N 195 -39.98 -50.83 -18.41
C ILE N 195 -40.91 -49.87 -17.68
N GLU N 196 -41.19 -50.13 -16.41
CA GLU N 196 -42.10 -49.28 -15.64
C GLU N 196 -41.45 -47.92 -15.38
N GLN N 197 -42.18 -46.86 -15.71
CA GLN N 197 -41.68 -45.50 -15.53
C GLN N 197 -42.85 -44.55 -15.49
N TYR N 198 -42.61 -43.38 -14.92
CA TYR N 198 -43.60 -42.31 -14.87
C TYR N 198 -43.15 -41.18 -15.78
N GLY N 199 -44.12 -40.49 -16.39
CA GLY N 199 -43.81 -39.39 -17.28
C GLY N 199 -44.77 -38.25 -17.08
N ALA N 200 -44.35 -37.09 -17.54
CA ALA N 200 -45.14 -35.87 -17.52
C ALA N 200 -45.23 -35.30 -18.93
N ILE N 201 -46.44 -34.98 -19.36
CA ILE N 201 -46.68 -34.37 -20.66
C ILE N 201 -46.83 -32.88 -20.43
N VAL N 202 -45.83 -32.11 -20.85
CA VAL N 202 -45.70 -30.71 -20.46
C VAL N 202 -45.61 -29.84 -21.71
N ARG N 203 -46.38 -28.76 -21.73
CA ARG N 203 -46.29 -27.77 -22.78
C ARG N 203 -45.26 -26.72 -22.41
N THR N 204 -44.36 -26.42 -23.34
CA THR N 204 -43.33 -25.41 -23.15
C THR N 204 -43.27 -24.51 -24.38
N GLY N 205 -42.61 -23.37 -24.23
CA GLY N 205 -42.55 -22.41 -25.32
C GLY N 205 -41.16 -21.91 -25.63
N ILE N 206 -40.76 -22.01 -26.90
CA ILE N 206 -39.48 -21.49 -27.38
C ILE N 206 -39.78 -20.58 -28.56
N SER N 207 -39.48 -19.28 -28.40
CA SER N 207 -39.74 -18.25 -29.41
C SER N 207 -41.23 -18.28 -29.74
N ARG N 208 -41.64 -18.63 -30.95
CA ARG N 208 -43.05 -18.69 -31.34
C ARG N 208 -43.57 -20.11 -31.42
N ILE N 209 -42.86 -21.08 -30.85
CA ILE N 209 -43.15 -22.50 -31.04
C ILE N 209 -43.55 -23.12 -29.71
N LYS N 210 -44.67 -23.82 -29.71
CA LYS N 210 -45.14 -24.55 -28.53
C LYS N 210 -44.76 -26.02 -28.71
N ILE N 211 -43.97 -26.54 -27.77
CA ILE N 211 -43.45 -27.90 -27.83
C ILE N 211 -44.07 -28.70 -26.70
N LEU N 212 -44.64 -29.86 -27.03
CA LEU N 212 -45.25 -30.73 -26.05
C LEU N 212 -44.29 -31.89 -25.80
N ILE N 213 -43.67 -31.88 -24.63
CA ILE N 213 -42.58 -32.81 -24.32
C ILE N 213 -43.07 -33.84 -23.31
N GLY N 214 -42.68 -35.10 -23.53
CA GLY N 214 -42.90 -36.14 -22.55
C GLY N 214 -41.64 -36.46 -21.80
N GLY N 215 -41.56 -36.03 -20.54
CA GLY N 215 -40.36 -36.17 -19.74
C GLY N 215 -40.53 -37.23 -18.68
N ALA N 216 -39.55 -38.14 -18.60
CA ALA N 216 -39.56 -39.18 -17.60
C ALA N 216 -39.13 -38.60 -16.26
N VAL N 217 -40.06 -38.46 -15.33
CA VAL N 217 -39.81 -37.89 -14.02
C VAL N 217 -39.40 -39.03 -13.08
N ALA N 218 -38.22 -38.89 -12.46
CA ALA N 218 -37.78 -39.90 -11.50
C ALA N 218 -38.68 -39.94 -10.29
N CYS N 219 -38.96 -38.78 -9.70
CA CYS N 219 -39.77 -38.68 -8.49
C CYS N 219 -40.10 -37.21 -8.28
N THR N 220 -40.89 -36.95 -7.24
CA THR N 220 -41.20 -35.58 -6.82
C THR N 220 -40.59 -35.33 -5.45
N ALA N 221 -40.52 -34.04 -5.08
CA ALA N 221 -39.85 -33.64 -3.86
C ALA N 221 -40.51 -34.24 -2.62
N ASP N 222 -41.75 -33.82 -2.34
CA ASP N 222 -42.50 -34.40 -1.22
C ASP N 222 -43.96 -34.70 -1.54
N TYR N 223 -44.56 -34.06 -2.53
CA TYR N 223 -45.95 -34.32 -2.88
C TYR N 223 -46.16 -33.88 -4.33
N TYR N 224 -47.42 -33.90 -4.77
CA TYR N 224 -47.78 -33.47 -6.11
C TYR N 224 -48.59 -32.18 -6.00
N ASP N 225 -48.16 -31.16 -6.74
CA ASP N 225 -48.83 -29.85 -6.74
C ASP N 225 -49.70 -29.77 -7.99
N GLU N 226 -51.01 -29.64 -7.79
CA GLU N 226 -51.94 -29.55 -8.92
C GLU N 226 -51.90 -28.20 -9.62
N ASN N 227 -51.27 -27.20 -9.04
CA ASN N 227 -51.17 -25.89 -9.66
C ASN N 227 -49.93 -25.76 -10.53
N ASP N 228 -48.75 -26.01 -9.95
CA ASP N 228 -47.48 -25.98 -10.67
C ASP N 228 -46.76 -27.29 -10.42
N PRO N 229 -47.10 -28.33 -11.18
CA PRO N 229 -46.47 -29.65 -10.94
C PRO N 229 -44.97 -29.65 -11.14
N LEU N 230 -44.43 -28.77 -11.98
CA LEU N 230 -43.01 -28.78 -12.28
C LEU N 230 -42.16 -28.34 -11.09
N SER N 231 -42.74 -27.60 -10.15
CA SER N 231 -41.95 -27.01 -9.07
C SER N 231 -41.50 -28.02 -8.02
N ARG N 232 -42.11 -29.19 -7.97
CA ARG N 232 -41.78 -30.19 -6.96
C ARG N 232 -41.05 -31.40 -7.53
N TYR N 233 -40.63 -31.34 -8.78
CA TYR N 233 -40.01 -32.50 -9.42
C TYR N 233 -38.52 -32.57 -9.09
N ILE N 234 -38.01 -33.80 -9.06
CA ILE N 234 -36.63 -34.09 -8.68
C ILE N 234 -36.20 -35.38 -9.38
N GLU N 235 -34.97 -35.39 -9.87
CA GLU N 235 -34.41 -36.56 -10.52
C GLU N 235 -33.07 -36.92 -9.86
N LEU N 236 -32.56 -38.09 -10.22
CA LEU N 236 -31.38 -38.67 -9.58
C LEU N 236 -30.37 -39.09 -10.64
N LYS N 237 -29.10 -39.03 -10.28
CA LYS N 237 -28.03 -39.41 -11.20
C LYS N 237 -26.87 -39.99 -10.41
N THR N 238 -26.04 -40.75 -11.11
CA THR N 238 -24.85 -41.38 -10.52
C THR N 238 -23.62 -40.98 -11.32
N THR N 239 -22.51 -40.76 -10.61
CA THR N 239 -21.28 -40.32 -11.25
C THR N 239 -20.10 -40.84 -10.44
N ARG N 240 -19.01 -41.13 -11.15
CA ARG N 240 -17.77 -41.54 -10.50
C ARG N 240 -17.22 -40.39 -9.66
N THR N 241 -16.56 -40.75 -8.55
CA THR N 241 -16.05 -39.76 -7.62
C THR N 241 -14.96 -38.90 -8.26
N ILE N 242 -14.53 -37.87 -7.52
CA ILE N 242 -13.63 -36.85 -8.01
C ILE N 242 -12.34 -36.88 -7.18
N ASN N 243 -11.20 -36.98 -7.87
CA ASN N 243 -9.90 -36.92 -7.21
C ASN N 243 -8.84 -36.17 -7.99
N GLN N 244 -9.16 -35.56 -9.13
CA GLN N 244 -8.15 -34.90 -9.95
C GLN N 244 -8.85 -33.88 -10.85
N TYR N 245 -8.05 -33.12 -11.59
CA TYR N 245 -8.61 -32.06 -12.44
C TYR N 245 -9.46 -32.65 -13.56
N LYS N 246 -8.98 -33.73 -14.17
CA LYS N 246 -9.79 -34.42 -15.16
C LYS N 246 -11.09 -34.93 -14.56
N ASP N 247 -11.10 -35.22 -13.26
CA ASP N 247 -12.34 -35.61 -12.60
C ASP N 247 -13.34 -34.47 -12.58
N MET N 248 -12.91 -33.24 -12.26
CA MET N 248 -13.83 -32.11 -12.36
C MET N 248 -14.29 -31.91 -13.79
N ILE N 249 -13.37 -32.06 -14.76
CA ILE N 249 -13.74 -31.83 -16.15
C ILE N 249 -14.83 -32.80 -16.58
N ALA N 250 -14.63 -34.10 -16.31
CA ALA N 250 -15.63 -35.10 -16.66
C ALA N 250 -16.93 -34.87 -15.89
N PHE N 251 -16.83 -34.50 -14.61
CA PHE N 251 -18.04 -34.30 -13.82
C PHE N 251 -18.85 -33.13 -14.33
N GLU N 252 -18.20 -32.05 -14.77
CA GLU N 252 -18.95 -30.91 -15.30
C GLU N 252 -19.45 -31.17 -16.73
N LYS N 253 -18.76 -32.00 -17.50
CA LYS N 253 -19.36 -32.46 -18.75
C LYS N 253 -20.63 -33.25 -18.51
N LYS N 254 -20.64 -34.13 -17.51
CA LYS N 254 -21.87 -34.83 -17.16
C LYS N 254 -22.92 -33.89 -16.58
N LEU N 255 -22.47 -32.90 -15.81
CA LEU N 255 -23.38 -31.94 -15.20
C LEU N 255 -24.07 -31.10 -16.26
N PHE N 256 -23.37 -30.76 -17.34
CA PHE N 256 -24.00 -30.02 -18.43
C PHE N 256 -25.15 -30.83 -19.04
N ARG N 257 -24.93 -32.12 -19.29
CA ARG N 257 -25.97 -32.96 -19.86
C ARG N 257 -27.16 -33.07 -18.91
N THR N 258 -26.89 -33.32 -17.63
CA THR N 258 -27.99 -33.49 -16.68
C THR N 258 -28.74 -32.18 -16.46
N TRP N 259 -28.04 -31.06 -16.43
CA TRP N 259 -28.69 -29.76 -16.31
C TRP N 259 -29.55 -29.48 -17.53
N ALA N 260 -29.08 -29.85 -18.72
CA ALA N 260 -29.90 -29.71 -19.92
C ALA N 260 -31.17 -30.54 -19.81
N GLN N 261 -31.04 -31.78 -19.34
CA GLN N 261 -32.19 -32.66 -19.19
C GLN N 261 -33.20 -32.07 -18.21
N CYS N 262 -32.72 -31.54 -17.08
CA CYS N 262 -33.63 -30.96 -16.09
C CYS N 262 -34.24 -29.65 -16.58
N PHE N 263 -33.47 -28.87 -17.34
CA PHE N 263 -33.96 -27.61 -17.88
C PHE N 263 -35.04 -27.83 -18.93
N LEU N 264 -34.95 -28.92 -19.70
CA LEU N 264 -35.98 -29.21 -20.68
C LEU N 264 -37.34 -29.38 -20.03
N LEU N 265 -37.41 -30.20 -18.98
CA LEU N 265 -38.66 -30.50 -18.31
C LEU N 265 -38.91 -29.57 -17.12
N GLY N 266 -38.03 -28.60 -16.88
CA GLY N 266 -38.25 -27.64 -15.82
C GLY N 266 -38.01 -28.15 -14.42
N ILE N 267 -37.17 -29.17 -14.26
CA ILE N 267 -36.85 -29.69 -12.93
C ILE N 267 -36.01 -28.65 -12.20
N PRO N 268 -36.46 -28.15 -11.05
CA PRO N 268 -35.71 -27.10 -10.36
C PRO N 268 -34.49 -27.58 -9.61
N LYS N 269 -34.40 -28.86 -9.30
CA LYS N 269 -33.33 -29.38 -8.46
C LYS N 269 -32.75 -30.64 -9.07
N ILE N 270 -31.47 -30.89 -8.77
CA ILE N 270 -30.72 -32.02 -9.32
C ILE N 270 -29.99 -32.69 -8.16
N ILE N 271 -29.93 -34.02 -8.18
CA ILE N 271 -29.26 -34.77 -7.12
C ILE N 271 -28.33 -35.80 -7.75
N TYR N 272 -27.09 -35.84 -7.27
CA TYR N 272 -26.09 -36.81 -7.70
C TYR N 272 -25.71 -37.71 -6.55
N GLY N 273 -25.50 -38.99 -6.87
CA GLY N 273 -24.86 -39.93 -5.96
C GLY N 273 -23.51 -40.35 -6.51
N PHE N 274 -22.50 -40.30 -5.66
CA PHE N 274 -21.12 -40.52 -6.08
C PHE N 274 -20.70 -41.95 -5.79
N ARG N 275 -20.08 -42.59 -6.77
CA ARG N 275 -19.63 -43.97 -6.66
C ARG N 275 -18.14 -44.05 -6.97
N ASP N 276 -17.48 -45.02 -6.32
CA ASP N 276 -16.06 -45.26 -6.54
C ASP N 276 -15.89 -46.31 -7.63
N ASP N 277 -14.67 -46.83 -7.77
CA ASP N 277 -14.42 -47.90 -8.74
C ASP N 277 -15.07 -49.21 -8.30
N ASN N 278 -15.47 -49.33 -7.04
CA ASN N 278 -16.13 -50.53 -6.54
C ASN N 278 -17.64 -50.39 -6.49
N CYS N 279 -18.19 -49.36 -7.14
CA CYS N 279 -19.64 -49.12 -7.19
C CYS N 279 -20.22 -48.96 -5.78
N ILE N 280 -19.47 -48.30 -4.90
CA ILE N 280 -19.92 -48.01 -3.54
C ILE N 280 -20.32 -46.54 -3.48
N LEU N 281 -21.52 -46.28 -2.98
CA LEU N 281 -22.00 -44.92 -2.86
C LEU N 281 -21.12 -44.13 -1.89
N ARG N 282 -20.55 -43.03 -2.37
CA ARG N 282 -19.61 -42.23 -1.59
C ARG N 282 -20.23 -40.95 -1.05
N THR N 283 -20.74 -40.09 -1.92
CA THR N 283 -21.35 -38.84 -1.49
C THR N 283 -22.62 -38.59 -2.28
N VAL N 284 -23.51 -37.81 -1.69
CA VAL N 284 -24.75 -37.36 -2.33
C VAL N 284 -24.78 -35.84 -2.28
N GLU N 285 -24.92 -35.21 -3.44
CA GLU N 285 -24.92 -33.76 -3.54
C GLU N 285 -26.17 -33.28 -4.27
N GLU N 286 -26.59 -32.06 -3.96
CA GLU N 286 -27.77 -31.46 -4.57
C GLU N 286 -27.44 -30.08 -5.12
N PHE N 287 -28.07 -29.74 -6.23
CA PHE N 287 -27.80 -28.51 -6.95
C PHE N 287 -29.11 -27.93 -7.47
N SER N 288 -29.08 -26.65 -7.80
CA SER N 288 -30.23 -25.95 -8.36
C SER N 288 -30.04 -25.77 -9.86
N THR N 289 -31.13 -25.89 -10.62
CA THR N 289 -31.05 -25.76 -12.06
C THR N 289 -30.63 -24.36 -12.47
N ASN N 290 -31.19 -23.33 -11.82
CA ASN N 290 -30.86 -21.96 -12.14
C ASN N 290 -29.54 -21.50 -11.55
N ASP N 291 -28.96 -22.26 -10.62
CA ASP N 291 -27.71 -21.90 -9.97
C ASP N 291 -26.52 -22.59 -10.63
N ILE N 292 -26.76 -23.71 -11.31
CA ILE N 292 -25.65 -24.45 -11.94
C ILE N 292 -24.87 -23.61 -12.94
N PRO N 293 -25.50 -22.83 -13.85
CA PRO N 293 -24.68 -22.00 -14.75
C PRO N 293 -23.78 -21.01 -14.03
N LEU N 294 -24.23 -20.45 -12.90
CA LEU N 294 -23.37 -19.57 -12.12
C LEU N 294 -22.35 -20.36 -11.31
N MET N 295 -22.71 -21.55 -10.83
CA MET N 295 -21.81 -22.34 -10.00
C MET N 295 -20.56 -22.76 -10.76
N VAL N 296 -20.73 -23.19 -12.02
CA VAL N 296 -19.59 -23.66 -12.80
C VAL N 296 -18.67 -22.50 -13.15
N LYS N 297 -19.21 -21.32 -13.43
CA LYS N 297 -18.38 -20.18 -13.81
C LYS N 297 -17.63 -19.59 -12.63
N ASN N 298 -18.15 -19.73 -11.42
CA ASN N 298 -17.58 -19.12 -10.23
C ASN N 298 -16.73 -20.08 -9.42
N ASN N 299 -16.34 -21.22 -9.98
CA ASN N 299 -15.49 -22.15 -9.26
C ASN N 299 -14.12 -21.53 -9.00
N PRO N 300 -13.52 -21.78 -7.83
CA PRO N 300 -12.24 -21.15 -7.51
C PRO N 300 -11.03 -21.83 -8.13
N LEU N 301 -11.14 -23.09 -8.53
CA LEU N 301 -9.98 -23.80 -9.04
C LEU N 301 -9.61 -23.33 -10.44
N ASN N 302 -10.60 -23.08 -11.30
CA ASN N 302 -10.38 -22.60 -12.67
C ASN N 302 -11.36 -21.45 -12.91
N GLU N 303 -10.92 -20.24 -12.57
CA GLU N 303 -11.81 -19.07 -12.71
C GLU N 303 -12.15 -18.80 -14.16
N GLN N 304 -11.17 -18.91 -15.07
CA GLN N 304 -11.35 -18.56 -16.48
C GLN N 304 -10.95 -19.73 -17.35
N PRO N 305 -11.82 -20.74 -17.49
CA PRO N 305 -11.54 -21.82 -18.45
C PRO N 305 -11.87 -21.42 -19.88
N LYS N 306 -12.89 -20.58 -20.05
CA LYS N 306 -13.32 -20.14 -21.36
C LYS N 306 -14.08 -18.82 -21.20
N LYS N 307 -13.83 -17.90 -22.12
CA LYS N 307 -14.47 -16.59 -22.09
C LYS N 307 -15.92 -16.62 -22.59
N GLU N 308 -16.34 -17.72 -23.22
CA GLU N 308 -17.69 -17.84 -23.75
C GLU N 308 -18.46 -18.85 -22.90
N ASN N 309 -19.62 -18.43 -22.39
CA ASN N 309 -20.42 -19.30 -21.54
C ASN N 309 -21.03 -20.41 -22.39
N CYS N 310 -20.80 -21.66 -21.97
CA CYS N 310 -21.27 -22.80 -22.75
C CYS N 310 -22.76 -23.02 -22.57
N TYR N 311 -23.33 -22.64 -21.44
CA TYR N 311 -24.74 -22.93 -21.17
C TYR N 311 -25.66 -22.07 -22.03
N MET N 312 -25.38 -20.77 -22.13
CA MET N 312 -26.19 -19.91 -22.97
C MET N 312 -26.05 -20.29 -24.44
N SER N 313 -24.84 -20.67 -24.86
CA SER N 313 -24.65 -21.16 -26.22
C SER N 313 -25.44 -22.44 -26.46
N SER N 314 -25.50 -23.31 -25.45
CA SER N 314 -26.29 -24.53 -25.57
C SER N 314 -27.77 -24.21 -25.74
N ILE N 315 -28.28 -23.25 -24.96
CA ILE N 315 -29.68 -22.86 -25.07
C ILE N 315 -29.96 -22.26 -26.43
N ASN N 316 -29.03 -21.42 -26.92
CA ASN N 316 -29.20 -20.82 -28.25
C ASN N 316 -29.18 -21.88 -29.34
N PHE N 317 -28.29 -22.87 -29.23
CA PHE N 317 -28.27 -23.96 -30.20
C PHE N 317 -29.56 -24.77 -30.16
N TYR N 318 -30.09 -25.00 -28.95
CA TYR N 318 -31.36 -25.69 -28.81
C TYR N 318 -32.49 -24.93 -29.50
N GLY N 319 -32.54 -23.61 -29.27
CA GLY N 319 -33.57 -22.80 -29.92
C GLY N 319 -33.42 -22.78 -31.42
N ALA N 320 -32.18 -22.70 -31.91
CA ALA N 320 -31.94 -22.72 -33.35
C ALA N 320 -32.36 -24.05 -33.96
N VAL N 321 -32.09 -25.15 -33.26
CA VAL N 321 -32.51 -26.46 -33.73
C VAL N 321 -34.04 -26.55 -33.78
N VAL N 322 -34.71 -26.04 -32.75
CA VAL N 322 -36.17 -26.07 -32.72
C VAL N 322 -36.74 -25.27 -33.87
N GLU N 323 -36.21 -24.06 -34.09
CA GLU N 323 -36.70 -23.21 -35.17
C GLU N 323 -36.44 -23.83 -36.54
N TRP N 324 -35.26 -24.43 -36.72
CA TRP N 324 -34.95 -25.09 -37.98
C TRP N 324 -35.88 -26.27 -38.22
N LEU N 325 -36.16 -27.06 -37.18
CA LEU N 325 -37.07 -28.18 -37.32
C LEU N 325 -38.47 -27.72 -37.69
N ASN N 326 -38.95 -26.64 -37.06
CA ASN N 326 -40.28 -26.14 -37.38
C ASN N 326 -40.33 -25.58 -38.80
N GLU N 327 -39.32 -24.82 -39.20
CA GLU N 327 -39.38 -24.13 -40.49
C GLU N 327 -39.16 -25.09 -41.66
N SER N 328 -38.22 -26.02 -41.51
CA SER N 328 -37.84 -26.87 -42.65
C SER N 328 -38.94 -27.88 -42.99
N VAL N 329 -39.46 -28.56 -41.97
CA VAL N 329 -40.43 -29.64 -42.22
C VAL N 329 -41.77 -29.04 -42.64
N LYS N 330 -42.30 -29.54 -43.75
CA LYS N 330 -43.58 -29.11 -44.27
C LYS N 330 -44.66 -30.12 -43.88
N ASP N 331 -45.87 -29.92 -44.38
CA ASP N 331 -46.99 -30.78 -44.02
C ASP N 331 -46.89 -32.13 -44.73
N ASP N 332 -47.24 -33.19 -43.98
CA ASP N 332 -47.31 -34.56 -44.52
C ASP N 332 -45.99 -34.99 -45.15
N GLN N 333 -44.88 -34.68 -44.49
CA GLN N 333 -43.56 -35.09 -44.94
C GLN N 333 -42.87 -35.91 -43.86
N VAL N 334 -42.20 -36.98 -44.26
CA VAL N 334 -41.43 -37.83 -43.35
C VAL N 334 -39.95 -37.60 -43.64
N TRP N 335 -39.23 -37.17 -42.62
CA TRP N 335 -37.83 -36.80 -42.76
C TRP N 335 -36.98 -37.54 -41.74
N LYS N 336 -35.68 -37.54 -41.97
CA LYS N 336 -34.72 -38.21 -41.11
C LYS N 336 -33.62 -37.23 -40.72
N LEU N 337 -33.30 -37.19 -39.43
CA LEU N 337 -32.22 -36.38 -38.89
C LEU N 337 -31.22 -37.33 -38.22
N SER N 338 -30.09 -37.55 -38.88
CA SER N 338 -29.05 -38.44 -38.37
C SER N 338 -27.81 -37.63 -38.03
N TYR N 339 -27.34 -37.76 -36.80
CA TYR N 339 -26.13 -37.08 -36.37
C TYR N 339 -24.96 -38.07 -36.40
N ALA N 340 -23.90 -37.70 -37.13
CA ALA N 340 -22.71 -38.52 -37.24
C ALA N 340 -21.60 -37.88 -36.44
N LYS N 341 -21.11 -38.61 -35.43
CA LYS N 341 -20.00 -38.11 -34.61
C LYS N 341 -18.67 -38.15 -35.35
N ARG N 342 -18.60 -38.82 -36.50
CA ARG N 342 -17.38 -38.82 -37.30
C ARG N 342 -17.16 -37.46 -37.96
N ASN N 343 -18.23 -36.73 -38.25
CA ASN N 343 -18.12 -35.43 -38.92
C ASN N 343 -18.02 -34.29 -37.89
N ARG N 344 -19.04 -34.17 -37.04
CA ARG N 344 -19.10 -33.13 -36.02
C ARG N 344 -18.95 -31.73 -36.63
N GLN N 345 -19.58 -31.52 -37.77
CA GLN N 345 -19.47 -30.26 -38.48
C GLN N 345 -20.82 -29.63 -38.79
N TYR N 346 -21.83 -30.44 -39.11
CA TYR N 346 -23.14 -29.91 -39.47
C TYR N 346 -24.18 -31.02 -39.26
N LEU N 347 -25.44 -30.62 -39.29
CA LEU N 347 -26.57 -31.53 -39.16
C LEU N 347 -27.21 -31.73 -40.52
N VAL N 348 -27.45 -32.99 -40.88
CA VAL N 348 -27.98 -33.36 -42.19
C VAL N 348 -29.42 -33.81 -42.03
N LEU N 349 -30.31 -33.23 -42.81
CA LEU N 349 -31.73 -33.54 -42.81
C LEU N 349 -32.11 -34.09 -44.17
N LYS N 350 -32.74 -35.27 -44.20
CA LYS N 350 -33.05 -35.95 -45.44
C LYS N 350 -34.53 -36.26 -45.51
N GLU N 351 -35.04 -36.47 -46.71
CA GLU N 351 -36.43 -36.86 -46.94
C GLU N 351 -36.51 -38.38 -47.09
N VAL N 352 -37.70 -38.92 -46.78
CA VAL N 352 -37.96 -40.35 -46.93
C VAL N 352 -38.91 -40.52 -48.11
N THR N 353 -38.48 -41.32 -49.09
CA THR N 353 -39.27 -41.55 -50.29
C THR N 353 -39.81 -42.96 -50.41
N ASP N 354 -39.24 -43.93 -49.70
CA ASP N 354 -39.74 -45.29 -49.74
C ASP N 354 -41.09 -45.37 -49.04
N GLU N 355 -42.13 -45.72 -49.79
CA GLU N 355 -43.48 -45.74 -49.23
C GLU N 355 -43.62 -46.78 -48.14
N ASN N 356 -43.00 -47.95 -48.31
CA ASN N 356 -43.10 -49.00 -47.30
C ASN N 356 -42.41 -48.57 -45.99
N GLU N 357 -41.19 -48.05 -46.09
CA GLU N 357 -40.49 -47.59 -44.89
C GLU N 357 -41.18 -46.40 -44.26
N LYS N 358 -41.70 -45.49 -45.09
CA LYS N 358 -42.43 -44.34 -44.57
C LYS N 358 -43.68 -44.79 -43.81
N GLN N 359 -44.41 -45.76 -44.35
CA GLN N 359 -45.60 -46.27 -43.67
C GLN N 359 -45.23 -47.00 -42.39
N GLN N 360 -44.12 -47.76 -42.41
CA GLN N 360 -43.66 -48.43 -41.20
C GLN N 360 -43.29 -47.43 -40.12
N ILE N 361 -42.60 -46.35 -40.49
CA ILE N 361 -42.24 -45.32 -39.54
C ILE N 361 -43.49 -44.64 -38.99
N VAL N 362 -44.47 -44.37 -39.85
CA VAL N 362 -45.71 -43.75 -39.41
C VAL N 362 -46.44 -44.65 -38.43
N ASP N 363 -46.53 -45.95 -38.74
CA ASP N 363 -47.20 -46.89 -37.85
C ASP N 363 -46.48 -46.99 -36.51
N SER N 364 -45.14 -46.96 -36.53
CA SER N 364 -44.37 -46.95 -35.29
C SER N 364 -44.66 -45.69 -34.48
N ALA N 365 -44.78 -44.55 -35.16
CA ALA N 365 -45.05 -43.28 -34.49
C ALA N 365 -46.55 -43.07 -34.25
N ILE N 366 -47.35 -43.17 -35.30
CA ILE N 366 -48.79 -42.96 -35.21
C ILE N 366 -49.47 -44.32 -35.26
N PRO N 367 -50.02 -44.83 -34.16
CA PRO N 367 -50.78 -46.08 -34.22
C PRO N 367 -52.07 -45.89 -35.00
N ALA N 368 -52.64 -47.02 -35.42
CA ALA N 368 -53.84 -46.98 -36.26
C ALA N 368 -55.00 -46.32 -35.53
N TRP N 369 -55.22 -46.70 -34.27
CA TRP N 369 -56.37 -46.19 -33.53
C TRP N 369 -56.33 -44.67 -33.41
N PHE N 370 -55.14 -44.12 -33.15
CA PHE N 370 -55.00 -42.67 -33.19
C PHE N 370 -55.24 -42.11 -34.57
N LYS N 371 -54.93 -42.88 -35.63
CA LYS N 371 -55.21 -42.40 -36.98
C LYS N 371 -56.71 -42.28 -37.23
N GLU N 372 -57.50 -43.28 -36.81
CA GLU N 372 -58.94 -43.12 -36.98
C GLU N 372 -59.52 -42.07 -36.04
N TRP N 373 -58.93 -41.89 -34.85
CA TRP N 373 -59.39 -40.82 -33.98
C TRP N 373 -59.16 -39.45 -34.62
N ARG N 374 -57.99 -39.24 -35.20
CA ARG N 374 -57.75 -37.98 -35.90
C ARG N 374 -58.58 -37.88 -37.17
N SER N 375 -58.93 -39.01 -37.78
CA SER N 375 -59.78 -38.99 -38.96
C SER N 375 -61.19 -38.52 -38.62
N GLU N 376 -61.75 -39.05 -37.53
CA GLU N 376 -63.08 -38.59 -37.12
C GLU N 376 -63.03 -37.16 -36.59
N LEU N 377 -61.92 -36.77 -35.97
CA LEU N 377 -61.76 -35.36 -35.60
C LEU N 377 -61.75 -34.46 -36.84
N ARG N 378 -61.07 -34.90 -37.90
CA ARG N 378 -61.06 -34.15 -39.15
C ARG N 378 -62.47 -34.09 -39.76
N ASN N 379 -63.20 -35.20 -39.70
CA ASN N 379 -64.57 -35.22 -40.21
C ASN N 379 -65.45 -34.25 -39.45
N SER N 380 -65.29 -34.20 -38.12
CA SER N 380 -66.00 -33.19 -37.34
C SER N 380 -65.57 -31.78 -37.72
N GLU N 381 -64.28 -31.59 -38.00
CA GLU N 381 -63.76 -30.30 -38.42
C GLU N 381 -64.25 -29.92 -39.81
ZN ZN O . -22.02 21.16 -32.27
ZN ZN P . -58.43 0.10 -7.85
MG MG Q . 23.02 11.06 -8.34
ZN ZN R . -33.29 24.61 -19.77
ZN ZN S . 35.62 25.63 -55.97
ZN ZN T . 48.00 -34.64 31.70
ZN ZN U . 2.51 -51.37 35.91
ZN ZN V . 51.05 10.69 -27.79
ZN ZN W . 23.45 -20.96 -51.24
#